data_7ARC
#
_entry.id   7ARC
#
_cell.length_a   1.00
_cell.length_b   1.00
_cell.length_c   1.00
_cell.angle_alpha   90.00
_cell.angle_beta   90.00
_cell.angle_gamma   90.00
#
_symmetry.space_group_name_H-M   'P 1'
#
loop_
_entity.id
_entity.type
_entity.pdbx_description
1 polymer PSST
2 polymer ND9
3 polymer ND7
4 polymer '24 kDa'
5 polymer '51 kDa'
6 polymer '75 kDa'
7 polymer TYKY
8 polymer '39 kDa'
9 polymer '18 kDa'
10 polymer '13 kDa'
11 polymer B8
12 polymer SDAP2
13 polymer B13
14 polymer B14
15 polymer B17.2
16 polymer B14.5a
17 non-polymer 'IRON/SULFUR CLUSTER'
18 non-polymer 'FE2/S2 (INORGANIC) CLUSTER'
19 non-polymer 'FLAVIN MONONUCLEOTIDE'
20 non-polymer 'NADPH DIHYDRO-NICOTINAMIDE-ADENINE-DINUCLEOTIDE PHOSPHATE'
21 non-polymer 'ZINC ION'
22 non-polymer 'S-[2-({N-[(2R)-2-hydroxy-3,3-dimethyl-4-(phosphonooxy)butanoyl]-beta-alanyl}amino)ethyl] dodecanethioate'
23 water water
#
loop_
_entity_poly.entity_id
_entity_poly.type
_entity_poly.pdbx_seq_one_letter_code
_entity_poly.pdbx_strand_id
1 'polypeptide(L)'
;MSKAVAAAKGADFIVSKVDTVVNWARAGSMWPMTFGLACCAVEMMHAGASRYDLDRFGIIFRPSPRQSDVMIVAGTLTNK
MAPALRKVYDQMPEPKWVVSMGSCANGGGYYHYSYSVVRGCDRVVPVDVYVPGCPPTAEGLLYGLLQLQKKIYRSKNTQL
WWNK
;
B
2 'polypeptide(L)'
;MSYCYARKMTDKDYIAYDNIKNFGDNYLTDYIIKTVPKYVTMAVNGPAQSSVLYQEPTIYTTPEHIYALCAFLRDHVNLQ
YKTLIDITAVDYPERSARFEVVYHLLSPRLNNRIRIKVVVDEVTSVPSVSRIWNAANWFERETWDMFGVFFSNHPDLRRV
LTDYGFTGHPLRKDFPLTGYTEVRYDYGKKRVISEPLELTQEFRYFDFSSPWDTLSR
;
C
3 'polypeptide(L)'
;MKPLTPSKVSNFTINFGPQHPAAHGVLRLVLEMDGEIIKRADPHIGLLHRGTEKLLEYKTYNQGIPYFDRLDYVSMMCME
HSYVLAIEQLLNVAVPLRGQYIRVLFSEITRIMNHILAITCHSMDVGALTPFLWAFEEREKLFEFYERVSGARMHAAYFR
VGGVAQDLPIGLLRDIYDWSRQFASRVDEMEELLTGNRIWKERTIDVGLVTAQQAWDWGCSGPILRGSGIDWDLRKNQPY
DVYGRMDFNVPIAGHGDCYDRYLVRVQEMRESLRIIYQCLNEMPDGLYKTPDQKVSPPSRGQMKQSMESLIHHFKLFSEG
YHVPAGETYRAVEAPKGEFGVYLVSRGGNRPYRCKIRSPGYAHLQMLDMVAKGAMLADVVTIIGTLDVVFGEIDR
;
D
4 'polypeptide(L)'
;MFSRFTSLVVRAAVVASSHNKAATPIISVTLPSLRSFATNSTDVFNVHHDTPENNKDTKFDFTEANYKLVNKIMSNYPSN
YKASAMIPLLDLAQQQNGGVVSLAVMNRVAQILEVPPIKVYEVATFFTMFNRSKMGKYHVCICGTTPCRLQGAQKIEEAI
TKHLGVGIGQTTADGTFTLGEMECMGACVNAPMIAVADYRNGVEGFSYNYYEDLTPQDAVNILEKLKKGEKPKLGSQHRQ
TAEPAGAVVGDKWIPSSGEQTLMGELPGPYCRDLSK
;
E
5 'polypeptide(L)'
;MQRSTGAALRFAGFRSRCLSLLRTFSTQAPPAAAPEKTTFGGLRDQDRIFTNIYGRHDPYIKGAEARGDWYMTKDLVGKG
RDWIIDQIKKSGLRGRGGAGFASGLKWSFMPKVSDGRPSYLVVNGDESEPGTCKDREIMRHEPHKLVEGCLVAGTAMGAR
AGYIYIRGEFVNERKAVERAVAEAYAKGYLGKNACGSGVDFDLFVHYGAGAYICGEETALIESLEGKQGKPRLKPPFPAG
MGLYGCPTTVTNVETVAVSPTILRRGPEWFSSFGRKNNAGTKLFAISGHVNRPVTVEEEMSIPLRELIERHAGGVRGGWD
NLLAIIPGGSSVPLLPKKMCDDVIMDFDALRTAQSGLGTAAVIVMNKDTDVIDAIARLSYFYKHESCGQCTPCREGTGWL
YDIMSRMRKGDARLEEIDMLWEITKQIEGHTICALGDAAAWPVQGLIRHFRSEMEDRIKNADQQRISAH
;
F
6 'polypeptide(L)'
;MISKKAIQAISQLGAKQPAVRAISSSVSALNQAAAAPALPADKMEVFVNGEAVVVPKNFTVLQACDAAGVDVPRFCYHQR
LSIAGNCRMCLVEIEKAPKPVASCAFPAGPGMKIKTDTPVIKKAREGVMEFLLINHPLDCPICDQGGECDLQDQAMIFGS
DRSRFIEYKRAVADKNLGPLIKTSMNRCIHCTRCVRFTHEVAGTSELGITGRGRDSEVGTYIEKLHSSELSGNVIDLCPV
GALLSKPYAFTARSWELKGTETIDVSDALGSNIKVDCRGTEVMRITPRLNDAINEEWLSDKGRFQYDGLKRQRLNTPLVK
GAKGLENATWSAAFDAIRTAIAGAKGNELKAIAGKLADAESMIALKDLFNKLGSGNLIHEDGSATLSADVRSSYIANTTI
ASIEKADVILLVGTNPRFESPVFNARLRKVFLDGAKVGLVGEKVDLTYAYQHLGADVAALESLASGKGAFFEALKGAKNP
VVIVGSSVLRRDDREAVLKTVNDLVDAAGVVKEGWNGFNVLHDNASRVAALDIGFVPSASARTNPVPAKVVYLLGSDDFK
DEEIPADAFVIYQGHHGDKGAARANVVLPGAAYTEKASLFANTEGRVQTTRTAVPVLGDAREDWKIIRALSEVVGQQLPY
DSQPQVRARLAEVAPHFAEIGKAESALWLNGQYFKGVKDLVAKAARSTASLATNISNYYMTDAISRASRTMAKCTAVRQQ
;
G
7 'polypeptide(L)'
;MSLINRAAQRLLSMPSVSSMGGLTQFTRSMGTERRPGQSGAWKQVDKQRYSSEWEQDPTFKQVPKNVSEVLDDSVSVLFL
TDIVRGMMYSASGFFDDKVTILYPFEKGAVSPRFRGEHALRRYPTGEERCISCKLCEAICPAQAITIEAEEREDGSRKTT
RYDIDMTKCIYCGFCQEACPVDAIVEGPNFEFSTETREELLYDKQKLLENGDKWEQEIAANLRTESLYR
;
I
8 'polypeptide(L)'
;MSTLKPFDLNANNAVRNGPGGRSSIGGVVATVFGANGFIGSYVVNEISKRGNQVVCPYRCNENKVQPLKQMGDLGQVVLL
PEFDIHDDEYIRRAISRSNVVINCVGIRQETKNYSYKDVHVDFPTRLAKIVAESGKVERFIQVSEMGADVSHASRRLQTK
AVGDEAIMKYIPDATIIRPGNVVGIEDYFYNNLIFQLSYTIVAPVINNGANKVQPTYILDVADAVVKILKDKKTSGKTYY
LGGPETLTMRQIYDHLIDTLRLSNDDTVNLRYELAKMLYKPLDTLRTKLPEFPFLGFMMSSDYAEEQVADSVAPAGSLGY
KDLSISPAKVTEGLAIEGVRFIRVGGYDWGDMNKVSSNIPEHIRKYYNLK
;
P
9 'polypeptide(L)'
;MLRKAVSTLFNLEKRVLYQQAGFATAPQDFSLAMKKADEIYSGKTVKAGDIGFSAGVPLETYNRKVRIFCPAKAASQSGL
GRTLHPSSKAPQWKIVFENLSKWENPLMGWTSTADPLENVGRSTLLFYTKEEAAAFCAKHGWEYVVDEPNPRKHIRQKRY
LGYGDNYSIKRKGVPDLAHLPSNRS
;
Q
10 'polypeptide(L)'
;MSFVRSSFSLVRRFASEAVIAEKNKIPETVGGAAFKGDLRGTSAVGLGDGLYSHTSKWMQGNGKSPMDYINEVEPIKVKG
LVVASHGSDDPALGCPVEYISLKGTSYENPAVCKYTGNRYYSDCWKHGAHHH
;
R
11 'polypeptide(L)'
;MAWKTALTTTFQELRITLSQSSSSSAGAREFVLGQYAELKAANPLLPILVRESNAAQASLTARYDFGVEKKVSIENDSAS
GILSKLEGLVKHGQSLAK
;
S
12 'polypeptide(L)'
;MAFLTSALRSAVLSNLRVAASTVEFKSISVVSAFTRNFSSFLPKEEVESRIIAQVKEQNLAAGIKVELSSRFDKDLGLDS
LDKVELLISLEEDFGVEVPDAEIDKIHTVEDAVNFFISNPSS
;
U
13 'polypeptide(L)'
;MIRNISSRFSTCLRQALPSASSNRTFKAVADVEIDFSNRAVLKKYVGVDHLSKEQGTKAKFIVSLNSLLEAVKSVPETAE
YRKAIEATCQYRLKVCGENNSDAAIEEVLDAHLEELIAESKEELRILPVLLESKPWDVPADYSAPVFDYVDASTILDKK
;
V
14 'polypeptide(L)'
;MTSRFAYVAKAAAPAAPVTCQKARNLYLEACRCLPFIHRLHKLEEITSLKEMRLIIKDKFRVNSPVTDSRVTDLLIFKGR
EELETYLFMYKQRHHAITEYIEPYQIKKLLIERKSSNSAFLDSFYEKAYPLVHSKYA
;
W
15 'polypeptide(L)'
;MSLTKYLNNLVSTSGKKSLAGFFVSWEFAKMIVDGNLHNNVVRPQSGAQVGIDKFGNKYFEDNEESYGRRRWIVFADKFD
YKISSIPPEWHGWLNYINDYKPSDYETIDNKKPMYHAEWTISATGTQECYNPKGSWFNPAKRNWKKVEIWQPPQV
;
q
16 'polypeptide(L)'
;MSGILKTVQSIFYSVGLKEPWKMTGIRSLPDFEYYLPFGLTYRGISPGNQPIKAVVPHDVPKLVYDIKYFARDYRRNNSY
TVRSVDSKTPFDYSKVFGSAPLKPADVKTVRIPEVMPHRGC
;
r
#
loop_
_chem_comp.id
_chem_comp.type
_chem_comp.name
_chem_comp.formula
8Q1 non-polymer 'S-[2-({N-[(2R)-2-hydroxy-3,3-dimethyl-4-(phosphonooxy)butanoyl]-beta-alanyl}amino)ethyl] dodecanethioate' 'C23 H45 N2 O8 P S'
FES non-polymer 'FE2/S2 (INORGANIC) CLUSTER' 'Fe2 S2'
FMN non-polymer 'FLAVIN MONONUCLEOTIDE' 'C17 H21 N4 O9 P'
NDP non-polymer 'NADPH DIHYDRO-NICOTINAMIDE-ADENINE-DINUCLEOTIDE PHOSPHATE' 'C21 H30 N7 O17 P3'
SF4 non-polymer 'IRON/SULFUR CLUSTER' 'Fe4 S4'
ZN non-polymer 'ZINC ION' 'Zn 2'
#
# COMPACT_ATOMS: atom_id res chain seq x y z
N ALA A 11 -62.68 -21.54 -21.87
CA ALA A 11 -61.43 -22.28 -22.05
C ALA A 11 -60.26 -21.50 -21.46
N ASP A 12 -60.27 -20.18 -21.64
CA ASP A 12 -59.22 -19.34 -21.07
C ASP A 12 -59.28 -19.30 -19.55
N PHE A 13 -60.48 -19.47 -18.98
CA PHE A 13 -60.60 -19.60 -17.53
C PHE A 13 -60.11 -20.96 -17.05
N ILE A 14 -60.49 -22.03 -17.74
CA ILE A 14 -60.11 -23.38 -17.34
C ILE A 14 -58.59 -23.54 -17.40
N VAL A 15 -57.97 -23.03 -18.46
CA VAL A 15 -56.51 -23.15 -18.58
C VAL A 15 -55.82 -22.41 -17.45
N SER A 16 -56.38 -21.27 -17.03
CA SER A 16 -55.82 -20.53 -15.91
C SER A 16 -55.96 -21.30 -14.60
N LYS A 17 -57.12 -21.94 -14.39
CA LYS A 17 -57.29 -22.73 -13.18
C LYS A 17 -56.30 -23.89 -13.16
N VAL A 18 -56.10 -24.53 -14.31
CA VAL A 18 -55.14 -25.63 -14.39
C VAL A 18 -53.73 -25.14 -14.10
N ASP A 19 -53.34 -23.99 -14.66
CA ASP A 19 -51.96 -23.56 -14.48
C ASP A 19 -51.71 -23.12 -13.05
N THR A 20 -52.69 -22.48 -12.41
CA THR A 20 -52.51 -22.11 -11.01
C THR A 20 -52.46 -23.34 -10.12
N VAL A 21 -53.23 -24.38 -10.43
CA VAL A 21 -53.13 -25.62 -9.66
C VAL A 21 -51.74 -26.25 -9.83
N VAL A 22 -51.23 -26.25 -11.06
CA VAL A 22 -49.90 -26.83 -11.29
C VAL A 22 -48.82 -26.02 -10.57
N ASN A 23 -48.97 -24.70 -10.55
CA ASN A 23 -48.03 -23.86 -9.82
C ASN A 23 -48.09 -24.14 -8.32
N TRP A 24 -49.30 -24.30 -7.77
CA TRP A 24 -49.43 -24.66 -6.37
C TRP A 24 -48.74 -25.98 -6.07
N ALA A 25 -48.92 -26.98 -6.95
CA ALA A 25 -48.33 -28.29 -6.72
C ALA A 25 -46.80 -28.22 -6.78
N ARG A 26 -46.25 -27.58 -7.81
CA ARG A 26 -44.80 -27.50 -7.92
C ARG A 26 -44.18 -26.69 -6.78
N ALA A 27 -44.78 -25.56 -6.42
CA ALA A 27 -44.15 -24.69 -5.43
C ALA A 27 -44.30 -25.25 -4.02
N GLY A 28 -45.47 -25.81 -3.69
CA GLY A 28 -45.67 -26.34 -2.36
C GLY A 28 -44.73 -27.48 -2.04
N SER A 29 -44.56 -28.41 -2.98
CA SER A 29 -43.69 -29.57 -2.82
C SER A 29 -42.40 -29.36 -3.60
N MET A 30 -41.41 -28.73 -2.96
CA MET A 30 -40.08 -28.59 -3.54
C MET A 30 -39.16 -29.61 -2.89
N TRP A 31 -38.60 -30.50 -3.70
CA TRP A 31 -37.61 -31.50 -3.30
C TRP A 31 -36.22 -30.95 -3.57
N PRO A 32 -35.56 -30.32 -2.60
CA PRO A 32 -34.24 -29.76 -2.86
C PRO A 32 -33.12 -30.75 -2.63
N MET A 33 -32.13 -30.68 -3.51
CA MET A 33 -30.87 -31.39 -3.33
C MET A 33 -29.79 -30.42 -2.88
N THR A 34 -29.11 -30.75 -1.80
CA THR A 34 -28.18 -29.86 -1.14
C THR A 34 -26.75 -30.25 -1.51
N PHE A 35 -26.05 -29.32 -2.16
CA PHE A 35 -24.66 -29.55 -2.55
C PHE A 35 -23.81 -28.90 -1.45
N GLY A 36 -23.69 -29.60 -0.33
CA GLY A 36 -23.16 -28.97 0.87
C GLY A 36 -21.66 -28.95 0.91
N LEU A 37 -21.06 -28.01 0.18
CA LEU A 37 -19.61 -27.93 0.10
C LEU A 37 -18.99 -27.52 1.43
N ALA A 38 -19.53 -26.47 2.04
CA ALA A 38 -18.78 -25.66 3.00
C ALA A 38 -19.68 -25.02 4.04
N CYS A 39 -19.22 -23.90 4.61
CA CYS A 39 -19.79 -23.29 5.81
C CYS A 39 -21.31 -23.24 5.76
N CYS A 40 -21.88 -22.96 4.59
CA CYS A 40 -23.30 -22.64 4.47
C CYS A 40 -24.19 -23.86 4.67
N ALA A 41 -23.65 -25.06 4.43
CA ALA A 41 -24.41 -26.27 4.62
C ALA A 41 -24.88 -26.46 6.06
N VAL A 42 -24.09 -26.02 7.03
CA VAL A 42 -24.54 -26.13 8.42
C VAL A 42 -25.64 -25.14 8.75
N GLU A 43 -25.58 -23.92 8.19
CA GLU A 43 -26.72 -23.02 8.33
C GLU A 43 -27.98 -23.58 7.69
N MET A 44 -27.84 -24.27 6.56
CA MET A 44 -29.00 -24.97 5.99
C MET A 44 -29.48 -26.10 6.88
N MET A 45 -28.54 -26.83 7.47
CA MET A 45 -28.86 -27.86 8.46
C MET A 45 -29.73 -27.27 9.57
N HIS A 46 -29.34 -26.08 10.05
CA HIS A 46 -30.10 -25.41 11.08
C HIS A 46 -31.47 -24.97 10.56
N ALA A 47 -31.52 -24.55 9.29
CA ALA A 47 -32.78 -24.10 8.70
C ALA A 47 -33.77 -25.25 8.54
N GLY A 48 -33.26 -26.47 8.36
CA GLY A 48 -34.07 -27.67 8.31
C GLY A 48 -34.17 -28.40 9.63
N ALA A 49 -33.76 -27.78 10.73
CA ALA A 49 -33.77 -28.40 12.04
C ALA A 49 -35.14 -28.28 12.69
N SER A 50 -35.22 -28.54 14.00
CA SER A 50 -36.50 -28.45 14.69
C SER A 50 -36.99 -27.00 14.77
N ARG A 51 -36.08 -26.04 14.96
CA ARG A 51 -36.53 -24.68 15.30
C ARG A 51 -37.18 -24.03 14.08
N TYR A 52 -36.61 -24.22 12.89
CA TYR A 52 -37.27 -23.85 11.64
C TYR A 52 -37.69 -25.13 10.94
N ASP A 53 -39.00 -25.32 10.79
CA ASP A 53 -39.57 -26.53 10.19
C ASP A 53 -39.82 -26.34 8.69
N LEU A 54 -38.81 -26.68 7.88
CA LEU A 54 -38.99 -26.65 6.43
C LEU A 54 -40.01 -27.69 5.97
N ASP A 55 -40.15 -28.79 6.69
CA ASP A 55 -41.15 -29.79 6.28
C ASP A 55 -42.57 -29.25 6.42
N ARG A 56 -42.80 -28.30 7.34
CA ARG A 56 -44.07 -27.60 7.33
C ARG A 56 -44.26 -26.79 6.06
N PHE A 57 -43.20 -26.12 5.61
CA PHE A 57 -43.24 -25.39 4.34
C PHE A 57 -43.32 -26.30 3.13
N GLY A 58 -43.13 -27.61 3.30
CA GLY A 58 -43.15 -28.54 2.19
C GLY A 58 -41.80 -28.80 1.56
N ILE A 59 -40.74 -28.14 2.04
CA ILE A 59 -39.39 -28.36 1.53
C ILE A 59 -38.76 -29.49 2.32
N ILE A 60 -38.54 -30.62 1.65
CA ILE A 60 -37.95 -31.80 2.26
C ILE A 60 -36.82 -32.30 1.36
N PHE A 61 -35.64 -32.48 1.94
CA PHE A 61 -34.43 -32.75 1.17
C PHE A 61 -34.40 -34.19 0.66
N ARG A 62 -33.94 -34.36 -0.57
CA ARG A 62 -33.91 -35.65 -1.23
C ARG A 62 -32.47 -35.97 -1.60
N PRO A 63 -31.92 -37.12 -1.18
CA PRO A 63 -30.49 -37.38 -1.45
C PRO A 63 -30.13 -37.50 -2.93
N SER A 64 -31.05 -37.94 -3.80
CA SER A 64 -30.57 -38.17 -5.15
C SER A 64 -31.05 -37.09 -6.12
N PRO A 65 -30.25 -36.74 -7.13
CA PRO A 65 -30.65 -35.69 -8.07
C PRO A 65 -31.89 -36.00 -8.89
N ARG A 66 -32.10 -37.28 -9.25
CA ARG A 66 -33.20 -37.61 -10.15
C ARG A 66 -34.56 -37.31 -9.53
N GLN A 67 -34.65 -37.31 -8.20
CA GLN A 67 -35.91 -37.06 -7.51
C GLN A 67 -35.99 -35.66 -6.93
N SER A 68 -35.06 -34.78 -7.27
CA SER A 68 -35.02 -33.42 -6.75
C SER A 68 -35.25 -32.42 -7.86
N ASP A 69 -36.06 -31.40 -7.57
CA ASP A 69 -36.40 -30.37 -8.55
C ASP A 69 -35.72 -29.03 -8.30
N VAL A 70 -35.18 -28.81 -7.11
CA VAL A 70 -34.49 -27.57 -6.76
C VAL A 70 -33.12 -27.95 -6.21
N MET A 71 -32.08 -27.22 -6.62
CA MET A 71 -30.73 -27.52 -6.20
C MET A 71 -30.13 -26.29 -5.54
N ILE A 72 -29.53 -26.48 -4.35
CA ILE A 72 -28.97 -25.39 -3.56
C ILE A 72 -27.46 -25.57 -3.54
N VAL A 73 -26.74 -24.63 -4.14
CA VAL A 73 -25.29 -24.60 -4.08
C VAL A 73 -24.88 -23.73 -2.90
N ALA A 74 -24.33 -24.36 -1.86
CA ALA A 74 -24.00 -23.69 -0.60
C ALA A 74 -22.56 -24.01 -0.24
N GLY A 75 -21.63 -23.21 -0.73
CA GLY A 75 -20.23 -23.40 -0.40
C GLY A 75 -19.35 -22.85 -1.49
N THR A 76 -18.05 -22.95 -1.25
CA THR A 76 -17.07 -22.48 -2.20
C THR A 76 -16.87 -23.50 -3.31
N LEU A 77 -17.21 -23.14 -4.54
CA LEU A 77 -16.98 -24.00 -5.67
C LEU A 77 -15.52 -23.92 -6.09
N THR A 78 -14.87 -25.06 -6.22
CA THR A 78 -13.48 -25.13 -6.62
C THR A 78 -13.38 -25.69 -8.03
N ASN A 79 -12.26 -25.40 -8.69
CA ASN A 79 -12.03 -25.92 -10.03
C ASN A 79 -12.08 -27.44 -10.06
N LYS A 80 -11.69 -28.08 -8.95
CA LYS A 80 -11.75 -29.53 -8.84
C LYS A 80 -13.19 -30.03 -8.80
N MET A 81 -14.12 -29.25 -8.25
CA MET A 81 -15.49 -29.69 -8.05
C MET A 81 -16.42 -29.30 -9.19
N ALA A 82 -16.14 -28.23 -9.91
CA ALA A 82 -17.09 -27.71 -10.88
C ALA A 82 -17.59 -28.75 -11.89
N PRO A 83 -16.75 -29.65 -12.43
CA PRO A 83 -17.31 -30.73 -13.26
C PRO A 83 -18.32 -31.59 -12.55
N ALA A 84 -18.10 -31.92 -11.27
CA ALA A 84 -19.06 -32.72 -10.53
C ALA A 84 -20.33 -31.94 -10.26
N LEU A 85 -20.22 -30.64 -10.02
CA LEU A 85 -21.42 -29.81 -9.87
C LEU A 85 -22.26 -29.81 -11.12
N ARG A 86 -21.62 -29.62 -12.28
CA ARG A 86 -22.36 -29.64 -13.54
C ARG A 86 -22.96 -31.02 -13.80
N LYS A 87 -22.22 -32.09 -13.49
CA LYS A 87 -22.73 -33.43 -13.73
C LYS A 87 -23.96 -33.70 -12.87
N VAL A 88 -23.93 -33.30 -11.60
CA VAL A 88 -25.09 -33.46 -10.73
C VAL A 88 -26.27 -32.64 -11.26
N TYR A 89 -25.99 -31.42 -11.71
CA TYR A 89 -27.08 -30.58 -12.24
C TYR A 89 -27.72 -31.22 -13.47
N ASP A 90 -26.91 -31.80 -14.35
CA ASP A 90 -27.44 -32.38 -15.58
C ASP A 90 -28.34 -33.59 -15.31
N GLN A 91 -28.07 -34.33 -14.23
CA GLN A 91 -28.87 -35.51 -13.92
C GLN A 91 -30.27 -35.17 -13.46
N MET A 92 -30.51 -33.92 -13.06
CA MET A 92 -31.80 -33.52 -12.53
C MET A 92 -32.85 -33.45 -13.65
N PRO A 93 -34.13 -33.55 -13.31
CA PRO A 93 -35.18 -33.50 -14.33
C PRO A 93 -35.44 -32.06 -14.78
N GLU A 94 -36.40 -31.91 -15.69
CA GLU A 94 -36.44 -30.72 -16.54
C GLU A 94 -36.61 -29.39 -15.83
N PRO A 95 -37.50 -29.21 -14.84
CA PRO A 95 -37.63 -27.87 -14.24
C PRO A 95 -36.34 -27.33 -13.62
N LYS A 96 -35.72 -28.08 -12.71
CA LYS A 96 -34.34 -27.87 -12.25
C LYS A 96 -34.02 -26.40 -11.93
N TRP A 97 -34.64 -25.90 -10.86
CA TRP A 97 -34.30 -24.56 -10.38
C TRP A 97 -33.08 -24.65 -9.47
N VAL A 98 -32.23 -23.62 -9.54
CA VAL A 98 -30.97 -23.60 -8.80
C VAL A 98 -30.92 -22.35 -7.94
N VAL A 99 -30.62 -22.53 -6.65
CA VAL A 99 -30.49 -21.45 -5.70
C VAL A 99 -29.02 -21.34 -5.30
N SER A 100 -28.48 -20.14 -5.38
CA SER A 100 -27.11 -19.85 -4.95
C SER A 100 -27.13 -19.23 -3.56
N MET A 101 -26.48 -19.89 -2.61
CA MET A 101 -26.46 -19.47 -1.22
C MET A 101 -25.03 -19.14 -0.78
N GLY A 102 -24.86 -17.97 -0.19
CA GLY A 102 -23.55 -17.60 0.33
C GLY A 102 -22.75 -16.76 -0.63
N SER A 103 -21.82 -15.98 -0.07
CA SER A 103 -20.96 -15.16 -0.91
C SER A 103 -20.06 -16.02 -1.78
N CYS A 104 -19.59 -17.15 -1.25
CA CYS A 104 -18.72 -18.03 -2.02
C CYS A 104 -19.41 -18.55 -3.28
N ALA A 105 -20.65 -19.00 -3.15
CA ALA A 105 -21.38 -19.50 -4.32
C ALA A 105 -21.83 -18.38 -5.23
N ASN A 106 -22.19 -17.23 -4.65
CA ASN A 106 -22.71 -16.12 -5.47
C ASN A 106 -21.62 -15.54 -6.37
N GLY A 107 -20.47 -15.21 -5.80
CA GLY A 107 -19.43 -14.56 -6.56
C GLY A 107 -18.01 -14.96 -6.22
N GLY A 108 -17.84 -16.08 -5.55
CA GLY A 108 -16.53 -16.51 -5.09
C GLY A 108 -16.25 -16.00 -3.70
N GLY A 109 -16.70 -14.78 -3.41
CA GLY A 109 -16.62 -14.24 -2.08
C GLY A 109 -15.21 -13.96 -1.60
N TYR A 110 -14.85 -14.56 -0.47
CA TYR A 110 -13.64 -14.16 0.23
C TYR A 110 -12.42 -14.89 -0.33
N TYR A 111 -12.66 -15.97 -1.08
CA TYR A 111 -11.66 -16.66 -1.89
C TYR A 111 -11.79 -16.30 -3.37
N HIS A 112 -12.25 -15.09 -3.67
CA HIS A 112 -12.52 -14.69 -5.06
C HIS A 112 -11.24 -14.66 -5.87
N TYR A 113 -10.17 -14.10 -5.30
CA TYR A 113 -8.89 -13.96 -6.02
C TYR A 113 -7.98 -15.14 -5.71
N SER A 114 -8.43 -16.32 -6.10
CA SER A 114 -7.70 -17.55 -5.84
C SER A 114 -7.59 -18.35 -7.12
N TYR A 115 -6.53 -19.15 -7.21
CA TYR A 115 -6.29 -19.96 -8.40
C TYR A 115 -7.21 -21.16 -8.49
N SER A 116 -7.77 -21.60 -7.37
CA SER A 116 -8.52 -22.86 -7.32
C SER A 116 -10.02 -22.67 -7.14
N VAL A 117 -10.51 -21.44 -7.15
CA VAL A 117 -11.90 -21.15 -6.79
C VAL A 117 -12.62 -20.61 -8.00
N VAL A 118 -13.83 -21.11 -8.24
CA VAL A 118 -14.69 -20.57 -9.29
C VAL A 118 -15.43 -19.35 -8.75
N ARG A 119 -15.34 -18.24 -9.48
CA ARG A 119 -16.00 -17.00 -9.09
C ARG A 119 -17.48 -17.10 -9.43
N GLY A 120 -18.22 -17.74 -8.53
CA GLY A 120 -19.66 -17.86 -8.65
C GLY A 120 -20.07 -19.11 -9.38
N CYS A 121 -21.05 -19.83 -8.82
CA CYS A 121 -21.61 -20.99 -9.49
C CYS A 121 -22.37 -20.62 -10.76
N ASP A 122 -22.63 -19.33 -11.00
CA ASP A 122 -23.29 -18.92 -12.23
C ASP A 122 -22.45 -19.24 -13.45
N ARG A 123 -21.13 -19.29 -13.32
CA ARG A 123 -20.27 -19.68 -14.43
C ARG A 123 -20.53 -21.11 -14.87
N VAL A 124 -20.86 -21.98 -13.93
CA VAL A 124 -21.03 -23.40 -14.21
C VAL A 124 -22.50 -23.76 -14.45
N VAL A 125 -23.40 -23.26 -13.62
CA VAL A 125 -24.82 -23.61 -13.72
C VAL A 125 -25.67 -22.33 -13.69
N PRO A 126 -26.79 -22.29 -14.40
CA PRO A 126 -27.69 -21.14 -14.29
C PRO A 126 -28.29 -21.06 -12.90
N VAL A 127 -28.41 -19.84 -12.39
CA VAL A 127 -28.90 -19.58 -11.03
C VAL A 127 -30.16 -18.74 -11.10
N ASP A 128 -31.21 -19.21 -10.44
CA ASP A 128 -32.49 -18.49 -10.40
C ASP A 128 -32.54 -17.48 -9.26
N VAL A 129 -32.07 -17.84 -8.07
CA VAL A 129 -32.16 -17.00 -6.88
C VAL A 129 -30.80 -16.94 -6.22
N TYR A 130 -30.38 -15.74 -5.81
CA TYR A 130 -29.12 -15.53 -5.11
C TYR A 130 -29.42 -15.14 -3.67
N VAL A 131 -28.92 -15.93 -2.72
CA VAL A 131 -29.10 -15.66 -1.30
C VAL A 131 -27.78 -15.10 -0.77
N PRO A 132 -27.73 -13.84 -0.35
CA PRO A 132 -26.45 -13.24 0.08
C PRO A 132 -26.20 -13.43 1.57
N GLY A 133 -24.94 -13.64 1.91
CA GLY A 133 -24.55 -13.78 3.29
C GLY A 133 -23.28 -14.60 3.39
N CYS A 134 -22.67 -14.54 4.57
CA CYS A 134 -21.47 -15.33 4.86
C CYS A 134 -21.41 -15.64 6.34
N PRO A 135 -22.15 -16.65 6.80
CA PRO A 135 -23.17 -17.40 6.06
C PRO A 135 -24.51 -16.68 6.05
N PRO A 136 -25.36 -16.95 5.08
CA PRO A 136 -26.71 -16.38 5.11
C PRO A 136 -27.47 -16.88 6.32
N THR A 137 -28.17 -15.96 6.98
CA THR A 137 -29.01 -16.34 8.11
C THR A 137 -30.12 -17.26 7.62
N ALA A 138 -30.54 -18.18 8.50
CA ALA A 138 -31.53 -19.16 8.11
C ALA A 138 -32.81 -18.49 7.62
N GLU A 139 -33.23 -17.43 8.30
CA GLU A 139 -34.38 -16.67 7.83
C GLU A 139 -34.13 -16.07 6.45
N GLY A 140 -32.89 -15.63 6.18
CA GLY A 140 -32.58 -15.18 4.84
C GLY A 140 -32.70 -16.28 3.80
N LEU A 141 -32.34 -17.50 4.16
CA LEU A 141 -32.51 -18.62 3.26
C LEU A 141 -33.97 -18.92 3.01
N LEU A 142 -34.80 -18.84 4.06
CA LEU A 142 -36.24 -19.00 3.87
C LEU A 142 -36.83 -17.88 3.03
N TYR A 143 -36.29 -16.66 3.16
CA TYR A 143 -36.73 -15.56 2.30
C TYR A 143 -36.40 -15.85 0.84
N GLY A 144 -35.20 -16.38 0.58
CA GLY A 144 -34.85 -16.77 -0.78
C GLY A 144 -35.72 -17.89 -1.32
N LEU A 145 -36.04 -18.87 -0.47
CA LEU A 145 -36.93 -19.95 -0.89
C LEU A 145 -38.33 -19.44 -1.20
N LEU A 146 -38.83 -18.49 -0.41
CA LEU A 146 -40.11 -17.88 -0.73
C LEU A 146 -40.04 -17.04 -2.00
N GLN A 147 -38.88 -16.43 -2.27
CA GLN A 147 -38.71 -15.72 -3.53
C GLN A 147 -38.78 -16.69 -4.71
N LEU A 148 -38.18 -17.87 -4.55
CA LEU A 148 -38.28 -18.91 -5.58
C LEU A 148 -39.72 -19.39 -5.73
N GLN A 149 -40.45 -19.53 -4.62
CA GLN A 149 -41.85 -19.94 -4.71
C GLN A 149 -42.67 -18.91 -5.46
N LYS A 150 -42.42 -17.62 -5.23
CA LYS A 150 -43.10 -16.60 -6.00
C LYS A 150 -42.73 -16.69 -7.47
N LYS A 151 -41.45 -16.97 -7.78
CA LYS A 151 -41.07 -17.14 -9.18
C LYS A 151 -41.81 -18.30 -9.83
N ILE A 152 -41.99 -19.39 -9.09
CA ILE A 152 -42.76 -20.52 -9.62
C ILE A 152 -44.23 -20.17 -9.77
N TYR A 153 -44.80 -19.45 -8.80
CA TYR A 153 -46.18 -19.02 -8.90
C TYR A 153 -46.38 -18.11 -10.11
N ARG A 154 -45.40 -17.26 -10.41
CA ARG A 154 -45.55 -16.33 -11.52
C ARG A 154 -45.71 -17.08 -12.84
N SER A 155 -45.02 -18.21 -12.99
CA SER A 155 -45.06 -18.92 -14.26
C SER A 155 -46.49 -19.40 -14.54
N LYS A 156 -46.91 -19.25 -15.78
CA LYS A 156 -48.19 -19.75 -16.26
C LYS A 156 -47.95 -20.56 -17.54
N ASN A 157 -47.43 -21.77 -17.37
CA ASN A 157 -46.97 -22.54 -18.52
C ASN A 157 -48.12 -23.06 -19.36
N THR A 158 -49.23 -23.44 -18.71
CA THR A 158 -50.34 -24.04 -19.42
C THR A 158 -51.11 -23.03 -20.26
N GLN A 159 -51.27 -21.79 -19.76
CA GLN A 159 -51.89 -20.76 -20.59
C GLN A 159 -51.07 -20.47 -21.84
N LEU A 160 -49.75 -20.34 -21.70
CA LEU A 160 -48.91 -20.17 -22.89
C LEU A 160 -48.97 -21.39 -23.80
N TRP A 161 -49.11 -22.59 -23.25
CA TRP A 161 -49.29 -23.76 -24.10
C TRP A 161 -50.57 -23.63 -24.90
N TRP A 162 -51.63 -23.11 -24.28
CA TRP A 162 -52.88 -22.90 -25.00
C TRP A 162 -52.68 -21.88 -26.12
N ASN A 163 -51.95 -20.80 -25.85
CA ASN A 163 -51.77 -19.70 -26.78
C ASN A 163 -50.37 -19.71 -27.40
N LYS A 164 -49.83 -20.89 -27.67
CA LYS A 164 -48.50 -21.01 -28.24
C LYS A 164 -48.55 -21.09 -29.76
N SER B 2 7.93 -41.35 27.27
CA SER B 2 7.58 -42.03 26.03
C SER B 2 6.16 -41.70 25.63
N TYR B 3 5.28 -42.69 25.78
CA TYR B 3 3.86 -42.51 25.50
C TYR B 3 3.18 -42.10 26.80
N CYS B 4 2.49 -40.97 26.79
CA CYS B 4 1.93 -40.42 28.02
C CYS B 4 0.68 -41.20 28.43
N TYR B 5 0.91 -42.47 28.72
CA TYR B 5 -0.13 -43.33 29.27
C TYR B 5 -0.55 -42.82 30.64
N ALA B 6 -1.87 -42.77 30.87
CA ALA B 6 -2.37 -42.23 32.12
C ALA B 6 -1.90 -43.10 33.28
N ARG B 7 -1.15 -42.51 34.20
CA ARG B 7 -0.61 -43.22 35.34
C ARG B 7 -1.17 -42.73 36.66
N LYS B 8 -1.08 -41.43 36.94
CA LYS B 8 -1.44 -40.88 38.22
C LYS B 8 -2.93 -40.51 38.21
N MET B 9 -3.69 -41.10 39.13
CA MET B 9 -5.13 -40.90 39.17
C MET B 9 -5.53 -39.55 39.76
N THR B 10 -4.77 -39.05 40.73
CA THR B 10 -5.10 -37.78 41.36
C THR B 10 -3.82 -37.04 41.74
N ASP B 11 -3.93 -35.71 41.78
CA ASP B 11 -2.85 -34.79 42.17
C ASP B 11 -1.78 -34.66 41.09
N LYS B 12 -2.08 -35.02 39.84
CA LYS B 12 -1.16 -34.74 38.75
C LYS B 12 -1.37 -33.30 38.27
N ASP B 13 -1.29 -32.34 39.21
CA ASP B 13 -1.44 -30.94 38.86
C ASP B 13 -0.20 -30.36 38.20
N TYR B 14 0.95 -31.00 38.38
CA TYR B 14 2.20 -30.47 37.87
C TYR B 14 2.21 -30.47 36.34
N ILE B 15 2.81 -29.42 35.76
CA ILE B 15 3.03 -29.41 34.32
C ILE B 15 4.08 -30.45 33.93
N ALA B 16 5.13 -30.58 34.74
CA ALA B 16 6.15 -31.62 34.62
C ALA B 16 7.11 -31.47 35.79
N TYR B 17 8.05 -32.41 35.88
CA TYR B 17 9.05 -32.38 36.95
C TYR B 17 10.09 -31.31 36.68
N ASP B 18 10.78 -30.90 37.75
CA ASP B 18 11.76 -29.82 37.64
C ASP B 18 12.93 -30.20 36.73
N ASN B 19 13.48 -31.40 36.92
CA ASN B 19 14.64 -31.81 36.14
C ASN B 19 14.30 -31.94 34.66
N ILE B 20 13.15 -32.52 34.35
CA ILE B 20 12.73 -32.66 32.97
C ILE B 20 12.57 -31.29 32.31
N LYS B 21 12.03 -30.32 33.04
CA LYS B 21 11.93 -28.96 32.52
C LYS B 21 13.31 -28.35 32.29
N ASN B 22 14.21 -28.46 33.27
CA ASN B 22 15.53 -27.86 33.12
C ASN B 22 16.27 -28.44 31.92
N PHE B 23 16.27 -29.76 31.80
CA PHE B 23 16.86 -30.47 30.66
C PHE B 23 15.93 -30.36 29.46
N GLY B 24 16.04 -29.24 28.77
CA GLY B 24 15.14 -28.89 27.69
C GLY B 24 14.82 -27.42 27.73
N ASP B 25 14.89 -26.85 28.93
CA ASP B 25 14.84 -25.39 29.04
C ASP B 25 16.19 -24.78 28.71
N ASN B 26 17.28 -25.37 29.21
CA ASN B 26 18.58 -24.74 28.98
C ASN B 26 19.70 -25.66 28.52
N TYR B 27 19.57 -26.99 28.64
CA TYR B 27 20.64 -27.87 28.18
C TYR B 27 20.33 -28.58 26.87
N LEU B 28 19.17 -28.33 26.25
CA LEU B 28 18.73 -29.20 25.16
C LEU B 28 19.56 -28.99 23.91
N THR B 29 19.78 -27.73 23.53
CA THR B 29 20.56 -27.44 22.34
C THR B 29 22.01 -27.88 22.48
N ASP B 30 22.61 -27.61 23.64
CA ASP B 30 23.99 -28.03 23.86
C ASP B 30 24.09 -29.54 23.85
N TYR B 31 23.10 -30.22 24.44
CA TYR B 31 23.09 -31.67 24.43
C TYR B 31 23.00 -32.22 23.02
N ILE B 32 22.13 -31.65 22.18
CA ILE B 32 22.01 -32.13 20.81
C ILE B 32 23.31 -31.91 20.05
N ILE B 33 23.87 -30.70 20.13
CA ILE B 33 25.09 -30.39 19.38
C ILE B 33 26.22 -31.31 19.81
N LYS B 34 26.39 -31.50 21.12
CA LYS B 34 27.49 -32.33 21.59
C LYS B 34 27.28 -33.82 21.24
N THR B 35 26.05 -34.31 21.36
CA THR B 35 25.79 -35.72 21.10
C THR B 35 25.92 -36.06 19.62
N VAL B 36 25.31 -35.27 18.75
CA VAL B 36 25.32 -35.56 17.32
C VAL B 36 25.85 -34.36 16.56
N PRO B 37 27.16 -34.07 16.64
CA PRO B 37 27.67 -32.83 16.05
C PRO B 37 27.66 -32.80 14.53
N LYS B 38 27.87 -33.94 13.85
CA LYS B 38 27.95 -33.93 12.40
C LYS B 38 26.64 -33.47 11.76
N TYR B 39 25.51 -33.83 12.37
CA TYR B 39 24.21 -33.50 11.79
C TYR B 39 23.93 -32.00 11.88
N VAL B 40 24.29 -31.37 13.00
CA VAL B 40 23.91 -29.99 13.26
C VAL B 40 24.91 -29.05 12.60
N THR B 41 24.38 -28.02 11.93
CA THR B 41 25.20 -26.94 11.37
C THR B 41 25.08 -25.65 12.16
N MET B 42 23.86 -25.27 12.57
CA MET B 42 23.65 -24.14 13.45
C MET B 42 22.37 -24.38 14.24
N ALA B 43 22.24 -23.66 15.35
CA ALA B 43 21.10 -23.77 16.24
C ALA B 43 20.60 -22.40 16.62
N VAL B 44 19.29 -22.24 16.75
CA VAL B 44 18.66 -21.00 17.17
C VAL B 44 17.73 -21.27 18.34
N ASN B 45 17.92 -20.55 19.44
CA ASN B 45 16.99 -20.52 20.56
C ASN B 45 16.15 -19.25 20.47
N GLY B 46 14.82 -19.41 20.49
CA GLY B 46 13.94 -18.28 20.29
C GLY B 46 12.63 -18.35 21.06
N PRO B 47 11.69 -17.48 20.69
CA PRO B 47 10.36 -17.51 21.32
C PRO B 47 9.73 -18.89 21.21
N ALA B 48 9.13 -19.34 22.32
CA ALA B 48 8.71 -20.72 22.42
C ALA B 48 7.45 -21.05 21.62
N GLN B 49 7.46 -22.25 21.02
CA GLN B 49 6.25 -22.77 20.41
C GLN B 49 5.25 -23.26 21.46
N SER B 50 5.76 -23.89 22.52
CA SER B 50 4.91 -24.44 23.58
C SER B 50 4.17 -23.34 24.33
N SER B 51 4.86 -22.26 24.65
CA SER B 51 4.35 -21.22 25.54
C SER B 51 5.00 -19.90 25.16
N VAL B 52 4.53 -18.82 25.77
CA VAL B 52 5.20 -17.55 25.55
C VAL B 52 6.48 -17.46 26.36
N LEU B 53 6.48 -17.95 27.59
CA LEU B 53 7.59 -17.70 28.50
C LEU B 53 8.84 -18.55 28.24
N TYR B 54 8.69 -19.82 27.81
CA TYR B 54 9.87 -20.67 27.68
C TYR B 54 10.59 -20.46 26.34
N GLN B 55 11.58 -21.30 26.06
CA GLN B 55 12.37 -21.26 24.83
C GLN B 55 12.65 -22.67 24.29
N GLU B 56 12.40 -22.90 23.00
CA GLU B 56 12.65 -24.21 22.40
C GLU B 56 13.64 -24.09 21.25
N PRO B 57 14.45 -25.11 21.02
CA PRO B 57 15.50 -25.04 20.01
C PRO B 57 14.97 -25.13 18.58
N THR B 58 15.75 -24.55 17.67
CA THR B 58 15.61 -24.77 16.24
C THR B 58 16.97 -25.19 15.72
N ILE B 59 17.00 -26.31 14.99
CA ILE B 59 18.23 -26.90 14.50
C ILE B 59 18.20 -26.86 12.98
N TYR B 60 19.30 -26.38 12.39
CA TYR B 60 19.48 -26.40 10.95
C TYR B 60 20.39 -27.56 10.60
N THR B 61 19.93 -28.42 9.72
CA THR B 61 20.71 -29.56 9.27
C THR B 61 20.61 -29.68 7.76
N THR B 62 21.50 -30.44 7.18
CA THR B 62 21.57 -30.61 5.74
C THR B 62 20.69 -31.78 5.29
N PRO B 63 20.29 -31.80 4.02
CA PRO B 63 19.38 -32.87 3.57
C PRO B 63 19.93 -34.27 3.73
N GLU B 64 21.23 -34.48 3.60
CA GLU B 64 21.76 -35.84 3.69
C GLU B 64 21.61 -36.43 5.09
N HIS B 65 21.68 -35.59 6.12
CA HIS B 65 21.68 -36.07 7.51
C HIS B 65 20.30 -36.08 8.14
N ILE B 66 19.26 -35.70 7.40
CA ILE B 66 17.94 -35.49 8.00
C ILE B 66 17.38 -36.81 8.53
N TYR B 67 17.54 -37.90 7.78
CA TYR B 67 16.95 -39.17 8.20
C TYR B 67 17.59 -39.66 9.50
N ALA B 68 18.91 -39.60 9.60
CA ALA B 68 19.60 -40.06 10.80
C ALA B 68 19.31 -39.13 11.98
N LEU B 69 19.23 -37.83 11.73
CA LEU B 69 18.90 -36.91 12.81
C LEU B 69 17.49 -37.16 13.33
N CYS B 70 16.54 -37.41 12.44
CA CYS B 70 15.17 -37.69 12.87
C CYS B 70 15.10 -39.01 13.64
N ALA B 71 15.81 -40.04 13.17
CA ALA B 71 15.83 -41.31 13.88
C ALA B 71 16.44 -41.15 15.26
N PHE B 72 17.50 -40.35 15.38
CA PHE B 72 18.09 -40.09 16.69
C PHE B 72 17.12 -39.34 17.59
N LEU B 73 16.41 -38.35 17.04
CA LEU B 73 15.48 -37.56 17.84
C LEU B 73 14.32 -38.40 18.35
N ARG B 74 13.82 -39.32 17.54
CA ARG B 74 12.66 -40.10 17.98
C ARG B 74 13.03 -41.06 19.11
N ASP B 75 14.14 -41.77 19.00
CA ASP B 75 14.39 -42.94 19.83
C ASP B 75 15.46 -42.73 20.89
N HIS B 76 16.09 -41.56 20.96
CA HIS B 76 17.02 -41.31 22.05
C HIS B 76 16.29 -41.29 23.38
N VAL B 77 16.90 -41.91 24.40
CA VAL B 77 16.22 -42.08 25.68
C VAL B 77 15.87 -40.72 26.28
N ASN B 78 16.83 -39.79 26.28
CA ASN B 78 16.58 -38.48 26.87
C ASN B 78 15.66 -37.64 26.00
N LEU B 79 15.79 -37.74 24.68
CA LEU B 79 15.00 -36.98 23.73
C LEU B 79 14.10 -37.94 22.95
N GLN B 80 12.81 -37.93 23.27
CA GLN B 80 11.85 -38.85 22.67
C GLN B 80 10.80 -38.03 21.94
N TYR B 81 11.12 -37.63 20.71
CA TYR B 81 10.19 -36.85 19.89
C TYR B 81 9.37 -37.82 19.07
N LYS B 82 8.39 -38.44 19.75
CA LYS B 82 7.57 -39.48 19.15
C LYS B 82 6.61 -38.96 18.09
N THR B 83 6.44 -37.65 17.95
CA THR B 83 5.39 -37.09 17.13
C THR B 83 5.96 -36.11 16.13
N LEU B 84 5.49 -36.20 14.89
CA LEU B 84 5.77 -35.21 13.85
C LEU B 84 4.52 -34.36 13.70
N ILE B 85 4.58 -33.11 14.18
CA ILE B 85 3.42 -32.23 14.10
C ILE B 85 3.09 -31.89 12.65
N ASP B 86 4.09 -31.49 11.87
CA ASP B 86 3.87 -31.10 10.48
C ASP B 86 5.21 -30.97 9.78
N ILE B 87 5.14 -30.92 8.45
CA ILE B 87 6.30 -30.63 7.59
C ILE B 87 5.90 -29.49 6.69
N THR B 88 6.77 -28.49 6.57
CA THR B 88 6.46 -27.25 5.87
C THR B 88 7.68 -26.79 5.11
N ALA B 89 7.45 -25.97 4.08
CA ALA B 89 8.52 -25.31 3.35
C ALA B 89 8.20 -23.83 3.26
N VAL B 90 9.25 -23.02 3.27
CA VAL B 90 9.13 -21.57 3.11
C VAL B 90 10.00 -21.16 1.94
N ASP B 91 9.45 -20.38 1.02
CA ASP B 91 10.16 -19.96 -0.18
C ASP B 91 10.84 -18.62 0.09
N TYR B 92 12.16 -18.57 -0.12
CA TYR B 92 12.96 -17.35 0.00
C TYR B 92 13.62 -17.11 -1.35
N PRO B 93 12.97 -16.39 -2.28
CA PRO B 93 13.57 -16.20 -3.60
C PRO B 93 14.89 -15.43 -3.59
N GLU B 94 15.15 -14.62 -2.56
CA GLU B 94 16.41 -13.89 -2.51
C GLU B 94 17.61 -14.82 -2.35
N ARG B 95 17.42 -15.98 -1.74
CA ARG B 95 18.50 -16.92 -1.50
C ARG B 95 18.71 -17.85 -2.70
N SER B 96 19.95 -18.29 -2.87
CA SER B 96 20.24 -19.31 -3.86
C SER B 96 19.54 -20.63 -3.52
N ALA B 97 19.60 -21.03 -2.26
CA ALA B 97 18.86 -22.18 -1.76
C ALA B 97 17.50 -21.70 -1.28
N ARG B 98 16.51 -21.71 -2.17
CA ARG B 98 15.27 -20.99 -1.95
C ARG B 98 14.46 -21.57 -0.79
N PHE B 99 14.34 -22.89 -0.74
CA PHE B 99 13.37 -23.54 0.13
C PHE B 99 13.99 -24.01 1.45
N GLU B 100 13.26 -23.79 2.53
CA GLU B 100 13.63 -24.24 3.87
C GLU B 100 12.54 -25.22 4.34
N VAL B 101 12.83 -26.51 4.28
CA VAL B 101 11.87 -27.51 4.71
C VAL B 101 11.93 -27.58 6.23
N VAL B 102 10.79 -27.35 6.89
CA VAL B 102 10.71 -27.24 8.34
C VAL B 102 9.98 -28.46 8.89
N TYR B 103 10.56 -29.07 9.92
CA TYR B 103 9.97 -30.20 10.63
C TYR B 103 9.66 -29.78 12.05
N HIS B 104 8.44 -30.04 12.49
CA HIS B 104 7.98 -29.71 13.84
C HIS B 104 7.70 -31.00 14.60
N LEU B 105 8.31 -31.14 15.78
CA LEU B 105 8.20 -32.36 16.55
C LEU B 105 7.72 -32.06 17.97
N LEU B 106 7.12 -33.08 18.58
CA LEU B 106 6.69 -33.05 19.98
C LEU B 106 7.32 -34.20 20.73
N SER B 107 7.86 -33.92 21.91
CA SER B 107 8.20 -34.96 22.86
C SER B 107 7.19 -34.97 24.00
N PRO B 108 6.28 -35.96 24.05
CA PRO B 108 5.38 -36.04 25.20
C PRO B 108 6.08 -36.22 26.53
N ARG B 109 7.17 -37.00 26.56
CA ARG B 109 7.91 -37.20 27.81
C ARG B 109 8.54 -35.90 28.29
N LEU B 110 9.18 -35.17 27.38
CA LEU B 110 9.83 -33.92 27.74
C LEU B 110 8.88 -32.73 27.75
N ASN B 111 7.66 -32.89 27.24
CA ASN B 111 6.71 -31.77 27.15
C ASN B 111 7.35 -30.61 26.41
N ASN B 112 8.04 -30.93 25.33
CA ASN B 112 8.86 -29.98 24.60
C ASN B 112 8.60 -30.07 23.10
N ARG B 113 8.89 -28.97 22.40
CA ARG B 113 8.77 -28.86 20.96
C ARG B 113 10.13 -28.55 20.34
N ILE B 114 10.43 -29.16 19.20
CA ILE B 114 11.69 -28.88 18.51
C ILE B 114 11.35 -28.60 17.06
N ARG B 115 12.14 -27.74 16.43
CA ARG B 115 11.94 -27.38 15.03
C ARG B 115 13.23 -27.67 14.26
N ILE B 116 13.12 -28.42 13.16
CA ILE B 116 14.27 -28.83 12.36
C ILE B 116 14.10 -28.26 10.96
N LYS B 117 15.14 -27.61 10.45
CA LYS B 117 15.10 -26.95 9.15
C LYS B 117 16.16 -27.54 8.23
N VAL B 118 15.77 -27.87 7.01
CA VAL B 118 16.68 -28.30 5.96
C VAL B 118 16.54 -27.33 4.80
N VAL B 119 17.64 -26.69 4.43
CA VAL B 119 17.65 -25.66 3.40
C VAL B 119 18.10 -26.30 2.10
N VAL B 120 17.23 -26.28 1.09
CA VAL B 120 17.49 -26.89 -0.21
C VAL B 120 17.12 -25.90 -1.31
N ASP B 121 17.33 -26.31 -2.55
CA ASP B 121 16.92 -25.56 -3.73
C ASP B 121 15.96 -26.39 -4.58
N GLU B 122 15.61 -25.87 -5.74
CA GLU B 122 14.59 -26.50 -6.58
C GLU B 122 15.03 -27.87 -7.08
N VAL B 123 16.32 -28.02 -7.40
CA VAL B 123 16.78 -29.26 -8.01
C VAL B 123 17.04 -30.34 -6.97
N THR B 124 17.59 -29.98 -5.81
CA THR B 124 17.93 -30.98 -4.81
C THR B 124 16.67 -31.59 -4.20
N SER B 125 16.85 -32.79 -3.65
CA SER B 125 15.76 -33.56 -3.06
C SER B 125 16.07 -33.80 -1.59
N VAL B 126 15.02 -34.04 -0.82
CA VAL B 126 15.12 -34.30 0.61
C VAL B 126 14.68 -35.75 0.85
N PRO B 127 15.49 -36.56 1.52
CA PRO B 127 15.06 -37.93 1.83
C PRO B 127 13.78 -37.94 2.66
N SER B 128 12.88 -38.86 2.32
CA SER B 128 11.64 -38.99 3.05
C SER B 128 11.89 -39.59 4.43
N VAL B 129 11.15 -39.09 5.42
CA VAL B 129 11.25 -39.57 6.79
C VAL B 129 10.02 -40.38 7.20
N SER B 130 9.31 -40.95 6.22
CA SER B 130 8.07 -41.65 6.51
C SER B 130 8.30 -42.88 7.38
N ARG B 131 9.44 -43.55 7.21
CA ARG B 131 9.74 -44.70 8.04
C ARG B 131 9.89 -44.33 9.52
N ILE B 132 10.36 -43.11 9.79
CA ILE B 132 10.46 -42.64 11.17
C ILE B 132 9.09 -42.24 11.71
N TRP B 133 8.32 -41.49 10.94
CA TRP B 133 6.97 -41.08 11.32
C TRP B 133 6.03 -41.32 10.16
N ASN B 134 4.99 -42.11 10.39
CA ASN B 134 4.06 -42.44 9.31
C ASN B 134 3.27 -41.21 8.86
N ALA B 135 3.12 -40.23 9.74
CA ALA B 135 2.39 -39.01 9.39
C ALA B 135 3.07 -38.20 8.30
N ALA B 136 4.36 -38.45 8.05
CA ALA B 136 5.10 -37.62 7.10
C ALA B 136 4.57 -37.75 5.67
N ASN B 137 3.98 -38.90 5.33
CA ASN B 137 3.66 -39.19 3.92
C ASN B 137 2.82 -38.08 3.30
N TRP B 138 1.70 -37.73 3.94
CA TRP B 138 0.84 -36.71 3.38
C TRP B 138 1.48 -35.33 3.47
N PHE B 139 2.26 -35.08 4.52
CA PHE B 139 2.89 -33.77 4.67
C PHE B 139 3.92 -33.54 3.57
N GLU B 140 4.70 -34.58 3.24
CA GLU B 140 5.65 -34.46 2.15
C GLU B 140 4.95 -34.39 0.80
N ARG B 141 3.83 -35.09 0.63
CA ARG B 141 3.06 -34.96 -0.60
C ARG B 141 2.55 -33.53 -0.77
N GLU B 142 2.06 -32.92 0.31
CA GLU B 142 1.63 -31.53 0.26
C GLU B 142 2.77 -30.58 -0.03
N THR B 143 3.94 -30.81 0.58
CA THR B 143 5.09 -29.95 0.31
C THR B 143 5.52 -30.05 -1.14
N TRP B 144 5.48 -31.26 -1.71
CA TRP B 144 5.77 -31.43 -3.13
C TRP B 144 4.75 -30.69 -3.99
N ASP B 145 3.47 -30.76 -3.61
CA ASP B 145 2.43 -30.12 -4.40
C ASP B 145 2.56 -28.60 -4.36
N MET B 146 2.70 -28.03 -3.17
CA MET B 146 2.66 -26.58 -3.00
C MET B 146 3.95 -25.91 -3.46
N PHE B 147 5.10 -26.50 -3.15
CA PHE B 147 6.37 -25.83 -3.39
C PHE B 147 7.24 -26.49 -4.45
N GLY B 148 6.99 -27.74 -4.79
CA GLY B 148 7.79 -28.41 -5.79
C GLY B 148 9.05 -29.05 -5.28
N VAL B 149 9.13 -29.31 -3.98
CA VAL B 149 10.29 -29.95 -3.37
C VAL B 149 10.12 -31.46 -3.52
N PHE B 150 11.07 -32.09 -4.20
CA PHE B 150 11.02 -33.53 -4.38
C PHE B 150 11.53 -34.24 -3.14
N PHE B 151 10.82 -35.29 -2.74
CA PHE B 151 11.18 -36.09 -1.58
C PHE B 151 11.58 -37.49 -2.04
N SER B 152 12.82 -37.87 -1.76
CA SER B 152 13.37 -39.12 -2.25
C SER B 152 12.85 -40.30 -1.44
N ASN B 153 12.68 -41.44 -2.13
CA ASN B 153 12.24 -42.69 -1.53
C ASN B 153 10.86 -42.58 -0.90
N HIS B 154 10.07 -41.60 -1.31
CA HIS B 154 8.68 -41.53 -0.86
C HIS B 154 7.90 -42.69 -1.48
N PRO B 155 7.02 -43.34 -0.70
CA PRO B 155 6.31 -44.51 -1.25
C PRO B 155 5.53 -44.21 -2.52
N ASP B 156 4.77 -43.12 -2.56
CA ASP B 156 4.12 -42.69 -3.79
C ASP B 156 3.89 -41.18 -3.68
N LEU B 157 4.77 -40.40 -4.32
CA LEU B 157 4.69 -38.95 -4.27
C LEU B 157 3.71 -38.43 -5.30
N ARG B 158 2.54 -37.97 -4.84
CA ARG B 158 1.51 -37.43 -5.70
C ARG B 158 0.99 -36.12 -5.13
N ARG B 159 0.41 -35.30 -6.00
CA ARG B 159 -0.22 -34.07 -5.57
C ARG B 159 -1.49 -34.36 -4.80
N VAL B 160 -1.82 -33.48 -3.86
CA VAL B 160 -2.96 -33.69 -2.97
C VAL B 160 -3.99 -32.58 -3.15
N LEU B 161 -3.57 -31.33 -2.97
CA LEU B 161 -4.54 -30.24 -2.87
C LEU B 161 -4.98 -29.72 -4.23
N THR B 162 -4.04 -29.51 -5.16
CA THR B 162 -4.36 -28.81 -6.38
C THR B 162 -5.21 -29.67 -7.32
N ASP B 163 -5.80 -29.00 -8.30
CA ASP B 163 -6.67 -29.64 -9.27
C ASP B 163 -5.90 -30.67 -10.10
N TYR B 164 -6.61 -31.66 -10.62
CA TYR B 164 -6.00 -32.63 -11.51
C TYR B 164 -5.49 -31.94 -12.76
N GLY B 165 -4.26 -32.27 -13.15
CA GLY B 165 -3.62 -31.63 -14.27
C GLY B 165 -2.88 -30.35 -13.94
N PHE B 166 -2.91 -29.92 -12.69
CA PHE B 166 -2.16 -28.74 -12.27
C PHE B 166 -0.67 -29.02 -12.30
N THR B 167 0.07 -28.18 -13.01
CA THR B 167 1.52 -28.36 -13.13
C THR B 167 2.32 -27.35 -12.31
N GLY B 168 1.79 -26.15 -12.09
CA GLY B 168 2.49 -25.17 -11.31
C GLY B 168 2.39 -25.44 -9.82
N HIS B 169 3.34 -24.86 -9.08
CA HIS B 169 3.35 -24.98 -7.63
C HIS B 169 2.89 -23.68 -7.01
N PRO B 170 1.71 -23.64 -6.38
CA PRO B 170 1.08 -22.33 -6.10
C PRO B 170 1.77 -21.51 -5.03
N LEU B 171 2.31 -22.12 -3.99
CA LEU B 171 2.84 -21.33 -2.87
C LEU B 171 4.23 -20.78 -3.14
N ARG B 172 4.80 -21.04 -4.30
CA ARG B 172 6.02 -20.37 -4.72
C ARG B 172 5.76 -18.87 -4.87
N LYS B 173 6.69 -18.04 -4.39
CA LYS B 173 6.49 -16.59 -4.42
C LYS B 173 6.39 -16.03 -5.82
N ASP B 174 6.85 -16.76 -6.83
CA ASP B 174 6.75 -16.31 -8.21
C ASP B 174 5.44 -16.71 -8.88
N PHE B 175 4.59 -17.47 -8.20
CA PHE B 175 3.31 -17.87 -8.76
C PHE B 175 2.27 -16.76 -8.54
N PRO B 176 1.52 -16.38 -9.58
CA PRO B 176 0.51 -15.34 -9.40
C PRO B 176 -0.55 -15.75 -8.39
N LEU B 177 -1.06 -14.76 -7.65
CA LEU B 177 -2.06 -15.05 -6.63
C LEU B 177 -3.32 -15.65 -7.24
N THR B 178 -3.75 -15.14 -8.38
CA THR B 178 -4.95 -15.62 -9.06
C THR B 178 -4.67 -16.81 -9.98
N GLY B 179 -3.41 -17.11 -10.24
CA GLY B 179 -3.07 -18.18 -11.16
C GLY B 179 -3.06 -17.76 -12.61
N TYR B 180 -3.08 -18.77 -13.48
CA TYR B 180 -2.98 -18.55 -14.92
C TYR B 180 -4.23 -18.96 -15.69
N THR B 181 -5.09 -19.78 -15.11
CA THR B 181 -6.22 -20.37 -15.83
C THR B 181 -7.49 -20.17 -15.03
N GLU B 182 -8.61 -20.36 -15.73
CA GLU B 182 -9.93 -20.21 -15.14
C GLU B 182 -10.85 -21.27 -15.73
N VAL B 183 -11.90 -21.61 -14.98
CA VAL B 183 -12.76 -22.73 -15.28
C VAL B 183 -14.15 -22.21 -15.58
N ARG B 184 -14.73 -22.69 -16.68
CA ARG B 184 -16.05 -22.25 -17.12
C ARG B 184 -16.74 -23.40 -17.84
N TYR B 185 -18.06 -23.41 -17.78
CA TYR B 185 -18.86 -24.36 -18.56
C TYR B 185 -19.20 -23.72 -19.91
N ASP B 186 -19.03 -24.49 -20.98
CA ASP B 186 -19.37 -24.03 -22.31
C ASP B 186 -20.67 -24.68 -22.76
N TYR B 187 -21.55 -23.88 -23.37
CA TYR B 187 -22.79 -24.46 -23.88
C TYR B 187 -22.57 -25.24 -25.17
N GLY B 188 -21.73 -24.73 -26.07
CA GLY B 188 -21.46 -25.40 -27.33
C GLY B 188 -20.93 -26.81 -27.16
N LYS B 189 -19.80 -26.92 -26.47
CA LYS B 189 -19.27 -28.20 -26.02
C LYS B 189 -19.78 -28.42 -24.60
N LYS B 190 -20.64 -29.42 -24.41
CA LYS B 190 -21.31 -29.59 -23.12
C LYS B 190 -20.34 -30.16 -22.08
N ARG B 191 -19.30 -29.38 -21.83
CA ARG B 191 -18.22 -29.75 -20.91
C ARG B 191 -17.80 -28.54 -20.11
N VAL B 192 -17.27 -28.79 -18.92
CA VAL B 192 -16.64 -27.76 -18.11
C VAL B 192 -15.17 -27.68 -18.53
N ILE B 193 -14.72 -26.50 -18.93
CA ILE B 193 -13.43 -26.34 -19.58
C ILE B 193 -12.60 -25.29 -18.85
N SER B 194 -11.29 -25.38 -19.05
CA SER B 194 -10.34 -24.43 -18.47
C SER B 194 -9.84 -23.48 -19.55
N GLU B 195 -9.73 -22.21 -19.20
CA GLU B 195 -9.36 -21.15 -20.14
C GLU B 195 -8.35 -20.23 -19.48
N PRO B 196 -7.61 -19.46 -20.27
CA PRO B 196 -6.71 -18.44 -19.68
C PRO B 196 -7.48 -17.42 -18.87
N LEU B 197 -6.80 -16.85 -17.89
CA LEU B 197 -7.47 -16.01 -16.90
C LEU B 197 -7.88 -14.66 -17.47
N GLU B 198 -9.09 -14.24 -17.12
CA GLU B 198 -9.56 -12.87 -17.27
C GLU B 198 -10.26 -12.45 -15.99
N LEU B 199 -9.98 -11.24 -15.54
CA LEU B 199 -10.55 -10.73 -14.30
C LEU B 199 -11.47 -9.55 -14.59
N THR B 200 -12.72 -9.65 -14.12
CA THR B 200 -13.64 -8.52 -14.23
C THR B 200 -13.14 -7.34 -13.42
N GLN B 201 -12.66 -7.60 -12.20
CA GLN B 201 -12.03 -6.58 -11.37
C GLN B 201 -10.68 -7.12 -10.91
N GLU B 202 -9.62 -6.38 -11.20
CA GLU B 202 -8.28 -6.83 -10.91
C GLU B 202 -8.01 -6.72 -9.42
N PHE B 203 -7.11 -7.59 -8.93
CA PHE B 203 -6.72 -7.52 -7.53
C PHE B 203 -5.97 -6.22 -7.28
N ARG B 204 -6.39 -5.49 -6.26
CA ARG B 204 -5.85 -4.19 -5.93
C ARG B 204 -4.84 -4.34 -4.80
N TYR B 205 -3.56 -4.19 -5.15
CA TYR B 205 -2.50 -4.21 -4.15
C TYR B 205 -2.33 -2.82 -3.55
N PHE B 206 -2.49 -2.71 -2.24
CA PHE B 206 -2.37 -1.43 -1.54
C PHE B 206 -1.01 -1.40 -0.85
N ASP B 207 -0.14 -0.49 -1.29
CA ASP B 207 1.21 -0.38 -0.74
C ASP B 207 1.15 0.50 0.49
N PHE B 208 1.21 -0.11 1.66
CA PHE B 208 1.10 0.60 2.93
C PHE B 208 2.44 0.87 3.60
N SER B 209 3.55 0.45 3.00
CA SER B 209 4.83 0.58 3.68
C SER B 209 5.18 2.04 3.89
N SER B 210 5.72 2.34 5.07
CA SER B 210 6.21 3.65 5.50
C SER B 210 7.72 3.74 5.34
N PRO B 211 8.23 4.89 4.90
CA PRO B 211 9.68 5.08 4.91
C PRO B 211 10.27 5.05 6.31
N TRP B 212 9.54 5.54 7.31
CA TRP B 212 10.10 5.69 8.64
C TRP B 212 10.15 4.39 9.43
N ASP B 213 9.52 3.32 8.95
CA ASP B 213 9.53 2.08 9.70
C ASP B 213 10.94 1.49 9.79
N THR B 214 11.21 0.80 10.90
CA THR B 214 12.50 0.18 11.10
C THR B 214 12.45 -1.33 11.30
N LEU B 215 11.28 -1.89 11.60
CA LEU B 215 11.19 -3.31 11.91
C LEU B 215 11.39 -4.20 10.69
N SER B 216 11.15 -3.69 9.48
CA SER B 216 11.31 -4.48 8.27
C SER B 216 12.74 -4.91 8.04
N ARG B 217 12.98 -6.23 8.04
CA ARG B 217 14.26 -6.79 7.62
C ARG B 217 14.10 -7.58 6.34
N MET C 1 10.94 -80.24 -2.76
CA MET C 1 9.96 -81.25 -3.13
C MET C 1 8.71 -81.17 -2.25
N LYS C 2 8.41 -79.96 -1.78
CA LYS C 2 7.21 -79.71 -0.99
C LYS C 2 6.33 -78.69 -1.70
N PRO C 3 5.05 -78.99 -1.92
CA PRO C 3 4.22 -78.13 -2.78
C PRO C 3 4.09 -76.72 -2.23
N LEU C 4 4.10 -75.75 -3.13
CA LEU C 4 3.85 -74.37 -2.77
C LEU C 4 2.35 -74.07 -2.76
N THR C 5 1.98 -72.99 -2.08
CA THR C 5 0.58 -72.64 -1.85
C THR C 5 0.29 -71.29 -2.48
N PRO C 6 -0.68 -71.19 -3.38
CA PRO C 6 -1.00 -69.90 -4.00
C PRO C 6 -1.96 -69.08 -3.15
N SER C 7 -2.19 -67.85 -3.57
CA SER C 7 -2.99 -66.91 -2.81
C SER C 7 -4.13 -66.34 -3.66
N LYS C 8 -4.83 -65.35 -3.14
CA LYS C 8 -5.99 -64.75 -3.78
C LYS C 8 -5.70 -63.31 -4.19
N VAL C 9 -6.56 -62.77 -5.05
CA VAL C 9 -6.38 -61.46 -5.66
C VAL C 9 -7.57 -60.59 -5.30
N SER C 10 -7.32 -59.29 -5.14
CA SER C 10 -8.33 -58.32 -4.77
C SER C 10 -8.66 -57.41 -5.96
N ASN C 11 -9.94 -57.12 -6.11
CA ASN C 11 -10.45 -56.27 -7.19
C ASN C 11 -11.51 -55.33 -6.63
N PHE C 12 -12.42 -54.84 -7.47
CA PHE C 12 -13.53 -54.00 -7.01
C PHE C 12 -13.02 -52.64 -6.51
N THR C 13 -12.26 -51.95 -7.35
CA THR C 13 -11.73 -50.63 -6.98
C THR C 13 -12.86 -49.60 -7.06
N ILE C 14 -13.67 -49.57 -6.00
CA ILE C 14 -14.88 -48.76 -5.98
C ILE C 14 -14.50 -47.29 -5.78
N ASN C 15 -15.43 -46.40 -6.13
CA ASN C 15 -15.30 -44.97 -5.86
C ASN C 15 -16.49 -44.54 -5.00
N PHE C 16 -16.20 -44.22 -3.74
CA PHE C 16 -17.20 -43.80 -2.77
C PHE C 16 -17.23 -42.28 -2.79
N GLY C 17 -18.27 -41.71 -3.42
CA GLY C 17 -18.32 -40.30 -3.69
C GLY C 17 -18.84 -39.47 -2.53
N PRO C 18 -19.06 -38.18 -2.79
CA PRO C 18 -19.65 -37.29 -1.76
C PRO C 18 -20.99 -37.82 -1.29
N GLN C 19 -21.10 -38.03 0.02
CA GLN C 19 -22.16 -38.86 0.58
C GLN C 19 -22.66 -38.16 1.85
N HIS C 20 -23.98 -37.92 1.91
CA HIS C 20 -24.51 -36.98 2.91
C HIS C 20 -24.46 -37.54 4.33
N PRO C 21 -24.92 -38.77 4.62
CA PRO C 21 -24.68 -39.29 5.98
C PRO C 21 -23.25 -39.75 6.19
N ALA C 22 -22.39 -38.75 6.34
CA ALA C 22 -20.97 -38.91 6.65
C ALA C 22 -20.52 -37.60 7.29
N ALA C 23 -19.24 -37.52 7.65
CA ALA C 23 -18.71 -36.25 8.13
C ALA C 23 -18.93 -35.17 7.09
N HIS C 24 -19.37 -34.01 7.56
CA HIS C 24 -19.84 -32.97 6.65
C HIS C 24 -18.70 -32.46 5.76
N GLY C 25 -19.06 -32.04 4.56
CA GLY C 25 -18.11 -31.76 3.51
C GLY C 25 -18.21 -32.79 2.40
N VAL C 26 -17.34 -32.62 1.41
CA VAL C 26 -17.29 -33.48 0.24
C VAL C 26 -16.08 -34.41 0.34
N LEU C 27 -16.35 -35.72 0.34
CA LEU C 27 -15.32 -36.74 0.39
C LEU C 27 -15.41 -37.63 -0.84
N ARG C 28 -14.30 -37.73 -1.57
CA ARG C 28 -14.15 -38.69 -2.64
C ARG C 28 -13.17 -39.75 -2.16
N LEU C 29 -13.64 -41.00 -2.05
CA LEU C 29 -12.87 -42.06 -1.44
C LEU C 29 -12.78 -43.24 -2.39
N VAL C 30 -11.57 -43.61 -2.78
CA VAL C 30 -11.32 -44.76 -3.65
C VAL C 30 -10.89 -45.94 -2.78
N LEU C 31 -11.69 -47.01 -2.80
CA LEU C 31 -11.49 -48.15 -1.92
C LEU C 31 -11.25 -49.39 -2.76
N GLU C 32 -10.14 -50.09 -2.52
CA GLU C 32 -9.89 -51.40 -3.10
C GLU C 32 -10.31 -52.46 -2.08
N MET C 33 -11.21 -53.35 -2.47
CA MET C 33 -11.81 -54.29 -1.54
C MET C 33 -11.72 -55.72 -2.06
N ASP C 34 -11.19 -56.62 -1.24
CA ASP C 34 -11.32 -58.05 -1.53
C ASP C 34 -12.66 -58.55 -1.00
N GLY C 35 -13.63 -58.67 -1.90
CA GLY C 35 -15.00 -58.99 -1.54
C GLY C 35 -15.71 -57.88 -0.80
N GLU C 36 -16.09 -58.14 0.45
CA GLU C 36 -16.73 -57.16 1.32
C GLU C 36 -15.77 -56.53 2.32
N ILE C 37 -14.48 -56.85 2.22
CA ILE C 37 -13.46 -56.38 3.15
C ILE C 37 -12.54 -55.41 2.42
N ILE C 38 -12.22 -54.29 3.07
CA ILE C 38 -11.39 -53.26 2.47
C ILE C 38 -9.92 -53.66 2.61
N LYS C 39 -9.16 -53.46 1.54
CA LYS C 39 -7.73 -53.71 1.56
C LYS C 39 -6.90 -52.44 1.46
N ARG C 40 -7.41 -51.40 0.81
CA ARG C 40 -6.72 -50.12 0.78
C ARG C 40 -7.76 -49.01 0.70
N ALA C 41 -7.51 -47.91 1.39
CA ALA C 41 -8.35 -46.72 1.31
C ALA C 41 -7.47 -45.53 0.96
N ASP C 42 -7.82 -44.81 -0.11
CA ASP C 42 -7.05 -43.66 -0.57
C ASP C 42 -7.96 -42.44 -0.64
N PRO C 43 -8.03 -41.63 0.40
CA PRO C 43 -8.91 -40.45 0.38
C PRO C 43 -8.40 -39.41 -0.62
N HIS C 44 -9.30 -38.91 -1.46
CA HIS C 44 -8.99 -37.86 -2.43
C HIS C 44 -9.48 -36.53 -1.89
N ILE C 45 -8.55 -35.63 -1.59
CA ILE C 45 -8.88 -34.34 -1.02
C ILE C 45 -8.46 -33.25 -2.01
N GLY C 46 -8.72 -32.00 -1.66
CA GLY C 46 -8.53 -30.90 -2.58
C GLY C 46 -9.80 -30.40 -3.22
N LEU C 47 -10.93 -31.00 -2.88
CA LEU C 47 -12.22 -30.60 -3.41
C LEU C 47 -12.74 -29.33 -2.76
N LEU C 48 -12.12 -28.90 -1.65
CA LEU C 48 -12.41 -27.66 -0.96
C LEU C 48 -11.11 -26.92 -0.64
N HIS C 49 -10.13 -27.03 -1.53
CA HIS C 49 -8.89 -26.28 -1.40
C HIS C 49 -9.09 -24.91 -2.02
N ARG C 50 -9.14 -23.89 -1.18
CA ARG C 50 -9.44 -22.53 -1.62
C ARG C 50 -8.20 -21.65 -1.67
N GLY C 51 -7.01 -22.23 -1.52
CA GLY C 51 -5.79 -21.45 -1.52
C GLY C 51 -5.70 -20.48 -0.35
N THR C 52 -6.13 -20.90 0.83
CA THR C 52 -6.18 -20.01 1.98
C THR C 52 -4.78 -19.54 2.38
N GLU C 53 -3.81 -20.45 2.38
CA GLU C 53 -2.48 -20.12 2.88
C GLU C 53 -1.82 -19.03 2.05
N LYS C 54 -2.01 -19.08 0.73
CA LYS C 54 -1.41 -18.07 -0.14
C LYS C 54 -2.17 -16.75 -0.06
N LEU C 55 -3.49 -16.79 0.13
CA LEU C 55 -4.27 -15.56 0.29
C LEU C 55 -3.84 -14.79 1.53
N LEU C 56 -3.51 -15.50 2.61
CA LEU C 56 -3.02 -14.84 3.82
C LEU C 56 -1.80 -13.97 3.54
N GLU C 57 -0.94 -14.41 2.62
CA GLU C 57 0.29 -13.70 2.35
C GLU C 57 0.05 -12.33 1.73
N TYR C 58 -1.13 -12.10 1.14
CA TYR C 58 -1.44 -10.85 0.48
C TYR C 58 -2.28 -9.92 1.34
N LYS C 59 -2.60 -10.31 2.56
CA LYS C 59 -3.45 -9.54 3.46
C LYS C 59 -2.64 -9.14 4.69
N THR C 60 -3.10 -8.09 5.36
CA THR C 60 -2.50 -7.70 6.63
C THR C 60 -2.98 -8.65 7.72
N TYR C 61 -2.32 -8.58 8.88
CA TYR C 61 -2.58 -9.54 9.95
C TYR C 61 -4.02 -9.46 10.44
N ASN C 62 -4.56 -8.26 10.62
CA ASN C 62 -5.94 -8.12 11.05
C ASN C 62 -6.92 -8.49 9.93
N GLN C 63 -6.52 -8.33 8.67
CA GLN C 63 -7.37 -8.70 7.55
C GLN C 63 -7.48 -10.21 7.37
N GLY C 64 -6.63 -11.00 8.01
CA GLY C 64 -6.60 -12.43 7.83
C GLY C 64 -7.27 -13.25 8.92
N ILE C 65 -7.80 -12.61 9.96
CA ILE C 65 -8.50 -13.35 11.01
C ILE C 65 -9.72 -14.09 10.48
N PRO C 66 -10.61 -13.49 9.65
CA PRO C 66 -11.78 -14.25 9.18
C PRO C 66 -11.43 -15.51 8.38
N TYR C 67 -10.22 -15.60 7.85
CA TYR C 67 -9.80 -16.82 7.18
C TYR C 67 -9.83 -17.98 8.17
N PHE C 68 -9.44 -17.71 9.41
CA PHE C 68 -9.33 -18.79 10.37
C PHE C 68 -10.71 -19.20 10.87
N ASP C 69 -11.63 -18.23 10.96
CA ASP C 69 -13.02 -18.56 11.26
C ASP C 69 -13.58 -19.50 10.19
N ARG C 70 -13.24 -19.25 8.93
CA ARG C 70 -13.81 -20.04 7.84
C ARG C 70 -13.01 -21.29 7.53
N LEU C 71 -11.82 -21.46 8.10
CA LEU C 71 -11.11 -22.73 7.98
C LEU C 71 -11.93 -23.87 8.58
N ASP C 72 -12.46 -23.68 9.77
CA ASP C 72 -13.34 -24.66 10.39
C ASP C 72 -14.64 -23.97 10.76
N TYR C 73 -15.68 -24.26 9.98
CA TYR C 73 -17.01 -23.72 10.21
C TYR C 73 -17.70 -24.34 11.42
N VAL C 74 -17.21 -25.46 11.95
CA VAL C 74 -17.83 -26.00 13.15
C VAL C 74 -17.31 -25.30 14.41
N SER C 75 -15.99 -25.16 14.52
CA SER C 75 -15.31 -24.55 15.67
C SER C 75 -14.54 -23.32 15.19
N MET C 76 -15.17 -22.15 15.23
CA MET C 76 -14.53 -20.92 14.77
C MET C 76 -13.56 -20.33 15.78
N MET C 77 -13.98 -20.24 17.04
CA MET C 77 -13.21 -19.52 18.05
C MET C 77 -11.85 -20.15 18.26
N CYS C 78 -11.82 -21.49 18.38
CA CYS C 78 -10.55 -22.19 18.58
C CYS C 78 -9.62 -21.98 17.40
N MET C 79 -10.17 -21.88 16.19
CA MET C 79 -9.32 -21.74 15.01
C MET C 79 -8.69 -20.35 14.97
N GLU C 80 -9.47 -19.31 15.25
CA GLU C 80 -8.88 -17.97 15.25
C GLU C 80 -7.98 -17.75 16.46
N HIS C 81 -8.18 -18.54 17.53
CA HIS C 81 -7.42 -18.35 18.75
C HIS C 81 -5.93 -18.60 18.54
N SER C 82 -5.59 -19.65 17.80
CA SER C 82 -4.18 -19.95 17.55
C SER C 82 -3.51 -18.85 16.74
N TYR C 83 -4.21 -18.32 15.74
CA TYR C 83 -3.66 -17.23 14.94
C TYR C 83 -3.39 -15.99 15.80
N VAL C 84 -4.35 -15.61 16.64
CA VAL C 84 -4.14 -14.41 17.45
C VAL C 84 -3.06 -14.66 18.50
N LEU C 85 -2.96 -15.89 19.02
CA LEU C 85 -1.90 -16.21 19.96
C LEU C 85 -0.52 -16.11 19.31
N ALA C 86 -0.40 -16.57 18.07
CA ALA C 86 0.89 -16.49 17.39
C ALA C 86 1.28 -15.04 17.12
N ILE C 87 0.33 -14.22 16.65
CA ILE C 87 0.63 -12.81 16.45
C ILE C 87 0.99 -12.13 17.76
N GLU C 88 0.31 -12.50 18.85
CA GLU C 88 0.63 -11.92 20.15
C GLU C 88 2.03 -12.31 20.60
N GLN C 89 2.43 -13.56 20.38
CA GLN C 89 3.78 -13.97 20.73
C GLN C 89 4.82 -13.17 19.95
N LEU C 90 4.62 -13.02 18.64
CA LEU C 90 5.59 -12.26 17.87
C LEU C 90 5.59 -10.79 18.26
N LEU C 91 4.42 -10.23 18.58
CA LEU C 91 4.31 -8.83 18.93
C LEU C 91 4.69 -8.54 20.38
N ASN C 92 4.81 -9.56 21.22
CA ASN C 92 5.08 -9.40 22.65
C ASN C 92 4.00 -8.56 23.33
N VAL C 93 2.74 -8.94 23.10
CA VAL C 93 1.59 -8.22 23.62
C VAL C 93 0.96 -9.03 24.75
N ALA C 94 0.61 -8.35 25.83
CA ALA C 94 0.03 -8.99 27.01
C ALA C 94 -1.47 -8.73 27.06
N VAL C 95 -2.24 -9.80 27.18
CA VAL C 95 -3.70 -9.72 27.17
C VAL C 95 -4.22 -9.46 28.58
N PRO C 96 -5.15 -8.53 28.76
CA PRO C 96 -5.76 -8.34 30.08
C PRO C 96 -6.59 -9.54 30.50
N LEU C 97 -6.77 -9.66 31.83
CA LEU C 97 -7.38 -10.86 32.39
C LEU C 97 -8.82 -11.04 31.94
N ARG C 98 -9.57 -9.95 31.80
CA ARG C 98 -10.96 -10.08 31.34
C ARG C 98 -11.02 -10.66 29.93
N GLY C 99 -10.15 -10.20 29.03
CA GLY C 99 -10.14 -10.76 27.69
C GLY C 99 -9.70 -12.21 27.66
N GLN C 100 -8.75 -12.57 28.53
CA GLN C 100 -8.31 -13.96 28.64
C GLN C 100 -9.46 -14.85 29.11
N TYR C 101 -10.22 -14.38 30.09
CA TYR C 101 -11.40 -15.10 30.55
C TYR C 101 -12.44 -15.23 29.44
N ILE C 102 -12.65 -14.17 28.67
CA ILE C 102 -13.65 -14.23 27.60
C ILE C 102 -13.22 -15.23 26.53
N ARG C 103 -11.93 -15.25 26.20
CA ARG C 103 -11.43 -16.23 25.24
C ARG C 103 -11.64 -17.66 25.76
N VAL C 104 -11.31 -17.90 27.02
CA VAL C 104 -11.47 -19.27 27.54
C VAL C 104 -12.94 -19.66 27.55
N LEU C 105 -13.81 -18.73 27.94
CA LEU C 105 -15.24 -19.01 27.97
C LEU C 105 -15.77 -19.38 26.59
N PHE C 106 -15.46 -18.57 25.59
CA PHE C 106 -16.02 -18.82 24.27
C PHE C 106 -15.35 -20.02 23.60
N SER C 107 -14.08 -20.29 23.92
CA SER C 107 -13.46 -21.52 23.44
C SER C 107 -14.19 -22.74 23.98
N GLU C 108 -14.56 -22.72 25.27
CA GLU C 108 -15.32 -23.85 25.80
C GLU C 108 -16.70 -23.94 25.17
N ILE C 109 -17.34 -22.80 24.90
CA ILE C 109 -18.65 -22.84 24.28
C ILE C 109 -18.58 -23.46 22.89
N THR C 110 -17.59 -23.03 22.09
CA THR C 110 -17.46 -23.60 20.75
C THR C 110 -17.04 -25.06 20.82
N ARG C 111 -16.25 -25.44 21.82
CA ARG C 111 -15.96 -26.86 22.03
C ARG C 111 -17.24 -27.64 22.23
N ILE C 112 -18.15 -27.11 23.03
CA ILE C 112 -19.40 -27.83 23.29
C ILE C 112 -20.22 -27.95 22.02
N MET C 113 -20.32 -26.87 21.23
CA MET C 113 -21.10 -27.00 20.00
C MET C 113 -20.46 -28.00 19.05
N ASN C 114 -19.12 -28.00 18.98
CA ASN C 114 -18.43 -28.95 18.13
C ASN C 114 -18.72 -30.39 18.55
N HIS C 115 -18.69 -30.65 19.85
CA HIS C 115 -18.94 -32.02 20.33
C HIS C 115 -20.39 -32.43 20.11
N ILE C 116 -21.32 -31.49 20.29
CA ILE C 116 -22.73 -31.79 20.00
C ILE C 116 -22.88 -32.19 18.55
N LEU C 117 -22.34 -31.39 17.63
CA LEU C 117 -22.44 -31.74 16.21
C LEU C 117 -21.78 -33.07 15.93
N ALA C 118 -20.59 -33.30 16.47
CA ALA C 118 -19.87 -34.55 16.21
C ALA C 118 -20.69 -35.76 16.63
N ILE C 119 -21.17 -35.75 17.88
CA ILE C 119 -21.88 -36.93 18.40
C ILE C 119 -23.19 -37.14 17.64
N THR C 120 -23.95 -36.06 17.43
CA THR C 120 -25.26 -36.26 16.84
C THR C 120 -25.19 -36.56 15.35
N CYS C 121 -24.22 -35.99 14.64
CA CYS C 121 -24.03 -36.35 13.23
C CYS C 121 -23.51 -37.77 13.09
N HIS C 122 -22.66 -38.22 14.03
CA HIS C 122 -22.24 -39.61 14.02
C HIS C 122 -23.43 -40.55 14.24
N SER C 123 -24.31 -40.21 15.17
CA SER C 123 -25.51 -41.01 15.38
C SER C 123 -26.41 -40.99 14.16
N MET C 124 -26.51 -39.85 13.48
CA MET C 124 -27.29 -39.78 12.24
C MET C 124 -26.68 -40.68 11.17
N ASP C 125 -25.36 -40.69 11.04
CA ASP C 125 -24.70 -41.58 10.10
C ASP C 125 -24.99 -43.04 10.43
N VAL C 126 -25.02 -43.38 11.71
CA VAL C 126 -25.46 -44.72 12.11
C VAL C 126 -26.91 -44.94 11.71
N GLY C 127 -27.76 -43.95 11.95
CA GLY C 127 -29.14 -44.03 11.52
C GLY C 127 -30.18 -43.55 12.53
N ALA C 128 -29.73 -43.08 13.69
CA ALA C 128 -30.63 -42.53 14.69
C ALA C 128 -30.75 -41.03 14.49
N LEU C 129 -31.97 -40.55 14.26
CA LEU C 129 -32.19 -39.15 13.90
C LEU C 129 -32.75 -38.29 15.03
N THR C 130 -33.28 -38.89 16.09
CA THR C 130 -33.83 -38.09 17.19
C THR C 130 -32.79 -37.28 17.96
N PRO C 131 -31.60 -37.81 18.33
CA PRO C 131 -30.66 -36.96 19.07
C PRO C 131 -30.23 -35.74 18.27
N PHE C 132 -30.19 -35.89 16.95
CA PHE C 132 -29.77 -34.84 16.03
C PHE C 132 -30.69 -33.62 16.14
N LEU C 133 -31.99 -33.84 15.99
CA LEU C 133 -32.95 -32.76 16.14
C LEU C 133 -33.03 -32.28 17.58
N TRP C 134 -32.89 -33.20 18.55
CA TRP C 134 -32.89 -32.79 19.95
C TRP C 134 -31.70 -31.89 20.27
N ALA C 135 -30.62 -32.00 19.50
CA ALA C 135 -29.42 -31.21 19.71
C ALA C 135 -29.46 -29.84 19.04
N PHE C 136 -30.15 -29.72 17.91
CA PHE C 136 -30.14 -28.42 17.24
C PHE C 136 -30.69 -27.29 18.12
N GLU C 137 -31.65 -27.58 19.00
CA GLU C 137 -32.17 -26.51 19.85
C GLU C 137 -31.09 -25.98 20.80
N GLU C 138 -30.30 -26.87 21.39
CA GLU C 138 -29.14 -26.42 22.18
C GLU C 138 -28.15 -25.64 21.33
N ARG C 139 -27.86 -26.14 20.14
CA ARG C 139 -26.87 -25.44 19.33
C ARG C 139 -27.38 -24.06 18.92
N GLU C 140 -28.69 -23.92 18.72
CA GLU C 140 -29.28 -22.60 18.48
C GLU C 140 -29.12 -21.71 19.70
N LYS C 141 -29.34 -22.26 20.89
CA LYS C 141 -29.16 -21.47 22.10
C LYS C 141 -27.74 -20.92 22.19
N LEU C 142 -26.77 -21.71 21.74
CA LEU C 142 -25.39 -21.22 21.80
C LEU C 142 -25.06 -20.25 20.66
N PHE C 143 -25.65 -20.48 19.47
CA PHE C 143 -25.51 -19.53 18.39
C PHE C 143 -26.10 -18.16 18.74
N GLU C 144 -27.13 -18.13 19.60
CA GLU C 144 -27.69 -16.84 19.99
C GLU C 144 -26.70 -16.07 20.87
N PHE C 145 -25.96 -16.78 21.74
CA PHE C 145 -24.87 -16.12 22.47
C PHE C 145 -23.84 -15.54 21.51
N TYR C 146 -23.47 -16.31 20.48
CA TYR C 146 -22.53 -15.76 19.49
C TYR C 146 -23.09 -14.52 18.83
N GLU C 147 -24.35 -14.58 18.36
CA GLU C 147 -24.92 -13.43 17.67
C GLU C 147 -25.05 -12.24 18.60
N ARG C 148 -25.19 -12.48 19.91
CA ARG C 148 -25.20 -11.37 20.86
C ARG C 148 -23.83 -10.71 20.98
N VAL C 149 -22.76 -11.49 21.07
CA VAL C 149 -21.47 -10.86 21.33
C VAL C 149 -20.88 -10.21 20.08
N SER C 150 -21.10 -10.78 18.91
CA SER C 150 -20.41 -10.36 17.70
C SER C 150 -21.33 -9.86 16.60
N GLY C 151 -22.61 -10.22 16.62
CA GLY C 151 -23.51 -9.91 15.53
C GLY C 151 -23.53 -10.93 14.42
N ALA C 152 -22.70 -11.96 14.48
CA ALA C 152 -22.70 -13.05 13.52
C ALA C 152 -22.83 -14.36 14.28
N ARG C 153 -23.76 -15.21 13.84
CA ARG C 153 -23.99 -16.47 14.55
C ARG C 153 -22.84 -17.45 14.35
N MET C 154 -22.21 -17.44 13.18
CA MET C 154 -21.17 -18.41 12.87
C MET C 154 -19.78 -17.78 12.79
N HIS C 155 -19.55 -16.82 11.90
CA HIS C 155 -18.21 -16.28 11.69
C HIS C 155 -18.09 -14.98 12.48
N ALA C 156 -17.86 -15.14 13.78
CA ALA C 156 -17.86 -14.00 14.70
C ALA C 156 -16.69 -13.06 14.43
N ALA C 157 -15.49 -13.60 14.24
CA ALA C 157 -14.26 -12.81 14.22
C ALA C 157 -14.13 -11.97 15.49
N TYR C 158 -14.46 -12.60 16.62
CA TYR C 158 -14.51 -11.90 17.90
C TYR C 158 -13.13 -11.78 18.55
N PHE C 159 -12.32 -12.82 18.43
CA PHE C 159 -10.98 -12.79 19.01
C PHE C 159 -10.07 -11.90 18.18
N ARG C 160 -9.36 -11.00 18.84
CA ARG C 160 -8.47 -10.05 18.21
C ARG C 160 -7.14 -10.07 18.92
N VAL C 161 -6.13 -9.50 18.27
CA VAL C 161 -4.80 -9.46 18.88
C VAL C 161 -4.86 -8.53 20.09
N GLY C 162 -4.59 -9.09 21.27
CA GLY C 162 -4.59 -8.31 22.49
C GLY C 162 -5.89 -8.35 23.27
N GLY C 163 -6.89 -9.09 22.82
CA GLY C 163 -8.13 -9.19 23.56
C GLY C 163 -9.32 -9.61 22.72
N VAL C 164 -10.47 -8.98 22.94
CA VAL C 164 -11.69 -9.28 22.19
C VAL C 164 -12.18 -8.01 21.52
N ALA C 165 -12.97 -8.21 20.46
CA ALA C 165 -13.45 -7.11 19.64
C ALA C 165 -14.31 -6.13 20.43
N GLN C 166 -15.34 -6.64 21.10
CA GLN C 166 -16.18 -5.81 21.96
C GLN C 166 -16.35 -6.47 23.32
N ASP C 167 -16.86 -5.70 24.27
CA ASP C 167 -17.10 -6.19 25.61
C ASP C 167 -18.39 -7.01 25.66
N LEU C 168 -18.51 -7.81 26.71
CA LEU C 168 -19.69 -8.64 26.89
C LEU C 168 -20.92 -7.76 27.10
N PRO C 169 -22.01 -7.97 26.36
CA PRO C 169 -23.22 -7.18 26.60
C PRO C 169 -23.84 -7.49 27.96
N ILE C 170 -24.49 -6.48 28.53
CA ILE C 170 -25.10 -6.63 29.85
C ILE C 170 -26.23 -7.66 29.77
N GLY C 171 -26.28 -8.56 30.74
CA GLY C 171 -27.28 -9.61 30.75
C GLY C 171 -26.84 -10.92 30.14
N LEU C 172 -25.68 -10.94 29.48
CA LEU C 172 -25.20 -12.16 28.83
C LEU C 172 -24.85 -13.24 29.85
N LEU C 173 -24.17 -12.87 30.94
CA LEU C 173 -23.70 -13.88 31.89
C LEU C 173 -24.85 -14.64 32.52
N ARG C 174 -25.99 -13.98 32.76
CA ARG C 174 -27.14 -14.70 33.30
C ARG C 174 -27.67 -15.73 32.31
N ASP C 175 -27.77 -15.36 31.04
CA ASP C 175 -28.33 -16.28 30.05
C ASP C 175 -27.43 -17.49 29.88
N ILE C 176 -26.11 -17.27 29.80
CA ILE C 176 -25.18 -18.39 29.72
C ILE C 176 -25.32 -19.29 30.94
N TYR C 177 -25.51 -18.68 32.11
CA TYR C 177 -25.62 -19.45 33.34
C TYR C 177 -26.89 -20.30 33.35
N ASP C 178 -27.99 -19.77 32.81
CA ASP C 178 -29.23 -20.55 32.70
C ASP C 178 -29.05 -21.71 31.72
N TRP C 179 -28.46 -21.42 30.57
CA TRP C 179 -28.18 -22.50 29.63
C TRP C 179 -27.35 -23.57 30.32
N SER C 180 -26.40 -23.16 31.17
CA SER C 180 -25.60 -24.13 31.91
C SER C 180 -26.44 -24.90 32.92
N ARG C 181 -27.43 -24.26 33.56
CA ARG C 181 -28.20 -25.01 34.55
C ARG C 181 -28.95 -26.14 33.87
N GLN C 182 -29.37 -25.95 32.62
CA GLN C 182 -30.15 -27.00 31.96
C GLN C 182 -29.30 -27.91 31.05
N PHE C 183 -28.05 -27.55 30.78
CA PHE C 183 -27.26 -28.30 29.82
C PHE C 183 -27.04 -29.73 30.28
N ALA C 184 -26.76 -29.91 31.57
CA ALA C 184 -26.43 -31.24 32.07
C ALA C 184 -27.62 -32.19 31.89
N SER C 185 -28.82 -31.69 32.17
CA SER C 185 -30.01 -32.51 31.95
C SER C 185 -30.19 -32.84 30.47
N ARG C 186 -29.96 -31.86 29.59
CA ARG C 186 -30.10 -32.17 28.16
C ARG C 186 -29.09 -33.24 27.73
N VAL C 187 -27.85 -33.12 28.21
CA VAL C 187 -26.81 -34.07 27.85
C VAL C 187 -27.16 -35.45 28.39
N ASP C 188 -27.71 -35.52 29.60
CA ASP C 188 -28.13 -36.80 30.15
C ASP C 188 -29.23 -37.42 29.30
N GLU C 189 -30.18 -36.61 28.82
CA GLU C 189 -31.21 -37.13 27.94
C GLU C 189 -30.59 -37.75 26.69
N MET C 190 -29.64 -37.06 26.07
CA MET C 190 -29.01 -37.61 24.88
C MET C 190 -28.21 -38.87 25.22
N GLU C 191 -27.50 -38.86 26.35
CA GLU C 191 -26.65 -39.96 26.73
C GLU C 191 -27.43 -41.22 27.02
N GLU C 192 -28.65 -41.08 27.56
CA GLU C 192 -29.41 -42.29 27.84
C GLU C 192 -29.83 -42.96 26.54
N LEU C 193 -30.30 -42.17 25.58
CA LEU C 193 -30.72 -42.70 24.30
C LEU C 193 -29.57 -43.36 23.54
N LEU C 194 -28.39 -42.75 23.57
CA LEU C 194 -27.26 -43.35 22.85
C LEU C 194 -26.56 -44.46 23.65
N THR C 195 -26.02 -44.13 24.80
CA THR C 195 -25.31 -45.09 25.63
C THR C 195 -26.28 -46.17 26.11
N GLY C 196 -25.80 -47.42 26.11
CA GLY C 196 -26.63 -48.52 26.55
C GLY C 196 -27.49 -49.13 25.47
N ASN C 197 -27.54 -48.54 24.29
CA ASN C 197 -28.39 -49.01 23.21
C ASN C 197 -27.67 -50.15 22.48
N ARG C 198 -28.34 -51.30 22.39
CA ARG C 198 -27.69 -52.51 21.88
C ARG C 198 -27.20 -52.33 20.45
N ILE C 199 -28.01 -51.71 19.59
CA ILE C 199 -27.60 -51.54 18.20
C ILE C 199 -26.41 -50.59 18.12
N TRP C 200 -26.44 -49.52 18.91
CA TRP C 200 -25.32 -48.59 18.96
C TRP C 200 -24.06 -49.26 19.48
N LYS C 201 -24.19 -50.07 20.54
CA LYS C 201 -23.05 -50.80 21.07
C LYS C 201 -22.45 -51.71 19.99
N GLU C 202 -23.29 -52.50 19.34
CA GLU C 202 -22.81 -53.43 18.32
C GLU C 202 -22.17 -52.70 17.16
N ARG C 203 -22.74 -51.56 16.76
CA ARG C 203 -22.23 -50.81 15.63
C ARG C 203 -20.88 -50.17 15.95
N THR C 204 -20.67 -49.71 17.19
CA THR C 204 -19.50 -48.89 17.48
C THR C 204 -18.37 -49.62 18.21
N ILE C 205 -18.67 -50.66 19.01
CA ILE C 205 -17.62 -51.33 19.78
C ILE C 205 -16.62 -51.99 18.85
N ASP C 206 -15.34 -51.85 19.19
CA ASP C 206 -14.24 -52.54 18.52
C ASP C 206 -14.11 -52.15 17.05
N VAL C 207 -14.61 -50.98 16.70
CA VAL C 207 -14.49 -50.43 15.35
C VAL C 207 -13.55 -49.25 15.41
N GLY C 208 -12.61 -49.18 14.46
CA GLY C 208 -11.65 -48.11 14.46
C GLY C 208 -10.67 -48.16 15.61
N LEU C 209 -10.13 -49.34 15.87
CA LEU C 209 -9.23 -49.52 17.01
C LEU C 209 -7.89 -48.84 16.75
N VAL C 210 -7.46 -48.01 17.69
CA VAL C 210 -6.18 -47.32 17.64
C VAL C 210 -5.46 -47.55 18.96
N THR C 211 -4.14 -47.73 18.89
CA THR C 211 -3.30 -47.87 20.06
C THR C 211 -2.46 -46.63 20.25
N ALA C 212 -1.97 -46.44 21.49
CA ALA C 212 -1.25 -45.22 21.82
C ALA C 212 -0.05 -45.03 20.91
N GLN C 213 0.73 -46.09 20.67
CA GLN C 213 1.86 -46.00 19.77
C GLN C 213 1.42 -45.56 18.38
N GLN C 214 0.33 -46.14 17.88
CA GLN C 214 -0.18 -45.77 16.57
C GLN C 214 -0.61 -44.31 16.52
N ALA C 215 -1.22 -43.82 17.60
CA ALA C 215 -1.67 -42.43 17.61
C ALA C 215 -0.50 -41.47 17.57
N TRP C 216 0.54 -41.72 18.36
CA TRP C 216 1.72 -40.87 18.32
C TRP C 216 2.44 -40.97 16.97
N ASP C 217 2.50 -42.17 16.40
CA ASP C 217 3.16 -42.36 15.12
C ASP C 217 2.49 -41.56 14.01
N TRP C 218 1.17 -41.55 13.99
CA TRP C 218 0.43 -40.84 12.95
C TRP C 218 0.16 -39.39 13.28
N GLY C 219 0.58 -38.92 14.45
CA GLY C 219 0.44 -37.52 14.79
C GLY C 219 -0.95 -37.10 15.19
N CYS C 220 -1.75 -38.02 15.72
CA CYS C 220 -3.10 -37.71 16.12
C CYS C 220 -3.11 -36.96 17.45
N SER C 221 -4.24 -36.32 17.74
CA SER C 221 -4.35 -35.48 18.91
C SER C 221 -5.79 -35.44 19.39
N GLY C 222 -5.95 -35.04 20.65
CA GLY C 222 -7.26 -34.83 21.23
C GLY C 222 -8.00 -36.10 21.60
N PRO C 223 -9.26 -36.20 21.19
CA PRO C 223 -10.07 -37.37 21.55
C PRO C 223 -9.47 -38.69 21.11
N ILE C 224 -8.78 -38.73 19.96
CA ILE C 224 -8.14 -39.98 19.53
C ILE C 224 -7.07 -40.41 20.53
N LEU C 225 -6.26 -39.47 21.02
CA LEU C 225 -5.27 -39.81 22.04
C LEU C 225 -5.95 -40.23 23.32
N ARG C 226 -6.96 -39.48 23.76
CA ARG C 226 -7.54 -39.72 25.08
C ARG C 226 -8.43 -40.95 25.13
N GLY C 227 -8.95 -41.40 24.00
CA GLY C 227 -9.69 -42.64 23.91
C GLY C 227 -8.84 -43.88 23.92
N SER C 228 -7.51 -43.73 23.79
CA SER C 228 -6.60 -44.85 23.76
C SER C 228 -5.82 -45.01 25.07
N GLY C 229 -5.84 -44.02 25.94
CA GLY C 229 -5.22 -44.16 27.24
C GLY C 229 -4.14 -43.13 27.48
N ILE C 230 -4.09 -42.10 26.65
CA ILE C 230 -3.06 -41.08 26.71
C ILE C 230 -3.59 -39.89 27.50
N ASP C 231 -2.94 -39.59 28.62
CA ASP C 231 -3.29 -38.44 29.45
C ASP C 231 -2.52 -37.22 28.96
N TRP C 232 -2.92 -36.75 27.77
CA TRP C 232 -2.30 -35.59 27.14
C TRP C 232 -3.37 -34.60 26.72
N ASP C 233 -3.33 -33.41 27.30
CA ASP C 233 -4.18 -32.30 26.91
C ASP C 233 -3.33 -31.04 26.84
N LEU C 234 -3.47 -30.29 25.74
CA LEU C 234 -2.73 -29.04 25.62
C LEU C 234 -3.14 -28.04 26.69
N ARG C 235 -4.44 -27.99 27.02
CA ARG C 235 -4.91 -27.06 28.04
C ARG C 235 -4.24 -27.29 29.39
N LYS C 236 -3.74 -28.50 29.65
CA LYS C 236 -3.05 -28.81 30.89
C LYS C 236 -1.54 -28.96 30.73
N ASN C 237 -1.09 -29.69 29.70
CA ASN C 237 0.34 -29.88 29.51
C ASN C 237 1.02 -28.61 29.04
N GLN C 238 0.39 -27.84 28.16
CA GLN C 238 0.96 -26.60 27.62
C GLN C 238 -0.09 -25.51 27.67
N PRO C 239 -0.42 -25.00 28.86
CA PRO C 239 -1.48 -24.00 28.98
C PRO C 239 -1.14 -22.73 28.20
N TYR C 240 -2.18 -22.14 27.61
CA TYR C 240 -2.05 -20.95 26.77
C TYR C 240 -2.84 -19.73 27.23
N ASP C 241 -3.82 -19.89 28.11
CA ASP C 241 -4.55 -18.78 28.73
C ASP C 241 -4.77 -19.12 30.19
N VAL C 242 -5.76 -18.46 30.81
CA VAL C 242 -6.11 -18.70 32.21
C VAL C 242 -6.66 -20.11 32.39
N TYR C 243 -6.43 -20.97 31.38
CA TYR C 243 -6.76 -22.38 31.51
C TYR C 243 -6.01 -23.04 32.66
N GLY C 244 -4.81 -22.55 32.97
CA GLY C 244 -4.06 -23.10 34.09
C GLY C 244 -4.80 -22.99 35.41
N ARG C 245 -5.50 -21.88 35.63
CA ARG C 245 -6.29 -21.74 36.85
C ARG C 245 -7.42 -22.77 36.90
N MET C 246 -7.98 -23.11 35.73
CA MET C 246 -9.22 -23.85 35.68
C MET C 246 -9.02 -25.27 36.19
N ASP C 247 -10.05 -25.78 36.85
CA ASP C 247 -10.01 -27.10 37.49
C ASP C 247 -10.93 -28.03 36.71
N PHE C 248 -10.34 -29.01 36.03
CA PHE C 248 -11.08 -30.01 35.28
C PHE C 248 -10.19 -31.23 35.10
N ASN C 249 -10.82 -32.37 34.85
CA ASN C 249 -10.13 -33.64 34.77
C ASN C 249 -10.16 -34.17 33.33
N VAL C 250 -9.03 -34.71 32.90
CA VAL C 250 -8.93 -35.30 31.56
C VAL C 250 -9.76 -36.58 31.52
N PRO C 251 -10.63 -36.76 30.52
CA PRO C 251 -11.31 -38.05 30.35
C PRO C 251 -10.42 -39.05 29.61
N ILE C 252 -10.33 -40.26 30.15
CA ILE C 252 -9.46 -41.30 29.61
C ILE C 252 -10.24 -42.58 29.41
N ALA C 253 -10.02 -43.22 28.25
CA ALA C 253 -10.49 -44.56 27.95
C ALA C 253 -9.30 -45.34 27.40
N GLY C 254 -9.45 -46.66 27.32
CA GLY C 254 -8.29 -47.46 26.97
C GLY C 254 -8.38 -48.27 25.69
N HIS C 255 -9.60 -48.67 25.30
CA HIS C 255 -9.72 -49.57 24.16
C HIS C 255 -9.27 -48.90 22.87
N GLY C 256 -9.67 -47.65 22.66
CA GLY C 256 -9.36 -46.95 21.43
C GLY C 256 -10.40 -47.10 20.35
N ASP C 257 -11.43 -47.89 20.59
CA ASP C 257 -12.49 -48.12 19.62
C ASP C 257 -13.41 -46.91 19.54
N CYS C 258 -14.38 -47.01 18.63
CA CYS C 258 -15.29 -45.89 18.36
C CYS C 258 -16.10 -45.52 19.61
N TYR C 259 -16.56 -46.53 20.35
CA TYR C 259 -17.36 -46.31 21.54
C TYR C 259 -16.59 -45.52 22.59
N ASP C 260 -15.31 -45.86 22.77
CA ASP C 260 -14.50 -45.17 23.76
C ASP C 260 -14.39 -43.69 23.43
N ARG C 261 -14.21 -43.37 22.15
CA ARG C 261 -14.10 -41.97 21.74
C ARG C 261 -15.43 -41.24 21.89
N TYR C 262 -16.55 -41.93 21.66
CA TYR C 262 -17.84 -41.29 21.91
C TYR C 262 -18.00 -40.95 23.39
N LEU C 263 -17.63 -41.89 24.28
CA LEU C 263 -17.70 -41.62 25.71
C LEU C 263 -16.78 -40.48 26.11
N VAL C 264 -15.58 -40.44 25.53
CA VAL C 264 -14.65 -39.36 25.80
C VAL C 264 -15.26 -38.03 25.40
N ARG C 265 -15.91 -37.97 24.25
CA ARG C 265 -16.47 -36.70 23.79
C ARG C 265 -17.60 -36.23 24.72
N VAL C 266 -18.42 -37.16 25.19
CA VAL C 266 -19.48 -36.77 26.13
C VAL C 266 -18.86 -36.22 27.42
N GLN C 267 -17.84 -36.90 27.94
CA GLN C 267 -17.24 -36.42 29.17
C GLN C 267 -16.54 -35.08 28.96
N GLU C 268 -15.96 -34.85 27.78
CA GLU C 268 -15.39 -33.56 27.45
C GLU C 268 -16.45 -32.46 27.45
N MET C 269 -17.65 -32.76 26.97
CA MET C 269 -18.73 -31.79 27.09
C MET C 269 -19.00 -31.44 28.55
N ARG C 270 -19.03 -32.45 29.42
CA ARG C 270 -19.28 -32.16 30.84
C ARG C 270 -18.15 -31.32 31.45
N GLU C 271 -16.90 -31.65 31.11
CA GLU C 271 -15.77 -30.88 31.63
C GLU C 271 -15.79 -29.44 31.13
N SER C 272 -16.20 -29.24 29.87
CA SER C 272 -16.32 -27.88 29.35
C SER C 272 -17.41 -27.11 30.08
N LEU C 273 -18.50 -27.79 30.45
CA LEU C 273 -19.52 -27.13 31.27
C LEU C 273 -18.95 -26.68 32.61
N ARG C 274 -18.13 -27.54 33.24
CA ARG C 274 -17.50 -27.16 34.50
C ARG C 274 -16.59 -25.94 34.32
N ILE C 275 -15.82 -25.93 33.23
CA ILE C 275 -14.91 -24.80 32.99
C ILE C 275 -15.71 -23.52 32.76
N ILE C 276 -16.83 -23.62 32.04
CA ILE C 276 -17.68 -22.45 31.82
C ILE C 276 -18.21 -21.92 33.15
N TYR C 277 -18.63 -22.82 34.05
CA TYR C 277 -19.13 -22.35 35.33
C TYR C 277 -18.04 -21.62 36.11
N GLN C 278 -16.82 -22.16 36.10
CA GLN C 278 -15.71 -21.48 36.78
C GLN C 278 -15.43 -20.12 36.15
N CYS C 279 -15.46 -20.04 34.82
CA CYS C 279 -15.25 -18.75 34.14
C CYS C 279 -16.32 -17.75 34.54
N LEU C 280 -17.57 -18.20 34.60
CA LEU C 280 -18.67 -17.30 34.95
C LEU C 280 -18.48 -16.75 36.35
N ASN C 281 -18.14 -17.62 37.31
CA ASN C 281 -18.00 -17.15 38.68
C ASN C 281 -16.79 -16.25 38.85
N GLU C 282 -15.69 -16.53 38.17
CA GLU C 282 -14.45 -15.77 38.39
C GLU C 282 -14.20 -14.69 37.35
N MET C 283 -15.19 -14.35 36.53
CA MET C 283 -15.01 -13.35 35.49
C MET C 283 -14.60 -12.01 36.07
N PRO C 284 -13.42 -11.49 35.74
CA PRO C 284 -12.94 -10.23 36.32
C PRO C 284 -13.61 -9.03 35.67
N ASP C 285 -13.26 -7.85 36.18
CA ASP C 285 -13.73 -6.58 35.68
C ASP C 285 -12.54 -5.72 35.28
N GLY C 286 -12.68 -4.99 34.18
CA GLY C 286 -11.59 -4.17 33.69
C GLY C 286 -11.48 -4.16 32.19
N LEU C 287 -10.26 -3.98 31.67
CA LEU C 287 -10.06 -3.91 30.24
C LEU C 287 -10.30 -5.27 29.60
N TYR C 288 -10.91 -5.27 28.42
CA TYR C 288 -11.07 -6.49 27.64
C TYR C 288 -10.09 -6.60 26.49
N LYS C 289 -9.48 -5.50 26.07
CA LYS C 289 -8.44 -5.50 25.06
C LYS C 289 -7.20 -4.81 25.62
N THR C 290 -6.07 -5.04 24.97
CA THR C 290 -4.81 -4.54 25.50
C THR C 290 -4.80 -3.03 25.54
N PRO C 291 -4.23 -2.42 26.59
CA PRO C 291 -4.16 -0.95 26.64
C PRO C 291 -3.33 -0.33 25.54
N ASP C 292 -2.34 -1.06 25.02
CA ASP C 292 -1.49 -0.52 23.96
C ASP C 292 -2.32 -0.23 22.71
N GLN C 293 -2.20 1.00 22.21
CA GLN C 293 -2.94 1.44 21.03
C GLN C 293 -2.09 1.43 19.78
N LYS C 294 -0.87 0.93 19.85
CA LYS C 294 -0.08 0.71 18.65
C LYS C 294 -0.28 -0.70 18.09
N VAL C 295 -1.05 -1.53 18.78
CA VAL C 295 -1.47 -2.82 18.26
C VAL C 295 -2.97 -3.04 18.32
N SER C 296 -3.71 -2.26 19.11
CA SER C 296 -5.15 -2.39 19.18
C SER C 296 -5.81 -1.05 18.87
N PRO C 297 -6.95 -1.05 18.20
CA PRO C 297 -7.62 0.21 17.86
C PRO C 297 -8.08 0.95 19.09
N PRO C 298 -8.02 2.28 19.07
CA PRO C 298 -8.59 3.07 20.19
C PRO C 298 -10.11 3.05 20.13
N SER C 299 -10.71 3.37 21.27
CA SER C 299 -12.17 3.48 21.32
C SER C 299 -12.63 4.71 20.55
N ARG C 300 -13.91 4.68 20.15
CA ARG C 300 -14.40 5.66 19.19
C ARG C 300 -14.50 7.05 19.79
N GLY C 301 -15.02 7.18 21.00
CA GLY C 301 -14.98 8.49 21.65
C GLY C 301 -13.56 8.99 21.82
N GLN C 302 -12.63 8.08 22.12
CA GLN C 302 -11.24 8.47 22.31
C GLN C 302 -10.62 8.95 20.98
N MET C 303 -10.90 8.27 19.88
CA MET C 303 -10.42 8.75 18.59
C MET C 303 -11.07 10.08 18.21
N LYS C 304 -12.32 10.28 18.61
CA LYS C 304 -13.03 11.50 18.28
C LYS C 304 -12.68 12.65 19.21
N GLN C 305 -11.89 12.40 20.25
CA GLN C 305 -11.48 13.47 21.15
C GLN C 305 -9.98 13.72 21.20
N SER C 306 -9.16 12.80 20.73
CA SER C 306 -7.70 12.90 20.85
C SER C 306 -7.06 12.82 19.48
N MET C 307 -6.04 13.63 19.25
CA MET C 307 -5.31 13.59 17.98
C MET C 307 -4.49 12.31 17.84
N GLU C 308 -3.79 11.92 18.90
CA GLU C 308 -2.97 10.71 18.83
C GLU C 308 -3.82 9.47 18.59
N SER C 309 -5.04 9.45 19.12
CA SER C 309 -5.91 8.29 18.91
C SER C 309 -6.44 8.26 17.49
N LEU C 310 -6.71 9.42 16.89
CA LEU C 310 -7.09 9.44 15.49
C LEU C 310 -5.95 8.99 14.59
N ILE C 311 -4.72 9.39 14.91
CA ILE C 311 -3.57 8.94 14.14
C ILE C 311 -3.41 7.43 14.24
N HIS C 312 -3.55 6.90 15.45
CA HIS C 312 -3.40 5.46 15.65
C HIS C 312 -4.52 4.69 14.96
N HIS C 313 -5.74 5.21 15.02
CA HIS C 313 -6.86 4.59 14.34
C HIS C 313 -6.63 4.55 12.83
N PHE C 314 -6.17 5.67 12.26
CA PHE C 314 -5.93 5.73 10.83
C PHE C 314 -4.84 4.75 10.41
N LYS C 315 -3.74 4.71 11.16
CA LYS C 315 -2.62 3.87 10.78
C LYS C 315 -2.84 2.40 11.10
N LEU C 316 -3.78 2.08 11.98
CA LEU C 316 -4.11 0.70 12.25
C LEU C 316 -5.19 0.16 11.33
N PHE C 317 -6.08 1.03 10.83
CA PHE C 317 -7.09 0.60 9.88
C PHE C 317 -6.68 0.83 8.43
N SER C 318 -5.50 1.39 8.17
CA SER C 318 -4.99 1.42 6.81
C SER C 318 -3.75 0.54 6.65
N GLU C 319 -2.71 0.78 7.43
CA GLU C 319 -1.48 0.02 7.29
C GLU C 319 -1.47 -1.24 8.15
N GLY C 320 -1.93 -1.12 9.39
CA GLY C 320 -1.82 -2.19 10.36
C GLY C 320 -0.51 -2.13 11.13
N TYR C 321 -0.44 -2.94 12.18
CA TYR C 321 0.77 -2.98 12.98
C TYR C 321 1.87 -3.75 12.24
N HIS C 322 3.11 -3.42 12.57
CA HIS C 322 4.27 -4.12 12.02
C HIS C 322 4.74 -5.16 13.03
N VAL C 323 4.80 -6.42 12.60
CA VAL C 323 5.16 -7.52 13.48
C VAL C 323 6.66 -7.75 13.34
N PRO C 324 7.41 -7.80 14.44
CA PRO C 324 8.87 -7.97 14.33
C PRO C 324 9.23 -9.29 13.66
N ALA C 325 10.35 -9.25 12.93
CA ALA C 325 10.85 -10.44 12.24
C ALA C 325 11.03 -11.60 13.22
N GLY C 326 10.50 -12.75 12.84
CA GLY C 326 10.58 -13.92 13.69
C GLY C 326 9.65 -15.00 13.18
N GLU C 327 9.77 -16.16 13.80
CA GLU C 327 8.94 -17.31 13.50
C GLU C 327 8.39 -17.88 14.80
N THR C 328 7.16 -18.39 14.72
CA THR C 328 6.53 -18.99 15.89
C THR C 328 5.50 -20.02 15.43
N TYR C 329 5.34 -21.06 16.23
CA TYR C 329 4.28 -22.05 16.05
C TYR C 329 3.47 -22.11 17.34
N ARG C 330 2.22 -21.68 17.28
CA ARG C 330 1.36 -21.69 18.45
C ARG C 330 0.18 -22.63 18.20
N ALA C 331 -0.02 -23.56 19.12
CA ALA C 331 -1.05 -24.57 19.00
C ALA C 331 -2.06 -24.43 20.12
N VAL C 332 -3.31 -24.78 19.82
CA VAL C 332 -4.40 -24.75 20.79
C VAL C 332 -5.11 -26.09 20.76
N GLU C 333 -5.69 -26.46 21.89
CA GLU C 333 -6.49 -27.68 21.96
C GLU C 333 -7.85 -27.38 21.33
N ALA C 334 -7.92 -27.57 20.02
CA ALA C 334 -9.18 -27.45 19.32
C ALA C 334 -10.06 -28.66 19.65
N PRO C 335 -11.38 -28.55 19.45
CA PRO C 335 -12.24 -29.71 19.73
C PRO C 335 -11.89 -30.93 18.91
N LYS C 336 -11.35 -30.76 17.71
CA LYS C 336 -10.99 -31.88 16.85
C LYS C 336 -9.57 -32.39 17.09
N GLY C 337 -8.78 -31.68 17.87
CA GLY C 337 -7.43 -32.11 18.16
C GLY C 337 -6.55 -30.89 18.42
N GLU C 338 -5.33 -30.95 17.90
CA GLU C 338 -4.35 -29.88 18.06
C GLU C 338 -4.29 -29.07 16.77
N PHE C 339 -4.65 -27.80 16.87
CA PHE C 339 -4.60 -26.87 15.75
C PHE C 339 -3.51 -25.86 15.99
N GLY C 340 -2.57 -25.76 15.05
CA GLY C 340 -1.44 -24.87 15.20
C GLY C 340 -1.20 -24.05 13.94
N VAL C 341 -0.62 -22.88 14.15
CA VAL C 341 -0.26 -21.96 13.08
C VAL C 341 1.23 -21.71 13.15
N TYR C 342 1.94 -21.96 12.05
CA TYR C 342 3.35 -21.63 11.94
C TYR C 342 3.46 -20.32 11.18
N LEU C 343 3.73 -19.24 11.90
CA LEU C 343 3.75 -17.90 11.34
C LEU C 343 5.19 -17.44 11.15
N VAL C 344 5.52 -17.03 9.94
CA VAL C 344 6.83 -16.50 9.60
C VAL C 344 6.67 -15.02 9.27
N SER C 345 7.37 -14.16 9.99
CA SER C 345 7.32 -12.73 9.79
C SER C 345 8.70 -12.21 9.39
N ARG C 346 8.75 -11.36 8.38
CA ARG C 346 9.98 -10.72 7.97
C ARG C 346 10.08 -9.26 8.42
N GLY C 347 9.12 -8.79 9.22
CA GLY C 347 9.13 -7.45 9.75
C GLY C 347 8.11 -6.51 9.14
N GLY C 348 7.28 -7.00 8.22
CA GLY C 348 6.30 -6.16 7.55
C GLY C 348 4.94 -6.19 8.22
N ASN C 349 3.97 -5.61 7.53
CA ASN C 349 2.59 -5.57 7.99
C ASN C 349 1.75 -6.73 7.46
N ARG C 350 2.36 -7.63 6.67
CA ARG C 350 1.71 -8.80 6.14
C ARG C 350 2.52 -10.03 6.50
N PRO C 351 1.86 -11.17 6.74
CA PRO C 351 2.59 -12.41 7.00
C PRO C 351 3.37 -12.85 5.77
N TYR C 352 4.62 -13.26 5.99
CA TYR C 352 5.40 -13.84 4.90
C TYR C 352 5.00 -15.27 4.62
N ARG C 353 4.76 -16.07 5.66
CA ARG C 353 4.33 -17.44 5.50
C ARG C 353 3.45 -17.79 6.69
N CYS C 354 2.24 -18.30 6.42
CA CYS C 354 1.32 -18.70 7.47
C CYS C 354 0.89 -20.14 7.17
N LYS C 355 1.64 -21.11 7.70
CA LYS C 355 1.27 -22.51 7.57
C LYS C 355 0.24 -22.88 8.63
N ILE C 356 -0.82 -23.57 8.21
CA ILE C 356 -1.87 -24.04 9.08
C ILE C 356 -1.72 -25.54 9.26
N ARG C 357 -1.57 -25.98 10.51
CA ARG C 357 -1.47 -27.40 10.82
C ARG C 357 -2.86 -27.94 11.13
N SER C 358 -3.36 -28.80 10.25
CA SER C 358 -4.71 -29.35 10.41
C SER C 358 -4.70 -30.56 11.34
N PRO C 359 -5.49 -30.55 12.42
CA PRO C 359 -5.71 -31.79 13.17
C PRO C 359 -6.39 -32.89 12.37
N GLY C 360 -7.28 -32.53 11.43
CA GLY C 360 -7.96 -33.55 10.66
C GLY C 360 -7.16 -34.10 9.50
N TYR C 361 -6.09 -33.41 9.11
CA TYR C 361 -5.25 -33.89 8.03
C TYR C 361 -4.58 -35.21 8.42
N ALA C 362 -4.04 -35.26 9.64
CA ALA C 362 -3.42 -36.49 10.11
C ALA C 362 -4.43 -37.58 10.38
N HIS C 363 -5.64 -37.22 10.82
CA HIS C 363 -6.67 -38.24 11.02
C HIS C 363 -7.10 -38.87 9.69
N LEU C 364 -7.27 -38.04 8.66
CA LEU C 364 -7.59 -38.58 7.34
C LEU C 364 -6.44 -39.41 6.79
N GLN C 365 -5.20 -39.04 7.09
CA GLN C 365 -4.08 -39.91 6.74
C GLN C 365 -4.15 -41.23 7.49
N MET C 366 -4.59 -41.20 8.75
CA MET C 366 -4.73 -42.43 9.53
C MET C 366 -5.91 -43.28 9.09
N LEU C 367 -6.81 -42.73 8.27
CA LEU C 367 -7.99 -43.47 7.85
C LEU C 367 -7.65 -44.83 7.27
N ASP C 368 -6.61 -44.90 6.42
CA ASP C 368 -6.29 -46.16 5.74
C ASP C 368 -5.89 -47.24 6.73
N MET C 369 -5.02 -46.91 7.68
CA MET C 369 -4.60 -47.88 8.68
C MET C 369 -5.79 -48.33 9.53
N VAL C 370 -6.63 -47.38 9.94
CA VAL C 370 -7.77 -47.70 10.78
C VAL C 370 -8.80 -48.53 10.03
N ALA C 371 -9.10 -48.14 8.79
CA ALA C 371 -10.15 -48.80 8.00
C ALA C 371 -9.57 -49.90 7.12
N LYS C 372 -8.89 -50.83 7.78
CA LYS C 372 -8.38 -52.05 7.15
C LYS C 372 -9.10 -53.25 7.75
N GLY C 373 -9.66 -54.09 6.87
CA GLY C 373 -10.47 -55.19 7.35
C GLY C 373 -11.92 -54.86 7.64
N ALA C 374 -12.34 -53.60 7.49
CA ALA C 374 -13.70 -53.22 7.80
C ALA C 374 -14.64 -53.50 6.63
N MET C 375 -15.87 -53.02 6.74
CA MET C 375 -16.94 -53.19 5.76
C MET C 375 -17.40 -51.84 5.25
N LEU C 376 -18.21 -51.87 4.18
CA LEU C 376 -18.75 -50.63 3.64
C LEU C 376 -19.50 -49.82 4.68
N ALA C 377 -20.16 -50.49 5.61
CA ALA C 377 -20.89 -49.78 6.66
C ALA C 377 -19.97 -49.20 7.71
N ASP C 378 -18.82 -49.85 7.95
CA ASP C 378 -17.93 -49.38 9.00
C ASP C 378 -17.22 -48.08 8.61
N VAL C 379 -17.08 -47.80 7.31
CA VAL C 379 -16.38 -46.60 6.88
C VAL C 379 -17.07 -45.35 7.42
N VAL C 380 -18.40 -45.34 7.43
CA VAL C 380 -19.13 -44.16 7.89
C VAL C 380 -18.86 -43.92 9.38
N THR C 381 -18.87 -44.98 10.19
CA THR C 381 -18.57 -44.84 11.60
C THR C 381 -17.13 -44.38 11.83
N ILE C 382 -16.18 -44.95 11.08
CA ILE C 382 -14.79 -44.56 11.26
C ILE C 382 -14.59 -43.10 10.90
N ILE C 383 -15.20 -42.67 9.80
CA ILE C 383 -15.16 -41.26 9.44
C ILE C 383 -15.82 -40.40 10.50
N GLY C 384 -16.91 -40.89 11.10
CA GLY C 384 -17.59 -40.12 12.13
C GLY C 384 -16.72 -39.87 13.34
N THR C 385 -15.99 -40.90 13.80
CA THR C 385 -15.13 -40.70 14.97
C THR C 385 -13.96 -39.78 14.67
N LEU C 386 -13.38 -39.85 13.46
CA LEU C 386 -12.36 -38.87 13.10
C LEU C 386 -12.93 -37.46 13.06
N ASP C 387 -14.20 -37.32 12.69
CA ASP C 387 -14.91 -36.04 12.72
C ASP C 387 -14.24 -35.00 11.82
N VAL C 388 -13.83 -35.43 10.64
CA VAL C 388 -13.02 -34.59 9.77
C VAL C 388 -13.90 -33.54 9.11
N VAL C 389 -13.37 -32.31 9.02
CA VAL C 389 -14.00 -31.21 8.31
C VAL C 389 -13.06 -30.84 7.16
N PHE C 390 -13.59 -30.89 5.94
CA PHE C 390 -12.71 -30.87 4.76
C PHE C 390 -12.30 -29.46 4.35
N GLY C 391 -13.08 -28.44 4.71
CA GLY C 391 -12.56 -27.09 4.65
C GLY C 391 -11.40 -26.89 5.60
N GLU C 392 -11.44 -27.56 6.74
CA GLU C 392 -10.31 -27.56 7.67
C GLU C 392 -9.15 -28.40 7.16
N ILE C 393 -9.44 -29.56 6.54
CA ILE C 393 -8.39 -30.37 5.94
C ILE C 393 -7.78 -29.67 4.72
N ASP C 394 -8.63 -29.15 3.83
CA ASP C 394 -8.17 -28.51 2.61
C ASP C 394 -8.19 -27.00 2.84
N ARG C 395 -7.02 -26.44 3.07
CA ARG C 395 -6.92 -25.03 3.42
C ARG C 395 -7.08 -24.14 2.20
N THR D 39 -11.73 40.50 25.36
CA THR D 39 -10.76 41.46 25.89
C THR D 39 -9.52 41.52 25.01
N ASN D 40 -9.69 41.27 23.72
CA ASN D 40 -8.57 41.34 22.80
C ASN D 40 -8.17 42.79 22.55
N SER D 41 -6.91 42.98 22.17
CA SER D 41 -6.38 44.31 21.94
C SER D 41 -6.79 44.80 20.55
N THR D 42 -6.33 46.01 20.22
CA THR D 42 -6.67 46.68 18.97
C THR D 42 -6.67 45.75 17.75
N ASP D 43 -5.56 45.06 17.54
CA ASP D 43 -5.40 44.16 16.39
C ASP D 43 -5.86 42.77 16.75
N VAL D 44 -6.91 42.30 16.08
CA VAL D 44 -7.36 40.91 16.22
C VAL D 44 -6.94 40.05 15.03
N PHE D 45 -6.42 40.65 13.96
CA PHE D 45 -6.07 39.96 12.74
C PHE D 45 -4.56 39.99 12.51
N ASN D 46 -3.99 38.84 12.17
CA ASN D 46 -2.60 38.77 11.75
C ASN D 46 -2.48 38.76 10.23
N VAL D 47 -3.59 38.98 9.52
CA VAL D 47 -3.62 39.12 8.07
C VAL D 47 -4.29 40.44 7.74
N HIS D 48 -4.08 40.91 6.51
CA HIS D 48 -4.60 42.20 6.12
C HIS D 48 -6.12 42.14 5.98
N HIS D 49 -6.81 42.99 6.74
CA HIS D 49 -8.26 43.12 6.67
C HIS D 49 -8.59 44.34 5.81
N ASP D 50 -9.16 44.10 4.63
CA ASP D 50 -9.53 45.19 3.75
C ASP D 50 -10.59 46.07 4.38
N THR D 51 -10.36 47.38 4.32
CA THR D 51 -11.18 48.39 4.96
C THR D 51 -11.20 49.57 4.00
N PRO D 52 -12.24 50.40 4.02
CA PRO D 52 -12.20 51.61 3.16
C PRO D 52 -11.04 52.53 3.48
N GLU D 53 -10.64 52.65 4.75
CA GLU D 53 -9.48 53.45 5.07
C GLU D 53 -8.18 52.74 4.65
N ASN D 54 -8.06 51.45 4.94
CA ASN D 54 -6.84 50.68 4.74
C ASN D 54 -7.09 49.69 3.62
N ASN D 55 -6.49 49.93 2.46
CA ASN D 55 -6.55 49.02 1.32
C ASN D 55 -5.47 49.47 0.34
N LYS D 56 -5.41 48.77 -0.80
CA LYS D 56 -4.26 48.92 -1.70
C LYS D 56 -4.20 50.33 -2.29
N ASP D 57 -5.34 50.91 -2.65
CA ASP D 57 -5.35 52.21 -3.31
C ASP D 57 -4.79 53.32 -2.44
N THR D 58 -4.85 53.16 -1.11
CA THR D 58 -4.39 54.18 -0.19
C THR D 58 -2.92 54.51 -0.47
N LYS D 59 -2.60 55.80 -0.44
CA LYS D 59 -1.27 56.29 -0.77
C LYS D 59 -0.66 56.93 0.46
N PHE D 60 0.53 56.46 0.85
CA PHE D 60 1.30 57.04 1.95
C PHE D 60 2.69 57.40 1.46
N ASP D 61 3.15 58.60 1.82
CA ASP D 61 4.52 59.02 1.54
C ASP D 61 5.03 59.89 2.68
N PHE D 62 6.33 59.82 2.94
CA PHE D 62 6.95 60.67 3.95
C PHE D 62 6.95 62.13 3.50
N THR D 63 6.63 63.02 4.44
CA THR D 63 6.78 64.45 4.23
C THR D 63 8.26 64.83 4.20
N GLU D 64 8.56 66.00 3.62
CA GLU D 64 9.95 66.36 3.35
C GLU D 64 10.77 66.40 4.64
N ALA D 65 10.23 66.99 5.70
CA ALA D 65 10.94 66.98 6.98
C ALA D 65 11.06 65.57 7.53
N ASN D 66 9.96 64.81 7.48
CA ASN D 66 10.03 63.41 7.85
C ASN D 66 11.00 62.64 6.97
N TYR D 67 11.13 63.02 5.70
CA TYR D 67 12.10 62.35 4.84
C TYR D 67 13.53 62.67 5.25
N LYS D 68 13.77 63.91 5.69
CA LYS D 68 15.08 64.25 6.24
C LYS D 68 15.38 63.42 7.49
N LEU D 69 14.37 63.25 8.34
CA LEU D 69 14.52 62.38 9.51
C LEU D 69 14.80 60.94 9.08
N VAL D 70 14.17 60.49 7.99
CA VAL D 70 14.46 59.17 7.42
C VAL D 70 15.93 59.06 7.04
N ASN D 71 16.46 60.08 6.36
CA ASN D 71 17.86 60.04 5.95
C ASN D 71 18.79 59.99 7.16
N LYS D 72 18.50 60.80 8.17
CA LYS D 72 19.31 60.78 9.39
C LYS D 72 19.23 59.42 10.08
N ILE D 73 18.05 58.81 10.09
CA ILE D 73 17.90 57.49 10.69
C ILE D 73 18.75 56.47 9.95
N MET D 74 18.72 56.51 8.61
CA MET D 74 19.49 55.56 7.83
C MET D 74 20.99 55.75 7.99
N SER D 75 21.45 56.99 8.21
CA SER D 75 22.89 57.22 8.28
C SER D 75 23.54 56.39 9.38
N ASN D 76 22.78 56.01 10.42
CA ASN D 76 23.35 55.27 11.54
C ASN D 76 23.76 53.85 11.16
N TYR D 77 23.23 53.30 10.08
CA TYR D 77 23.51 51.92 9.71
C TYR D 77 24.24 51.83 8.38
N PRO D 78 25.06 50.80 8.17
CA PRO D 78 25.85 50.72 6.94
C PRO D 78 24.97 50.70 5.70
N SER D 79 25.50 51.27 4.61
CA SER D 79 24.71 51.43 3.40
C SER D 79 24.23 50.09 2.85
N ASN D 80 25.13 49.11 2.73
CA ASN D 80 24.75 47.81 2.22
C ASN D 80 23.73 47.10 3.12
N TYR D 81 23.92 47.18 4.43
CA TYR D 81 22.89 46.67 5.37
C TYR D 81 21.95 47.81 5.76
N LYS D 82 21.13 48.20 4.78
CA LYS D 82 20.18 49.29 4.97
C LYS D 82 18.91 48.86 5.70
N ALA D 83 18.56 47.57 5.64
CA ALA D 83 17.34 47.08 6.28
C ALA D 83 17.36 47.23 7.79
N SER D 84 18.49 47.62 8.40
CA SER D 84 18.56 47.78 9.84
C SER D 84 17.66 48.91 10.34
N ALA D 85 17.21 49.79 9.45
CA ALA D 85 16.42 50.95 9.83
C ALA D 85 14.92 50.68 9.79
N MET D 86 14.52 49.42 9.62
CA MET D 86 13.11 49.11 9.36
C MET D 86 12.23 49.53 10.54
N ILE D 87 12.66 49.24 11.76
CA ILE D 87 11.87 49.55 12.96
C ILE D 87 11.82 51.05 13.22
N PRO D 88 12.94 51.79 13.21
CA PRO D 88 12.82 53.25 13.36
C PRO D 88 11.96 53.90 12.29
N LEU D 89 12.07 53.45 11.04
CA LEU D 89 11.25 54.02 9.98
C LEU D 89 9.78 53.70 10.20
N LEU D 90 9.47 52.48 10.64
CA LEU D 90 8.08 52.14 10.90
C LEU D 90 7.51 52.94 12.05
N ASP D 91 8.33 53.19 13.09
CA ASP D 91 7.90 54.06 14.18
C ASP D 91 7.66 55.48 13.69
N LEU D 92 8.54 56.00 12.84
CA LEU D 92 8.37 57.35 12.31
C LEU D 92 7.12 57.46 11.46
N ALA D 93 6.87 56.45 10.61
CA ALA D 93 5.66 56.45 9.79
C ALA D 93 4.41 56.33 10.65
N GLN D 94 4.47 55.53 11.72
CA GLN D 94 3.34 55.45 12.63
C GLN D 94 3.06 56.80 13.28
N GLN D 95 4.11 57.49 13.72
CA GLN D 95 3.90 58.81 14.32
C GLN D 95 3.34 59.79 13.31
N GLN D 96 3.81 59.75 12.07
CA GLN D 96 3.27 60.65 11.05
C GLN D 96 1.82 60.32 10.72
N ASN D 97 1.52 59.04 10.53
CA ASN D 97 0.21 58.60 10.05
C ASN D 97 -0.85 58.58 11.14
N GLY D 98 -0.58 59.16 12.30
CA GLY D 98 -1.58 59.23 13.34
C GLY D 98 -1.70 58.02 14.22
N GLY D 99 -0.74 57.08 14.15
CA GLY D 99 -0.73 55.93 15.03
C GLY D 99 -1.10 54.62 14.39
N VAL D 100 -1.38 54.58 13.09
CA VAL D 100 -1.76 53.37 12.40
C VAL D 100 -0.70 53.04 11.36
N VAL D 101 -0.26 51.77 11.35
CA VAL D 101 0.64 51.28 10.33
C VAL D 101 -0.24 50.61 9.26
N SER D 102 -0.46 51.33 8.17
CA SER D 102 -1.32 50.85 7.11
C SER D 102 -0.52 50.04 6.09
N LEU D 103 -1.24 49.46 5.14
CA LEU D 103 -0.58 48.71 4.07
C LEU D 103 0.29 49.62 3.22
N ALA D 104 -0.19 50.83 2.95
CA ALA D 104 0.61 51.79 2.20
C ALA D 104 1.89 52.15 2.94
N VAL D 105 1.81 52.26 4.27
CA VAL D 105 3.01 52.55 5.06
C VAL D 105 4.04 51.44 4.92
N MET D 106 3.59 50.19 5.04
CA MET D 106 4.49 49.05 4.91
C MET D 106 5.09 48.97 3.51
N ASN D 107 4.26 49.18 2.48
CA ASN D 107 4.78 49.13 1.12
C ASN D 107 5.80 50.24 0.88
N ARG D 108 5.54 51.44 1.42
CA ARG D 108 6.49 52.53 1.24
C ARG D 108 7.81 52.24 1.93
N VAL D 109 7.76 51.72 3.16
CA VAL D 109 8.99 51.39 3.87
C VAL D 109 9.76 50.30 3.13
N ALA D 110 9.04 49.29 2.61
CA ALA D 110 9.70 48.22 1.87
C ALA D 110 10.34 48.74 0.60
N GLN D 111 9.66 49.64 -0.12
CA GLN D 111 10.27 50.23 -1.31
C GLN D 111 11.51 51.04 -0.97
N ILE D 112 11.47 51.82 0.11
CA ILE D 112 12.61 52.66 0.46
C ILE D 112 13.80 51.81 0.88
N LEU D 113 13.55 50.71 1.60
CA LEU D 113 14.63 49.84 2.05
C LEU D 113 15.06 48.82 1.01
N GLU D 114 14.38 48.78 -0.14
CA GLU D 114 14.69 47.85 -1.22
C GLU D 114 14.69 46.40 -0.73
N VAL D 115 13.56 46.00 -0.16
CA VAL D 115 13.37 44.65 0.38
C VAL D 115 12.02 44.15 -0.11
N PRO D 116 11.81 42.85 -0.17
CA PRO D 116 10.48 42.32 -0.44
C PRO D 116 9.51 42.77 0.63
N PRO D 117 8.27 43.09 0.27
CA PRO D 117 7.32 43.62 1.25
C PRO D 117 7.01 42.64 2.37
N ILE D 118 7.21 41.34 2.17
CA ILE D 118 6.86 40.36 3.19
C ILE D 118 7.72 40.55 4.43
N LYS D 119 8.96 41.01 4.27
CA LYS D 119 9.81 41.26 5.43
C LYS D 119 9.24 42.37 6.29
N VAL D 120 8.79 43.45 5.66
CA VAL D 120 8.19 44.56 6.41
C VAL D 120 6.87 44.12 7.02
N TYR D 121 6.11 43.30 6.31
CA TYR D 121 4.88 42.76 6.88
C TYR D 121 5.18 41.96 8.15
N GLU D 122 6.20 41.10 8.08
CA GLU D 122 6.56 40.25 9.21
C GLU D 122 6.99 41.09 10.40
N VAL D 123 7.82 42.11 10.16
CA VAL D 123 8.30 42.92 11.28
C VAL D 123 7.19 43.78 11.86
N ALA D 124 6.32 44.33 10.99
CA ALA D 124 5.19 45.13 11.48
C ALA D 124 4.19 44.28 12.25
N THR D 125 4.11 42.99 11.96
CA THR D 125 3.21 42.09 12.66
C THR D 125 3.81 41.54 13.95
N PHE D 126 5.13 41.37 14.00
CA PHE D 126 5.78 40.77 15.16
C PHE D 126 5.67 41.65 16.41
N PHE D 127 6.04 42.92 16.30
CA PHE D 127 6.16 43.78 17.46
C PHE D 127 4.81 44.37 17.88
N THR D 128 4.71 44.71 19.17
CA THR D 128 3.44 45.10 19.75
C THR D 128 3.11 46.57 19.45
N MET D 129 4.09 47.45 19.55
CA MET D 129 3.82 48.88 19.43
C MET D 129 3.23 49.21 18.06
N PHE D 130 3.63 48.49 17.02
CA PHE D 130 3.07 48.68 15.69
C PHE D 130 1.58 48.37 15.70
N ASN D 131 0.75 49.39 15.52
CA ASN D 131 -0.70 49.23 15.46
C ASN D 131 -1.13 49.24 14.00
N ARG D 132 -1.78 48.17 13.57
CA ARG D 132 -2.23 48.01 12.19
C ARG D 132 -3.72 48.28 12.02
N SER D 133 -4.37 48.85 13.03
CA SER D 133 -5.76 49.23 12.95
C SER D 133 -5.89 50.71 13.30
N LYS D 134 -7.04 51.28 12.95
CA LYS D 134 -7.26 52.71 13.22
C LYS D 134 -7.14 52.99 14.71
N MET D 135 -6.50 54.12 15.02
CA MET D 135 -6.15 54.46 16.40
C MET D 135 -6.72 55.83 16.75
N GLY D 136 -7.06 56.00 18.02
CA GLY D 136 -7.61 57.23 18.51
C GLY D 136 -6.57 58.32 18.67
N LYS D 137 -7.01 59.46 19.18
CA LYS D 137 -6.10 60.56 19.46
C LYS D 137 -5.08 60.16 20.52
N TYR D 138 -5.52 59.45 21.54
CA TYR D 138 -4.69 59.01 22.65
C TYR D 138 -4.73 57.49 22.72
N HIS D 139 -3.60 56.87 23.02
CA HIS D 139 -3.54 55.43 23.26
C HIS D 139 -3.15 55.19 24.71
N VAL D 140 -4.13 54.85 25.53
CA VAL D 140 -3.93 54.64 26.96
C VAL D 140 -3.70 53.17 27.21
N CYS D 141 -2.57 52.84 27.83
CA CYS D 141 -2.17 51.46 28.06
C CYS D 141 -2.00 51.20 29.55
N ILE D 142 -2.64 50.15 30.04
CA ILE D 142 -2.55 49.77 31.45
C ILE D 142 -1.72 48.49 31.54
N CYS D 143 -0.70 48.50 32.39
CA CYS D 143 0.12 47.32 32.58
C CYS D 143 -0.57 46.35 33.52
N GLY D 144 -0.73 45.10 33.06
CA GLY D 144 -1.37 44.06 33.84
C GLY D 144 -0.46 42.97 34.35
N THR D 145 0.85 43.13 34.27
CA THR D 145 1.76 42.09 34.71
C THR D 145 1.73 41.98 36.24
N THR D 146 2.42 40.97 36.77
CA THR D 146 2.27 40.60 38.18
C THR D 146 2.60 41.74 39.15
N PRO D 147 3.77 42.39 39.10
CA PRO D 147 4.05 43.41 40.12
C PRO D 147 3.05 44.54 40.13
N CYS D 148 2.43 44.83 38.99
CA CYS D 148 1.37 45.83 38.94
C CYS D 148 0.06 45.25 39.43
N ARG D 149 -0.18 43.96 39.17
CA ARG D 149 -1.42 43.32 39.58
C ARG D 149 -1.51 43.20 41.09
N LEU D 150 -0.39 42.99 41.78
CA LEU D 150 -0.40 42.98 43.24
C LEU D 150 -0.82 44.34 43.80
N GLN D 151 -0.25 45.43 43.28
CA GLN D 151 -0.53 46.74 43.83
C GLN D 151 -1.82 47.36 43.31
N GLY D 152 -2.52 46.70 42.40
CA GLY D 152 -3.87 47.12 42.10
C GLY D 152 -4.18 47.46 40.66
N ALA D 153 -3.42 46.88 39.72
CA ALA D 153 -3.66 47.22 38.31
C ALA D 153 -5.06 46.86 37.88
N GLN D 154 -5.65 45.82 38.48
CA GLN D 154 -7.01 45.43 38.14
C GLN D 154 -7.99 46.57 38.41
N LYS D 155 -7.94 47.15 39.61
CA LYS D 155 -8.87 48.22 39.92
C LYS D 155 -8.63 49.46 39.08
N ILE D 156 -7.36 49.73 38.73
CA ILE D 156 -7.07 50.83 37.81
C ILE D 156 -7.76 50.64 36.47
N GLU D 157 -7.62 49.45 35.88
CA GLU D 157 -8.26 49.21 34.59
C GLU D 157 -9.77 49.23 34.73
N GLU D 158 -10.31 48.70 35.83
CA GLU D 158 -11.76 48.71 36.03
C GLU D 158 -12.29 50.14 36.12
N ALA D 159 -11.61 51.00 36.88
CA ALA D 159 -12.04 52.39 36.99
C ALA D 159 -11.95 53.08 35.63
N ILE D 160 -10.87 52.84 34.89
CA ILE D 160 -10.73 53.49 33.59
C ILE D 160 -11.80 53.03 32.61
N THR D 161 -12.08 51.72 32.58
CA THR D 161 -13.08 51.23 31.64
C THR D 161 -14.49 51.63 32.05
N LYS D 162 -14.77 51.76 33.35
CA LYS D 162 -16.06 52.33 33.75
C LYS D 162 -16.18 53.78 33.31
N HIS D 163 -15.19 54.60 33.66
CA HIS D 163 -15.28 56.03 33.36
C HIS D 163 -15.27 56.28 31.84
N LEU D 164 -14.40 55.57 31.11
CA LEU D 164 -14.35 55.74 29.66
C LEU D 164 -15.53 55.04 28.99
N GLY D 165 -15.92 53.87 29.48
CA GLY D 165 -17.14 53.24 29.06
C GLY D 165 -17.03 52.32 27.85
N VAL D 166 -15.83 51.94 27.44
CA VAL D 166 -15.67 51.13 26.24
C VAL D 166 -15.09 49.75 26.55
N GLY D 167 -13.92 49.69 27.16
CA GLY D 167 -13.26 48.44 27.43
C GLY D 167 -11.92 48.32 26.72
N ILE D 168 -11.18 47.29 27.13
CA ILE D 168 -9.84 47.06 26.59
C ILE D 168 -9.93 46.70 25.12
N GLY D 169 -9.06 47.30 24.31
CA GLY D 169 -9.02 47.05 22.90
C GLY D 169 -10.02 47.85 22.08
N GLN D 170 -10.88 48.62 22.72
CA GLN D 170 -11.95 49.34 22.04
C GLN D 170 -11.71 50.83 22.16
N THR D 171 -11.79 51.53 21.03
CA THR D 171 -11.69 52.98 21.03
C THR D 171 -12.96 53.61 21.59
N THR D 172 -12.80 54.78 22.22
CA THR D 172 -13.96 55.54 22.68
C THR D 172 -14.83 55.93 21.49
N ALA D 173 -16.14 56.01 21.74
CA ALA D 173 -17.07 56.38 20.68
C ALA D 173 -16.71 57.74 20.08
N ASP D 174 -16.25 58.67 20.92
CA ASP D 174 -15.70 59.92 20.40
C ASP D 174 -14.42 59.69 19.62
N GLY D 175 -13.66 58.66 19.96
CA GLY D 175 -12.36 58.43 19.36
C GLY D 175 -11.20 59.03 20.11
N THR D 176 -11.43 59.55 21.32
CA THR D 176 -10.39 60.24 22.06
C THR D 176 -9.38 59.29 22.68
N PHE D 177 -9.82 58.13 23.19
CA PHE D 177 -8.91 57.16 23.79
C PHE D 177 -9.12 55.80 23.17
N THR D 178 -8.02 55.10 22.92
CA THR D 178 -8.03 53.68 22.59
C THR D 178 -7.37 52.92 23.72
N LEU D 179 -8.07 51.93 24.28
CA LEU D 179 -7.58 51.21 25.44
C LEU D 179 -6.76 49.99 25.00
N GLY D 180 -5.66 49.75 25.69
CA GLY D 180 -4.83 48.60 25.39
C GLY D 180 -4.21 48.08 26.66
N GLU D 181 -3.93 46.79 26.68
CA GLU D 181 -3.17 46.15 27.75
C GLU D 181 -1.82 45.67 27.24
N MET D 182 -0.74 46.12 27.88
CA MET D 182 0.60 45.64 27.59
C MET D 182 1.25 45.13 28.88
N GLU D 183 2.34 44.40 28.69
CA GLU D 183 3.05 43.77 29.80
C GLU D 183 3.92 44.79 30.53
N CYS D 184 4.88 44.30 31.32
CA CYS D 184 5.70 45.18 32.15
C CYS D 184 6.35 46.28 31.33
N MET D 185 6.24 47.51 31.86
CA MET D 185 6.72 48.72 31.21
C MET D 185 8.03 49.23 31.81
N GLY D 186 8.65 48.47 32.71
CA GLY D 186 9.84 48.94 33.37
C GLY D 186 9.61 49.85 34.56
N ALA D 187 8.41 49.82 35.15
CA ALA D 187 7.99 50.76 36.17
C ALA D 187 7.44 50.00 37.36
N CYS D 188 8.17 48.97 37.78
CA CYS D 188 7.65 48.01 38.76
C CYS D 188 7.63 48.57 40.17
N VAL D 189 8.63 49.37 40.53
CA VAL D 189 8.64 50.01 41.84
C VAL D 189 7.48 50.98 41.98
N ASN D 190 7.08 51.60 40.89
CA ASN D 190 5.92 52.48 40.87
C ASN D 190 4.74 51.76 40.23
N ALA D 191 4.42 50.59 40.79
CA ALA D 191 3.65 49.55 40.13
C ALA D 191 2.36 50.04 39.49
N PRO D 192 1.38 50.61 40.22
CA PRO D 192 0.17 51.07 39.53
C PRO D 192 0.49 52.18 38.55
N MET D 193 0.44 51.90 37.25
CA MET D 193 0.92 52.87 36.27
C MET D 193 0.17 52.69 34.96
N ILE D 194 0.15 53.77 34.17
CA ILE D 194 -0.40 53.78 32.82
C ILE D 194 0.57 54.54 31.92
N ALA D 195 0.47 54.29 30.62
CA ALA D 195 1.28 54.96 29.62
C ALA D 195 0.37 55.47 28.50
N VAL D 196 0.57 56.72 28.10
CA VAL D 196 -0.27 57.37 27.10
C VAL D 196 0.61 57.88 25.97
N ALA D 197 0.15 57.72 24.73
CA ALA D 197 0.86 58.15 23.54
C ALA D 197 0.07 59.24 22.83
N ASP D 198 0.74 60.36 22.53
CA ASP D 198 0.10 61.48 21.86
C ASP D 198 0.26 61.31 20.35
N TYR D 199 -0.82 60.90 19.70
CA TYR D 199 -0.80 60.67 18.25
C TYR D 199 -1.47 61.80 17.49
N ARG D 200 -1.77 62.91 18.16
CA ARG D 200 -2.55 63.99 17.55
C ARG D 200 -1.69 64.87 16.63
N ASN D 201 -0.61 65.44 17.18
CA ASN D 201 0.16 66.42 16.44
C ASN D 201 0.98 65.80 15.33
N GLY D 202 1.50 64.60 15.54
CA GLY D 202 2.34 63.93 14.58
C GLY D 202 3.75 63.76 15.09
N VAL D 203 4.68 63.68 14.14
CA VAL D 203 6.09 63.47 14.49
C VAL D 203 6.60 64.63 15.35
N GLU D 204 6.19 65.86 15.00
CA GLU D 204 6.64 67.02 15.76
C GLU D 204 6.15 67.00 17.20
N GLY D 205 4.94 66.50 17.43
CA GLY D 205 4.34 66.56 18.74
C GLY D 205 3.90 65.26 19.36
N PHE D 206 4.69 64.20 19.19
CA PHE D 206 4.35 62.89 19.73
C PHE D 206 5.11 62.65 21.03
N SER D 207 4.40 62.22 22.06
CA SER D 207 4.99 61.97 23.38
C SER D 207 4.45 60.67 23.93
N TYR D 208 5.35 59.83 24.45
CA TYR D 208 4.99 58.58 25.11
C TYR D 208 5.35 58.71 26.59
N ASN D 209 4.38 59.08 27.41
CA ASN D 209 4.62 59.45 28.79
C ASN D 209 4.10 58.38 29.76
N TYR D 210 4.74 58.30 30.92
CA TYR D 210 4.40 57.36 31.98
C TYR D 210 3.78 58.11 33.16
N TYR D 211 2.65 57.62 33.64
CA TYR D 211 1.99 58.13 34.83
C TYR D 211 1.96 57.01 35.86
N GLU D 212 2.52 57.26 37.04
CA GLU D 212 2.91 56.19 37.95
C GLU D 212 2.39 56.46 39.35
N ASP D 213 2.48 55.44 40.21
CA ASP D 213 1.97 55.50 41.58
C ASP D 213 0.54 56.04 41.65
N LEU D 214 -0.30 55.63 40.70
CA LEU D 214 -1.62 56.23 40.56
C LEU D 214 -2.70 55.31 41.12
N THR D 215 -3.56 55.90 41.95
CA THR D 215 -4.81 55.31 42.42
C THR D 215 -5.92 55.56 41.40
N PRO D 216 -6.98 54.73 41.40
CA PRO D 216 -8.03 54.89 40.39
C PRO D 216 -8.51 56.33 40.19
N GLN D 217 -8.73 57.07 41.28
CA GLN D 217 -9.16 58.45 41.15
C GLN D 217 -8.10 59.29 40.44
N ASP D 218 -6.83 59.03 40.72
CA ASP D 218 -5.76 59.72 40.00
C ASP D 218 -5.79 59.37 38.51
N ALA D 219 -6.05 58.11 38.17
CA ALA D 219 -6.16 57.72 36.76
C ALA D 219 -7.30 58.47 36.09
N VAL D 220 -8.45 58.55 36.75
CA VAL D 220 -9.59 59.28 36.21
C VAL D 220 -9.23 60.75 36.01
N ASN D 221 -8.52 61.34 36.97
CA ASN D 221 -8.10 62.74 36.86
C ASN D 221 -7.17 62.93 35.67
N ILE D 222 -6.23 62.01 35.48
CA ILE D 222 -5.30 62.10 34.35
C ILE D 222 -6.06 62.01 33.03
N LEU D 223 -7.06 61.12 32.96
CA LEU D 223 -7.80 61.00 31.71
C LEU D 223 -8.68 62.21 31.45
N GLU D 224 -9.23 62.83 32.49
CA GLU D 224 -9.99 64.07 32.30
C GLU D 224 -9.07 65.20 31.85
N LYS D 225 -7.89 65.32 32.45
CA LYS D 225 -6.92 66.30 32.00
C LYS D 225 -6.54 66.08 30.54
N LEU D 226 -6.39 64.81 30.15
CA LEU D 226 -6.08 64.52 28.76
C LEU D 226 -7.23 64.89 27.83
N LYS D 227 -8.47 64.67 28.26
CA LYS D 227 -9.62 65.08 27.47
C LYS D 227 -9.64 66.59 27.27
N LYS D 228 -9.36 67.35 28.33
CA LYS D 228 -9.33 68.80 28.20
C LYS D 228 -8.21 69.26 27.27
N GLY D 229 -7.12 68.50 27.20
CA GLY D 229 -5.92 68.89 26.51
C GLY D 229 -4.81 69.39 27.40
N GLU D 230 -5.11 69.61 28.68
CA GLU D 230 -4.10 70.02 29.64
C GLU D 230 -3.11 68.89 29.87
N LYS D 231 -1.83 69.24 30.01
CA LYS D 231 -0.79 68.23 30.12
C LYS D 231 -0.54 67.89 31.59
N PRO D 232 -0.77 66.65 32.00
CA PRO D 232 -0.64 66.29 33.43
C PRO D 232 0.80 66.20 33.89
N LYS D 233 0.97 65.80 35.16
CA LYS D 233 2.29 65.69 35.76
C LYS D 233 3.02 64.48 35.21
N LEU D 234 4.15 64.72 34.55
CA LEU D 234 4.97 63.63 34.03
C LEU D 234 5.51 62.78 35.16
N GLY D 235 5.52 61.47 34.95
CA GLY D 235 6.02 60.56 35.95
C GLY D 235 4.97 60.28 37.02
N SER D 236 5.47 59.81 38.16
CA SER D 236 4.59 59.48 39.28
C SER D 236 3.96 60.75 39.86
N GLN D 237 2.69 60.65 40.22
CA GLN D 237 1.98 61.81 40.77
C GLN D 237 2.42 62.10 42.20
N HIS D 238 2.42 61.09 43.07
CA HIS D 238 2.66 61.33 44.48
C HIS D 238 4.12 61.65 44.79
N ARG D 239 5.06 61.03 44.08
CA ARG D 239 6.48 61.23 44.33
C ARG D 239 7.21 61.54 43.03
N GLN D 240 8.48 61.92 43.15
CA GLN D 240 9.27 62.33 41.99
C GLN D 240 9.70 61.13 41.15
N THR D 241 10.49 60.25 41.74
CA THR D 241 10.97 59.04 41.08
C THR D 241 11.00 57.94 42.14
N ALA D 242 11.77 56.88 41.91
CA ALA D 242 11.75 55.76 42.83
C ALA D 242 12.56 56.04 44.10
N GLU D 243 12.29 57.17 44.77
CA GLU D 243 12.79 57.39 46.10
C GLU D 243 12.03 56.54 47.11
N PRO D 244 12.53 56.41 48.34
CA PRO D 244 11.73 55.85 49.45
C PRO D 244 10.77 56.85 50.08
N ALA D 245 9.61 57.03 49.44
CA ALA D 245 8.62 58.00 49.87
C ALA D 245 7.29 57.40 50.32
N GLY D 246 6.98 56.17 49.95
CA GLY D 246 5.72 55.57 50.33
C GLY D 246 5.24 54.60 49.28
N ALA D 247 4.02 54.10 49.48
CA ALA D 247 3.42 53.11 48.60
C ALA D 247 1.94 53.38 48.42
N VAL D 248 1.39 52.85 47.33
CA VAL D 248 -0.04 52.94 47.06
C VAL D 248 -0.69 51.69 47.63
N VAL D 249 -1.48 51.86 48.68
CA VAL D 249 -2.23 50.78 49.30
C VAL D 249 -3.71 51.03 49.04
N GLY D 250 -4.35 50.12 48.31
CA GLY D 250 -5.75 50.29 47.98
C GLY D 250 -5.97 51.54 47.16
N ASP D 251 -6.90 52.38 47.60
CA ASP D 251 -7.24 53.61 46.90
C ASP D 251 -6.46 54.81 47.42
N LYS D 252 -5.55 54.63 48.36
CA LYS D 252 -4.87 55.73 49.01
C LYS D 252 -3.35 55.53 48.96
N TRP D 253 -2.64 56.64 49.05
CA TRP D 253 -1.18 56.65 49.12
C TRP D 253 -0.77 56.82 50.56
N ILE D 254 -0.07 55.83 51.11
CA ILE D 254 0.42 55.85 52.48
C ILE D 254 1.80 56.46 52.52
N PRO D 255 1.96 57.71 52.94
CA PRO D 255 3.28 58.36 52.94
C PRO D 255 4.13 57.86 54.10
N SER D 256 5.12 57.04 53.78
CA SER D 256 6.10 56.56 54.75
C SER D 256 7.49 56.96 54.29
N SER D 257 8.26 57.63 55.16
CA SER D 257 9.63 57.98 54.86
C SER D 257 10.51 57.52 56.02
N GLY D 258 11.38 56.55 55.75
CA GLY D 258 12.28 56.03 56.76
C GLY D 258 13.73 56.37 56.50
N GLU D 259 14.47 55.41 55.97
CA GLU D 259 15.90 55.52 55.76
C GLU D 259 16.19 55.96 54.32
N GLN D 260 16.98 57.02 54.16
CA GLN D 260 17.43 57.47 52.87
C GLN D 260 18.93 57.31 52.76
N THR D 261 19.40 57.10 51.53
CA THR D 261 20.78 56.71 51.27
C THR D 261 21.62 57.79 50.62
N LEU D 262 21.15 58.36 49.52
CA LEU D 262 21.92 59.35 48.77
C LEU D 262 21.76 60.78 49.29
N MET D 263 21.20 60.94 50.49
CA MET D 263 21.19 62.26 51.12
C MET D 263 22.60 62.67 51.50
N GLY D 264 22.92 63.95 51.24
CA GLY D 264 24.23 64.47 51.57
C GLY D 264 25.03 64.94 50.38
N GLU D 265 26.35 65.09 50.56
CA GLU D 265 27.23 65.55 49.50
C GLU D 265 27.74 64.35 48.71
N LEU D 266 27.68 64.46 47.39
CA LEU D 266 28.08 63.33 46.55
C LEU D 266 29.60 63.22 46.49
N PRO D 267 30.13 61.98 46.49
CA PRO D 267 31.59 61.83 46.69
C PRO D 267 32.45 62.55 45.67
N GLY D 268 32.12 62.44 44.39
CA GLY D 268 32.85 63.15 43.36
C GLY D 268 33.98 62.37 42.70
N PRO D 269 34.82 63.11 41.98
CA PRO D 269 35.91 62.48 41.22
C PRO D 269 36.97 61.84 42.10
N TYR D 270 37.50 60.71 41.63
CA TYR D 270 38.58 60.05 42.33
C TYR D 270 39.42 59.28 41.32
N CYS D 271 40.72 59.16 41.63
CA CYS D 271 41.70 58.46 40.84
C CYS D 271 42.66 57.69 41.75
N ARG D 272 43.03 56.48 41.35
CA ARG D 272 44.01 55.75 42.16
C ARG D 272 45.38 56.38 41.98
N ASP D 273 46.16 56.38 43.06
CA ASP D 273 47.53 56.88 43.01
C ASP D 273 48.51 55.85 43.59
N PRO E 35 31.69 44.83 54.00
CA PRO E 35 32.66 43.97 53.32
C PRO E 35 33.21 42.88 54.21
N GLU E 36 32.95 42.98 55.52
CA GLU E 36 33.43 41.98 56.47
C GLU E 36 32.93 40.60 56.09
N LYS E 37 33.83 39.61 56.15
CA LYS E 37 33.49 38.25 55.74
C LYS E 37 32.33 37.68 56.56
N THR E 38 32.25 38.04 57.84
CA THR E 38 31.18 37.51 58.68
C THR E 38 29.81 38.06 58.29
N THR E 39 29.73 39.39 58.09
CA THR E 39 28.44 40.05 57.86
C THR E 39 28.56 41.04 56.71
N PHE E 40 27.52 41.09 55.88
CA PHE E 40 27.48 42.01 54.75
C PHE E 40 26.19 42.82 54.80
N GLY E 41 26.31 44.10 54.50
CA GLY E 41 25.16 44.99 54.48
C GLY E 41 25.58 46.39 54.88
N GLY E 42 24.61 47.29 54.86
CA GLY E 42 24.84 48.66 55.26
C GLY E 42 25.85 49.40 54.41
N LEU E 43 25.72 49.30 53.09
CA LEU E 43 26.61 50.02 52.19
C LEU E 43 26.58 51.52 52.46
N ARG E 44 27.75 52.14 52.47
CA ARG E 44 27.88 53.56 52.71
C ARG E 44 27.79 54.34 51.39
N ASP E 45 27.50 55.63 51.52
CA ASP E 45 27.38 56.48 50.33
C ASP E 45 28.69 56.58 49.57
N GLN E 46 29.83 56.50 50.26
CA GLN E 46 31.12 56.59 49.60
C GLN E 46 31.40 55.38 48.72
N ASP E 47 30.69 54.27 48.90
CA ASP E 47 30.93 53.04 48.17
C ASP E 47 29.90 52.81 47.06
N ARG E 48 29.08 53.79 46.75
CA ARG E 48 28.01 53.63 45.77
C ARG E 48 28.47 54.14 44.40
N ILE E 49 28.38 53.27 43.39
CA ILE E 49 28.76 53.66 42.04
C ILE E 49 27.74 54.61 41.44
N PHE E 50 26.46 54.25 41.48
CA PHE E 50 25.40 55.05 40.88
C PHE E 50 24.93 56.06 41.90
N THR E 51 25.21 57.35 41.64
CA THR E 51 25.10 58.38 42.66
C THR E 51 23.96 59.35 42.43
N ASN E 52 23.64 59.69 41.18
CA ASN E 52 22.40 60.43 40.90
C ASN E 52 21.28 59.54 40.42
N ILE E 53 21.21 58.32 40.96
CA ILE E 53 20.18 57.37 40.54
C ILE E 53 18.79 57.92 40.77
N TYR E 54 18.63 58.78 41.77
CA TYR E 54 17.33 59.34 42.11
C TYR E 54 17.07 60.70 41.48
N GLY E 55 17.97 61.18 40.62
CA GLY E 55 17.74 62.42 39.90
C GLY E 55 17.55 63.67 40.74
N ARG E 56 18.30 63.80 41.82
CA ARG E 56 18.25 65.06 42.57
C ARG E 56 19.12 66.13 41.95
N HIS E 57 19.95 65.79 40.96
CA HIS E 57 20.92 66.68 40.36
C HIS E 57 20.77 66.62 38.85
N ASP E 58 21.54 67.45 38.16
CA ASP E 58 21.52 67.47 36.70
C ASP E 58 22.07 66.15 36.17
N PRO E 59 21.29 65.38 35.40
CA PRO E 59 21.79 64.10 34.87
C PRO E 59 22.68 64.26 33.65
N TYR E 60 22.79 65.45 33.10
CA TYR E 60 23.52 65.70 31.87
C TYR E 60 24.96 66.09 32.17
N ILE E 61 25.68 66.56 31.15
CA ILE E 61 27.13 66.49 31.13
C ILE E 61 27.74 67.36 32.23
N LYS E 62 27.12 68.51 32.54
CA LYS E 62 27.65 69.37 33.59
C LYS E 62 27.69 68.64 34.93
N GLY E 63 26.58 68.01 35.30
CA GLY E 63 26.55 67.24 36.53
C GLY E 63 27.45 66.02 36.43
N ALA E 64 27.51 65.39 35.26
CA ALA E 64 28.31 64.19 35.14
C ALA E 64 29.79 64.50 35.40
N GLU E 65 30.30 65.58 34.81
CA GLU E 65 31.66 66.01 35.07
C GLU E 65 31.85 66.41 36.53
N ALA E 66 30.84 67.04 37.14
CA ALA E 66 31.00 67.41 38.54
C ALA E 66 30.93 66.22 39.48
N ARG E 67 30.35 65.10 39.05
CA ARG E 67 30.25 63.90 39.85
C ARG E 67 31.40 62.92 39.65
N GLY E 68 32.34 63.20 38.75
CA GLY E 68 33.46 62.31 38.51
C GLY E 68 33.41 61.50 37.24
N ASP E 69 32.47 61.79 36.33
CA ASP E 69 32.40 61.12 35.05
C ASP E 69 33.39 61.74 34.08
N TRP E 70 33.87 60.92 33.14
CA TRP E 70 34.82 61.36 32.12
C TRP E 70 36.05 62.02 32.75
N TYR E 71 36.48 61.52 33.90
CA TYR E 71 37.53 62.18 34.67
C TYR E 71 38.87 62.08 33.96
N MET E 72 39.40 60.86 33.85
CA MET E 72 40.71 60.63 33.23
C MET E 72 40.61 59.48 32.23
N THR E 73 39.56 59.50 31.42
CA THR E 73 39.28 58.42 30.48
C THR E 73 40.41 58.24 29.46
N LYS E 74 41.08 59.34 29.10
CA LYS E 74 42.24 59.26 28.22
C LYS E 74 43.24 58.23 28.72
N ASP E 75 43.61 58.30 30.00
CA ASP E 75 44.64 57.40 30.52
C ASP E 75 44.14 55.95 30.53
N LEU E 76 42.93 55.74 31.07
CA LEU E 76 42.40 54.38 31.16
C LEU E 76 42.30 53.72 29.79
N VAL E 77 41.87 54.49 28.79
CA VAL E 77 41.79 53.93 27.43
C VAL E 77 43.19 53.70 26.86
N GLY E 78 44.10 54.65 27.08
CA GLY E 78 45.44 54.52 26.55
C GLY E 78 46.24 53.38 27.15
N LYS E 79 45.86 52.91 28.34
CA LYS E 79 46.61 51.82 28.96
C LYS E 79 46.53 50.51 28.19
N GLY E 80 45.66 50.41 27.19
CA GLY E 80 45.59 49.23 26.36
C GLY E 80 44.42 48.33 26.73
N ARG E 81 43.97 47.56 25.75
CA ARG E 81 42.83 46.67 25.98
C ARG E 81 43.20 45.55 26.95
N ASP E 82 44.44 45.06 26.91
CA ASP E 82 44.85 43.96 27.77
C ASP E 82 44.76 44.35 29.24
N TRP E 83 45.23 45.55 29.58
CA TRP E 83 45.21 45.99 30.97
C TRP E 83 43.78 46.06 31.49
N ILE E 84 42.86 46.58 30.68
CA ILE E 84 41.46 46.67 31.08
C ILE E 84 40.89 45.27 31.30
N ILE E 85 41.23 44.32 30.43
CA ILE E 85 40.72 42.97 30.56
C ILE E 85 41.21 42.33 31.85
N ASP E 86 42.50 42.49 32.16
CA ASP E 86 43.02 41.92 33.39
C ASP E 86 42.41 42.58 34.62
N GLN E 87 42.22 43.90 34.59
CA GLN E 87 41.60 44.56 35.74
C GLN E 87 40.16 44.11 35.95
N ILE E 88 39.40 43.98 34.87
CA ILE E 88 38.03 43.46 35.00
C ILE E 88 38.03 42.04 35.53
N LYS E 89 38.96 41.21 35.05
CA LYS E 89 39.04 39.83 35.54
C LYS E 89 39.38 39.79 37.03
N LYS E 90 40.29 40.65 37.48
CA LYS E 90 40.65 40.68 38.89
C LYS E 90 39.52 41.22 39.75
N SER E 91 38.73 42.16 39.22
CA SER E 91 37.61 42.70 39.99
C SER E 91 36.58 41.63 40.33
N GLY E 92 36.43 40.63 39.47
CA GLY E 92 35.45 39.60 39.70
C GLY E 92 34.06 39.96 39.25
N LEU E 93 33.92 40.99 38.42
CA LEU E 93 32.62 41.44 37.97
C LEU E 93 31.89 40.38 37.15
N ARG E 94 30.84 39.81 37.72
CA ARG E 94 29.96 38.94 36.95
C ARG E 94 28.88 39.76 36.26
N GLY E 95 28.22 39.14 35.29
CA GLY E 95 27.35 39.88 34.42
C GLY E 95 25.94 40.07 34.94
N ARG E 96 25.53 41.32 35.09
CA ARG E 96 24.15 41.63 35.40
C ARG E 96 23.28 41.43 34.16
N GLY E 97 22.02 41.09 34.38
CA GLY E 97 21.10 40.77 33.30
C GLY E 97 20.55 39.35 33.33
N GLY E 98 21.04 38.49 34.21
CA GLY E 98 20.48 37.15 34.32
C GLY E 98 21.49 36.03 34.17
N ALA E 99 22.44 36.21 33.25
CA ALA E 99 23.41 35.14 33.00
C ALA E 99 24.32 34.92 34.20
N GLY E 100 24.87 36.00 34.75
CA GLY E 100 25.86 35.87 35.79
C GLY E 100 27.24 35.46 35.33
N PHE E 101 27.46 35.40 34.01
CA PHE E 101 28.74 34.96 33.48
C PHE E 101 29.78 36.06 33.68
N ALA E 102 31.00 35.63 34.02
CA ALA E 102 32.07 36.58 34.32
C ALA E 102 32.31 37.52 33.15
N SER E 103 32.30 38.83 33.44
CA SER E 103 32.41 39.83 32.38
C SER E 103 33.78 39.80 31.71
N GLY E 104 34.85 39.65 32.50
CA GLY E 104 36.18 39.71 31.93
C GLY E 104 36.44 38.60 30.94
N LEU E 105 36.03 37.38 31.28
CA LEU E 105 36.22 36.25 30.38
C LEU E 105 35.43 36.42 29.09
N LYS E 106 34.18 36.89 29.21
CA LYS E 106 33.37 37.14 28.03
C LYS E 106 34.00 38.19 27.13
N TRP E 107 34.52 39.26 27.71
CA TRP E 107 35.17 40.29 26.91
C TRP E 107 36.46 39.77 26.29
N SER E 108 37.15 38.87 26.98
CA SER E 108 38.37 38.28 26.46
C SER E 108 38.10 37.28 25.35
N PHE E 109 36.87 36.77 25.23
CA PHE E 109 36.56 35.94 24.07
C PHE E 109 36.55 36.70 22.75
N MET E 110 36.56 38.03 22.78
CA MET E 110 36.54 38.80 21.55
C MET E 110 37.84 38.62 20.76
N PRO E 111 37.76 38.61 19.43
CA PRO E 111 38.98 38.43 18.63
C PRO E 111 39.98 39.57 18.85
N LYS E 112 41.27 39.20 18.83
CA LYS E 112 42.32 40.18 19.08
C LYS E 112 42.68 40.95 17.82
N VAL E 113 42.85 40.25 16.70
CA VAL E 113 43.28 40.86 15.44
C VAL E 113 42.18 40.69 14.41
N SER E 114 41.97 41.72 13.60
CA SER E 114 40.93 41.68 12.59
C SER E 114 41.30 40.75 11.44
N ASP E 115 40.31 40.00 10.96
CA ASP E 115 40.44 39.19 9.75
C ASP E 115 39.75 39.85 8.57
N GLY E 116 39.52 41.15 8.64
CA GLY E 116 38.73 41.87 7.66
C GLY E 116 37.33 42.23 8.13
N ARG E 117 36.92 41.75 9.29
CA ARG E 117 35.58 42.03 9.83
C ARG E 117 35.68 42.96 11.02
N PRO E 118 34.97 44.08 11.02
CA PRO E 118 34.97 44.96 12.19
C PRO E 118 34.33 44.28 13.37
N SER E 119 34.60 44.81 14.55
CA SER E 119 33.97 44.34 15.79
C SER E 119 32.96 45.37 16.27
N TYR E 120 31.90 44.87 16.89
CA TYR E 120 30.82 45.72 17.34
C TYR E 120 30.52 45.48 18.81
N LEU E 121 30.18 46.57 19.49
CA LEU E 121 29.66 46.51 20.86
C LEU E 121 28.19 46.89 20.82
N VAL E 122 27.35 46.01 21.36
CA VAL E 122 25.94 46.30 21.51
C VAL E 122 25.63 46.24 22.99
N VAL E 123 25.07 47.32 23.52
CA VAL E 123 24.68 47.39 24.92
C VAL E 123 23.20 47.04 24.99
N ASN E 124 22.89 46.02 25.78
CA ASN E 124 21.51 45.57 25.94
C ASN E 124 20.83 46.44 26.98
N GLY E 125 20.27 47.55 26.51
CA GLY E 125 19.43 48.37 27.35
C GLY E 125 17.98 47.99 27.32
N ASP E 126 17.60 47.04 26.47
CA ASP E 126 16.30 46.40 26.59
C ASP E 126 16.22 45.74 27.96
N GLU E 127 15.29 46.21 28.78
CA GLU E 127 15.22 45.78 30.18
C GLU E 127 13.89 45.08 30.46
N SER E 128 13.19 44.65 29.42
CA SER E 128 11.98 43.87 29.60
C SER E 128 12.25 42.69 30.52
N GLU E 129 11.58 42.73 31.66
CA GLU E 129 11.50 41.66 32.64
C GLU E 129 10.37 42.07 33.58
N PRO E 130 9.42 41.17 33.87
CA PRO E 130 8.25 41.57 34.66
C PRO E 130 8.57 42.18 36.01
N GLY E 131 9.72 41.91 36.60
CA GLY E 131 9.96 42.48 37.91
C GLY E 131 11.03 43.55 37.94
N THR E 132 11.71 43.77 36.82
CA THR E 132 12.92 44.59 36.81
C THR E 132 12.61 45.97 36.26
N CYS E 133 12.95 47.00 37.03
CA CYS E 133 12.84 48.38 36.60
C CYS E 133 14.17 49.13 36.66
N LYS E 134 15.25 48.45 37.04
CA LYS E 134 16.48 49.11 37.47
C LYS E 134 17.19 49.82 36.33
N ASP E 135 17.09 49.29 35.11
CA ASP E 135 17.87 49.80 34.00
C ASP E 135 17.36 51.17 33.55
N ARG E 136 16.05 51.42 33.75
CA ARG E 136 15.45 52.67 33.32
C ARG E 136 16.03 53.86 34.09
N GLU E 137 16.25 53.70 35.39
CA GLU E 137 16.85 54.78 36.16
C GLU E 137 18.26 55.09 35.66
N ILE E 138 19.04 54.06 35.35
CA ILE E 138 20.38 54.30 34.83
C ILE E 138 20.31 55.06 33.51
N MET E 139 19.42 54.64 32.62
CA MET E 139 19.33 55.31 31.32
C MET E 139 18.89 56.76 31.47
N ARG E 140 17.99 57.05 32.39
CA ARG E 140 17.44 58.39 32.45
C ARG E 140 18.23 59.34 33.34
N HIS E 141 18.92 58.84 34.37
CA HIS E 141 19.60 59.71 35.31
C HIS E 141 21.13 59.63 35.27
N GLU E 142 21.70 58.55 34.75
CA GLU E 142 23.15 58.46 34.50
C GLU E 142 23.38 58.07 33.05
N PRO E 143 23.06 58.95 32.10
CA PRO E 143 23.33 58.61 30.70
C PRO E 143 24.81 58.62 30.39
N HIS E 144 25.57 59.54 30.99
CA HIS E 144 26.96 59.70 30.61
C HIS E 144 27.86 58.61 31.18
N LYS E 145 27.51 58.05 32.34
CA LYS E 145 28.25 56.90 32.82
C LYS E 145 28.13 55.75 31.84
N LEU E 146 26.94 55.55 31.28
CA LEU E 146 26.76 54.48 30.32
C LEU E 146 27.56 54.71 29.05
N VAL E 147 27.57 55.94 28.54
CA VAL E 147 28.31 56.25 27.32
C VAL E 147 29.81 56.08 27.54
N GLU E 148 30.31 56.57 28.67
CA GLU E 148 31.73 56.43 28.96
C GLU E 148 32.10 54.97 29.14
N GLY E 149 31.22 54.19 29.79
CA GLY E 149 31.44 52.76 29.89
C GLY E 149 31.45 52.07 28.53
N CYS E 150 30.57 52.49 27.62
CA CYS E 150 30.59 51.93 26.27
C CYS E 150 31.93 52.21 25.60
N LEU E 151 32.44 53.42 25.77
CA LEU E 151 33.76 53.73 25.22
C LEU E 151 34.81 52.81 25.80
N VAL E 152 34.81 52.65 27.12
CA VAL E 152 35.83 51.84 27.78
C VAL E 152 35.75 50.40 27.32
N ALA E 153 34.54 49.83 27.27
CA ALA E 153 34.40 48.43 26.91
C ALA E 153 34.68 48.19 25.44
N GLY E 154 34.29 49.12 24.56
CA GLY E 154 34.62 48.99 23.16
C GLY E 154 36.11 49.03 22.92
N THR E 155 36.83 49.90 23.64
CA THR E 155 38.29 49.87 23.57
C THR E 155 38.86 48.58 24.12
N ALA E 156 38.26 48.06 25.21
CA ALA E 156 38.75 46.81 25.79
C ALA E 156 38.58 45.63 24.84
N MET E 157 37.55 45.65 24.02
CA MET E 157 37.26 44.58 23.08
C MET E 157 37.62 44.91 21.64
N GLY E 158 38.17 46.09 21.39
CA GLY E 158 38.54 46.46 20.02
C GLY E 158 37.37 46.60 19.06
N ALA E 159 36.27 47.18 19.52
CA ALA E 159 35.08 47.35 18.70
C ALA E 159 35.13 48.75 18.10
N ARG E 160 35.12 48.82 16.77
CA ARG E 160 35.11 50.11 16.09
C ARG E 160 33.82 50.89 16.39
N ALA E 161 32.67 50.23 16.33
CA ALA E 161 31.40 50.90 16.47
C ALA E 161 30.58 50.27 17.59
N GLY E 162 29.66 51.05 18.13
CA GLY E 162 28.82 50.60 19.22
C GLY E 162 27.38 51.00 19.01
N TYR E 163 26.47 50.12 19.44
CA TYR E 163 25.04 50.37 19.38
C TYR E 163 24.44 50.20 20.77
N ILE E 164 23.67 51.19 21.22
CA ILE E 164 22.96 51.12 22.49
C ILE E 164 21.51 50.79 22.16
N TYR E 165 21.14 49.52 22.34
CA TYR E 165 19.76 49.11 22.15
C TYR E 165 18.92 49.58 23.32
N ILE E 166 17.82 50.25 23.03
CA ILE E 166 16.91 50.73 24.07
C ILE E 166 15.50 50.25 23.76
N ARG E 167 14.72 50.00 24.81
CA ARG E 167 13.33 49.64 24.67
C ARG E 167 12.57 50.75 23.94
N GLY E 168 11.69 50.34 23.02
CA GLY E 168 10.89 51.32 22.29
C GLY E 168 9.97 52.12 23.18
N GLU E 169 9.48 51.50 24.27
CA GLU E 169 8.62 52.21 25.21
C GLU E 169 9.36 53.33 25.92
N PHE E 170 10.68 53.24 26.03
CA PHE E 170 11.49 54.23 26.74
C PHE E 170 11.89 55.40 25.84
N VAL E 171 10.88 56.15 25.42
CA VAL E 171 11.13 57.27 24.51
C VAL E 171 11.95 58.35 25.21
N ASN E 172 11.54 58.73 26.42
CA ASN E 172 12.23 59.80 27.14
C ASN E 172 13.62 59.36 27.57
N GLU E 173 13.76 58.11 28.02
CA GLU E 173 15.08 57.59 28.37
C GLU E 173 15.98 57.57 27.15
N ARG E 174 15.43 57.21 26.00
CA ARG E 174 16.19 57.25 24.75
C ARG E 174 16.60 58.67 24.43
N LYS E 175 15.71 59.65 24.65
CA LYS E 175 16.08 61.04 24.41
C LYS E 175 17.24 61.47 25.29
N ALA E 176 17.21 61.05 26.56
CA ALA E 176 18.32 61.36 27.47
C ALA E 176 19.62 60.74 26.97
N VAL E 177 19.58 59.47 26.58
CA VAL E 177 20.79 58.80 26.11
C VAL E 177 21.31 59.45 24.83
N GLU E 178 20.41 59.81 23.91
CA GLU E 178 20.82 60.47 22.69
C GLU E 178 21.46 61.82 22.95
N ARG E 179 20.89 62.59 23.89
CA ARG E 179 21.51 63.86 24.26
C ARG E 179 22.90 63.64 24.85
N ALA E 180 23.06 62.61 25.68
CA ALA E 180 24.39 62.30 26.22
C ALA E 180 25.38 61.97 25.11
N VAL E 181 24.94 61.17 24.15
CA VAL E 181 25.81 60.79 23.03
C VAL E 181 26.20 62.03 22.22
N ALA E 182 25.23 62.90 21.96
CA ALA E 182 25.52 64.11 21.19
C ALA E 182 26.51 65.00 21.94
N GLU E 183 26.34 65.14 23.25
CA GLU E 183 27.26 65.95 24.04
C GLU E 183 28.67 65.37 24.02
N ALA E 184 28.77 64.04 24.17
CA ALA E 184 30.09 63.39 24.15
C ALA E 184 30.76 63.57 22.80
N TYR E 185 29.98 63.49 21.71
CA TYR E 185 30.52 63.79 20.39
C TYR E 185 30.97 65.25 20.30
N ALA E 186 30.19 66.16 20.87
CA ALA E 186 30.52 67.58 20.79
C ALA E 186 31.83 67.90 21.47
N LYS E 187 32.09 67.32 22.64
CA LYS E 187 33.36 67.57 23.33
C LYS E 187 34.48 66.64 22.88
N GLY E 188 34.24 65.80 21.87
CA GLY E 188 35.28 64.92 21.40
C GLY E 188 35.53 63.70 22.24
N TYR E 189 34.67 63.43 23.22
CA TYR E 189 34.79 62.20 24.01
C TYR E 189 34.60 60.96 23.15
N LEU E 190 33.82 61.07 22.07
CA LEU E 190 33.59 59.98 21.15
C LEU E 190 34.06 60.36 19.75
N GLY E 191 34.23 59.34 18.91
CA GLY E 191 34.67 59.54 17.56
C GLY E 191 36.13 59.16 17.36
N LYS E 192 36.70 59.65 16.27
CA LYS E 192 38.13 59.48 16.02
C LYS E 192 38.93 60.23 17.09
N ASN E 193 40.03 59.59 17.52
CA ASN E 193 40.89 60.13 18.58
C ASN E 193 40.06 60.45 19.82
N ALA E 194 39.23 59.49 20.21
CA ALA E 194 38.28 59.68 21.29
C ALA E 194 39.00 59.96 22.61
N CYS E 195 38.60 61.04 23.28
CA CYS E 195 39.14 61.44 24.58
C CYS E 195 40.61 61.81 24.51
N GLY E 196 41.15 62.03 23.31
CA GLY E 196 42.55 62.36 23.14
C GLY E 196 43.47 61.19 22.94
N SER E 197 43.01 59.97 23.17
CA SER E 197 43.81 58.78 22.92
C SER E 197 43.67 58.34 21.47
N GLY E 198 44.69 57.63 20.99
CA GLY E 198 44.70 57.17 19.62
C GLY E 198 43.80 55.98 19.36
N VAL E 199 42.51 56.12 19.71
CA VAL E 199 41.52 55.08 19.54
C VAL E 199 40.29 55.71 18.89
N ASP E 200 39.57 54.91 18.11
CA ASP E 200 38.44 55.40 17.33
C ASP E 200 37.21 54.57 17.69
N PHE E 201 36.18 55.25 18.16
CA PHE E 201 34.95 54.57 18.58
C PHE E 201 33.76 55.47 18.25
N ASP E 202 32.79 54.91 17.54
CA ASP E 202 31.54 55.60 17.22
C ASP E 202 30.38 54.88 17.86
N LEU E 203 29.47 55.65 18.46
CA LEU E 203 28.36 55.11 19.23
C LEU E 203 27.05 55.52 18.59
N PHE E 204 26.13 54.57 18.45
CA PHE E 204 24.79 54.82 17.94
C PHE E 204 23.76 54.32 18.94
N VAL E 205 22.58 54.94 18.90
CA VAL E 205 21.47 54.57 19.77
C VAL E 205 20.37 54.00 18.87
N HIS E 206 20.05 52.73 19.06
CA HIS E 206 19.01 52.05 18.32
C HIS E 206 17.91 51.64 19.30
N TYR E 207 16.68 51.62 18.82
CA TYR E 207 15.52 51.33 19.66
C TYR E 207 14.60 50.34 18.98
N GLY E 208 14.07 49.41 19.77
CA GLY E 208 13.14 48.41 19.28
C GLY E 208 11.71 48.92 19.24
N ALA E 209 10.80 47.98 18.99
CA ALA E 209 9.37 48.30 18.93
C ALA E 209 8.56 47.53 19.97
N GLY E 210 9.21 46.89 20.93
CA GLY E 210 8.51 46.26 22.03
C GLY E 210 8.41 44.76 21.90
N ALA E 211 9.28 44.05 22.60
CA ALA E 211 9.29 42.60 22.65
C ALA E 211 10.21 42.13 23.75
N TYR E 212 9.71 41.29 24.65
CA TYR E 212 10.55 40.76 25.72
C TYR E 212 11.66 39.89 25.17
N ILE E 213 11.40 39.18 24.06
CA ILE E 213 12.41 38.29 23.48
C ILE E 213 13.61 39.08 22.96
N CYS E 214 13.41 40.33 22.55
CA CYS E 214 14.50 41.11 21.98
C CYS E 214 15.59 41.44 22.98
N GLY E 215 15.45 41.02 24.24
CA GLY E 215 16.52 41.18 25.20
C GLY E 215 17.56 40.09 25.13
N GLU E 216 17.21 38.94 24.57
CA GLU E 216 18.16 37.85 24.40
C GLU E 216 19.22 38.27 23.39
N GLU E 217 20.45 37.75 23.57
CA GLU E 217 21.59 38.25 22.83
C GLU E 217 21.40 38.10 21.32
N THR E 218 21.05 36.90 20.87
CA THR E 218 20.93 36.67 19.42
C THR E 218 19.67 37.30 18.87
N ALA E 219 18.57 37.27 19.63
CA ALA E 219 17.33 37.86 19.14
C ALA E 219 17.46 39.37 19.04
N LEU E 220 18.22 39.99 19.95
CA LEU E 220 18.51 41.41 19.85
C LEU E 220 19.29 41.71 18.58
N ILE E 221 20.27 40.88 18.26
CA ILE E 221 21.06 41.09 17.04
C ILE E 221 20.16 40.98 15.82
N GLU E 222 19.29 39.96 15.79
CA GLU E 222 18.38 39.82 14.65
C GLU E 222 17.46 41.03 14.53
N SER E 223 16.94 41.52 15.65
CA SER E 223 16.08 42.70 15.62
C SER E 223 16.82 43.92 15.10
N LEU E 224 18.07 44.11 15.54
CA LEU E 224 18.81 45.29 15.10
C LEU E 224 19.22 45.18 13.64
N GLU E 225 19.43 43.95 13.14
CA GLU E 225 19.72 43.77 11.72
C GLU E 225 18.54 44.18 10.85
N GLY E 226 17.32 44.03 11.35
CA GLY E 226 16.13 44.43 10.63
C GLY E 226 15.12 43.32 10.44
N LYS E 227 15.34 42.14 11.00
CA LYS E 227 14.42 41.01 10.86
C LYS E 227 13.59 40.87 12.12
N GLN E 228 12.78 39.81 12.19
CA GLN E 228 12.04 39.52 13.40
C GLN E 228 13.00 39.16 14.53
N GLY E 229 12.64 39.56 15.74
CA GLY E 229 13.51 39.31 16.87
C GLY E 229 13.41 37.87 17.35
N LYS E 230 13.90 36.94 16.54
CA LYS E 230 13.87 35.53 16.87
C LYS E 230 15.27 35.03 17.18
N PRO E 231 15.49 34.39 18.32
CA PRO E 231 16.86 34.01 18.70
C PRO E 231 17.48 33.06 17.69
N ARG E 232 18.80 33.15 17.56
CA ARG E 232 19.58 32.28 16.70
C ARG E 232 20.15 31.14 17.52
N LEU E 233 20.21 29.96 16.91
CA LEU E 233 20.82 28.80 17.56
C LEU E 233 22.26 29.13 17.93
N LYS E 234 22.62 28.84 19.17
CA LYS E 234 23.91 29.18 19.79
C LYS E 234 25.17 28.49 19.30
N PRO E 235 25.16 27.30 18.69
CA PRO E 235 26.42 26.67 18.27
C PRO E 235 27.29 27.58 17.43
N PRO E 236 26.71 28.47 16.60
CA PRO E 236 27.48 29.68 16.21
C PRO E 236 27.40 30.73 17.30
N PHE E 237 28.54 31.18 17.77
CA PHE E 237 28.43 32.05 18.93
C PHE E 237 28.60 33.51 18.52
N PRO E 238 27.95 34.44 19.23
CA PRO E 238 27.99 35.85 18.81
C PRO E 238 29.40 36.42 18.75
N ALA E 239 30.32 35.94 19.60
CA ALA E 239 31.71 36.38 19.49
C ALA E 239 32.30 35.95 18.16
N GLY E 240 31.96 34.74 17.71
CA GLY E 240 32.42 34.30 16.41
C GLY E 240 31.71 35.02 15.26
N MET E 241 30.38 34.99 15.27
CA MET E 241 29.60 35.62 14.22
C MET E 241 28.41 36.32 14.85
N GLY E 242 28.30 37.63 14.65
CA GLY E 242 27.22 38.40 15.25
C GLY E 242 26.53 39.36 14.31
N LEU E 243 26.47 40.63 14.70
CA LEU E 243 25.80 41.65 13.91
C LEU E 243 26.47 41.82 12.56
N TYR E 244 25.68 41.69 11.48
CA TYR E 244 26.19 41.74 10.11
C TYR E 244 27.26 40.69 9.87
N GLY E 245 27.19 39.57 10.59
CA GLY E 245 28.17 38.52 10.44
C GLY E 245 29.50 38.81 11.09
N CYS E 246 29.59 39.85 11.92
CA CYS E 246 30.86 40.28 12.49
C CYS E 246 30.89 40.03 14.00
N PRO E 247 32.08 39.82 14.57
CA PRO E 247 32.19 39.58 16.01
C PRO E 247 31.54 40.68 16.86
N THR E 248 30.64 40.27 17.76
CA THR E 248 29.92 41.19 18.60
C THR E 248 29.86 40.65 20.02
N THR E 249 29.66 41.56 20.98
CA THR E 249 29.40 41.21 22.37
C THR E 249 28.20 42.00 22.85
N VAL E 250 27.27 41.33 23.51
CA VAL E 250 26.08 41.96 24.08
C VAL E 250 26.23 41.98 25.59
N THR E 251 26.22 43.19 26.17
CA THR E 251 26.34 43.38 27.60
C THR E 251 25.30 44.36 28.11
N ASN E 252 24.92 44.20 29.37
CA ASN E 252 23.88 45.02 29.98
C ASN E 252 24.39 46.43 30.27
N VAL E 253 23.44 47.35 30.41
CA VAL E 253 23.80 48.73 30.72
C VAL E 253 24.53 48.80 32.06
N GLU E 254 24.10 47.99 33.02
CA GLU E 254 24.65 48.10 34.37
C GLU E 254 26.12 47.66 34.41
N THR E 255 26.45 46.56 33.72
CA THR E 255 27.84 46.12 33.66
C THR E 255 28.72 47.15 32.96
N VAL E 256 28.22 47.68 31.85
CA VAL E 256 28.96 48.69 31.09
C VAL E 256 29.17 49.95 31.93
N ALA E 257 28.15 50.33 32.70
CA ALA E 257 28.28 51.53 33.53
C ALA E 257 29.23 51.31 34.70
N VAL E 258 29.21 50.12 35.31
CA VAL E 258 30.08 49.88 36.45
C VAL E 258 31.53 49.67 36.04
N SER E 259 31.80 49.23 34.82
CA SER E 259 33.19 48.96 34.45
C SER E 259 34.12 50.17 34.58
N PRO E 260 33.78 51.37 34.10
CA PRO E 260 34.76 52.48 34.17
C PRO E 260 35.15 52.84 35.58
N THR E 261 34.20 52.88 36.51
CA THR E 261 34.54 53.19 37.89
C THR E 261 35.29 52.04 38.54
N ILE E 262 35.06 50.80 38.07
CA ILE E 262 35.88 49.69 38.51
C ILE E 262 37.33 49.94 38.13
N LEU E 263 37.56 50.44 36.92
CA LEU E 263 38.93 50.77 36.52
C LEU E 263 39.46 51.99 37.25
N ARG E 264 38.58 52.90 37.68
CA ARG E 264 39.02 54.07 38.43
C ARG E 264 39.19 53.76 39.91
N ARG E 265 38.13 53.31 40.58
CA ARG E 265 38.20 53.07 42.02
C ARG E 265 39.18 51.95 42.36
N GLY E 266 39.15 50.87 41.58
CA GLY E 266 40.05 49.75 41.79
C GLY E 266 39.35 48.42 41.95
N PRO E 267 39.92 47.38 41.34
CA PRO E 267 39.31 46.05 41.44
C PRO E 267 39.26 45.50 42.85
N GLU E 268 40.24 45.81 43.70
CA GLU E 268 40.19 45.34 45.08
C GLU E 268 39.02 45.94 45.84
N TRP E 269 38.77 47.23 45.63
CA TRP E 269 37.62 47.88 46.25
C TRP E 269 36.31 47.22 45.80
N PHE E 270 36.20 46.92 44.51
CA PHE E 270 35.01 46.25 44.00
C PHE E 270 34.88 44.85 44.59
N SER E 271 36.01 44.15 44.75
CA SER E 271 36.00 42.78 45.23
C SER E 271 35.67 42.68 46.72
N SER E 272 35.98 43.73 47.49
CA SER E 272 35.88 43.65 48.95
C SER E 272 34.46 43.37 49.41
N PHE E 273 33.47 43.97 48.75
CA PHE E 273 32.13 44.06 49.32
C PHE E 273 31.47 42.70 49.49
N GLY E 274 31.44 41.88 48.44
CA GLY E 274 30.72 40.64 48.45
C GLY E 274 31.54 39.49 49.01
N ARG E 275 31.04 38.27 48.80
CA ARG E 275 31.77 37.08 49.21
C ARG E 275 32.71 36.63 48.10
N LYS E 276 33.29 35.44 48.27
CA LYS E 276 34.16 34.88 47.25
C LYS E 276 33.35 34.53 46.00
N ASN E 277 33.90 34.89 44.83
CA ASN E 277 33.30 34.64 43.52
C ASN E 277 32.11 35.56 43.26
N ASN E 278 31.64 36.26 44.29
CA ASN E 278 30.49 37.16 44.19
C ASN E 278 30.89 38.44 44.90
N ALA E 279 31.51 39.37 44.16
CA ALA E 279 32.28 40.44 44.76
C ALA E 279 31.57 41.79 44.82
N GLY E 280 30.91 42.20 43.74
CA GLY E 280 30.49 43.58 43.58
C GLY E 280 29.22 43.97 44.31
N THR E 281 28.89 45.25 44.18
CA THR E 281 27.59 45.78 44.55
C THR E 281 26.63 45.65 43.37
N LYS E 282 25.34 45.59 43.68
CA LYS E 282 24.33 45.39 42.65
C LYS E 282 23.11 46.23 43.00
N LEU E 283 22.36 46.63 41.96
CA LEU E 283 21.20 47.50 42.11
C LEU E 283 19.97 46.65 42.39
N PHE E 284 19.42 46.79 43.59
CA PHE E 284 18.26 46.00 44.01
C PHE E 284 16.99 46.83 43.86
N ALA E 285 16.04 46.32 43.09
CA ALA E 285 14.76 46.99 42.87
C ALA E 285 13.69 46.23 43.66
N ILE E 286 13.31 46.77 44.81
CA ILE E 286 12.31 46.15 45.66
C ILE E 286 10.93 46.60 45.19
N SER E 287 10.05 45.65 44.91
CA SER E 287 8.70 45.94 44.45
C SER E 287 7.73 45.00 45.14
N GLY E 288 6.45 45.29 44.99
CA GLY E 288 5.41 44.46 45.56
C GLY E 288 4.82 44.98 46.85
N HIS E 289 4.38 44.09 47.72
CA HIS E 289 3.74 44.47 48.98
C HIS E 289 4.81 44.80 50.01
N VAL E 290 5.38 45.99 49.87
CA VAL E 290 6.32 46.55 50.84
C VAL E 290 5.86 47.95 51.21
N ASN E 291 6.24 48.38 52.42
CA ASN E 291 5.81 49.70 52.88
C ASN E 291 6.31 50.80 51.97
N ARG E 292 7.57 50.73 51.55
CA ARG E 292 8.10 51.67 50.55
C ARG E 292 8.79 50.88 49.46
N PRO E 293 8.24 50.83 48.25
CA PRO E 293 8.98 50.25 47.12
C PRO E 293 10.09 51.19 46.68
N VAL E 294 11.30 50.65 46.57
CA VAL E 294 12.48 51.46 46.32
C VAL E 294 13.38 50.74 45.34
N THR E 295 14.12 51.52 44.56
CA THR E 295 15.31 51.01 43.87
C THR E 295 16.54 51.53 44.60
N VAL E 296 17.44 50.63 44.97
CA VAL E 296 18.58 50.97 45.81
C VAL E 296 19.78 50.16 45.37
N GLU E 297 20.97 50.70 45.66
CA GLU E 297 22.22 50.00 45.43
C GLU E 297 22.74 49.45 46.75
N GLU E 298 23.14 48.17 46.72
CA GLU E 298 23.63 47.50 47.92
C GLU E 298 24.66 46.48 47.50
N GLU E 299 25.59 46.17 48.41
CA GLU E 299 26.52 45.10 48.15
C GLU E 299 25.79 43.76 48.11
N MET E 300 26.27 42.86 47.26
CA MET E 300 25.68 41.54 47.23
C MET E 300 26.03 40.78 48.52
N SER E 301 25.28 39.72 48.77
CA SER E 301 25.35 38.91 49.98
C SER E 301 24.76 39.61 51.20
N ILE E 302 23.89 40.59 51.00
CA ILE E 302 23.05 41.10 52.09
C ILE E 302 21.94 40.09 52.36
N PRO E 303 21.53 39.88 53.61
CA PRO E 303 20.34 39.06 53.85
C PRO E 303 19.10 39.71 53.24
N LEU E 304 18.23 38.86 52.68
CA LEU E 304 17.01 39.38 52.07
C LEU E 304 16.11 40.05 53.09
N ARG E 305 16.00 39.47 54.28
CA ARG E 305 15.23 40.12 55.34
C ARG E 305 15.79 41.49 55.69
N GLU E 306 17.12 41.59 55.79
CA GLU E 306 17.74 42.87 56.10
C GLU E 306 17.44 43.90 55.01
N LEU E 307 17.57 43.50 53.74
CA LEU E 307 17.28 44.40 52.64
C LEU E 307 15.85 44.90 52.70
N ILE E 308 14.89 43.98 52.82
CA ILE E 308 13.48 44.34 52.81
C ILE E 308 13.17 45.23 54.01
N GLU E 309 13.73 44.93 55.17
CA GLU E 309 13.37 45.67 56.37
C GLU E 309 14.00 47.05 56.41
N ARG E 310 15.24 47.19 55.91
CA ARG E 310 15.91 48.48 55.98
C ARG E 310 15.52 49.40 54.82
N HIS E 311 15.64 48.92 53.58
CA HIS E 311 15.41 49.82 52.47
C HIS E 311 13.95 49.88 52.03
N ALA E 312 13.24 48.77 52.07
CA ALA E 312 11.85 48.75 51.63
C ALA E 312 10.88 49.14 52.73
N GLY E 313 11.36 49.38 53.95
CA GLY E 313 10.48 49.73 55.04
C GLY E 313 9.77 48.57 55.69
N GLY E 314 10.07 47.34 55.28
CA GLY E 314 9.39 46.17 55.79
C GLY E 314 8.19 45.77 54.97
N VAL E 315 7.77 44.52 55.15
CA VAL E 315 6.64 43.98 54.41
C VAL E 315 5.35 44.56 54.96
N ARG E 316 4.40 44.88 54.08
CA ARG E 316 3.12 45.44 54.49
C ARG E 316 2.44 44.50 55.48
N GLY E 317 2.32 44.91 56.73
CA GLY E 317 1.80 44.04 57.76
C GLY E 317 2.84 43.26 58.53
N GLY E 318 4.12 43.59 58.38
CA GLY E 318 5.18 42.94 59.11
C GLY E 318 5.74 41.72 58.39
N TRP E 319 6.90 41.27 58.90
CA TRP E 319 7.53 40.08 58.33
C TRP E 319 6.66 38.84 58.47
N ASP E 320 5.88 38.77 59.54
CA ASP E 320 4.93 37.67 59.70
C ASP E 320 4.00 37.52 58.50
N ASN E 321 3.69 38.62 57.83
CA ASN E 321 2.73 38.64 56.73
C ASN E 321 3.45 38.41 55.39
N LEU E 322 4.05 37.21 55.27
CA LEU E 322 4.72 36.79 54.04
C LEU E 322 4.19 35.44 53.59
N LEU E 323 3.65 35.40 52.37
CA LEU E 323 3.38 34.13 51.72
C LEU E 323 4.58 33.65 50.94
N ALA E 324 5.15 34.49 50.07
CA ALA E 324 6.31 34.11 49.28
C ALA E 324 6.99 35.38 48.76
N ILE E 325 8.22 35.19 48.29
CA ILE E 325 9.01 36.27 47.70
C ILE E 325 9.69 35.73 46.45
N ILE E 326 9.52 36.43 45.32
CA ILE E 326 10.24 36.12 44.09
C ILE E 326 11.54 36.93 44.11
N PRO E 327 12.70 36.29 44.20
CA PRO E 327 13.93 37.06 44.47
C PRO E 327 14.51 37.75 43.25
N GLY E 328 14.49 37.10 42.09
CA GLY E 328 15.28 37.56 40.97
C GLY E 328 14.51 37.91 39.72
N GLY E 329 13.34 38.52 39.88
CA GLY E 329 12.42 38.70 38.77
C GLY E 329 11.64 37.44 38.49
N SER E 330 10.75 37.53 37.50
CA SER E 330 9.74 36.49 37.33
C SER E 330 10.32 35.21 36.74
N SER E 331 11.48 35.27 36.09
CA SER E 331 12.05 34.08 35.47
C SER E 331 12.42 33.03 36.51
N VAL E 332 12.99 33.46 37.63
CA VAL E 332 13.50 32.54 38.63
C VAL E 332 12.37 32.00 39.49
N PRO E 333 12.51 30.80 40.05
CA PRO E 333 11.47 30.28 40.94
C PRO E 333 11.33 31.12 42.21
N LEU E 334 10.12 31.15 42.74
CA LEU E 334 9.83 31.87 43.98
C LEU E 334 10.34 31.10 45.19
N LEU E 335 10.54 31.82 46.28
CA LEU E 335 10.95 31.24 47.55
C LEU E 335 9.89 31.45 48.61
N PRO E 336 9.54 30.42 49.38
CA PRO E 336 8.58 30.60 50.48
C PRO E 336 9.23 31.32 51.66
N LYS E 337 8.36 31.83 52.54
CA LYS E 337 8.80 32.58 53.72
C LYS E 337 9.90 31.86 54.49
N LYS E 338 9.72 30.56 54.73
CA LYS E 338 10.70 29.80 55.50
C LYS E 338 12.09 29.89 54.89
N MET E 339 12.20 29.68 53.57
CA MET E 339 13.49 29.85 52.92
C MET E 339 13.94 31.30 52.93
N CYS E 340 13.00 32.24 52.78
CA CYS E 340 13.33 33.65 52.80
C CYS E 340 13.88 34.12 54.15
N ASP E 341 13.66 33.34 55.20
CA ASP E 341 14.19 33.70 56.52
C ASP E 341 15.71 33.75 56.54
N ASP E 342 16.37 32.69 56.10
CA ASP E 342 17.82 32.59 56.19
C ASP E 342 18.52 32.82 54.84
N VAL E 343 17.77 33.06 53.77
CA VAL E 343 18.37 33.15 52.44
C VAL E 343 19.22 34.40 52.33
N ILE E 344 20.33 34.30 51.60
CA ILE E 344 21.26 35.40 51.44
C ILE E 344 21.22 35.82 49.97
N MET E 345 21.30 37.12 49.72
CA MET E 345 21.12 37.67 48.38
C MET E 345 22.40 37.54 47.56
N ASP E 346 22.59 36.35 46.99
CA ASP E 346 23.78 36.10 46.19
C ASP E 346 23.42 35.16 45.04
N PHE E 347 24.36 35.05 44.08
CA PHE E 347 24.14 34.17 42.93
C PHE E 347 24.15 32.70 43.35
N ASP E 348 25.31 32.24 43.83
CA ASP E 348 25.49 30.82 44.10
C ASP E 348 24.55 30.32 45.19
N ALA E 349 24.31 31.15 46.20
CA ALA E 349 23.44 30.73 47.30
C ALA E 349 21.99 30.56 46.83
N LEU E 350 21.48 31.52 46.04
CA LEU E 350 20.16 31.34 45.44
C LEU E 350 20.14 30.14 44.50
N ARG E 351 21.27 29.81 43.87
CA ARG E 351 21.31 28.56 43.13
C ARG E 351 21.14 27.36 44.06
N THR E 352 21.78 27.41 45.24
CA THR E 352 21.61 26.34 46.22
C THR E 352 20.18 26.29 46.75
N ALA E 353 19.50 27.43 46.81
CA ALA E 353 18.12 27.49 47.26
C ALA E 353 17.12 27.26 46.12
N GLN E 354 17.57 26.66 45.03
CA GLN E 354 16.70 26.26 43.92
C GLN E 354 15.99 27.48 43.32
N SER E 355 16.73 28.57 43.18
CA SER E 355 16.27 29.81 42.57
C SER E 355 17.49 30.46 41.91
N GLY E 356 17.39 31.75 41.61
CA GLY E 356 18.52 32.45 41.02
C GLY E 356 18.37 33.94 41.12
N LEU E 357 19.51 34.63 41.16
CA LEU E 357 19.54 36.08 41.14
C LEU E 357 19.79 36.54 39.69
N GLY E 358 18.78 36.33 38.85
CA GLY E 358 18.88 36.81 37.49
C GLY E 358 19.05 38.31 37.43
N THR E 359 18.03 39.03 37.88
CA THR E 359 18.12 40.47 38.11
C THR E 359 17.70 40.74 39.55
N ALA E 360 18.31 41.76 40.14
CA ALA E 360 17.97 42.08 41.52
C ALA E 360 16.60 42.74 41.57
N ALA E 361 15.57 41.97 41.26
CA ALA E 361 14.19 42.43 41.18
C ALA E 361 13.38 41.56 42.14
N VAL E 362 13.35 41.97 43.40
CA VAL E 362 12.72 41.19 44.46
C VAL E 362 11.27 41.63 44.62
N ILE E 363 10.36 40.66 44.55
CA ILE E 363 8.91 40.91 44.60
C ILE E 363 8.36 40.23 45.83
N VAL E 364 7.65 40.99 46.66
CA VAL E 364 7.17 40.52 47.96
C VAL E 364 5.66 40.34 47.91
N MET E 365 5.18 39.20 48.42
CA MET E 365 3.76 38.87 48.47
C MET E 365 3.28 38.68 49.91
N ASN E 366 2.12 39.27 50.22
CA ASN E 366 1.51 39.16 51.54
C ASN E 366 0.77 37.82 51.67
N LYS E 367 0.30 37.55 52.89
CA LYS E 367 -0.64 36.44 53.06
C LYS E 367 -1.91 36.66 52.26
N ASP E 368 -2.33 37.92 52.09
CA ASP E 368 -3.55 38.21 51.34
C ASP E 368 -3.40 37.83 49.88
N THR E 369 -2.18 37.90 49.34
CA THR E 369 -1.95 37.65 47.93
C THR E 369 -2.35 36.22 47.57
N ASP E 370 -2.94 36.06 46.39
CA ASP E 370 -3.20 34.74 45.82
C ASP E 370 -2.03 34.38 44.90
N VAL E 371 -1.18 33.45 45.36
CA VAL E 371 0.00 33.08 44.57
C VAL E 371 -0.41 32.48 43.24
N ILE E 372 -1.53 31.74 43.22
CA ILE E 372 -1.96 31.06 42.01
C ILE E 372 -2.23 32.06 40.90
N ASP E 373 -2.89 33.18 41.24
CA ASP E 373 -3.26 34.16 40.23
C ASP E 373 -2.03 34.88 39.71
N ALA E 374 -1.08 35.19 40.58
CA ALA E 374 0.15 35.85 40.13
C ALA E 374 0.96 34.94 39.23
N ILE E 375 1.10 33.65 39.59
CA ILE E 375 1.85 32.74 38.74
C ILE E 375 1.11 32.49 37.42
N ALA E 376 -0.22 32.50 37.44
CA ALA E 376 -0.97 32.39 36.19
C ALA E 376 -0.75 33.61 35.30
N ARG E 377 -0.65 34.79 35.92
CA ARG E 377 -0.34 35.99 35.15
C ARG E 377 1.06 35.93 34.56
N LEU E 378 2.02 35.39 35.30
CA LEU E 378 3.35 35.18 34.74
C LEU E 378 3.33 34.17 33.58
N SER E 379 2.51 33.12 33.70
CA SER E 379 2.38 32.17 32.60
C SER E 379 1.76 32.83 31.38
N TYR E 380 0.78 33.71 31.58
CA TYR E 380 0.24 34.48 30.47
C TYR E 380 1.29 35.39 29.86
N PHE E 381 2.10 36.03 30.70
CA PHE E 381 3.21 36.84 30.21
C PHE E 381 4.11 36.05 29.27
N TYR E 382 4.56 34.87 29.72
CA TYR E 382 5.46 34.07 28.88
C TYR E 382 4.76 33.54 27.65
N LYS E 383 3.47 33.23 27.73
CA LYS E 383 2.75 32.83 26.53
C LYS E 383 2.66 33.98 25.53
N HIS E 384 2.58 35.21 26.04
CA HIS E 384 2.51 36.40 25.18
C HIS E 384 3.87 36.79 24.60
N GLU E 385 4.95 36.50 25.32
CA GLU E 385 6.28 36.93 24.92
C GLU E 385 7.07 35.91 24.12
N SER E 386 6.56 34.70 23.97
CA SER E 386 7.23 33.71 23.14
C SER E 386 7.18 34.16 21.68
N CYS E 387 8.31 34.07 20.98
CA CYS E 387 8.30 34.45 19.57
C CYS E 387 7.62 33.40 18.70
N GLY E 388 7.54 32.16 19.18
CA GLY E 388 6.91 31.09 18.44
C GLY E 388 7.82 30.32 17.51
N GLN E 389 9.14 30.51 17.59
CA GLN E 389 10.03 29.91 16.63
C GLN E 389 10.11 28.39 16.79
N CYS E 390 10.41 27.91 17.99
CA CYS E 390 10.57 26.48 18.23
C CYS E 390 9.30 25.87 18.78
N THR E 391 9.13 24.58 18.50
CA THR E 391 7.92 23.87 18.94
C THR E 391 7.73 23.88 20.45
N PRO E 392 8.73 23.53 21.29
CA PRO E 392 8.42 23.39 22.72
C PRO E 392 7.94 24.67 23.37
N CYS E 393 8.62 25.80 23.14
CA CYS E 393 8.14 27.04 23.73
C CYS E 393 6.79 27.44 23.15
N ARG E 394 6.69 27.44 21.82
CA ARG E 394 5.50 27.97 21.14
C ARG E 394 4.24 27.25 21.60
N GLU E 395 4.33 25.94 21.83
CA GLU E 395 3.15 25.18 22.21
C GLU E 395 3.02 25.01 23.72
N GLY E 396 4.11 24.69 24.41
CA GLY E 396 4.03 24.42 25.83
C GLY E 396 3.76 25.64 26.67
N THR E 397 4.12 26.84 26.21
CA THR E 397 3.82 28.01 27.03
C THR E 397 2.32 28.29 27.05
N GLY E 398 1.66 28.15 25.90
CA GLY E 398 0.21 28.24 25.88
C GLY E 398 -0.46 27.12 26.66
N TRP E 399 0.09 25.90 26.56
CA TRP E 399 -0.42 24.80 27.37
C TRP E 399 -0.31 25.12 28.86
N LEU E 400 0.83 25.65 29.28
CA LEU E 400 1.04 26.00 30.69
C LEU E 400 0.05 27.05 31.13
N TYR E 401 -0.17 28.06 30.29
CA TYR E 401 -1.14 29.10 30.63
C TYR E 401 -2.54 28.51 30.79
N ASP E 402 -2.94 27.63 29.88
CA ASP E 402 -4.28 27.04 29.98
C ASP E 402 -4.43 26.24 31.27
N ILE E 403 -3.43 25.42 31.60
CA ILE E 403 -3.52 24.60 32.80
C ILE E 403 -3.53 25.47 34.06
N MET E 404 -2.69 26.51 34.08
CA MET E 404 -2.69 27.42 35.23
C MET E 404 -4.01 28.16 35.35
N SER E 405 -4.61 28.54 34.22
CA SER E 405 -5.92 29.20 34.29
C SER E 405 -6.98 28.28 34.86
N ARG E 406 -6.97 26.99 34.47
CA ARG E 406 -7.93 26.08 35.07
C ARG E 406 -7.67 25.88 36.57
N MET E 407 -6.39 25.80 36.96
CA MET E 407 -6.07 25.65 38.37
C MET E 407 -6.43 26.89 39.19
N ARG E 408 -6.41 28.07 38.57
CA ARG E 408 -6.78 29.29 39.27
C ARG E 408 -8.23 29.28 39.72
N LYS E 409 -9.06 28.42 39.13
CA LYS E 409 -10.46 28.28 39.50
C LYS E 409 -10.77 26.97 40.19
N GLY E 410 -9.83 26.02 40.23
CA GLY E 410 -10.07 24.72 40.80
C GLY E 410 -10.69 23.71 39.86
N ASP E 411 -10.78 24.02 38.56
CA ASP E 411 -11.42 23.12 37.61
C ASP E 411 -10.65 21.82 37.46
N ALA E 412 -9.33 21.84 37.67
CA ALA E 412 -8.48 20.71 37.40
C ALA E 412 -8.62 19.62 38.46
N ARG E 413 -8.06 18.45 38.18
CA ARG E 413 -7.95 17.35 39.11
C ARG E 413 -6.65 17.43 39.92
N LEU E 414 -6.51 16.51 40.88
CA LEU E 414 -5.28 16.48 41.68
C LEU E 414 -4.08 15.97 40.89
N GLU E 415 -4.29 15.10 39.91
CA GLU E 415 -3.20 14.59 39.09
C GLU E 415 -2.70 15.65 38.11
N GLU E 416 -3.48 16.71 37.91
CA GLU E 416 -3.13 17.76 36.97
C GLU E 416 -1.83 18.43 37.39
N ILE E 417 -1.56 18.48 38.70
CA ILE E 417 -0.31 19.08 39.18
C ILE E 417 0.89 18.27 38.72
N ASP E 418 0.80 16.94 38.84
CA ASP E 418 1.88 16.09 38.36
C ASP E 418 2.04 16.21 36.85
N MET E 419 0.92 16.28 36.12
CA MET E 419 1.01 16.51 34.68
C MET E 419 1.72 17.83 34.38
N LEU E 420 1.41 18.86 35.16
CA LEU E 420 2.00 20.18 34.95
C LEU E 420 3.51 20.13 35.19
N TRP E 421 3.95 19.42 36.24
CA TRP E 421 5.38 19.23 36.46
C TRP E 421 6.02 18.49 35.28
N GLU E 422 5.35 17.47 34.76
CA GLU E 422 5.91 16.73 33.63
C GLU E 422 6.05 17.62 32.40
N ILE E 423 5.06 18.48 32.14
CA ILE E 423 5.13 19.38 31.00
C ILE E 423 6.25 20.39 31.18
N THR E 424 6.42 20.92 32.39
CA THR E 424 7.53 21.84 32.64
C THR E 424 8.87 21.15 32.40
N LYS E 425 8.99 19.89 32.80
CA LYS E 425 10.21 19.14 32.48
C LYS E 425 10.36 18.94 30.98
N GLN E 426 9.26 18.75 30.26
CA GLN E 426 9.33 18.58 28.81
C GLN E 426 9.86 19.84 28.13
N ILE E 427 9.44 21.02 28.59
CA ILE E 427 9.88 22.26 27.94
C ILE E 427 11.36 22.52 28.20
N GLU E 428 11.81 22.33 29.44
CA GLU E 428 13.15 22.75 29.82
C GLU E 428 14.23 22.00 29.04
N GLY E 429 15.19 22.74 28.50
CA GLY E 429 16.33 22.16 27.84
C GLY E 429 16.17 21.85 26.37
N HIS E 430 14.93 21.83 25.87
CA HIS E 430 14.66 21.43 24.50
C HIS E 430 14.27 22.61 23.61
N THR E 431 14.57 23.83 24.05
CA THR E 431 14.24 25.04 23.32
C THR E 431 15.50 25.72 22.81
N ILE E 432 15.32 26.65 21.87
CA ILE E 432 16.46 27.33 21.28
C ILE E 432 17.11 28.27 22.28
N CYS E 433 16.31 29.05 23.00
CA CYS E 433 16.83 29.99 23.97
C CYS E 433 16.26 29.67 25.35
N ALA E 434 16.49 30.56 26.30
CA ALA E 434 16.16 30.33 27.69
C ALA E 434 14.76 30.78 28.06
N LEU E 435 13.98 31.29 27.11
CA LEU E 435 12.62 31.71 27.45
C LEU E 435 11.74 30.51 27.78
N GLY E 436 12.00 29.35 27.19
CA GLY E 436 11.32 28.14 27.64
C GLY E 436 11.64 27.82 29.09
N ASP E 437 12.91 27.92 29.46
CA ASP E 437 13.31 27.70 30.85
C ASP E 437 12.69 28.73 31.77
N ALA E 438 12.67 30.00 31.35
CA ALA E 438 12.08 31.05 32.16
C ALA E 438 10.57 30.91 32.26
N ALA E 439 9.93 30.27 31.29
CA ALA E 439 8.51 29.97 31.42
C ALA E 439 8.27 28.80 32.36
N ALA E 440 9.14 27.79 32.31
CA ALA E 440 8.95 26.61 33.14
C ALA E 440 9.23 26.89 34.61
N TRP E 441 10.22 27.74 34.91
CA TRP E 441 10.70 27.86 36.29
C TRP E 441 9.66 28.37 37.28
N PRO E 442 8.93 29.47 37.04
CA PRO E 442 7.96 29.92 38.05
C PRO E 442 6.90 28.88 38.37
N VAL E 443 6.42 28.16 37.36
CA VAL E 443 5.45 27.12 37.59
C VAL E 443 6.04 25.99 38.44
N GLN E 444 7.29 25.62 38.15
CA GLN E 444 7.95 24.60 38.96
C GLN E 444 8.11 25.05 40.40
N GLY E 445 8.45 26.31 40.61
CA GLY E 445 8.54 26.83 41.98
C GLY E 445 7.21 26.78 42.70
N LEU E 446 6.14 27.13 41.99
CA LEU E 446 4.80 27.05 42.57
C LEU E 446 4.46 25.61 42.96
N ILE E 447 4.75 24.65 42.07
CA ILE E 447 4.48 23.25 42.38
C ILE E 447 5.30 22.82 43.59
N ARG E 448 6.57 23.23 43.63
CA ARG E 448 7.49 22.75 44.65
C ARG E 448 7.14 23.28 46.03
N HIS E 449 6.81 24.57 46.14
CA HIS E 449 6.64 25.18 47.45
C HIS E 449 5.19 25.40 47.87
N PHE E 450 4.24 25.46 46.95
CA PHE E 450 2.86 25.75 47.32
C PHE E 450 1.92 24.74 46.71
N ARG E 451 2.31 23.46 46.66
CA ARG E 451 1.41 22.44 46.18
C ARG E 451 0.21 22.27 47.11
N SER E 452 0.41 22.54 48.42
CA SER E 452 -0.66 22.35 49.38
C SER E 452 -1.84 23.28 49.08
N GLU E 453 -1.55 24.54 48.74
CA GLU E 453 -2.62 25.49 48.45
C GLU E 453 -3.35 25.11 47.17
N MET E 454 -2.62 24.62 46.17
CA MET E 454 -3.25 24.18 44.94
C MET E 454 -4.19 23.00 45.20
N GLU E 455 -3.72 22.03 45.99
CA GLU E 455 -4.57 20.89 46.35
C GLU E 455 -5.80 21.34 47.13
N ASP E 456 -5.62 22.29 48.05
CA ASP E 456 -6.74 22.85 48.78
C ASP E 456 -7.76 23.47 47.83
N ARG E 457 -7.30 24.30 46.90
CA ARG E 457 -8.20 24.96 45.97
C ARG E 457 -8.92 23.96 45.08
N ILE E 458 -8.21 22.93 44.62
CA ILE E 458 -8.83 21.93 43.75
C ILE E 458 -9.88 21.13 44.51
N LYS E 459 -9.55 20.70 45.73
CA LYS E 459 -10.50 19.90 46.50
C LYS E 459 -11.72 20.70 46.92
N ASN E 460 -11.51 21.94 47.39
CA ASN E 460 -12.63 22.75 47.89
C ASN E 460 -13.63 23.05 46.78
N ALA E 461 -13.14 23.33 45.57
CA ALA E 461 -14.05 23.59 44.46
C ALA E 461 -14.90 22.36 44.16
N ASP E 462 -14.30 21.16 44.22
CA ASP E 462 -15.09 19.95 44.10
C ASP E 462 -16.02 19.76 45.30
N GLN E 463 -15.51 20.03 46.51
CA GLN E 463 -16.35 19.92 47.69
C GLN E 463 -17.48 20.93 47.67
N GLN E 464 -17.20 22.16 47.26
CA GLN E 464 -18.20 23.21 47.21
C GLN E 464 -18.56 23.58 45.78
N LEU F 39 41.45 8.70 7.54
CA LEU F 39 41.22 10.13 7.70
C LEU F 39 42.15 10.96 6.82
N PRO F 40 41.98 10.88 5.50
CA PRO F 40 42.87 11.61 4.59
C PRO F 40 42.50 13.09 4.54
N ALA F 41 43.35 13.92 5.16
CA ALA F 41 43.20 15.37 5.10
C ALA F 41 41.84 15.84 5.58
N ASP F 42 40.94 16.15 4.64
CA ASP F 42 39.65 16.75 4.97
C ASP F 42 38.79 15.80 5.80
N LYS F 43 38.89 14.50 5.58
CA LYS F 43 38.06 13.56 6.34
C LYS F 43 38.42 13.62 7.81
N MET F 44 37.40 13.59 8.67
CA MET F 44 37.59 13.39 10.09
C MET F 44 36.98 12.06 10.55
N GLU F 45 37.07 11.80 11.85
CA GLU F 45 36.45 10.66 12.51
C GLU F 45 35.39 11.11 13.51
N VAL F 46 34.22 10.47 13.48
CA VAL F 46 33.19 10.70 14.49
C VAL F 46 32.68 9.35 14.99
N PHE F 47 32.21 9.34 16.23
CA PHE F 47 31.62 8.15 16.85
C PHE F 47 30.12 8.34 16.96
N VAL F 48 29.36 7.46 16.32
CA VAL F 48 27.91 7.46 16.41
C VAL F 48 27.48 6.13 17.03
N ASN F 49 26.92 6.19 18.23
CA ASN F 49 26.48 4.99 18.96
C ASN F 49 27.62 4.00 19.12
N GLY F 50 28.83 4.52 19.36
CA GLY F 50 29.97 3.66 19.59
C GLY F 50 30.53 2.98 18.36
N GLU F 51 30.30 3.54 17.18
CA GLU F 51 30.82 2.99 15.94
C GLU F 51 31.51 4.09 15.15
N ALA F 52 32.68 3.76 14.59
CA ALA F 52 33.53 4.75 13.95
C ALA F 52 33.01 5.07 12.56
N VAL F 53 32.81 6.35 12.28
CA VAL F 53 32.36 6.82 10.97
C VAL F 53 33.30 7.91 10.50
N VAL F 54 33.75 7.82 9.26
CA VAL F 54 34.66 8.80 8.67
C VAL F 54 33.84 9.73 7.78
N VAL F 55 33.83 11.01 8.14
CA VAL F 55 33.04 12.03 7.45
C VAL F 55 33.91 13.25 7.22
N PRO F 56 33.60 14.06 6.22
CA PRO F 56 34.29 15.34 6.05
C PRO F 56 34.07 16.25 7.25
N LYS F 57 34.95 17.24 7.38
CA LYS F 57 34.87 18.15 8.52
C LYS F 57 33.62 19.03 8.47
N ASN F 58 33.12 19.32 7.26
CA ASN F 58 32.04 20.28 7.13
C ASN F 58 30.66 19.70 7.43
N PHE F 59 30.54 18.39 7.65
CA PHE F 59 29.25 17.82 8.03
C PHE F 59 28.84 18.25 9.43
N THR F 60 27.54 18.16 9.66
CA THR F 60 26.92 18.37 10.95
C THR F 60 26.68 17.02 11.62
N VAL F 61 26.04 17.04 12.79
CA VAL F 61 25.76 15.79 13.50
C VAL F 61 24.75 14.95 12.73
N LEU F 62 23.73 15.58 12.15
CA LEU F 62 22.72 14.82 11.41
C LEU F 62 23.32 14.16 10.16
N GLN F 63 24.22 14.86 9.47
CA GLN F 63 24.87 14.28 8.31
C GLN F 63 25.69 13.05 8.69
N ALA F 64 26.45 13.13 9.78
CA ALA F 64 27.22 12.00 10.25
C ALA F 64 26.31 10.86 10.69
N CYS F 65 25.19 11.18 11.34
CA CYS F 65 24.26 10.14 11.75
C CYS F 65 23.69 9.42 10.53
N ASP F 66 23.38 10.16 9.46
CA ASP F 66 22.96 9.52 8.22
C ASP F 66 24.08 8.67 7.64
N ALA F 67 25.32 9.15 7.70
CA ALA F 67 26.45 8.36 7.22
C ALA F 67 26.63 7.08 8.04
N ALA F 68 26.25 7.12 9.32
CA ALA F 68 26.39 5.97 10.20
C ALA F 68 25.26 4.96 10.04
N GLY F 69 24.26 5.24 9.21
CA GLY F 69 23.11 4.39 9.07
C GLY F 69 22.01 4.65 10.08
N VAL F 70 22.21 5.56 11.02
CA VAL F 70 21.15 5.93 11.96
C VAL F 70 20.26 6.96 11.30
N ASP F 71 18.95 6.83 11.50
CA ASP F 71 17.98 7.74 10.90
C ASP F 71 17.36 8.56 12.01
N VAL F 72 17.59 9.87 11.97
CA VAL F 72 17.11 10.80 12.99
C VAL F 72 15.75 11.37 12.56
N PRO F 73 14.81 11.52 13.49
CA PRO F 73 13.52 12.15 13.13
C PRO F 73 13.70 13.64 12.83
N ARG F 74 13.14 14.07 11.71
CA ARG F 74 13.27 15.45 11.25
C ARG F 74 11.93 15.96 10.78
N PHE F 75 11.72 17.25 10.93
CA PHE F 75 10.55 17.87 10.31
C PHE F 75 10.91 19.10 9.50
N CYS F 76 11.83 19.94 9.99
CA CYS F 76 12.15 21.19 9.33
C CYS F 76 13.44 21.15 8.55
N TYR F 77 14.26 20.13 8.75
CA TYR F 77 15.53 20.06 8.06
C TYR F 77 15.35 19.52 6.66
N HIS F 78 16.00 20.18 5.70
CA HIS F 78 15.95 19.80 4.31
C HIS F 78 17.34 19.96 3.72
N GLN F 79 17.74 18.98 2.93
CA GLN F 79 19.11 18.94 2.43
C GLN F 79 19.41 20.14 1.57
N ARG F 80 18.44 20.57 0.77
CA ARG F 80 18.64 21.59 -0.25
C ARG F 80 18.14 22.96 0.20
N LEU F 81 17.77 23.09 1.47
CA LEU F 81 17.28 24.33 2.05
C LEU F 81 18.18 24.75 3.21
N SER F 82 18.08 26.02 3.57
CA SER F 82 18.85 26.54 4.70
C SER F 82 18.45 25.85 5.99
N ILE F 83 19.42 25.62 6.86
CA ILE F 83 19.14 25.02 8.16
C ILE F 83 18.33 25.98 9.01
N ALA F 84 17.32 25.44 9.70
CA ALA F 84 16.42 26.23 10.52
C ALA F 84 16.56 25.92 12.01
N GLY F 85 16.41 24.66 12.39
CA GLY F 85 16.54 24.27 13.78
C GLY F 85 15.35 24.52 14.66
N ASN F 86 14.18 24.80 14.09
CA ASN F 86 13.03 25.22 14.89
C ASN F 86 12.21 24.05 15.45
N CYS F 87 12.01 22.97 14.68
CA CYS F 87 11.11 21.91 15.13
C CYS F 87 11.65 21.21 16.38
N ARG F 88 12.97 21.12 16.51
CA ARG F 88 13.64 20.51 17.67
C ARG F 88 13.31 19.03 17.81
N MET F 89 13.09 18.34 16.70
CA MET F 89 12.83 16.91 16.73
C MET F 89 14.09 16.07 16.51
N CYS F 90 15.20 16.69 16.11
CA CYS F 90 16.42 15.97 15.79
C CYS F 90 17.34 15.81 16.99
N LEU F 91 16.90 16.21 18.18
CA LEU F 91 17.77 16.27 19.35
C LEU F 91 18.47 14.95 19.62
N VAL F 92 19.80 15.02 19.72
CA VAL F 92 20.65 13.89 20.09
C VAL F 92 21.50 14.32 21.29
N GLU F 93 22.36 13.40 21.74
CA GLU F 93 23.19 13.62 22.92
C GLU F 93 24.66 13.67 22.52
N ILE F 94 25.36 14.71 22.96
CA ILE F 94 26.81 14.84 22.84
C ILE F 94 27.39 14.82 24.24
N GLU F 95 28.40 13.96 24.47
CA GLU F 95 28.94 13.81 25.81
C GLU F 95 29.45 15.14 26.37
N LYS F 96 29.97 16.02 25.51
CA LYS F 96 30.50 17.28 25.97
C LYS F 96 29.39 18.23 26.42
N ALA F 97 28.30 18.26 25.66
CA ALA F 97 27.20 19.18 25.92
C ALA F 97 26.34 18.66 27.07
N PRO F 98 25.87 19.56 27.95
CA PRO F 98 25.01 19.11 29.05
C PRO F 98 23.62 18.71 28.58
N LYS F 99 23.03 19.47 27.67
CA LYS F 99 21.67 19.27 27.22
C LYS F 99 21.63 18.84 25.77
N PRO F 100 20.56 18.18 25.33
CA PRO F 100 20.49 17.70 23.95
C PRO F 100 20.59 18.83 22.94
N VAL F 101 21.26 18.54 21.82
CA VAL F 101 21.52 19.51 20.77
C VAL F 101 20.76 19.09 19.53
N ALA F 102 20.48 20.07 18.66
CA ALA F 102 19.83 19.79 17.39
C ALA F 102 20.86 19.31 16.39
N SER F 103 20.65 18.10 15.87
CA SER F 103 21.62 17.48 14.97
C SER F 103 21.79 18.29 13.69
N CYS F 104 20.69 18.81 13.15
CA CYS F 104 20.75 19.46 11.84
C CYS F 104 21.69 20.65 11.84
N ALA F 105 21.72 21.41 12.94
CA ALA F 105 22.50 22.63 13.01
C ALA F 105 23.76 22.53 13.86
N PHE F 106 24.03 21.37 14.47
CA PHE F 106 25.22 21.24 15.30
C PHE F 106 26.40 20.74 14.48
N PRO F 107 27.50 21.50 14.40
CA PRO F 107 28.68 21.01 13.69
C PRO F 107 29.33 19.85 14.44
N ALA F 108 29.74 18.83 13.70
CA ALA F 108 30.44 17.71 14.31
C ALA F 108 31.90 18.05 14.55
N GLY F 109 32.46 17.46 15.61
CA GLY F 109 33.83 17.72 16.01
C GLY F 109 34.65 16.46 16.13
N PRO F 110 35.97 16.59 16.06
CA PRO F 110 36.85 15.41 16.16
C PRO F 110 36.71 14.72 17.50
N GLY F 111 36.51 13.40 17.45
CA GLY F 111 36.34 12.62 18.65
C GLY F 111 34.99 12.76 19.31
N MET F 112 34.02 13.37 18.63
CA MET F 112 32.68 13.50 19.18
C MET F 112 31.96 12.18 19.22
N LYS F 113 31.30 11.90 20.33
CA LYS F 113 30.50 10.70 20.53
C LYS F 113 29.02 11.08 20.47
N ILE F 114 28.27 10.42 19.60
CA ILE F 114 26.89 10.79 19.33
C ILE F 114 25.99 9.63 19.75
N LYS F 115 25.03 9.92 20.61
CA LYS F 115 24.09 8.93 21.13
C LYS F 115 22.68 9.28 20.66
N THR F 116 22.09 8.42 19.85
CA THR F 116 20.76 8.65 19.31
C THR F 116 19.70 7.73 19.90
N ASP F 117 20.06 6.89 20.88
CA ASP F 117 19.14 5.91 21.46
C ASP F 117 19.10 5.96 22.98
N THR F 118 19.72 6.96 23.59
CA THR F 118 19.65 7.10 25.03
C THR F 118 18.22 7.35 25.46
N PRO F 119 17.79 6.82 26.62
CA PRO F 119 16.39 7.05 27.05
C PRO F 119 16.01 8.51 27.18
N VAL F 120 16.95 9.39 27.52
CA VAL F 120 16.61 10.81 27.58
C VAL F 120 16.21 11.32 26.21
N ILE F 121 16.86 10.83 25.15
CA ILE F 121 16.51 11.24 23.80
C ILE F 121 15.13 10.71 23.42
N LYS F 122 14.81 9.49 23.84
CA LYS F 122 13.48 8.95 23.59
C LYS F 122 12.42 9.78 24.27
N LYS F 123 12.65 10.16 25.52
CA LYS F 123 11.69 10.98 26.25
C LYS F 123 11.55 12.36 25.60
N ALA F 124 12.67 12.96 25.18
CA ALA F 124 12.61 14.26 24.51
C ALA F 124 11.85 14.17 23.19
N ARG F 125 12.06 13.09 22.44
CA ARG F 125 11.32 12.87 21.20
C ARG F 125 9.82 12.80 21.48
N GLU F 126 9.45 12.04 22.52
CA GLU F 126 8.04 11.91 22.85
C GLU F 126 7.44 13.26 23.26
N GLY F 127 8.19 14.05 24.03
CA GLY F 127 7.69 15.35 24.43
C GLY F 127 7.51 16.31 23.27
N VAL F 128 8.50 16.34 22.36
CA VAL F 128 8.38 17.18 21.18
C VAL F 128 7.20 16.72 20.32
N MET F 129 6.99 15.41 20.23
CA MET F 129 5.87 14.90 19.44
C MET F 129 4.55 15.31 20.06
N GLU F 130 4.46 15.27 21.39
CA GLU F 130 3.26 15.74 22.09
C GLU F 130 3.00 17.20 21.80
N PHE F 131 4.04 18.04 21.88
CA PHE F 131 3.87 19.46 21.60
C PHE F 131 3.46 19.70 20.16
N LEU F 132 3.94 18.89 19.23
CA LEU F 132 3.52 19.03 17.85
C LEU F 132 2.05 18.66 17.67
N LEU F 133 1.58 17.68 18.43
CA LEU F 133 0.22 17.18 18.21
C LEU F 133 -0.85 17.87 19.05
N ILE F 134 -0.50 18.68 20.05
CA ILE F 134 -1.55 19.24 20.92
C ILE F 134 -2.47 20.17 20.14
N ASN F 135 -1.92 20.99 19.25
CA ASN F 135 -2.72 21.94 18.49
C ASN F 135 -3.02 21.49 17.07
N HIS F 136 -2.65 20.27 16.70
CA HIS F 136 -2.93 19.79 15.36
C HIS F 136 -4.41 19.46 15.23
N PRO F 137 -5.05 19.79 14.11
CA PRO F 137 -6.46 19.44 13.94
C PRO F 137 -6.65 17.96 13.69
N LEU F 138 -7.79 17.44 14.15
CA LEU F 138 -8.14 16.03 13.94
C LEU F 138 -8.74 15.84 12.55
N ASP F 139 -7.91 16.09 11.53
CA ASP F 139 -8.33 16.12 10.15
C ASP F 139 -7.73 14.98 9.33
N CYS F 140 -7.28 13.91 9.98
CA CYS F 140 -6.64 12.82 9.25
C CYS F 140 -7.54 12.20 8.20
N PRO F 141 -8.81 11.88 8.46
CA PRO F 141 -9.64 11.33 7.39
C PRO F 141 -9.82 12.25 6.20
N ILE F 142 -9.92 13.57 6.43
CA ILE F 142 -10.14 14.52 5.34
C ILE F 142 -8.85 15.13 4.82
N CYS F 143 -7.70 14.74 5.36
CA CYS F 143 -6.42 15.27 4.91
C CYS F 143 -5.91 14.43 3.74
N ASP F 144 -5.44 15.10 2.69
CA ASP F 144 -4.90 14.41 1.53
C ASP F 144 -3.48 13.92 1.74
N GLN F 145 -2.93 14.12 2.94
CA GLN F 145 -1.65 13.56 3.34
C GLN F 145 -1.81 12.30 4.17
N GLY F 146 -2.98 11.67 4.13
CA GLY F 146 -3.32 10.65 5.10
C GLY F 146 -2.38 9.46 5.11
N GLY F 147 -2.07 8.93 3.93
CA GLY F 147 -1.18 7.80 3.86
C GLY F 147 0.28 8.13 3.68
N GLU F 148 0.62 9.40 3.54
CA GLU F 148 1.97 9.85 3.22
C GLU F 148 2.46 10.92 4.18
N CYS F 149 1.90 10.97 5.38
CA CYS F 149 2.22 12.03 6.34
C CYS F 149 3.44 11.64 7.16
N ASP F 150 4.43 12.54 7.19
CA ASP F 150 5.54 12.37 8.12
C ASP F 150 5.07 12.45 9.56
N LEU F 151 4.11 13.34 9.83
CA LEU F 151 3.64 13.55 11.20
C LEU F 151 3.06 12.27 11.78
N GLN F 152 2.20 11.59 11.01
CA GLN F 152 1.62 10.34 11.50
C GLN F 152 2.68 9.28 11.71
N ASP F 153 3.60 9.14 10.77
CA ASP F 153 4.57 8.06 10.84
C ASP F 153 5.52 8.26 12.01
N GLN F 154 5.98 9.49 12.23
CA GLN F 154 6.85 9.75 13.38
C GLN F 154 6.09 9.77 14.69
N ALA F 155 4.78 10.04 14.67
CA ALA F 155 3.96 9.86 15.87
C ALA F 155 3.90 8.39 16.25
N MET F 156 3.67 7.52 15.26
CA MET F 156 3.64 6.09 15.52
C MET F 156 4.99 5.59 16.01
N ILE F 157 6.07 6.01 15.37
CA ILE F 157 7.38 5.44 15.66
C ILE F 157 8.00 6.08 16.90
N PHE F 158 7.96 7.41 17.00
CA PHE F 158 8.68 8.13 18.03
C PHE F 158 7.76 8.89 18.98
N GLY F 159 6.53 8.40 19.17
CA GLY F 159 5.57 9.10 20.00
C GLY F 159 4.81 8.14 20.89
N SER F 160 4.13 8.73 21.86
CA SER F 160 3.24 7.99 22.75
C SER F 160 1.89 7.71 22.07
N ASP F 161 1.16 6.76 22.63
CA ASP F 161 -0.07 6.26 22.04
C ASP F 161 -1.31 6.99 22.55
N ARG F 162 -1.14 8.00 23.41
CA ARG F 162 -2.24 8.62 24.12
C ARG F 162 -1.90 10.08 24.37
N SER F 163 -2.95 10.86 24.66
CA SER F 163 -2.80 12.29 24.84
C SER F 163 -3.35 12.70 26.20
N ARG F 164 -2.85 13.84 26.68
CA ARG F 164 -3.30 14.45 27.91
C ARG F 164 -3.83 15.87 27.70
N PHE F 165 -4.07 16.27 26.46
CA PHE F 165 -4.54 17.61 26.15
C PHE F 165 -6.07 17.64 26.11
N ILE F 166 -6.66 18.54 26.89
CA ILE F 166 -8.10 18.70 26.95
C ILE F 166 -8.56 20.11 26.63
N GLU F 167 -7.64 21.02 26.30
CA GLU F 167 -7.95 22.42 26.12
C GLU F 167 -8.35 22.73 24.67
N TYR F 168 -8.69 23.99 24.43
CA TYR F 168 -9.08 24.44 23.10
C TYR F 168 -7.87 24.51 22.19
N LYS F 169 -8.04 24.00 20.96
CA LYS F 169 -6.99 24.04 19.97
C LYS F 169 -7.03 25.35 19.19
N ARG F 170 -5.91 25.66 18.54
CA ARG F 170 -5.80 26.87 17.76
C ARG F 170 -6.54 26.73 16.44
N ALA F 171 -7.03 27.86 15.92
CA ALA F 171 -7.83 27.89 14.70
C ALA F 171 -7.27 28.96 13.78
N VAL F 172 -7.09 28.61 12.51
CA VAL F 172 -6.58 29.53 11.50
C VAL F 172 -7.57 29.60 10.35
N ALA F 173 -7.62 30.76 9.70
CA ALA F 173 -8.45 30.97 8.53
C ALA F 173 -7.59 30.93 7.28
N ASP F 174 -7.95 30.06 6.34
CA ASP F 174 -7.13 29.85 5.15
C ASP F 174 -7.30 30.98 4.15
N LYS F 175 -6.26 31.17 3.34
CA LYS F 175 -6.25 32.21 2.32
C LYS F 175 -5.80 31.62 0.99
N ASN F 176 -6.29 32.21 -0.10
CA ASN F 176 -5.96 31.73 -1.44
C ASN F 176 -4.51 32.04 -1.77
N LEU F 177 -3.76 31.02 -2.21
CA LEU F 177 -2.42 31.23 -2.74
C LEU F 177 -2.34 31.00 -4.25
N GLY F 178 -3.47 30.81 -4.92
CA GLY F 178 -3.46 30.68 -6.35
C GLY F 178 -4.25 29.47 -6.82
N PRO F 179 -4.23 29.23 -8.13
CA PRO F 179 -5.02 28.13 -8.69
C PRO F 179 -4.46 26.75 -8.35
N LEU F 180 -3.18 26.63 -8.00
CA LEU F 180 -2.57 25.32 -7.86
C LEU F 180 -2.35 24.88 -6.42
N ILE F 181 -2.41 25.77 -5.46
CA ILE F 181 -2.08 25.46 -4.08
C ILE F 181 -3.32 25.60 -3.23
N LYS F 182 -3.68 24.54 -2.51
CA LYS F 182 -4.74 24.58 -1.53
C LYS F 182 -4.12 24.71 -0.14
N THR F 183 -4.77 25.48 0.73
CA THR F 183 -4.24 25.80 2.04
C THR F 183 -5.17 25.28 3.12
N SER F 184 -4.61 24.54 4.08
CA SER F 184 -5.24 24.27 5.36
C SER F 184 -4.18 24.62 6.40
N MET F 185 -4.10 25.90 6.76
CA MET F 185 -3.07 26.39 7.66
C MET F 185 -3.28 25.95 9.09
N ASN F 186 -4.45 25.42 9.41
CA ASN F 186 -4.68 24.89 10.75
C ASN F 186 -3.78 23.68 11.00
N ARG F 187 -3.50 22.91 9.95
CA ARG F 187 -2.63 21.72 10.05
C ARG F 187 -1.15 22.07 10.03
N CYS F 188 -0.80 23.34 10.03
CA CYS F 188 0.57 23.78 9.81
C CYS F 188 1.37 23.67 11.09
N ILE F 189 2.33 22.76 11.12
CA ILE F 189 3.41 22.83 12.11
C ILE F 189 4.39 23.87 11.60
N HIS F 190 4.86 24.74 12.50
CA HIS F 190 5.65 25.89 12.06
C HIS F 190 7.11 25.52 11.83
N CYS F 191 7.32 24.61 10.88
CA CYS F 191 8.58 24.60 10.16
C CYS F 191 8.60 25.80 9.22
N THR F 192 9.74 26.05 8.61
CA THR F 192 9.86 27.16 7.67
C THR F 192 10.27 26.71 6.28
N ARG F 193 9.94 25.46 5.91
CA ARG F 193 10.37 24.92 4.63
C ARG F 193 9.77 25.70 3.47
N CYS F 194 8.49 26.04 3.55
CA CYS F 194 7.86 26.78 2.46
C CYS F 194 8.45 28.18 2.34
N VAL F 195 8.69 28.84 3.48
CA VAL F 195 9.28 30.17 3.45
C VAL F 195 10.71 30.13 2.92
N ARG F 196 11.50 29.17 3.40
CA ARG F 196 12.88 29.02 2.95
C ARG F 196 12.93 28.70 1.47
N PHE F 197 12.02 27.87 0.97
CA PHE F 197 11.99 27.58 -0.45
C PHE F 197 11.64 28.83 -1.24
N THR F 198 10.57 29.53 -0.84
CA THR F 198 10.13 30.72 -1.56
C THR F 198 11.22 31.78 -1.59
N HIS F 199 12.09 31.81 -0.58
CA HIS F 199 13.15 32.82 -0.57
C HIS F 199 14.39 32.35 -1.32
N GLU F 200 14.98 31.24 -0.90
CA GLU F 200 16.24 30.80 -1.46
C GLU F 200 16.08 30.24 -2.88
N VAL F 201 15.09 29.39 -3.10
CA VAL F 201 15.00 28.66 -4.36
C VAL F 201 14.08 29.37 -5.34
N ALA F 202 12.80 29.49 -4.99
CA ALA F 202 11.85 30.14 -5.89
C ALA F 202 12.21 31.60 -6.10
N GLY F 203 12.58 32.30 -5.03
CA GLY F 203 13.04 33.67 -5.14
C GLY F 203 11.96 34.71 -5.35
N THR F 204 10.71 34.37 -5.13
CA THR F 204 9.62 35.34 -5.16
C THR F 204 9.40 36.02 -3.82
N SER F 205 9.84 35.40 -2.73
CA SER F 205 9.85 36.01 -1.40
C SER F 205 8.45 36.50 -1.01
N GLU F 206 7.49 35.61 -1.14
CA GLU F 206 6.09 35.93 -0.88
C GLU F 206 5.59 35.44 0.47
N LEU F 207 6.17 34.34 0.98
CA LEU F 207 5.70 33.71 2.20
C LEU F 207 6.59 34.13 3.37
N GLY F 208 5.98 34.33 4.53
CA GLY F 208 6.71 34.66 5.74
C GLY F 208 5.89 34.29 6.95
N ILE F 209 6.57 34.26 8.10
CA ILE F 209 5.91 33.98 9.37
C ILE F 209 5.43 35.31 9.91
N THR F 210 4.15 35.59 9.78
CA THR F 210 3.54 36.78 10.35
C THR F 210 2.89 36.43 11.68
N GLY F 211 3.26 37.13 12.74
CA GLY F 211 2.74 36.89 14.05
C GLY F 211 3.84 36.63 15.05
N ARG F 212 3.43 36.49 16.31
CA ARG F 212 4.36 36.19 17.39
C ARG F 212 3.71 35.18 18.32
N GLY F 213 4.48 34.19 18.75
CA GLY F 213 3.95 33.18 19.65
C GLY F 213 3.09 32.14 18.95
N ARG F 214 2.10 31.64 19.70
CA ARG F 214 1.29 30.53 19.21
C ARG F 214 0.39 30.95 18.04
N ASP F 215 -0.08 32.19 18.02
CA ASP F 215 -0.93 32.66 16.93
C ASP F 215 -0.14 33.11 15.71
N SER F 216 1.16 32.83 15.67
CA SER F 216 1.96 33.06 14.47
C SER F 216 1.44 32.22 13.32
N GLU F 217 1.38 32.84 12.14
CA GLU F 217 0.77 32.21 10.97
C GLU F 217 1.68 32.36 9.76
N VAL F 218 1.52 31.43 8.82
CA VAL F 218 2.34 31.35 7.61
C VAL F 218 1.50 31.76 6.42
N GLY F 219 2.07 32.59 5.56
CA GLY F 219 1.38 32.98 4.34
C GLY F 219 1.64 34.41 3.95
N THR F 220 1.12 34.81 2.80
CA THR F 220 1.19 36.22 2.40
C THR F 220 0.31 37.03 3.34
N TYR F 221 0.83 38.14 3.85
CA TYR F 221 0.02 38.99 4.71
C TYR F 221 -1.14 39.61 3.94
N ILE F 222 -0.88 40.07 2.72
CA ILE F 222 -1.91 40.51 1.80
C ILE F 222 -2.50 39.30 1.07
N GLU F 223 -3.59 39.51 0.35
CA GLU F 223 -4.14 38.47 -0.51
C GLU F 223 -3.32 38.46 -1.80
N LYS F 224 -2.40 37.50 -1.90
CA LYS F 224 -1.53 37.36 -3.05
C LYS F 224 -1.51 35.91 -3.50
N LEU F 225 -1.24 35.71 -4.78
CA LEU F 225 -1.20 34.39 -5.40
C LEU F 225 0.24 34.08 -5.77
N HIS F 226 0.68 32.85 -5.49
CA HIS F 226 2.08 32.49 -5.64
C HIS F 226 2.44 32.48 -7.12
N SER F 227 3.41 33.32 -7.49
CA SER F 227 3.68 33.64 -8.89
C SER F 227 4.75 32.77 -9.54
N SER F 228 5.62 32.16 -8.77
CA SER F 228 6.70 31.36 -9.34
C SER F 228 6.14 30.17 -10.11
N GLU F 229 6.87 29.77 -11.16
CA GLU F 229 6.54 28.54 -11.87
C GLU F 229 7.08 27.31 -11.17
N LEU F 230 7.78 27.50 -10.05
CA LEU F 230 8.20 26.42 -9.18
C LEU F 230 7.29 26.32 -7.96
N SER F 231 6.08 26.88 -8.06
CA SER F 231 5.19 26.97 -6.90
C SER F 231 4.76 25.61 -6.40
N GLY F 232 4.64 24.62 -7.29
CA GLY F 232 4.15 23.32 -6.89
C GLY F 232 5.05 22.61 -5.90
N ASN F 233 6.33 22.97 -5.84
CA ASN F 233 7.28 22.25 -5.02
C ASN F 233 7.03 22.44 -3.52
N VAL F 234 6.38 23.53 -3.12
CA VAL F 234 6.08 23.72 -1.71
C VAL F 234 5.14 22.63 -1.21
N ILE F 235 4.28 22.12 -2.09
CA ILE F 235 3.35 21.06 -1.71
C ILE F 235 4.12 19.82 -1.29
N ASP F 236 5.12 19.45 -2.09
CA ASP F 236 5.97 18.31 -1.72
C ASP F 236 6.82 18.64 -0.50
N LEU F 237 7.29 19.88 -0.41
CA LEU F 237 8.12 20.27 0.73
C LEU F 237 7.33 20.32 2.03
N CYS F 238 6.02 20.52 1.96
CA CYS F 238 5.21 20.60 3.17
C CYS F 238 5.06 19.22 3.78
N PRO F 239 5.48 19.01 5.02
CA PRO F 239 5.42 17.67 5.61
C PRO F 239 4.03 17.26 6.07
N VAL F 240 3.19 18.24 6.43
CA VAL F 240 1.96 17.95 7.15
C VAL F 240 0.73 18.44 6.40
N GLY F 241 0.79 18.45 5.07
CA GLY F 241 -0.43 18.64 4.30
C GLY F 241 -1.12 19.98 4.46
N ALA F 242 -0.45 20.96 5.09
CA ALA F 242 -1.03 22.30 5.17
C ALA F 242 -1.06 22.94 3.79
N LEU F 243 -0.07 22.66 2.97
CA LEU F 243 -0.03 23.08 1.57
C LEU F 243 -0.29 21.83 0.73
N LEU F 244 -1.32 21.87 -0.10
CA LEU F 244 -1.71 20.69 -0.85
C LEU F 244 -2.04 21.08 -2.28
N SER F 245 -2.09 20.07 -3.15
CA SER F 245 -2.33 20.30 -4.56
C SER F 245 -3.82 20.39 -4.80
N LYS F 246 -4.28 21.54 -5.25
CA LYS F 246 -5.69 21.79 -5.54
C LYS F 246 -6.21 20.95 -6.70
N PRO F 247 -5.48 20.82 -7.82
CA PRO F 247 -5.95 19.89 -8.87
C PRO F 247 -6.09 18.46 -8.39
N TYR F 248 -5.18 17.99 -7.56
CA TYR F 248 -5.21 16.65 -6.99
C TYR F 248 -5.78 16.72 -5.57
N ALA F 249 -7.07 17.01 -5.50
CA ALA F 249 -7.74 17.24 -4.22
C ALA F 249 -8.85 16.21 -4.05
N PHE F 250 -8.76 15.42 -2.98
CA PHE F 250 -9.77 14.44 -2.60
C PHE F 250 -10.02 13.40 -3.69
N THR F 251 -9.05 13.16 -4.56
CA THR F 251 -9.26 12.23 -5.67
C THR F 251 -8.77 10.83 -5.39
N ALA F 252 -7.71 10.67 -4.60
CA ALA F 252 -7.17 9.36 -4.33
C ALA F 252 -6.34 9.41 -3.05
N ARG F 253 -6.00 8.23 -2.55
CA ARG F 253 -5.09 8.05 -1.43
C ARG F 253 -3.78 7.47 -1.93
N SER F 254 -2.74 7.60 -1.11
CA SER F 254 -1.40 7.22 -1.56
C SER F 254 -1.30 5.72 -1.82
N TRP F 255 -1.91 4.89 -0.96
CA TRP F 255 -1.76 3.45 -1.10
C TRP F 255 -2.43 2.91 -2.35
N GLU F 256 -3.33 3.67 -2.97
CA GLU F 256 -4.08 3.21 -4.13
C GLU F 256 -3.31 3.33 -5.44
N LEU F 257 -2.16 3.99 -5.45
CA LEU F 257 -1.51 4.42 -6.68
C LEU F 257 -0.28 3.57 -6.98
N LYS F 258 -0.14 3.20 -8.25
CA LYS F 258 1.04 2.51 -8.74
C LYS F 258 1.97 3.54 -9.38
N GLY F 259 3.21 3.59 -8.93
CA GLY F 259 4.16 4.59 -9.37
C GLY F 259 5.13 4.00 -10.38
N THR F 260 5.29 4.71 -11.50
CA THR F 260 6.23 4.33 -12.54
C THR F 260 7.19 5.48 -12.79
N GLU F 261 8.49 5.17 -12.78
CA GLU F 261 9.52 6.19 -12.88
C GLU F 261 9.80 6.49 -14.35
N THR F 262 9.52 7.72 -14.77
CA THR F 262 9.67 8.14 -16.15
C THR F 262 10.26 9.55 -16.16
N ILE F 263 10.28 10.17 -17.33
CA ILE F 263 10.87 11.49 -17.50
C ILE F 263 9.80 12.44 -18.02
N ASP F 264 10.04 13.73 -17.81
CA ASP F 264 9.09 14.77 -18.20
C ASP F 264 9.52 15.35 -19.54
N VAL F 265 8.61 15.33 -20.52
CA VAL F 265 8.87 15.87 -21.85
C VAL F 265 8.40 17.31 -21.98
N SER F 266 7.98 17.93 -20.87
CA SER F 266 7.47 19.29 -20.93
C SER F 266 8.48 20.25 -21.54
N ASP F 267 9.77 20.05 -21.26
CA ASP F 267 10.82 20.86 -21.84
C ASP F 267 12.04 19.96 -22.06
N ALA F 268 13.15 20.55 -22.48
CA ALA F 268 14.32 19.78 -22.83
C ALA F 268 15.20 19.44 -21.63
N LEU F 269 14.80 19.86 -20.42
CA LEU F 269 15.55 19.45 -19.24
C LEU F 269 15.43 17.95 -19.00
N GLY F 270 14.30 17.36 -19.36
CA GLY F 270 14.07 15.94 -19.11
C GLY F 270 14.02 15.60 -17.64
N SER F 271 13.25 16.38 -16.89
CA SER F 271 13.12 16.19 -15.45
C SER F 271 12.62 14.78 -15.14
N ASN F 272 13.27 14.13 -14.18
CA ASN F 272 12.90 12.78 -13.78
C ASN F 272 11.72 12.82 -12.83
N ILE F 273 10.67 12.07 -13.17
CA ILE F 273 9.37 12.16 -12.51
C ILE F 273 8.90 10.76 -12.15
N LYS F 274 7.90 10.70 -11.28
CA LYS F 274 7.23 9.46 -10.92
C LYS F 274 5.74 9.65 -11.16
N VAL F 275 5.19 8.90 -12.10
CA VAL F 275 3.79 9.03 -12.48
C VAL F 275 2.98 8.00 -11.69
N ASP F 276 2.04 8.48 -10.88
CA ASP F 276 1.21 7.63 -10.05
C ASP F 276 -0.12 7.40 -10.73
N CYS F 277 -0.50 6.14 -10.89
CA CYS F 277 -1.67 5.78 -11.66
C CYS F 277 -2.59 4.87 -10.85
N ARG F 278 -3.89 5.09 -10.97
CA ARG F 278 -4.90 4.15 -10.50
C ARG F 278 -5.65 3.61 -11.71
N GLY F 279 -5.53 2.32 -11.95
CA GLY F 279 -6.14 1.73 -13.13
C GLY F 279 -5.55 2.30 -14.39
N THR F 280 -6.41 2.82 -15.26
CA THR F 280 -6.01 3.40 -16.54
C THR F 280 -5.84 4.91 -16.48
N GLU F 281 -5.93 5.50 -15.29
CA GLU F 281 -5.89 6.95 -15.12
C GLU F 281 -4.61 7.37 -14.42
N VAL F 282 -3.93 8.36 -14.97
CA VAL F 282 -2.83 9.03 -14.29
C VAL F 282 -3.43 9.98 -13.26
N MET F 283 -3.03 9.82 -12.00
CA MET F 283 -3.62 10.61 -10.93
C MET F 283 -2.78 11.82 -10.53
N ARG F 284 -1.44 11.71 -10.56
CA ARG F 284 -0.58 12.80 -10.15
C ARG F 284 0.82 12.51 -10.66
N ILE F 285 1.62 13.57 -10.77
CA ILE F 285 3.00 13.47 -11.22
C ILE F 285 3.87 14.19 -10.20
N THR F 286 4.91 13.51 -9.73
CA THR F 286 5.82 14.07 -8.74
C THR F 286 7.26 13.82 -9.17
N PRO F 287 8.20 14.65 -8.73
CA PRO F 287 9.59 14.51 -9.18
C PRO F 287 10.30 13.34 -8.51
N ARG F 288 11.48 13.03 -9.05
CA ARG F 288 12.39 12.07 -8.49
C ARG F 288 13.74 12.75 -8.31
N LEU F 289 14.59 12.15 -7.47
CA LEU F 289 15.90 12.70 -7.19
C LEU F 289 16.85 12.35 -8.33
N ASN F 290 17.40 13.38 -8.97
CA ASN F 290 18.51 13.20 -9.90
C ASN F 290 19.37 14.46 -9.84
N ASP F 291 20.43 14.40 -9.04
CA ASP F 291 21.29 15.57 -8.85
C ASP F 291 21.85 16.07 -10.16
N ALA F 292 21.98 15.18 -11.16
CA ALA F 292 22.48 15.57 -12.46
C ALA F 292 21.59 16.60 -13.13
N ILE F 293 20.27 16.42 -13.07
CA ILE F 293 19.41 17.25 -13.89
C ILE F 293 18.44 18.09 -13.08
N ASN F 294 17.47 17.45 -12.43
CA ASN F 294 16.57 18.11 -11.50
C ASN F 294 16.89 17.60 -10.10
N GLU F 295 17.42 18.47 -9.24
CA GLU F 295 17.81 18.05 -7.91
C GLU F 295 16.68 17.24 -7.28
N GLU F 296 15.58 17.92 -6.97
CA GLU F 296 14.33 17.21 -6.70
C GLU F 296 13.14 18.06 -7.08
N TRP F 297 13.32 19.09 -7.89
CA TRP F 297 12.29 20.07 -8.18
C TRP F 297 11.65 19.79 -9.53
N LEU F 298 10.37 20.10 -9.62
CA LEU F 298 9.59 19.99 -10.85
C LEU F 298 8.84 21.28 -11.12
N SER F 299 8.81 21.68 -12.39
CA SER F 299 8.07 22.86 -12.78
C SER F 299 6.57 22.60 -12.75
N ASP F 300 5.80 23.68 -12.63
CA ASP F 300 4.36 23.55 -12.47
C ASP F 300 3.71 22.97 -13.71
N LYS F 301 4.20 23.36 -14.90
CA LYS F 301 3.64 22.82 -16.13
C LYS F 301 3.78 21.31 -16.19
N GLY F 302 4.99 20.80 -15.94
CA GLY F 302 5.18 19.36 -15.93
C GLY F 302 4.36 18.67 -14.86
N ARG F 303 4.24 19.30 -13.69
CA ARG F 303 3.54 18.70 -12.56
C ARG F 303 2.04 18.57 -12.84
N PHE F 304 1.45 19.57 -13.49
CA PHE F 304 -0.01 19.68 -13.59
C PHE F 304 -0.53 19.57 -15.02
N GLN F 305 0.27 19.06 -15.95
CA GLN F 305 -0.23 18.89 -17.31
C GLN F 305 -0.88 17.52 -17.54
N TYR F 306 -0.86 16.64 -16.55
CA TYR F 306 -1.55 15.35 -16.69
C TYR F 306 -3.05 15.54 -16.90
N ASP F 307 -3.59 16.69 -16.51
CA ASP F 307 -5.01 16.96 -16.71
C ASP F 307 -5.36 16.96 -18.19
N GLY F 308 -4.46 17.47 -19.03
CA GLY F 308 -4.70 17.49 -20.46
C GLY F 308 -4.45 16.19 -21.17
N LEU F 309 -4.16 15.13 -20.43
CA LEU F 309 -4.00 13.80 -21.00
C LEU F 309 -5.33 13.05 -21.05
N LYS F 310 -6.41 13.65 -20.57
CA LYS F 310 -7.72 13.02 -20.57
C LYS F 310 -8.66 13.68 -21.56
N ARG F 311 -8.21 14.70 -22.28
CA ARG F 311 -9.07 15.57 -23.06
C ARG F 311 -8.55 15.67 -24.49
N GLN F 312 -9.48 15.72 -25.44
CA GLN F 312 -9.17 15.89 -26.86
C GLN F 312 -8.22 14.80 -27.37
N ARG F 313 -8.43 13.58 -26.89
CA ARG F 313 -7.56 12.46 -27.24
C ARG F 313 -8.00 11.80 -28.55
N LEU F 314 -7.02 11.35 -29.32
CA LEU F 314 -7.25 10.58 -30.53
C LEU F 314 -7.22 9.10 -30.20
N ASN F 315 -8.29 8.39 -30.54
CA ASN F 315 -8.42 6.98 -30.22
C ASN F 315 -8.46 6.07 -31.44
N THR F 316 -8.92 6.54 -32.58
CA THR F 316 -9.13 5.69 -33.74
C THR F 316 -8.56 6.35 -34.99
N PRO F 317 -8.17 5.57 -35.99
CA PRO F 317 -7.76 6.16 -37.27
C PRO F 317 -8.92 6.88 -37.92
N LEU F 318 -8.61 8.03 -38.53
CA LEU F 318 -9.61 8.85 -39.20
C LEU F 318 -9.16 9.13 -40.63
N VAL F 319 -10.06 8.91 -41.59
CA VAL F 319 -9.80 9.18 -42.99
C VAL F 319 -10.83 10.20 -43.46
N LYS F 320 -10.37 11.22 -44.18
CA LYS F 320 -11.26 12.30 -44.59
C LYS F 320 -12.16 11.87 -45.73
N GLY F 321 -13.40 12.33 -45.68
CA GLY F 321 -14.34 12.18 -46.78
C GLY F 321 -15.11 13.46 -47.01
N ALA F 322 -16.12 13.42 -47.88
CA ALA F 322 -16.97 14.58 -48.10
C ALA F 322 -17.66 15.02 -46.81
N LYS F 323 -17.93 14.08 -45.90
CA LYS F 323 -18.56 14.36 -44.62
C LYS F 323 -17.56 14.78 -43.55
N GLY F 324 -16.28 14.84 -43.87
CA GLY F 324 -15.25 15.19 -42.92
C GLY F 324 -14.44 13.98 -42.50
N LEU F 325 -13.62 14.18 -41.47
CA LEU F 325 -12.87 13.07 -40.91
C LEU F 325 -13.84 12.09 -40.24
N GLU F 326 -13.68 10.81 -40.55
CA GLU F 326 -14.62 9.79 -40.12
C GLU F 326 -13.85 8.56 -39.67
N ASN F 327 -14.51 7.72 -38.88
CA ASN F 327 -13.88 6.53 -38.33
C ASN F 327 -13.41 5.57 -39.42
N ALA F 328 -12.19 5.07 -39.26
CA ALA F 328 -11.65 4.10 -40.21
C ALA F 328 -10.78 3.11 -39.47
N THR F 329 -10.60 1.94 -40.08
CA THR F 329 -9.72 0.92 -39.54
C THR F 329 -8.28 1.21 -39.96
N TRP F 330 -7.34 0.50 -39.32
CA TRP F 330 -5.93 0.71 -39.61
C TRP F 330 -5.61 0.37 -41.06
N SER F 331 -6.24 -0.69 -41.59
CA SER F 331 -5.97 -1.08 -42.97
C SER F 331 -6.43 -0.01 -43.96
N ALA F 332 -7.62 0.57 -43.74
CA ALA F 332 -8.14 1.57 -44.65
C ALA F 332 -7.29 2.83 -44.65
N ALA F 333 -6.86 3.27 -43.46
CA ALA F 333 -5.99 4.44 -43.39
C ALA F 333 -4.67 4.20 -44.10
N PHE F 334 -4.08 3.02 -43.91
CA PHE F 334 -2.84 2.70 -44.61
C PHE F 334 -3.03 2.63 -46.11
N ASP F 335 -4.19 2.13 -46.56
CA ASP F 335 -4.48 2.11 -47.99
C ASP F 335 -4.57 3.53 -48.54
N ALA F 336 -5.22 4.43 -47.81
CA ALA F 336 -5.31 5.82 -48.26
C ALA F 336 -3.92 6.47 -48.31
N ILE F 337 -3.08 6.21 -47.30
CA ILE F 337 -1.72 6.74 -47.32
C ILE F 337 -0.93 6.16 -48.49
N ARG F 338 -1.14 4.88 -48.81
CA ARG F 338 -0.44 4.29 -49.95
C ARG F 338 -0.87 4.95 -51.26
N THR F 339 -2.17 5.16 -51.43
CA THR F 339 -2.66 5.82 -52.63
C THR F 339 -2.15 7.25 -52.72
N ALA F 340 -1.95 7.91 -51.58
CA ALA F 340 -1.42 9.28 -51.60
C ALA F 340 0.06 9.30 -51.96
N ILE F 341 0.85 8.41 -51.33
CA ILE F 341 2.28 8.37 -51.59
C ILE F 341 2.57 7.96 -53.03
N ALA F 342 1.73 7.10 -53.62
CA ALA F 342 1.95 6.70 -55.00
C ALA F 342 2.05 7.92 -55.91
N GLY F 343 1.20 8.93 -55.68
CA GLY F 343 1.27 10.14 -56.48
C GLY F 343 2.55 10.93 -56.27
N ALA F 344 2.96 11.10 -55.02
CA ALA F 344 4.13 11.91 -54.70
C ALA F 344 5.43 11.17 -55.03
N LYS F 345 6.48 11.95 -55.25
CA LYS F 345 7.77 11.40 -55.64
C LYS F 345 8.90 12.30 -55.16
N GLY F 346 9.92 11.70 -54.55
CA GLY F 346 11.09 12.45 -54.15
C GLY F 346 10.80 13.46 -53.04
N ASN F 347 11.25 14.69 -53.24
CA ASN F 347 11.12 15.74 -52.23
C ASN F 347 9.68 16.24 -52.09
N GLU F 348 8.76 15.75 -52.91
CA GLU F 348 7.35 16.04 -52.69
C GLU F 348 6.84 15.44 -51.39
N LEU F 349 7.48 14.39 -50.89
CA LEU F 349 7.19 13.86 -49.57
C LEU F 349 7.94 14.65 -48.52
N LYS F 350 7.22 15.15 -47.51
CA LYS F 350 7.81 16.00 -46.49
C LYS F 350 7.38 15.53 -45.11
N ALA F 351 8.31 15.56 -44.16
CA ALA F 351 8.05 15.14 -42.78
C ALA F 351 8.36 16.30 -41.85
N ILE F 352 7.44 16.57 -40.93
CA ILE F 352 7.64 17.56 -39.87
C ILE F 352 7.47 16.85 -38.53
N ALA F 353 8.52 16.85 -37.72
CA ALA F 353 8.46 16.25 -36.40
C ALA F 353 8.09 17.29 -35.35
N GLY F 354 7.39 16.81 -34.31
CA GLY F 354 6.86 17.67 -33.27
C GLY F 354 7.77 17.75 -32.04
N LYS F 355 7.26 18.47 -31.04
CA LYS F 355 8.00 18.66 -29.80
C LYS F 355 8.09 17.37 -28.99
N LEU F 356 7.10 16.49 -29.12
CA LEU F 356 7.00 15.32 -28.24
C LEU F 356 7.31 14.03 -28.98
N ALA F 357 7.77 14.10 -30.22
CA ALA F 357 8.18 12.89 -30.93
C ALA F 357 9.42 12.30 -30.29
N ASP F 358 9.49 10.98 -30.26
CA ASP F 358 10.59 10.27 -29.64
C ASP F 358 11.60 9.82 -30.68
N ALA F 359 12.75 9.33 -30.19
CA ALA F 359 13.86 8.99 -31.07
C ALA F 359 13.49 7.85 -32.01
N GLU F 360 12.77 6.85 -31.51
CA GLU F 360 12.46 5.67 -32.33
C GLU F 360 11.50 6.02 -33.45
N SER F 361 10.46 6.81 -33.18
CA SER F 361 9.55 7.21 -34.24
C SER F 361 10.25 8.07 -35.28
N MET F 362 11.18 8.93 -34.85
CA MET F 362 11.88 9.78 -35.81
C MET F 362 12.85 8.99 -36.66
N ILE F 363 13.56 8.02 -36.08
CA ILE F 363 14.43 7.18 -36.89
C ILE F 363 13.61 6.32 -37.85
N ALA F 364 12.43 5.89 -37.40
CA ALA F 364 11.53 5.14 -38.27
C ALA F 364 11.11 5.98 -39.47
N LEU F 365 10.66 7.20 -39.20
CA LEU F 365 10.20 8.07 -40.28
C LEU F 365 11.34 8.44 -41.21
N LYS F 366 12.53 8.69 -40.66
CA LYS F 366 13.70 8.97 -41.48
C LYS F 366 14.00 7.82 -42.42
N ASP F 367 14.05 6.59 -41.88
CA ASP F 367 14.37 5.45 -42.74
C ASP F 367 13.30 5.25 -43.80
N LEU F 368 12.03 5.41 -43.43
CA LEU F 368 10.96 5.22 -44.40
C LEU F 368 11.03 6.24 -45.52
N PHE F 369 11.24 7.50 -45.18
CA PHE F 369 11.25 8.53 -46.22
C PHE F 369 12.53 8.53 -47.05
N ASN F 370 13.67 8.13 -46.48
CA ASN F 370 14.84 7.90 -47.33
C ASN F 370 14.62 6.73 -48.27
N LYS F 371 13.96 5.67 -47.81
CA LYS F 371 13.65 4.57 -48.71
C LYS F 371 12.72 5.01 -49.83
N LEU F 372 11.71 5.82 -49.51
CA LEU F 372 10.86 6.38 -50.56
C LEU F 372 11.63 7.33 -51.47
N GLY F 373 12.62 8.03 -50.93
CA GLY F 373 13.46 8.89 -51.75
C GLY F 373 13.35 10.36 -51.43
N SER F 374 13.08 10.69 -50.17
CA SER F 374 12.86 12.05 -49.74
C SER F 374 13.89 12.47 -48.70
N GLY F 375 14.33 13.72 -48.77
CA GLY F 375 15.22 14.27 -47.78
C GLY F 375 14.65 15.48 -47.09
N ASN F 376 13.36 15.75 -47.34
CA ASN F 376 12.67 16.91 -46.79
C ASN F 376 12.17 16.58 -45.38
N LEU F 377 13.11 16.44 -44.45
CA LEU F 377 12.84 16.11 -43.06
C LEU F 377 13.16 17.34 -42.21
N ILE F 378 12.13 17.96 -41.64
CA ILE F 378 12.32 19.19 -40.87
C ILE F 378 11.66 19.05 -39.51
N HIS F 379 12.07 19.92 -38.60
CA HIS F 379 11.51 20.02 -37.26
C HIS F 379 10.65 21.27 -37.20
N GLU F 380 9.55 21.20 -36.44
CA GLU F 380 8.53 22.24 -36.53
C GLU F 380 9.03 23.60 -36.03
N ASP F 381 9.98 23.60 -35.10
CA ASP F 381 10.42 24.80 -34.39
C ASP F 381 10.62 26.00 -35.30
N GLY F 382 11.25 25.79 -36.45
CA GLY F 382 11.69 26.88 -37.30
C GLY F 382 13.20 26.97 -37.41
N SER F 383 13.92 26.15 -36.67
CA SER F 383 15.37 25.97 -36.81
C SER F 383 15.71 24.75 -37.65
N ALA F 384 14.82 24.40 -38.59
CA ALA F 384 14.98 23.24 -39.46
C ALA F 384 16.41 23.07 -39.98
N THR F 385 17.01 24.15 -40.45
CA THR F 385 18.29 24.08 -41.15
C THR F 385 19.50 24.11 -40.22
N LEU F 386 19.29 24.09 -38.90
CA LEU F 386 20.41 24.04 -37.97
C LEU F 386 21.28 22.81 -38.24
N SER F 387 22.58 23.03 -38.29
CA SER F 387 23.51 21.96 -38.63
C SER F 387 23.53 20.91 -37.51
N ALA F 388 23.47 19.65 -37.89
CA ALA F 388 23.62 18.53 -36.97
C ALA F 388 25.01 17.91 -37.06
N ASP F 389 25.95 18.60 -37.69
CA ASP F 389 27.23 18.00 -38.03
C ASP F 389 28.06 17.67 -36.78
N VAL F 390 28.21 18.63 -35.87
CA VAL F 390 29.02 18.45 -34.69
C VAL F 390 28.13 18.58 -33.46
N ARG F 391 28.27 17.62 -32.54
CA ARG F 391 27.42 17.57 -31.35
C ARG F 391 27.67 18.75 -30.43
N SER F 392 28.93 19.22 -30.33
CA SER F 392 29.25 20.34 -29.46
C SER F 392 28.49 21.61 -29.82
N SER F 393 28.01 21.72 -31.06
CA SER F 393 27.35 22.95 -31.50
C SER F 393 25.96 23.13 -30.91
N TYR F 394 25.23 22.05 -30.64
CA TYR F 394 23.82 22.17 -30.25
C TYR F 394 23.50 21.58 -28.89
N ILE F 395 24.50 21.22 -28.09
CA ILE F 395 24.26 20.67 -26.76
C ILE F 395 24.93 21.55 -25.73
N ALA F 396 24.53 21.37 -24.47
CA ALA F 396 25.15 22.06 -23.34
C ALA F 396 26.40 21.27 -22.98
N ASN F 397 27.56 21.73 -23.48
CA ASN F 397 28.80 20.99 -23.28
C ASN F 397 29.19 20.94 -21.82
N THR F 398 28.99 22.04 -21.08
CA THR F 398 29.05 21.96 -19.64
C THR F 398 27.80 21.24 -19.14
N THR F 399 27.98 20.23 -18.31
CA THR F 399 26.83 19.54 -17.79
C THR F 399 26.03 20.45 -16.87
N ILE F 400 24.76 20.11 -16.66
CA ILE F 400 23.93 20.92 -15.78
C ILE F 400 24.51 20.92 -14.37
N ALA F 401 25.01 19.78 -13.92
CA ALA F 401 25.61 19.70 -12.59
C ALA F 401 26.86 20.57 -12.48
N SER F 402 27.67 20.61 -13.54
CA SER F 402 28.94 21.33 -13.49
C SER F 402 28.77 22.84 -13.57
N ILE F 403 27.59 23.35 -13.92
CA ILE F 403 27.35 24.79 -13.89
C ILE F 403 27.45 25.33 -12.47
N GLU F 404 27.37 24.45 -11.47
CA GLU F 404 27.55 24.88 -10.09
C GLU F 404 28.89 25.58 -9.89
N LYS F 405 29.93 25.12 -10.59
CA LYS F 405 31.27 25.65 -10.43
C LYS F 405 31.53 26.89 -11.28
N ALA F 406 30.54 27.37 -12.03
CA ALA F 406 30.73 28.55 -12.86
C ALA F 406 31.04 29.78 -12.03
N ASP F 407 31.97 30.61 -12.51
CA ASP F 407 32.30 31.88 -11.90
C ASP F 407 31.57 33.06 -12.55
N VAL F 408 31.45 33.06 -13.87
CA VAL F 408 30.74 34.12 -14.59
C VAL F 408 29.88 33.45 -15.65
N ILE F 409 28.62 33.88 -15.77
CA ILE F 409 27.66 33.28 -16.69
C ILE F 409 27.13 34.37 -17.61
N LEU F 410 27.07 34.07 -18.90
CA LEU F 410 26.50 34.95 -19.91
C LEU F 410 25.31 34.25 -20.55
N LEU F 411 24.16 34.93 -20.55
CA LEU F 411 22.95 34.41 -21.18
C LEU F 411 22.66 35.21 -22.44
N VAL F 412 22.65 34.54 -23.58
CA VAL F 412 22.47 35.18 -24.88
C VAL F 412 21.07 34.84 -25.39
N GLY F 413 20.22 35.85 -25.50
CA GLY F 413 18.93 35.69 -26.14
C GLY F 413 18.05 34.62 -25.55
N THR F 414 18.10 34.44 -24.23
CA THR F 414 17.32 33.40 -23.58
C THR F 414 16.67 33.94 -22.32
N ASN F 415 15.40 33.57 -22.12
CA ASN F 415 14.76 33.77 -20.84
C ASN F 415 14.72 32.41 -20.14
N PRO F 416 15.73 32.08 -19.33
CA PRO F 416 15.80 30.73 -18.75
C PRO F 416 14.64 30.43 -17.81
N ARG F 417 13.94 31.46 -17.32
CA ARG F 417 12.79 31.24 -16.45
C ARG F 417 11.70 30.49 -17.21
N PHE F 418 11.25 31.02 -18.34
CA PHE F 418 10.19 30.37 -19.11
C PHE F 418 10.69 29.08 -19.75
N GLU F 419 11.92 29.09 -20.28
CA GLU F 419 12.43 27.93 -21.01
C GLU F 419 12.59 26.73 -20.09
N SER F 420 13.14 26.93 -18.91
CA SER F 420 13.31 25.84 -17.95
C SER F 420 13.38 26.41 -16.54
N PRO F 421 12.27 26.39 -15.80
CA PRO F 421 12.28 26.97 -14.45
C PRO F 421 13.28 26.31 -13.51
N VAL F 422 13.47 25.00 -13.59
CA VAL F 422 14.45 24.34 -12.71
C VAL F 422 15.86 24.77 -13.09
N PHE F 423 16.13 24.98 -14.38
CA PHE F 423 17.43 25.49 -14.79
C PHE F 423 17.64 26.90 -14.25
N ASN F 424 16.59 27.72 -14.25
CA ASN F 424 16.68 29.04 -13.61
C ASN F 424 16.90 28.93 -12.12
N ALA F 425 16.34 27.90 -11.48
CA ALA F 425 16.59 27.69 -10.06
C ALA F 425 18.07 27.38 -9.82
N ARG F 426 18.67 26.58 -10.69
CA ARG F 426 20.10 26.31 -10.54
C ARG F 426 20.94 27.55 -10.83
N LEU F 427 20.55 28.36 -11.82
CA LEU F 427 21.22 29.63 -12.04
C LEU F 427 21.07 30.56 -10.84
N ARG F 428 19.95 30.50 -10.15
CA ARG F 428 19.82 31.21 -8.88
C ARG F 428 20.78 30.67 -7.84
N LYS F 429 20.95 29.35 -7.79
CA LYS F 429 21.89 28.79 -6.82
C LYS F 429 23.31 29.27 -7.07
N VAL F 430 23.72 29.29 -8.34
CA VAL F 430 25.08 29.77 -8.63
C VAL F 430 25.20 31.27 -8.41
N PHE F 431 24.13 32.03 -8.67
CA PHE F 431 24.13 33.45 -8.32
C PHE F 431 24.32 33.65 -6.82
N LEU F 432 23.72 32.78 -6.01
CA LEU F 432 23.87 32.89 -4.56
C LEU F 432 25.31 32.70 -4.14
N ASP F 433 26.02 31.77 -4.79
CA ASP F 433 27.43 31.55 -4.47
C ASP F 433 28.27 32.79 -4.76
N GLY F 434 27.88 33.59 -5.74
CA GLY F 434 28.58 34.83 -6.03
C GLY F 434 28.93 35.00 -7.49
N ALA F 435 28.40 34.14 -8.35
CA ALA F 435 28.65 34.25 -9.77
C ALA F 435 28.01 35.51 -10.34
N LYS F 436 28.67 36.11 -11.32
CA LYS F 436 28.19 37.32 -11.96
C LYS F 436 27.50 36.94 -13.27
N VAL F 437 26.27 37.40 -13.43
CA VAL F 437 25.41 36.97 -14.54
C VAL F 437 25.11 38.19 -15.41
N GLY F 438 25.32 38.03 -16.71
CA GLY F 438 24.99 39.06 -17.68
C GLY F 438 24.04 38.50 -18.72
N LEU F 439 23.12 39.34 -19.18
CA LEU F 439 22.12 38.95 -20.16
C LEU F 439 22.20 39.87 -21.37
N VAL F 440 22.24 39.27 -22.56
CA VAL F 440 22.37 40.00 -23.81
C VAL F 440 21.04 40.02 -24.58
N GLY F 441 19.94 39.64 -23.93
CA GLY F 441 18.63 39.69 -24.52
C GLY F 441 17.78 40.82 -23.99
N GLU F 442 16.47 40.66 -24.13
CA GLU F 442 15.55 41.67 -23.62
C GLU F 442 15.50 41.64 -22.10
N LYS F 443 15.20 42.79 -21.52
CA LYS F 443 15.02 42.87 -20.08
C LYS F 443 13.87 41.98 -19.66
N VAL F 444 14.16 40.95 -18.86
CA VAL F 444 13.17 40.03 -18.35
C VAL F 444 13.32 39.95 -16.84
N ASP F 445 12.25 39.49 -16.19
CA ASP F 445 12.22 39.37 -14.73
C ASP F 445 12.76 38.00 -14.34
N LEU F 446 14.09 37.87 -14.44
CA LEU F 446 14.74 36.72 -13.85
C LEU F 446 14.73 36.86 -12.33
N THR F 447 14.70 35.71 -11.65
CA THR F 447 14.57 35.72 -10.21
C THR F 447 15.73 36.44 -9.53
N TYR F 448 16.95 36.22 -10.03
CA TYR F 448 18.15 36.85 -9.51
C TYR F 448 18.39 38.19 -10.20
N ALA F 449 19.33 38.97 -9.66
CA ALA F 449 19.76 40.21 -10.29
C ALA F 449 20.86 39.91 -11.31
N TYR F 450 20.85 40.65 -12.41
CA TYR F 450 21.82 40.45 -13.48
C TYR F 450 22.15 41.79 -14.13
N GLN F 451 23.25 41.79 -14.86
CA GLN F 451 23.68 42.97 -15.61
C GLN F 451 23.15 42.87 -17.04
N HIS F 452 22.41 43.89 -17.47
CA HIS F 452 21.82 43.90 -18.80
C HIS F 452 22.83 44.47 -19.79
N LEU F 453 23.54 43.58 -20.47
CA LEU F 453 24.57 44.00 -21.41
C LEU F 453 23.99 44.72 -22.63
N GLY F 454 22.86 44.24 -23.13
CA GLY F 454 22.24 44.82 -24.30
C GLY F 454 21.01 44.03 -24.68
N ALA F 455 20.24 44.60 -25.59
CA ALA F 455 18.99 43.98 -26.02
C ALA F 455 18.96 43.58 -27.50
N ASP F 456 20.03 43.83 -28.26
CA ASP F 456 20.03 43.56 -29.68
C ASP F 456 21.34 42.91 -30.09
N VAL F 457 21.37 42.40 -31.33
CA VAL F 457 22.52 41.65 -31.83
C VAL F 457 23.79 42.50 -31.80
N ALA F 458 23.66 43.80 -32.09
CA ALA F 458 24.83 44.67 -32.15
C ALA F 458 25.57 44.69 -30.81
N ALA F 459 24.85 44.60 -29.70
CA ALA F 459 25.51 44.55 -28.40
C ALA F 459 26.35 43.29 -28.25
N LEU F 460 25.83 42.15 -28.71
CA LEU F 460 26.61 40.92 -28.68
C LEU F 460 27.82 41.02 -29.60
N GLU F 461 27.66 41.65 -30.77
CA GLU F 461 28.80 41.87 -31.65
C GLU F 461 29.89 42.69 -30.98
N SER F 462 29.49 43.76 -30.30
CA SER F 462 30.45 44.59 -29.58
C SER F 462 31.12 43.81 -28.46
N LEU F 463 30.34 42.99 -27.74
CA LEU F 463 30.91 42.21 -26.65
C LEU F 463 31.92 41.18 -27.15
N ALA F 464 31.62 40.54 -28.28
CA ALA F 464 32.53 39.55 -28.85
C ALA F 464 33.83 40.19 -29.30
N SER F 465 33.75 41.41 -29.86
CA SER F 465 34.96 42.10 -30.32
C SER F 465 35.93 42.40 -29.19
N GLY F 466 35.46 42.42 -27.93
CA GLY F 466 36.33 42.65 -26.79
C GLY F 466 36.14 43.97 -26.10
N LYS F 467 35.22 44.82 -26.55
CA LYS F 467 34.97 46.11 -25.92
C LYS F 467 33.86 45.91 -24.89
N GLY F 468 34.25 45.60 -23.66
CA GLY F 468 33.29 45.46 -22.59
C GLY F 468 33.91 45.14 -21.24
N ALA F 469 33.36 45.70 -20.17
CA ALA F 469 33.79 45.29 -18.84
C ALA F 469 33.37 43.86 -18.54
N PHE F 470 32.17 43.47 -18.98
CA PHE F 470 31.75 42.09 -18.82
C PHE F 470 32.62 41.15 -19.63
N PHE F 471 33.17 41.62 -20.75
CA PHE F 471 34.12 40.80 -21.49
C PHE F 471 35.39 40.55 -20.67
N GLU F 472 35.88 41.57 -19.99
CA GLU F 472 37.03 41.38 -19.10
C GLU F 472 36.68 40.55 -17.87
N ALA F 473 35.40 40.47 -17.50
CA ALA F 473 35.01 39.55 -16.44
C ALA F 473 34.97 38.11 -16.95
N LEU F 474 34.45 37.91 -18.16
CA LEU F 474 34.43 36.57 -18.75
C LEU F 474 35.84 36.04 -18.98
N LYS F 475 36.73 36.90 -19.46
CA LYS F 475 38.12 36.50 -19.68
C LYS F 475 38.81 36.19 -18.35
N GLY F 476 38.57 37.02 -17.33
CA GLY F 476 39.21 36.80 -16.04
C GLY F 476 38.76 35.52 -15.34
N ALA F 477 37.48 35.18 -15.48
CA ALA F 477 36.90 34.07 -14.73
C ALA F 477 37.60 32.75 -15.08
N LYS F 478 37.79 31.92 -14.06
CA LYS F 478 38.37 30.59 -14.27
C LYS F 478 37.39 29.62 -14.90
N ASN F 479 36.09 29.79 -14.66
CA ASN F 479 35.06 28.91 -15.19
C ASN F 479 33.96 29.74 -15.85
N PRO F 480 34.23 30.29 -17.04
CA PRO F 480 33.22 31.09 -17.73
C PRO F 480 32.23 30.20 -18.48
N VAL F 481 30.95 30.56 -18.37
CA VAL F 481 29.86 29.82 -19.02
C VAL F 481 29.10 30.77 -19.91
N VAL F 482 28.89 30.37 -21.17
CA VAL F 482 28.04 31.09 -22.11
C VAL F 482 26.88 30.19 -22.48
N ILE F 483 25.66 30.65 -22.23
CA ILE F 483 24.45 29.91 -22.54
C ILE F 483 23.70 30.63 -23.65
N VAL F 484 23.49 29.95 -24.76
CA VAL F 484 22.76 30.49 -25.90
C VAL F 484 21.38 29.85 -25.94
N GLY F 485 20.34 30.66 -26.07
CA GLY F 485 18.99 30.17 -26.03
C GLY F 485 18.52 29.61 -27.36
N SER F 486 17.37 28.94 -27.32
CA SER F 486 16.76 28.39 -28.52
C SER F 486 16.28 29.47 -29.47
N SER F 487 16.07 30.70 -28.96
CA SER F 487 15.64 31.79 -29.82
C SER F 487 16.69 32.10 -30.88
N VAL F 488 17.97 32.06 -30.50
CA VAL F 488 19.04 32.28 -31.46
C VAL F 488 19.02 31.22 -32.53
N LEU F 489 18.63 29.99 -32.16
CA LEU F 489 18.55 28.91 -33.13
C LEU F 489 17.40 29.12 -34.11
N ARG F 490 16.32 29.75 -33.65
CA ARG F 490 15.15 29.98 -34.48
C ARG F 490 15.17 31.35 -35.15
N ARG F 491 16.35 31.86 -35.50
CA ARG F 491 16.49 33.17 -36.10
C ARG F 491 16.94 33.05 -37.56
N ASP F 492 16.38 33.90 -38.41
CA ASP F 492 16.71 33.89 -39.83
C ASP F 492 18.16 34.23 -40.10
N ASP F 493 18.84 34.87 -39.14
CA ASP F 493 20.24 35.25 -39.24
C ASP F 493 21.09 34.46 -38.26
N ARG F 494 20.74 33.18 -38.08
CA ARG F 494 21.39 32.34 -37.08
C ARG F 494 22.87 32.12 -37.35
N GLU F 495 23.28 32.06 -38.62
CA GLU F 495 24.67 31.71 -38.93
C GLU F 495 25.63 32.76 -38.38
N ALA F 496 25.36 34.04 -38.61
CA ALA F 496 26.30 35.06 -38.18
C ALA F 496 26.23 35.31 -36.68
N VAL F 497 25.05 35.17 -36.06
CA VAL F 497 24.96 35.25 -34.61
C VAL F 497 25.76 34.13 -33.96
N LEU F 498 25.65 32.91 -34.49
CA LEU F 498 26.45 31.81 -33.98
C LEU F 498 27.94 32.03 -34.22
N LYS F 499 28.28 32.64 -35.36
CA LYS F 499 29.69 32.98 -35.61
C LYS F 499 30.21 33.99 -34.60
N THR F 500 29.39 34.99 -34.27
CA THR F 500 29.76 35.96 -33.25
C THR F 500 29.92 35.30 -31.88
N VAL F 501 29.01 34.38 -31.55
CA VAL F 501 29.13 33.65 -30.28
C VAL F 501 30.41 32.83 -30.25
N ASN F 502 30.76 32.20 -31.37
CA ASN F 502 32.02 31.45 -31.43
C ASN F 502 33.22 32.37 -31.33
N ASP F 503 33.12 33.58 -31.91
CA ASP F 503 34.17 34.58 -31.73
C ASP F 503 34.36 34.93 -30.27
N LEU F 504 33.26 35.10 -29.55
CA LEU F 504 33.34 35.36 -28.11
C LEU F 504 33.92 34.18 -27.36
N VAL F 505 33.57 32.96 -27.77
CA VAL F 505 34.13 31.75 -27.14
C VAL F 505 35.64 31.72 -27.31
N ASP F 506 36.12 32.03 -28.51
CA ASP F 506 37.56 31.99 -28.77
C ASP F 506 38.28 33.14 -28.08
N ALA F 507 37.68 34.33 -28.07
CA ALA F 507 38.35 35.49 -27.49
C ALA F 507 38.44 35.38 -25.97
N ALA F 508 37.35 34.96 -25.32
CA ALA F 508 37.32 34.86 -23.87
C ALA F 508 37.80 33.51 -23.36
N GLY F 509 38.02 32.54 -24.25
CA GLY F 509 38.54 31.25 -23.84
C GLY F 509 37.64 30.49 -22.89
N VAL F 510 36.32 30.52 -23.12
CA VAL F 510 35.41 29.78 -22.25
C VAL F 510 35.61 28.28 -22.44
N VAL F 511 36.02 27.84 -23.61
CA VAL F 511 36.37 26.44 -23.85
C VAL F 511 37.88 26.29 -23.73
N LYS F 512 38.30 25.47 -22.79
CA LYS F 512 39.71 25.22 -22.52
C LYS F 512 39.86 23.77 -22.09
N GLU F 513 41.07 23.41 -21.65
CA GLU F 513 41.30 22.05 -21.18
C GLU F 513 40.69 21.86 -19.80
N GLY F 514 39.86 20.84 -19.67
CA GLY F 514 39.18 20.54 -18.42
C GLY F 514 37.93 21.32 -18.16
N TRP F 515 37.55 22.25 -19.05
CA TRP F 515 36.35 23.05 -18.88
C TRP F 515 35.86 23.52 -20.24
N ASN F 516 34.65 23.11 -20.62
CA ASN F 516 33.98 23.61 -21.81
C ASN F 516 32.79 24.45 -21.34
N GLY F 517 32.85 25.76 -21.57
CA GLY F 517 31.86 26.68 -21.08
C GLY F 517 30.78 27.08 -22.07
N PHE F 518 30.73 26.45 -23.24
CA PHE F 518 29.71 26.76 -24.25
C PHE F 518 28.50 25.86 -24.02
N ASN F 519 27.33 26.47 -23.86
CA ASN F 519 26.09 25.75 -23.62
C ASN F 519 24.98 26.31 -24.50
N VAL F 520 24.15 25.42 -25.01
CA VAL F 520 22.95 25.79 -25.75
C VAL F 520 21.77 25.15 -25.03
N LEU F 521 20.82 25.99 -24.60
CA LEU F 521 19.64 25.52 -23.89
C LEU F 521 18.51 25.34 -24.88
N HIS F 522 17.84 24.20 -24.82
CA HIS F 522 16.77 23.86 -25.75
C HIS F 522 15.43 23.91 -25.04
N ASP F 523 14.39 24.30 -25.78
CA ASP F 523 13.04 24.37 -25.24
C ASP F 523 12.19 23.16 -25.60
N ASN F 524 12.73 22.18 -26.33
CA ASN F 524 11.95 21.04 -26.78
C ASN F 524 12.73 19.75 -26.56
N ALA F 525 11.98 18.68 -26.27
CA ALA F 525 12.64 17.42 -25.97
C ALA F 525 13.15 16.75 -27.24
N SER F 526 12.40 16.83 -28.34
CA SER F 526 12.74 16.08 -29.54
C SER F 526 13.82 16.74 -30.38
N ARG F 527 14.21 17.98 -30.07
CA ARG F 527 15.14 18.69 -30.94
C ARG F 527 16.53 18.05 -30.90
N VAL F 528 17.05 17.78 -29.71
CA VAL F 528 18.39 17.23 -29.60
C VAL F 528 18.44 15.82 -30.19
N ALA F 529 17.40 15.02 -29.96
CA ALA F 529 17.34 13.68 -30.54
C ALA F 529 17.29 13.75 -32.07
N ALA F 530 16.47 14.67 -32.61
CA ALA F 530 16.38 14.80 -34.06
C ALA F 530 17.71 15.23 -34.66
N LEU F 531 18.41 16.16 -34.00
CA LEU F 531 19.74 16.54 -34.46
C LEU F 531 20.72 15.37 -34.38
N ASP F 532 20.63 14.58 -33.31
CA ASP F 532 21.56 13.48 -33.13
C ASP F 532 21.39 12.42 -34.21
N ILE F 533 20.14 12.01 -34.46
CA ILE F 533 19.93 10.96 -35.46
C ILE F 533 20.24 11.46 -36.86
N GLY F 534 20.07 12.76 -37.11
CA GLY F 534 20.32 13.32 -38.41
C GLY F 534 19.04 13.60 -39.16
N PHE F 535 18.04 14.12 -38.43
CA PHE F 535 16.73 14.39 -39.00
C PHE F 535 16.74 15.83 -39.54
N VAL F 536 17.60 16.05 -40.52
CA VAL F 536 17.91 17.37 -41.06
C VAL F 536 17.63 17.36 -42.55
N PRO F 537 17.17 18.46 -43.15
CA PRO F 537 16.98 18.50 -44.60
C PRO F 537 18.26 18.19 -45.36
N SER F 538 18.12 17.43 -46.44
CA SER F 538 19.26 17.04 -47.25
C SER F 538 19.69 18.18 -48.14
N ALA F 539 20.80 17.98 -48.86
CA ALA F 539 21.32 19.01 -49.74
C ALA F 539 20.34 19.36 -50.84
N SER F 540 19.70 18.36 -51.43
CA SER F 540 18.76 18.60 -52.52
C SER F 540 17.55 19.41 -52.05
N ALA F 541 17.02 19.09 -50.87
CA ALA F 541 15.83 19.78 -50.38
C ALA F 541 16.09 21.26 -50.19
N ARG F 542 17.24 21.61 -49.60
CA ARG F 542 17.59 23.01 -49.41
C ARG F 542 17.93 23.68 -50.74
N THR F 543 18.67 22.99 -51.61
CA THR F 543 19.09 23.59 -52.88
C THR F 543 17.89 23.92 -53.75
N ASN F 544 16.98 22.97 -53.93
CA ASN F 544 15.84 23.14 -54.83
C ASN F 544 14.57 22.89 -54.04
N PRO F 545 13.98 23.92 -53.45
CA PRO F 545 12.72 23.74 -52.72
C PRO F 545 11.63 23.24 -53.66
N VAL F 546 10.90 22.22 -53.21
CA VAL F 546 9.86 21.57 -54.01
C VAL F 546 8.56 21.69 -53.24
N PRO F 547 7.48 22.21 -53.84
CA PRO F 547 6.19 22.24 -53.15
C PRO F 547 5.77 20.82 -52.75
N ALA F 548 5.59 20.62 -51.45
CA ALA F 548 5.25 19.30 -50.95
C ALA F 548 3.87 18.88 -51.40
N LYS F 549 3.76 17.62 -51.83
CA LYS F 549 2.48 17.03 -52.20
C LYS F 549 1.90 16.15 -51.12
N VAL F 550 2.74 15.59 -50.26
CA VAL F 550 2.32 14.82 -49.10
C VAL F 550 3.15 15.26 -47.92
N VAL F 551 2.50 15.65 -46.82
CA VAL F 551 3.18 16.10 -45.61
C VAL F 551 2.83 15.14 -44.49
N TYR F 552 3.86 14.65 -43.79
CA TYR F 552 3.70 13.75 -42.66
C TYR F 552 4.00 14.52 -41.38
N LEU F 553 3.01 14.62 -40.50
CA LEU F 553 3.14 15.35 -39.25
C LEU F 553 3.33 14.34 -38.13
N LEU F 554 4.53 14.31 -37.54
CA LEU F 554 4.84 13.39 -36.46
C LEU F 554 4.65 14.09 -35.12
N GLY F 555 3.38 14.37 -34.80
CA GLY F 555 3.05 15.07 -33.58
C GLY F 555 3.26 16.56 -33.62
N SER F 556 3.28 17.15 -34.81
CA SER F 556 3.59 18.56 -35.00
C SER F 556 2.28 19.37 -35.06
N ASP F 557 1.94 20.01 -33.95
CA ASP F 557 0.80 20.92 -33.91
C ASP F 557 1.19 22.38 -33.90
N ASP F 558 2.49 22.70 -33.99
CA ASP F 558 2.97 24.07 -33.97
C ASP F 558 3.60 24.49 -35.29
N PHE F 559 3.34 23.77 -36.37
CA PHE F 559 3.91 24.10 -37.66
C PHE F 559 3.45 25.48 -38.12
N LYS F 560 4.35 26.20 -38.79
CA LYS F 560 3.96 27.42 -39.48
C LYS F 560 3.05 27.10 -40.66
N ASP F 561 2.07 27.98 -40.90
CA ASP F 561 1.04 27.68 -41.89
C ASP F 561 1.61 27.57 -43.30
N GLU F 562 2.72 28.25 -43.59
CA GLU F 562 3.32 28.14 -44.92
C GLU F 562 4.00 26.80 -45.15
N GLU F 563 4.13 25.96 -44.11
CA GLU F 563 4.85 24.69 -44.28
C GLU F 563 4.09 23.73 -45.16
N ILE F 564 2.76 23.76 -45.12
CA ILE F 564 1.90 22.90 -45.93
C ILE F 564 1.31 23.76 -47.05
N PRO F 565 1.51 23.38 -48.32
CA PRO F 565 1.09 24.24 -49.44
C PRO F 565 -0.42 24.42 -49.57
N ALA F 566 -1.23 23.85 -48.68
CA ALA F 566 -2.68 23.99 -48.62
C ALA F 566 -3.39 23.19 -49.71
N ASP F 567 -2.66 22.54 -50.60
CA ASP F 567 -3.21 21.50 -51.46
C ASP F 567 -2.53 20.15 -51.25
N ALA F 568 -1.73 20.03 -50.20
CA ALA F 568 -0.99 18.81 -49.92
C ALA F 568 -1.87 17.80 -49.19
N PHE F 569 -1.47 16.54 -49.27
CA PHE F 569 -2.14 15.46 -48.55
C PHE F 569 -1.42 15.28 -47.22
N VAL F 570 -2.11 15.60 -46.12
CA VAL F 570 -1.50 15.66 -44.80
C VAL F 570 -1.84 14.41 -44.02
N ILE F 571 -0.81 13.74 -43.50
CA ILE F 571 -0.98 12.62 -42.57
C ILE F 571 -0.54 13.10 -41.21
N TYR F 572 -1.47 13.14 -40.26
CA TYR F 572 -1.15 13.53 -38.89
C TYR F 572 -1.07 12.29 -38.01
N GLN F 573 0.07 12.10 -37.38
CA GLN F 573 0.28 11.04 -36.40
C GLN F 573 0.50 11.68 -35.04
N GLY F 574 -0.37 11.36 -34.09
CA GLY F 574 -0.29 12.01 -32.80
C GLY F 574 -1.37 11.50 -31.87
N HIS F 575 -1.37 12.06 -30.67
CA HIS F 575 -2.24 11.62 -29.59
C HIS F 575 -3.25 12.64 -29.09
N HIS F 576 -3.14 13.91 -29.45
CA HIS F 576 -4.18 14.89 -29.21
C HIS F 576 -4.67 15.49 -30.52
N GLY F 577 -5.95 15.87 -30.52
CA GLY F 577 -6.53 16.58 -31.64
C GLY F 577 -6.33 18.07 -31.49
N ASP F 578 -5.59 18.66 -32.42
CA ASP F 578 -5.22 20.07 -32.33
C ASP F 578 -5.10 20.60 -33.76
N LYS F 579 -4.36 21.70 -33.91
CA LYS F 579 -4.19 22.31 -35.22
C LYS F 579 -3.68 21.30 -36.25
N GLY F 580 -2.84 20.36 -35.82
CA GLY F 580 -2.34 19.36 -36.74
C GLY F 580 -3.44 18.43 -37.21
N ALA F 581 -4.24 17.93 -36.28
CA ALA F 581 -5.29 16.96 -36.61
C ALA F 581 -6.38 17.60 -37.45
N ALA F 582 -6.67 18.89 -37.20
CA ALA F 582 -7.73 19.58 -37.94
C ALA F 582 -7.40 19.64 -39.44
N ARG F 583 -6.13 19.76 -39.78
CA ARG F 583 -5.64 19.88 -41.16
C ARG F 583 -5.12 18.55 -41.68
N ALA F 584 -5.74 17.44 -41.32
CA ALA F 584 -5.26 16.13 -41.73
C ALA F 584 -6.28 15.41 -42.58
N ASN F 585 -5.81 14.81 -43.68
CA ASN F 585 -6.65 13.90 -44.46
C ASN F 585 -6.72 12.53 -43.81
N VAL F 586 -5.65 12.09 -43.16
CA VAL F 586 -5.60 10.85 -42.40
C VAL F 586 -5.01 11.15 -41.04
N VAL F 587 -5.66 10.66 -39.99
CA VAL F 587 -5.21 10.81 -38.62
C VAL F 587 -4.86 9.44 -38.09
N LEU F 588 -3.63 9.27 -37.61
CA LEU F 588 -3.18 8.00 -37.06
C LEU F 588 -2.97 8.14 -35.56
N PRO F 589 -3.77 7.49 -34.72
CA PRO F 589 -3.60 7.65 -33.27
C PRO F 589 -2.29 7.04 -32.79
N GLY F 590 -1.66 7.73 -31.84
CA GLY F 590 -0.42 7.26 -31.26
C GLY F 590 -0.46 7.39 -29.75
N ALA F 591 0.46 6.68 -29.10
CA ALA F 591 0.56 6.72 -27.66
C ALA F 591 1.27 8.00 -27.21
N ALA F 592 1.04 8.37 -25.96
CA ALA F 592 1.68 9.53 -25.36
C ALA F 592 2.92 9.09 -24.59
N TYR F 593 3.63 10.06 -24.01
CA TYR F 593 4.85 9.75 -23.28
C TYR F 593 4.57 8.91 -22.04
N THR F 594 3.36 8.99 -21.49
CA THR F 594 2.97 8.16 -20.36
C THR F 594 2.59 6.75 -20.78
N GLU F 595 2.35 6.52 -22.06
CA GLU F 595 1.85 5.25 -22.56
C GLU F 595 2.86 4.47 -23.38
N LYS F 596 4.08 4.96 -23.52
CA LYS F 596 5.06 4.31 -24.38
C LYS F 596 6.43 4.33 -23.72
N ALA F 597 7.27 3.38 -24.11
CA ALA F 597 8.66 3.28 -23.65
C ALA F 597 9.52 3.85 -24.77
N SER F 598 9.93 5.11 -24.61
CA SER F 598 10.57 5.86 -25.68
C SER F 598 11.81 6.57 -25.17
N LEU F 599 12.66 6.96 -26.11
CA LEU F 599 13.94 7.59 -25.81
C LEU F 599 13.88 9.08 -26.10
N PHE F 600 14.37 9.89 -25.15
CA PHE F 600 14.51 11.33 -25.32
C PHE F 600 15.90 11.78 -24.91
N ALA F 601 16.42 12.78 -25.62
CA ALA F 601 17.73 13.36 -25.35
C ALA F 601 17.57 14.75 -24.76
N ASN F 602 18.36 15.04 -23.72
CA ASN F 602 18.27 16.32 -23.02
C ASN F 602 18.97 17.42 -23.81
N THR F 603 18.85 18.65 -23.31
CA THR F 603 19.66 19.74 -23.85
C THR F 603 21.15 19.48 -23.62
N GLU F 604 21.49 18.74 -22.57
CA GLU F 604 22.86 18.27 -22.36
C GLU F 604 23.16 17.00 -23.13
N GLY F 605 22.17 16.43 -23.82
CA GLY F 605 22.37 15.24 -24.62
C GLY F 605 22.28 13.93 -23.88
N ARG F 606 21.99 13.96 -22.58
CA ARG F 606 21.81 12.73 -21.82
C ARG F 606 20.59 11.97 -22.31
N VAL F 607 20.77 10.70 -22.66
CA VAL F 607 19.69 9.89 -23.20
C VAL F 607 18.90 9.30 -22.03
N GLN F 608 17.62 9.60 -21.97
CA GLN F 608 16.74 9.06 -20.94
C GLN F 608 15.52 8.42 -21.58
N THR F 609 14.93 7.48 -20.86
CA THR F 609 13.91 6.60 -21.41
C THR F 609 12.64 6.66 -20.57
N THR F 610 11.49 6.61 -21.24
CA THR F 610 10.20 6.59 -20.58
C THR F 610 9.72 5.15 -20.40
N ARG F 611 8.77 4.99 -19.50
CA ARG F 611 8.08 3.73 -19.25
C ARG F 611 6.59 3.89 -19.52
N THR F 612 5.92 2.75 -19.70
CA THR F 612 4.49 2.70 -19.95
C THR F 612 3.76 2.73 -18.61
N ALA F 613 3.38 3.94 -18.18
CA ALA F 613 2.65 4.05 -16.92
C ALA F 613 1.24 3.52 -17.06
N VAL F 614 0.55 3.89 -18.14
CA VAL F 614 -0.83 3.46 -18.36
C VAL F 614 -0.95 2.87 -19.75
N PRO F 615 -1.88 1.95 -20.00
CA PRO F 615 -1.99 1.34 -21.32
C PRO F 615 -2.51 2.31 -22.37
N VAL F 616 -2.25 1.95 -23.63
CA VAL F 616 -2.67 2.78 -24.75
C VAL F 616 -4.19 2.77 -24.86
N LEU F 617 -4.73 3.89 -25.30
CA LEU F 617 -6.17 4.12 -25.33
C LEU F 617 -6.75 3.77 -26.70
N GLY F 618 -7.86 3.03 -26.68
CA GLY F 618 -8.58 2.76 -27.91
C GLY F 618 -7.75 2.00 -28.91
N ASP F 619 -7.93 2.31 -30.18
CA ASP F 619 -7.19 1.66 -31.26
C ASP F 619 -5.95 2.47 -31.63
N ALA F 620 -5.15 2.82 -30.63
CA ALA F 620 -3.89 3.52 -30.82
C ALA F 620 -2.71 2.57 -30.64
N ARG F 621 -1.58 2.94 -31.24
CA ARG F 621 -0.40 2.09 -31.26
C ARG F 621 0.83 2.92 -30.98
N GLU F 622 1.93 2.24 -30.65
CA GLU F 622 3.22 2.91 -30.54
C GLU F 622 3.65 3.48 -31.90
N ASP F 623 4.25 4.67 -31.87
CA ASP F 623 4.45 5.43 -33.10
C ASP F 623 5.43 4.75 -34.04
N TRP F 624 6.54 4.24 -33.53
CA TRP F 624 7.50 3.54 -34.39
C TRP F 624 6.87 2.31 -35.03
N LYS F 625 6.01 1.61 -34.28
CA LYS F 625 5.27 0.49 -34.86
C LYS F 625 4.34 0.96 -35.97
N ILE F 626 3.72 2.12 -35.79
CA ILE F 626 2.84 2.66 -36.83
C ILE F 626 3.64 2.93 -38.10
N ILE F 627 4.82 3.55 -37.94
CA ILE F 627 5.61 3.88 -39.11
C ILE F 627 6.12 2.62 -39.80
N ARG F 628 6.52 1.62 -39.02
CA ARG F 628 7.01 0.38 -39.63
C ARG F 628 5.90 -0.38 -40.34
N ALA F 629 4.69 -0.41 -39.76
CA ALA F 629 3.56 -1.02 -40.44
C ALA F 629 3.24 -0.29 -41.74
N LEU F 630 3.25 1.04 -41.70
CA LEU F 630 3.03 1.81 -42.92
C LEU F 630 4.11 1.53 -43.94
N SER F 631 5.35 1.34 -43.49
CA SER F 631 6.45 1.02 -44.40
C SER F 631 6.21 -0.31 -45.09
N GLU F 632 5.73 -1.30 -44.35
CA GLU F 632 5.39 -2.57 -44.99
C GLU F 632 4.24 -2.40 -45.99
N VAL F 633 3.23 -1.61 -45.62
CA VAL F 633 2.08 -1.43 -46.51
C VAL F 633 2.49 -0.76 -47.82
N VAL F 634 3.33 0.28 -47.73
CA VAL F 634 3.68 1.06 -48.92
C VAL F 634 4.68 0.37 -49.82
N GLY F 635 5.26 -0.73 -49.39
CA GLY F 635 6.19 -1.48 -50.21
C GLY F 635 7.66 -1.28 -49.94
N GLN F 636 8.02 -0.54 -48.90
CA GLN F 636 9.41 -0.37 -48.48
C GLN F 636 9.50 -0.85 -47.04
N GLN F 637 9.67 -2.16 -46.87
CA GLN F 637 9.65 -2.75 -45.54
C GLN F 637 10.95 -2.42 -44.79
N LEU F 638 10.82 -2.02 -43.54
CA LEU F 638 11.97 -1.64 -42.73
C LEU F 638 12.57 -2.88 -42.05
N PRO F 639 13.90 -2.91 -41.90
CA PRO F 639 14.54 -4.15 -41.42
C PRO F 639 14.14 -4.54 -40.02
N TYR F 640 14.11 -3.58 -39.09
CA TYR F 640 13.77 -3.86 -37.70
C TYR F 640 12.33 -4.31 -37.56
N ASP F 641 12.08 -5.24 -36.63
CA ASP F 641 10.73 -5.67 -36.30
C ASP F 641 10.50 -5.76 -34.79
N SER F 642 11.38 -5.22 -33.97
CA SER F 642 11.21 -5.25 -32.52
C SER F 642 11.85 -4.02 -31.92
N GLN F 643 11.41 -3.69 -30.70
CA GLN F 643 11.95 -2.50 -30.02
C GLN F 643 13.46 -2.60 -29.80
N PRO F 644 14.02 -3.71 -29.32
CA PRO F 644 15.48 -3.78 -29.21
C PRO F 644 16.19 -3.57 -30.53
N GLN F 645 15.62 -4.04 -31.64
CA GLN F 645 16.23 -3.82 -32.94
C GLN F 645 16.22 -2.33 -33.29
N VAL F 646 15.15 -1.63 -32.94
CA VAL F 646 15.09 -0.18 -33.13
C VAL F 646 16.17 0.50 -32.28
N ARG F 647 16.36 0.03 -31.05
CA ARG F 647 17.38 0.61 -30.19
C ARG F 647 18.78 0.36 -30.75
N ALA F 648 18.97 -0.81 -31.36
CA ALA F 648 20.24 -1.10 -32.01
C ALA F 648 20.46 -0.19 -33.22
N ARG F 649 19.39 0.08 -33.97
CA ARG F 649 19.50 1.02 -35.08
C ARG F 649 19.85 2.43 -34.59
N LEU F 650 19.27 2.85 -33.47
CA LEU F 650 19.66 4.12 -32.88
C LEU F 650 21.10 4.12 -32.44
N ALA F 651 21.58 3.00 -31.88
CA ALA F 651 22.98 2.90 -31.48
C ALA F 651 23.91 2.98 -32.68
N GLU F 652 23.52 2.36 -33.79
CA GLU F 652 24.33 2.45 -35.00
C GLU F 652 24.38 3.89 -35.52
N VAL F 653 23.23 4.57 -35.55
CA VAL F 653 23.21 5.92 -36.09
C VAL F 653 23.95 6.88 -35.18
N ALA F 654 23.84 6.69 -33.87
CA ALA F 654 24.52 7.52 -32.88
C ALA F 654 24.91 6.65 -31.68
N PRO F 655 26.20 6.43 -31.45
CA PRO F 655 26.61 5.49 -30.40
C PRO F 655 26.16 5.87 -29.00
N HIS F 656 25.98 7.16 -28.70
CA HIS F 656 25.63 7.56 -27.34
C HIS F 656 24.26 7.04 -26.94
N PHE F 657 23.37 6.81 -27.90
CA PHE F 657 22.04 6.28 -27.60
C PHE F 657 22.09 4.92 -26.91
N ALA F 658 23.18 4.17 -27.09
CA ALA F 658 23.34 2.92 -26.34
C ALA F 658 23.59 3.18 -24.86
N GLU F 659 24.20 4.32 -24.54
CA GLU F 659 24.52 4.68 -23.16
C GLU F 659 23.34 5.46 -22.57
N ILE F 660 22.28 4.74 -22.24
CA ILE F 660 21.10 5.38 -21.65
C ILE F 660 21.43 5.81 -20.22
N GLY F 661 21.12 7.06 -19.91
CA GLY F 661 21.34 7.60 -18.58
C GLY F 661 22.67 8.27 -18.36
N LYS F 662 23.58 8.21 -19.33
CA LYS F 662 24.91 8.80 -19.22
C LYS F 662 25.08 9.87 -20.28
N ALA F 663 25.58 11.03 -19.88
CA ALA F 663 25.91 12.08 -20.83
C ALA F 663 27.31 11.85 -21.38
N GLU F 664 27.44 11.91 -22.70
CA GLU F 664 28.71 11.69 -23.37
C GLU F 664 29.32 13.04 -23.74
N SER F 665 30.61 13.19 -23.47
CA SER F 665 31.31 14.43 -23.80
C SER F 665 31.36 14.63 -25.30
N ALA F 666 31.46 15.88 -25.71
CA ALA F 666 31.56 16.24 -27.13
C ALA F 666 32.96 16.79 -27.42
N LEU F 667 33.59 16.28 -28.47
CA LEU F 667 34.82 16.86 -28.96
C LEU F 667 34.57 18.28 -29.44
N TRP F 668 35.45 19.20 -29.05
CA TRP F 668 35.27 20.60 -29.45
C TRP F 668 35.64 20.79 -30.91
N LEU F 669 34.65 20.63 -31.80
CA LEU F 669 34.83 20.76 -33.23
C LEU F 669 34.13 21.99 -33.77
N ASN F 670 33.69 22.89 -32.89
CA ASN F 670 32.86 24.01 -33.29
C ASN F 670 33.64 24.98 -34.19
N GLY F 671 34.93 25.17 -33.92
CA GLY F 671 35.71 26.07 -34.74
C GLY F 671 35.90 25.58 -36.17
N GLN F 672 36.16 24.29 -36.33
CA GLN F 672 36.28 23.71 -37.67
C GLN F 672 34.97 23.82 -38.45
N TYR F 673 33.84 23.68 -37.78
CA TYR F 673 32.56 23.83 -38.47
C TYR F 673 32.41 25.24 -39.03
N PHE F 674 32.71 26.25 -38.22
CA PHE F 674 32.56 27.63 -38.68
C PHE F 674 33.59 27.99 -39.74
N LYS F 675 34.78 27.39 -39.69
CA LYS F 675 35.69 27.51 -40.81
C LYS F 675 35.13 26.85 -42.05
N GLY F 676 34.36 25.78 -41.89
CA GLY F 676 33.74 25.15 -43.04
C GLY F 676 32.66 26.00 -43.67
N VAL F 677 31.86 26.69 -42.86
CA VAL F 677 30.68 27.38 -43.37
C VAL F 677 30.96 28.86 -43.60
N LYS F 678 32.24 29.20 -43.85
CA LYS F 678 32.63 30.59 -44.10
C LYS F 678 31.70 31.31 -45.06
N ASP F 679 31.51 30.76 -46.26
CA ASP F 679 30.66 31.42 -47.25
C ASP F 679 29.23 31.57 -46.77
N LEU F 680 28.66 30.56 -46.11
CA LEU F 680 27.26 30.62 -45.70
C LEU F 680 27.02 31.72 -44.67
N VAL F 681 27.89 31.84 -43.66
CA VAL F 681 27.69 32.85 -42.64
C VAL F 681 27.79 34.24 -43.25
N ALA F 682 28.62 34.40 -44.29
CA ALA F 682 28.62 35.64 -45.04
C ALA F 682 27.30 35.82 -45.80
N LYS F 683 26.73 34.73 -46.31
CA LYS F 683 25.46 34.82 -47.01
C LYS F 683 24.35 35.30 -46.09
N ALA F 684 24.38 34.89 -44.83
CA ALA F 684 23.34 35.28 -43.89
C ALA F 684 23.31 36.79 -43.71
N ALA F 685 22.10 37.35 -43.73
CA ALA F 685 21.86 38.78 -43.68
C ALA F 685 21.58 39.24 -42.25
N ARG F 686 21.11 40.48 -42.13
CA ARG F 686 20.74 41.08 -40.85
C ARG F 686 19.23 41.27 -40.78
N SER F 687 18.66 41.01 -39.61
CA SER F 687 17.23 41.10 -39.40
C SER F 687 16.91 42.18 -38.38
N THR F 688 15.74 42.80 -38.53
CA THR F 688 15.27 43.83 -37.61
C THR F 688 14.50 43.21 -36.45
N ALA F 689 15.16 42.28 -35.77
CA ALA F 689 14.59 41.61 -34.62
C ALA F 689 15.58 41.65 -33.46
N SER F 690 15.04 41.70 -32.26
CA SER F 690 15.83 41.75 -31.03
C SER F 690 15.76 40.40 -30.34
N LEU F 691 16.90 40.00 -29.75
CA LEU F 691 17.00 38.70 -29.11
C LEU F 691 16.02 38.58 -27.95
N ALA F 692 15.04 37.69 -28.08
CA ALA F 692 14.02 37.54 -27.05
C ALA F 692 13.45 36.14 -27.15
N THR F 693 12.80 35.72 -26.07
CA THR F 693 12.19 34.39 -26.02
C THR F 693 11.04 34.27 -27.02
N ASN F 694 10.81 33.04 -27.49
CA ASN F 694 9.68 32.74 -28.34
C ASN F 694 8.51 32.17 -27.56
N ILE F 695 8.64 32.01 -26.25
CA ILE F 695 7.58 31.46 -25.42
C ILE F 695 6.70 32.62 -24.98
N SER F 696 5.55 32.76 -25.64
CA SER F 696 4.58 33.79 -25.27
C SER F 696 3.97 33.47 -23.91
N ASN F 697 3.41 32.27 -23.77
CA ASN F 697 2.78 31.82 -22.54
C ASN F 697 3.43 30.51 -22.11
N TYR F 698 3.92 30.47 -20.87
CA TYR F 698 4.70 29.34 -20.43
C TYR F 698 3.82 28.11 -20.21
N TYR F 699 2.60 28.33 -19.68
CA TYR F 699 1.74 27.22 -19.28
C TYR F 699 1.23 26.43 -20.49
N MET F 700 0.98 27.09 -21.61
CA MET F 700 0.60 26.42 -22.85
C MET F 700 1.74 26.57 -23.86
N THR F 701 2.45 25.48 -24.12
CA THR F 701 3.45 25.45 -25.19
C THR F 701 3.33 24.22 -26.09
N ASP F 702 2.56 23.21 -25.71
CA ASP F 702 2.40 22.01 -26.53
C ASP F 702 0.94 21.57 -26.47
N ALA F 703 0.62 20.53 -27.24
CA ALA F 703 -0.77 20.09 -27.36
C ALA F 703 -1.32 19.60 -26.02
N ILE F 704 -0.50 18.90 -25.24
CA ILE F 704 -0.97 18.41 -23.94
C ILE F 704 -1.32 19.58 -23.03
N SER F 705 -0.45 20.59 -22.98
CA SER F 705 -0.72 21.75 -22.15
C SER F 705 -1.94 22.52 -22.63
N ARG F 706 -2.11 22.65 -23.94
CA ARG F 706 -3.27 23.36 -24.47
C ARG F 706 -4.58 22.67 -24.11
N ALA F 707 -4.56 21.33 -24.05
CA ALA F 707 -5.76 20.59 -23.66
C ALA F 707 -6.03 20.72 -22.17
N SER F 708 -5.00 20.98 -21.37
CA SER F 708 -5.14 20.97 -19.91
C SER F 708 -6.02 22.12 -19.43
N ARG F 709 -6.99 21.78 -18.58
CA ARG F 709 -7.84 22.79 -17.97
C ARG F 709 -7.09 23.58 -16.91
N THR F 710 -6.25 22.90 -16.14
CA THR F 710 -5.49 23.56 -15.08
C THR F 710 -4.59 24.65 -15.64
N MET F 711 -3.90 24.36 -16.76
CA MET F 711 -3.06 25.37 -17.39
C MET F 711 -3.89 26.56 -17.85
N ALA F 712 -5.11 26.32 -18.34
CA ALA F 712 -5.97 27.41 -18.76
C ALA F 712 -6.33 28.30 -17.59
N LYS F 713 -6.60 27.69 -16.42
CA LYS F 713 -6.88 28.47 -15.23
C LYS F 713 -5.67 29.29 -14.80
N CYS F 714 -4.48 28.69 -14.88
CA CYS F 714 -3.27 29.43 -14.54
C CYS F 714 -3.10 30.62 -15.47
N THR F 715 -3.35 30.42 -16.77
CA THR F 715 -3.22 31.51 -17.72
C THR F 715 -4.23 32.61 -17.42
N ALA F 716 -5.48 32.23 -17.10
CA ALA F 716 -6.47 33.23 -16.76
C ALA F 716 -6.10 34.01 -15.51
N VAL F 717 -5.53 33.32 -14.51
CA VAL F 717 -5.11 34.01 -13.29
C VAL F 717 -3.99 35.01 -13.58
N ARG F 718 -3.01 34.61 -14.39
CA ARG F 718 -1.94 35.54 -14.74
C ARG F 718 -2.46 36.70 -15.58
N GLN F 719 -3.42 36.44 -16.47
CA GLN F 719 -3.99 37.49 -17.33
C GLN F 719 -5.28 38.05 -16.71
N GLN F 720 -5.09 38.80 -15.62
CA GLN F 720 -6.18 39.54 -15.01
C GLN F 720 -5.62 40.67 -14.14
N GLY G 31 -25.56 -50.22 29.73
CA GLY G 31 -24.70 -49.07 29.93
C GLY G 31 -23.37 -49.17 29.21
N THR G 32 -22.32 -48.65 29.84
CA THR G 32 -20.99 -48.70 29.26
C THR G 32 -20.49 -50.13 29.13
N GLU G 33 -20.90 -51.01 30.03
CA GLU G 33 -20.43 -52.39 30.01
C GLU G 33 -20.81 -53.08 28.70
N ARG G 34 -19.93 -53.95 28.23
CA ARG G 34 -20.06 -54.56 26.92
C ARG G 34 -20.04 -56.08 27.06
N ARG G 35 -20.77 -56.76 26.15
CA ARG G 35 -20.86 -58.21 26.12
C ARG G 35 -19.78 -58.82 25.23
N PRO G 36 -19.34 -60.03 25.57
CA PRO G 36 -18.40 -60.73 24.68
C PRO G 36 -18.91 -60.90 23.26
N GLY G 37 -20.20 -61.14 23.09
CA GLY G 37 -20.73 -61.38 21.76
C GLY G 37 -20.86 -60.12 20.91
N GLN G 38 -21.39 -59.05 21.50
CA GLN G 38 -21.64 -57.84 20.74
C GLN G 38 -20.32 -57.12 20.44
N SER G 39 -20.00 -57.03 19.15
CA SER G 39 -18.82 -56.29 18.71
C SER G 39 -19.00 -55.98 17.23
N GLY G 40 -18.25 -54.99 16.76
CA GLY G 40 -18.38 -54.56 15.38
C GLY G 40 -17.31 -55.08 14.45
N ALA G 41 -16.26 -55.69 15.00
CA ALA G 41 -15.15 -56.19 14.21
C ALA G 41 -15.08 -57.70 14.25
N TRP G 42 -14.83 -58.30 13.08
CA TRP G 42 -14.80 -59.75 12.98
C TRP G 42 -13.64 -60.34 13.76
N LYS G 43 -12.46 -59.74 13.66
CA LYS G 43 -11.28 -60.28 14.33
C LYS G 43 -11.44 -60.22 15.84
N GLN G 44 -12.01 -59.13 16.36
CA GLN G 44 -12.26 -59.04 17.79
C GLN G 44 -13.30 -60.06 18.26
N VAL G 45 -14.34 -60.28 17.45
CA VAL G 45 -15.31 -61.32 17.77
C VAL G 45 -14.64 -62.68 17.83
N ASP G 46 -13.73 -62.96 16.90
CA ASP G 46 -13.00 -64.22 16.92
C ASP G 46 -12.12 -64.33 18.16
N LYS G 47 -11.43 -63.24 18.50
CA LYS G 47 -10.59 -63.22 19.70
C LYS G 47 -11.40 -63.54 20.95
N GLN G 48 -12.56 -62.90 21.10
CA GLN G 48 -13.35 -63.08 22.32
C GLN G 48 -14.04 -64.44 22.35
N ARG G 49 -14.42 -64.99 21.19
CA ARG G 49 -15.05 -66.31 21.16
C ARG G 49 -14.09 -67.41 21.57
N TYR G 50 -12.81 -67.29 21.19
CA TYR G 50 -11.85 -68.37 21.34
C TYR G 50 -10.79 -68.10 22.41
N SER G 51 -10.80 -66.92 23.02
CA SER G 51 -9.88 -66.59 24.10
C SER G 51 -10.66 -65.98 25.25
N SER G 52 -10.10 -66.09 26.46
CA SER G 52 -10.73 -65.57 27.66
C SER G 52 -9.94 -64.42 28.27
N GLU G 53 -9.34 -63.57 27.43
CA GLU G 53 -8.76 -62.35 27.94
C GLU G 53 -9.82 -61.29 28.25
N TRP G 54 -11.04 -61.48 27.74
CA TRP G 54 -12.12 -60.57 28.02
C TRP G 54 -12.57 -60.66 29.47
N GLU G 55 -12.37 -61.82 30.09
CA GLU G 55 -12.75 -61.98 31.50
C GLU G 55 -11.80 -61.24 32.43
N GLN G 56 -10.55 -61.07 31.99
CA GLN G 56 -9.60 -60.20 32.69
C GLN G 56 -9.97 -58.72 32.62
N ASP G 57 -10.54 -58.28 31.50
CA ASP G 57 -10.78 -56.85 31.29
C ASP G 57 -11.91 -56.32 32.18
N PRO G 58 -11.74 -55.13 32.77
CA PRO G 58 -12.73 -54.64 33.73
C PRO G 58 -14.02 -54.13 33.10
N THR G 59 -13.96 -53.59 31.88
CA THR G 59 -15.14 -52.95 31.30
C THR G 59 -16.21 -53.99 30.97
N PHE G 60 -15.79 -55.18 30.56
CA PHE G 60 -16.70 -56.26 30.19
C PHE G 60 -17.54 -56.69 31.38
N LYS G 61 -18.62 -57.41 31.08
CA LYS G 61 -19.52 -57.94 32.09
C LYS G 61 -19.08 -59.38 32.35
N GLN G 62 -18.96 -59.73 33.63
CA GLN G 62 -18.41 -61.00 34.04
C GLN G 62 -19.48 -62.08 34.04
N VAL G 63 -19.05 -63.34 34.10
CA VAL G 63 -19.97 -64.47 34.00
C VAL G 63 -20.97 -64.40 35.14
N PRO G 64 -22.23 -64.81 34.92
CA PRO G 64 -23.28 -64.50 35.90
C PRO G 64 -23.03 -65.08 37.28
N LYS G 65 -22.43 -66.26 37.35
CA LYS G 65 -22.01 -67.04 38.51
C LYS G 65 -23.17 -67.48 39.39
N ASN G 66 -24.41 -67.14 39.04
CA ASN G 66 -25.58 -67.65 39.73
C ASN G 66 -26.70 -67.90 38.74
N VAL G 67 -27.64 -68.77 39.13
CA VAL G 67 -28.76 -69.12 38.26
C VAL G 67 -29.62 -67.89 38.00
N SER G 68 -29.93 -67.15 39.06
CA SER G 68 -30.77 -65.97 38.93
C SER G 68 -30.14 -64.94 38.01
N GLU G 69 -28.82 -64.78 38.10
CA GLU G 69 -28.13 -63.84 37.21
C GLU G 69 -28.23 -64.31 35.76
N VAL G 70 -28.18 -65.62 35.53
CA VAL G 70 -28.33 -66.16 34.18
C VAL G 70 -29.72 -65.82 33.64
N LEU G 71 -30.76 -66.03 34.45
CA LEU G 71 -32.10 -65.64 34.02
C LEU G 71 -32.19 -64.13 33.76
N ASP G 72 -31.55 -63.34 34.62
CA ASP G 72 -31.59 -61.89 34.45
C ASP G 72 -30.99 -61.48 33.10
N ASP G 73 -29.80 -61.98 32.79
CA ASP G 73 -29.16 -61.64 31.53
C ASP G 73 -29.96 -62.17 30.34
N SER G 74 -30.50 -63.39 30.48
CA SER G 74 -31.25 -63.98 29.38
C SER G 74 -32.51 -63.18 29.06
N VAL G 75 -33.26 -62.78 30.09
CA VAL G 75 -34.45 -61.97 29.84
C VAL G 75 -34.05 -60.58 29.34
N SER G 76 -32.93 -60.04 29.82
CA SER G 76 -32.50 -58.72 29.34
C SER G 76 -32.21 -58.74 27.85
N VAL G 77 -31.48 -59.76 27.38
CA VAL G 77 -31.15 -59.83 25.96
C VAL G 77 -32.36 -60.24 25.12
N LEU G 78 -33.13 -61.23 25.58
CA LEU G 78 -34.20 -61.79 24.75
C LEU G 78 -35.43 -60.89 24.70
N PHE G 79 -35.66 -60.07 25.72
CA PHE G 79 -36.87 -59.26 25.78
C PHE G 79 -36.63 -57.83 25.33
N LEU G 80 -35.43 -57.49 24.87
CA LEU G 80 -35.12 -56.18 24.32
C LEU G 80 -35.38 -55.09 25.36
N THR G 81 -34.91 -55.33 26.59
CA THR G 81 -35.22 -54.43 27.69
C THR G 81 -34.64 -53.05 27.45
N ASP G 82 -33.34 -52.97 27.15
CA ASP G 82 -32.72 -51.67 26.93
C ASP G 82 -33.42 -50.89 25.83
N ILE G 83 -33.98 -51.60 24.85
CA ILE G 83 -34.66 -50.94 23.72
C ILE G 83 -35.89 -50.19 24.23
N VAL G 84 -36.67 -50.84 25.09
CA VAL G 84 -37.92 -50.25 25.57
C VAL G 84 -37.62 -49.02 26.40
N ARG G 85 -36.52 -49.04 27.14
CA ARG G 85 -36.13 -47.91 27.98
C ARG G 85 -35.90 -46.68 27.10
N GLY G 86 -35.23 -46.85 25.97
CA GLY G 86 -35.13 -45.77 25.00
C GLY G 86 -36.47 -45.40 24.40
N MET G 87 -37.36 -46.39 24.23
CA MET G 87 -38.67 -46.10 23.66
C MET G 87 -39.46 -45.12 24.52
N MET G 88 -39.45 -45.30 25.84
CA MET G 88 -40.18 -44.35 26.68
C MET G 88 -39.59 -42.94 26.60
N TYR G 89 -38.26 -42.83 26.65
CA TYR G 89 -37.66 -41.51 26.59
C TYR G 89 -37.93 -40.83 25.25
N SER G 90 -37.92 -41.60 24.15
CA SER G 90 -38.31 -41.02 22.87
C SER G 90 -39.78 -40.63 22.85
N ALA G 91 -40.66 -41.46 23.42
CA ALA G 91 -42.09 -41.14 23.45
C ALA G 91 -42.37 -39.91 24.28
N SER G 92 -41.48 -39.56 25.23
CA SER G 92 -41.61 -38.27 25.89
C SER G 92 -41.55 -37.12 24.88
N GLY G 93 -40.88 -37.35 23.74
CA GLY G 93 -40.82 -36.34 22.70
C GLY G 93 -42.18 -35.99 22.13
N PHE G 94 -43.07 -36.98 22.04
CA PHE G 94 -44.39 -36.74 21.46
C PHE G 94 -45.16 -35.65 22.20
N PHE G 95 -45.12 -35.67 23.53
CA PHE G 95 -45.99 -34.82 24.34
C PHE G 95 -45.32 -33.57 24.88
N ASP G 96 -44.01 -33.41 24.74
CA ASP G 96 -43.38 -32.21 25.28
C ASP G 96 -43.59 -31.02 24.36
N ASP G 97 -43.44 -29.83 24.93
CA ASP G 97 -43.70 -28.59 24.21
C ASP G 97 -42.78 -28.46 23.00
N LYS G 98 -43.38 -28.42 21.81
CA LYS G 98 -42.61 -28.29 20.58
C LYS G 98 -41.91 -26.94 20.51
N VAL G 99 -40.65 -26.95 20.09
CA VAL G 99 -39.87 -25.74 19.85
C VAL G 99 -39.75 -25.50 18.35
N THR G 100 -40.45 -24.48 17.86
CA THR G 100 -40.45 -24.16 16.44
C THR G 100 -40.99 -22.74 16.26
N ILE G 101 -40.55 -22.10 15.18
CA ILE G 101 -40.96 -20.73 14.86
C ILE G 101 -41.56 -20.71 13.47
N LEU G 102 -42.77 -20.19 13.36
CA LEU G 102 -43.38 -19.90 12.05
C LEU G 102 -42.65 -18.71 11.45
N TYR G 103 -41.73 -18.98 10.54
CA TYR G 103 -40.80 -17.95 10.04
C TYR G 103 -41.48 -16.69 9.51
N PRO G 104 -42.51 -16.75 8.66
CA PRO G 104 -43.11 -15.49 8.20
C PRO G 104 -43.82 -14.74 9.30
N PHE G 105 -44.62 -15.42 10.13
CA PHE G 105 -45.38 -14.75 11.17
C PHE G 105 -44.50 -14.33 12.34
N GLU G 106 -43.61 -15.20 12.78
CA GLU G 106 -42.71 -14.92 13.89
C GLU G 106 -41.27 -14.98 13.42
N LYS G 107 -40.43 -14.10 13.96
CA LYS G 107 -39.04 -13.98 13.55
C LYS G 107 -38.12 -14.25 14.73
N GLY G 108 -36.97 -14.87 14.45
CA GLY G 108 -36.03 -15.16 15.51
C GLY G 108 -35.44 -13.89 16.10
N ALA G 109 -35.07 -13.96 17.37
CA ALA G 109 -34.52 -12.80 18.06
C ALA G 109 -33.23 -12.35 17.39
N VAL G 110 -33.11 -11.05 17.16
CA VAL G 110 -31.95 -10.45 16.51
C VAL G 110 -31.40 -9.36 17.41
N SER G 111 -30.10 -9.44 17.73
CA SER G 111 -29.46 -8.49 18.62
C SER G 111 -29.14 -7.19 17.88
N PRO G 112 -28.88 -6.11 18.61
CA PRO G 112 -28.46 -4.86 17.94
C PRO G 112 -27.17 -4.99 17.14
N ARG G 113 -26.22 -5.81 17.59
CA ARG G 113 -24.93 -5.90 16.92
C ARG G 113 -25.01 -6.57 15.56
N PHE G 114 -26.11 -7.27 15.27
CA PHE G 114 -26.27 -8.04 14.04
C PHE G 114 -25.79 -7.31 12.80
N ARG G 115 -25.00 -8.01 11.99
CA ARG G 115 -24.39 -7.47 10.79
C ARG G 115 -25.16 -7.99 9.58
N GLY G 116 -25.90 -7.11 8.91
CA GLY G 116 -26.70 -7.50 7.76
C GLY G 116 -26.38 -6.65 6.55
N GLU G 117 -27.43 -6.24 5.85
CA GLU G 117 -27.30 -5.46 4.63
C GLU G 117 -26.71 -4.08 4.91
N HIS G 118 -25.77 -3.67 4.05
CA HIS G 118 -25.07 -2.40 4.22
C HIS G 118 -25.97 -1.22 3.88
N ALA G 119 -25.62 -0.06 4.45
CA ALA G 119 -26.39 1.15 4.24
C ALA G 119 -25.51 2.36 4.51
N LEU G 120 -25.45 3.28 3.55
CA LEU G 120 -24.81 4.57 3.76
C LEU G 120 -25.78 5.50 4.49
N ARG G 121 -25.25 6.32 5.39
CA ARG G 121 -26.08 7.14 6.25
C ARG G 121 -25.92 8.63 5.94
N ARG G 122 -26.94 9.38 6.35
CA ARG G 122 -26.99 10.83 6.18
C ARG G 122 -27.09 11.50 7.55
N TYR G 123 -26.61 12.73 7.61
CA TYR G 123 -26.81 13.55 8.80
C TYR G 123 -28.28 13.95 8.89
N PRO G 124 -28.75 14.32 10.08
CA PRO G 124 -30.16 14.74 10.21
C PRO G 124 -30.52 15.91 9.31
N THR G 125 -29.55 16.74 8.93
CA THR G 125 -29.80 17.81 7.96
C THR G 125 -30.07 17.27 6.57
N GLY G 126 -29.68 16.02 6.29
CA GLY G 126 -29.76 15.47 4.96
C GLY G 126 -28.45 15.42 4.21
N GLU G 127 -27.35 15.77 4.85
CA GLU G 127 -26.02 15.68 4.24
C GLU G 127 -25.39 14.34 4.57
N GLU G 128 -24.86 13.69 3.54
CA GLU G 128 -24.25 12.37 3.72
C GLU G 128 -23.06 12.46 4.68
N ARG G 129 -22.95 11.46 5.55
CA ARG G 129 -21.86 11.44 6.53
C ARG G 129 -20.52 11.11 5.90
N CYS G 130 -20.52 10.46 4.74
CA CYS G 130 -19.27 10.01 4.13
C CYS G 130 -18.38 11.19 3.77
N ILE G 131 -17.10 11.06 4.11
CA ILE G 131 -16.07 12.05 3.84
C ILE G 131 -14.94 11.46 3.01
N SER G 132 -15.17 10.29 2.42
CA SER G 132 -14.22 9.65 1.50
C SER G 132 -12.82 9.51 2.07
N CYS G 133 -12.73 9.12 3.35
CA CYS G 133 -11.42 8.82 3.91
C CYS G 133 -10.81 7.59 3.25
N LYS G 134 -11.66 6.69 2.74
CA LYS G 134 -11.27 5.45 2.07
C LYS G 134 -10.65 4.43 3.01
N LEU G 135 -10.84 4.57 4.32
CA LEU G 135 -10.31 3.57 5.23
C LEU G 135 -11.09 2.27 5.11
N CYS G 136 -12.41 2.36 4.92
CA CYS G 136 -13.22 1.15 4.80
C CYS G 136 -12.81 0.32 3.60
N GLU G 137 -12.39 0.97 2.52
CA GLU G 137 -11.90 0.24 1.36
C GLU G 137 -10.52 -0.36 1.61
N ALA G 138 -9.70 0.29 2.43
CA ALA G 138 -8.38 -0.26 2.75
C ALA G 138 -8.47 -1.42 3.72
N ILE G 139 -9.45 -1.41 4.63
CA ILE G 139 -9.57 -2.46 5.62
C ILE G 139 -10.37 -3.65 5.13
N CYS G 140 -11.11 -3.51 4.02
CA CYS G 140 -11.95 -4.57 3.53
C CYS G 140 -11.14 -5.83 3.25
N PRO G 141 -11.36 -6.91 4.01
CA PRO G 141 -10.60 -8.14 3.76
C PRO G 141 -10.90 -8.75 2.41
N ALA G 142 -12.12 -8.58 1.89
CA ALA G 142 -12.53 -9.21 0.65
C ALA G 142 -12.41 -8.28 -0.57
N GLN G 143 -11.99 -7.03 -0.37
CA GLN G 143 -11.91 -6.04 -1.46
C GLN G 143 -13.26 -5.84 -2.15
N ALA G 144 -14.32 -5.74 -1.35
CA ALA G 144 -15.66 -5.59 -1.89
C ALA G 144 -16.06 -4.13 -2.14
N ILE G 145 -15.28 -3.18 -1.65
CA ILE G 145 -15.62 -1.76 -1.73
C ILE G 145 -14.70 -1.08 -2.72
N THR G 146 -15.28 -0.37 -3.69
CA THR G 146 -14.53 0.49 -4.59
C THR G 146 -15.02 1.92 -4.42
N ILE G 147 -14.10 2.84 -4.15
CA ILE G 147 -14.43 4.23 -3.85
C ILE G 147 -13.57 5.13 -4.72
N GLU G 148 -14.19 6.13 -5.31
CA GLU G 148 -13.48 7.22 -5.96
C GLU G 148 -14.22 8.51 -5.64
N ALA G 149 -13.47 9.58 -5.41
CA ALA G 149 -14.06 10.80 -4.88
C ALA G 149 -13.59 12.02 -5.66
N GLU G 150 -14.07 13.18 -5.23
CA GLU G 150 -13.73 14.46 -5.84
C GLU G 150 -14.04 15.56 -4.84
N GLU G 151 -13.64 16.77 -5.18
CA GLU G 151 -14.12 17.95 -4.48
C GLU G 151 -15.47 18.35 -5.06
N ARG G 152 -16.46 18.53 -4.19
CA ARG G 152 -17.75 19.00 -4.63
C ARG G 152 -17.71 20.51 -4.87
N GLU G 153 -18.75 21.01 -5.55
CA GLU G 153 -18.76 22.41 -5.96
C GLU G 153 -18.73 23.34 -4.75
N ASP G 154 -19.42 22.97 -3.68
CA ASP G 154 -19.34 23.75 -2.45
C ASP G 154 -17.94 23.71 -1.87
N GLY G 155 -17.27 22.55 -1.96
CA GLY G 155 -15.90 22.42 -1.51
C GLY G 155 -15.70 21.23 -0.61
N SER G 156 -16.73 20.40 -0.50
CA SER G 156 -16.69 19.25 0.40
C SER G 156 -15.99 18.07 -0.25
N ARG G 157 -15.42 17.21 0.60
CA ARG G 157 -14.79 15.96 0.18
C ARG G 157 -15.86 14.88 0.11
N LYS G 158 -16.35 14.59 -1.09
CA LYS G 158 -17.47 13.67 -1.28
C LYS G 158 -17.13 12.67 -2.36
N THR G 159 -17.77 11.49 -2.28
CA THR G 159 -17.51 10.40 -3.21
C THR G 159 -18.37 10.54 -4.47
N THR G 160 -17.73 10.38 -5.63
CA THR G 160 -18.43 10.22 -6.90
C THR G 160 -18.78 8.77 -7.19
N ARG G 161 -18.33 7.85 -6.35
CA ARG G 161 -18.61 6.42 -6.53
C ARG G 161 -18.39 5.71 -5.20
N TYR G 162 -19.36 4.91 -4.80
CA TYR G 162 -19.22 4.06 -3.62
C TYR G 162 -20.07 2.82 -3.91
N ASP G 163 -19.43 1.77 -4.41
CA ASP G 163 -20.13 0.54 -4.74
C ASP G 163 -19.57 -0.61 -3.92
N ILE G 164 -20.46 -1.49 -3.46
CA ILE G 164 -20.10 -2.65 -2.66
C ILE G 164 -20.60 -3.89 -3.38
N ASP G 165 -19.71 -4.86 -3.55
CA ASP G 165 -20.09 -6.16 -4.11
C ASP G 165 -20.61 -7.04 -2.99
N MET G 166 -21.93 -7.27 -2.96
CA MET G 166 -22.51 -8.11 -1.92
C MET G 166 -22.37 -9.60 -2.21
N THR G 167 -21.90 -9.96 -3.40
CA THR G 167 -21.50 -11.33 -3.69
C THR G 167 -20.04 -11.59 -3.35
N LYS G 168 -19.32 -10.54 -2.96
CA LYS G 168 -17.95 -10.66 -2.49
C LYS G 168 -17.81 -10.28 -1.03
N CYS G 169 -18.80 -9.60 -0.47
CA CYS G 169 -18.80 -9.24 0.94
C CYS G 169 -18.86 -10.49 1.81
N ILE G 170 -18.16 -10.44 2.94
CA ILE G 170 -18.20 -11.50 3.94
C ILE G 170 -18.89 -11.06 5.22
N TYR G 171 -19.39 -9.82 5.27
CA TYR G 171 -20.20 -9.32 6.38
C TYR G 171 -19.45 -9.41 7.69
N CYS G 172 -18.14 -9.16 7.63
CA CYS G 172 -17.30 -9.13 8.82
C CYS G 172 -17.62 -7.92 9.69
N GLY G 173 -17.99 -6.80 9.08
CA GLY G 173 -18.21 -5.57 9.82
C GLY G 173 -16.96 -4.74 10.06
N PHE G 174 -15.84 -5.07 9.39
CA PHE G 174 -14.62 -4.30 9.58
C PHE G 174 -14.80 -2.88 9.05
N CYS G 175 -15.53 -2.74 7.94
CA CYS G 175 -15.76 -1.42 7.36
C CYS G 175 -16.56 -0.52 8.31
N GLN G 176 -17.50 -1.10 9.05
CA GLN G 176 -18.22 -0.33 10.05
C GLN G 176 -17.31 0.06 11.21
N GLU G 177 -16.28 -0.75 11.49
CA GLU G 177 -15.35 -0.44 12.56
C GLU G 177 -14.38 0.66 12.15
N ALA G 178 -13.98 0.68 10.88
CA ALA G 178 -12.95 1.59 10.43
C ALA G 178 -13.48 2.98 10.14
N CYS G 179 -14.77 3.13 9.86
CA CYS G 179 -15.30 4.42 9.46
C CYS G 179 -15.24 5.38 10.64
N PRO G 180 -14.61 6.55 10.50
CA PRO G 180 -14.51 7.48 11.64
C PRO G 180 -15.74 8.35 11.85
N VAL G 181 -16.69 8.37 10.90
CA VAL G 181 -17.84 9.25 10.97
C VAL G 181 -19.15 8.48 10.98
N ASP G 182 -19.09 7.14 11.13
CA ASP G 182 -20.28 6.29 11.17
C ASP G 182 -21.07 6.35 9.87
N ALA G 183 -20.41 6.64 8.74
CA ALA G 183 -21.12 6.75 7.47
C ALA G 183 -21.64 5.40 6.99
N ILE G 184 -20.80 4.36 7.08
CA ILE G 184 -21.16 3.03 6.60
C ILE G 184 -21.50 2.17 7.80
N VAL G 185 -22.66 1.55 7.77
CA VAL G 185 -23.12 0.65 8.82
C VAL G 185 -23.75 -0.56 8.17
N GLU G 186 -23.69 -1.70 8.86
CA GLU G 186 -24.36 -2.91 8.42
C GLU G 186 -25.72 -2.97 9.09
N GLY G 187 -26.78 -2.76 8.30
CA GLY G 187 -28.09 -2.60 8.83
C GLY G 187 -28.66 -3.91 9.36
N PRO G 188 -29.86 -3.84 9.93
CA PRO G 188 -30.48 -5.01 10.56
C PRO G 188 -31.29 -5.88 9.60
N ASN G 189 -31.18 -5.69 8.29
CA ASN G 189 -32.01 -6.38 7.32
C ASN G 189 -31.27 -7.57 6.75
N PHE G 190 -31.86 -8.76 6.90
CA PHE G 190 -31.35 -9.97 6.28
C PHE G 190 -32.24 -10.54 5.18
N GLU G 191 -33.37 -9.91 4.86
CA GLU G 191 -34.20 -10.29 3.72
C GLU G 191 -33.83 -9.41 2.54
N PHE G 192 -32.73 -9.75 1.87
CA PHE G 192 -32.35 -9.01 0.66
C PHE G 192 -31.85 -9.95 -0.43
N SER G 193 -32.43 -11.13 -0.54
CA SER G 193 -32.15 -12.01 -1.66
C SER G 193 -32.68 -11.42 -2.97
N THR G 194 -32.01 -11.75 -4.07
CA THR G 194 -32.36 -11.24 -5.39
C THR G 194 -32.42 -12.40 -6.38
N GLU G 195 -33.09 -12.14 -7.51
CA GLU G 195 -33.20 -13.12 -8.58
C GLU G 195 -32.13 -12.99 -9.65
N THR G 196 -31.34 -11.94 -9.64
CA THR G 196 -30.20 -11.84 -10.55
C THR G 196 -29.01 -11.26 -9.80
N ARG G 197 -27.81 -11.66 -10.24
CA ARG G 197 -26.58 -11.24 -9.57
C ARG G 197 -26.31 -9.76 -9.76
N GLU G 198 -26.82 -9.15 -10.83
CA GLU G 198 -26.55 -7.74 -11.08
C GLU G 198 -27.18 -6.87 -10.00
N GLU G 199 -28.34 -7.24 -9.48
CA GLU G 199 -28.98 -6.50 -8.40
C GLU G 199 -28.22 -6.58 -7.09
N LEU G 200 -27.25 -7.51 -6.98
CA LEU G 200 -26.46 -7.64 -5.77
C LEU G 200 -25.16 -6.83 -5.81
N LEU G 201 -24.93 -6.07 -6.87
CA LEU G 201 -23.81 -5.14 -6.95
C LEU G 201 -24.36 -3.76 -6.59
N TYR G 202 -24.23 -3.39 -5.31
CA TYR G 202 -24.83 -2.15 -4.85
C TYR G 202 -23.97 -0.97 -5.29
N ASP G 203 -24.60 0.21 -5.30
CA ASP G 203 -23.92 1.44 -5.65
C ASP G 203 -24.33 2.52 -4.64
N LYS G 204 -23.78 3.72 -4.83
CA LYS G 204 -23.97 4.78 -3.84
C LYS G 204 -25.44 5.13 -3.66
N GLN G 205 -26.19 5.22 -4.76
CA GLN G 205 -27.61 5.57 -4.67
C GLN G 205 -28.39 4.48 -3.94
N LYS G 206 -28.11 3.22 -4.24
CA LYS G 206 -28.80 2.12 -3.57
C LYS G 206 -28.45 2.07 -2.09
N LEU G 207 -27.18 2.26 -1.75
CA LEU G 207 -26.78 2.24 -0.35
C LEU G 207 -27.40 3.40 0.41
N LEU G 208 -27.48 4.57 -0.22
CA LEU G 208 -28.12 5.72 0.42
C LEU G 208 -29.61 5.47 0.62
N GLU G 209 -30.27 4.83 -0.35
CA GLU G 209 -31.67 4.48 -0.19
C GLU G 209 -31.87 3.49 0.96
N ASN G 210 -30.98 2.51 1.07
CA ASN G 210 -31.06 1.57 2.19
C ASN G 210 -30.85 2.27 3.53
N GLY G 211 -29.95 3.25 3.56
CA GLY G 211 -29.78 4.03 4.77
C GLY G 211 -31.00 4.84 5.13
N ASP G 212 -31.66 5.42 4.11
CA ASP G 212 -32.89 6.17 4.36
C ASP G 212 -34.00 5.26 4.88
N LYS G 213 -34.12 4.06 4.31
CA LYS G 213 -35.21 3.16 4.67
C LYS G 213 -35.09 2.68 6.12
N TRP G 214 -33.88 2.42 6.59
CA TRP G 214 -33.65 1.83 7.91
C TRP G 214 -33.05 2.83 8.90
N GLU G 215 -33.28 4.13 8.69
CA GLU G 215 -32.58 5.13 9.48
C GLU G 215 -32.88 5.01 10.97
N GLN G 216 -34.17 4.96 11.34
CA GLN G 216 -34.52 4.99 12.77
C GLN G 216 -34.00 3.77 13.51
N GLU G 217 -34.14 2.58 12.91
CA GLU G 217 -33.66 1.36 13.55
C GLU G 217 -32.14 1.39 13.72
N ILE G 218 -31.42 1.83 12.68
CA ILE G 218 -29.97 1.93 12.77
C ILE G 218 -29.57 2.94 13.84
N ALA G 219 -30.28 4.06 13.92
CA ALA G 219 -29.95 5.07 14.92
C ALA G 219 -30.16 4.53 16.33
N ALA G 220 -31.26 3.81 16.55
CA ALA G 220 -31.51 3.21 17.86
C ALA G 220 -30.43 2.18 18.20
N ASN G 221 -30.06 1.34 17.23
CA ASN G 221 -29.01 0.35 17.48
C ASN G 221 -27.69 1.01 17.81
N LEU G 222 -27.35 2.10 17.10
CA LEU G 222 -26.10 2.81 17.39
C LEU G 222 -26.14 3.47 18.76
N ARG G 223 -27.28 4.03 19.16
CA ARG G 223 -27.37 4.61 20.49
C ARG G 223 -27.16 3.55 21.56
N THR G 224 -27.74 2.36 21.36
CA THR G 224 -27.49 1.28 22.32
C THR G 224 -26.03 0.85 22.32
N GLU G 225 -25.41 0.73 21.13
CA GLU G 225 -24.05 0.24 21.02
C GLU G 225 -23.00 1.23 21.50
N SER G 226 -23.31 2.53 21.50
CA SER G 226 -22.32 3.53 21.89
C SER G 226 -21.83 3.32 23.31
N LEU G 227 -22.72 2.87 24.20
CA LEU G 227 -22.33 2.62 25.58
C LEU G 227 -21.18 1.63 25.66
N TYR G 228 -21.31 0.48 24.99
CA TYR G 228 -20.22 -0.49 24.98
C TYR G 228 -19.01 0.04 24.22
N ARG G 229 -19.22 0.59 23.02
CA ARG G 229 -18.10 1.08 22.23
C ARG G 229 -18.57 2.13 21.23
N SER H 2 -2.51 -18.09 -35.01
CA SER H 2 -3.75 -17.47 -35.46
C SER H 2 -3.93 -16.08 -34.88
N THR H 3 -4.49 -15.18 -35.68
CA THR H 3 -4.73 -13.80 -35.29
C THR H 3 -6.23 -13.54 -35.20
N LEU H 4 -6.68 -13.01 -34.07
CA LEU H 4 -8.09 -12.70 -33.90
C LEU H 4 -8.54 -11.68 -34.94
N LYS H 5 -9.67 -11.96 -35.57
CA LYS H 5 -10.19 -11.01 -36.53
C LYS H 5 -11.32 -10.19 -35.92
N PRO H 6 -11.30 -8.88 -36.15
CA PRO H 6 -12.33 -8.01 -35.57
C PRO H 6 -13.71 -8.34 -36.11
N PHE H 7 -14.73 -8.03 -35.30
CA PHE H 7 -16.10 -7.94 -35.78
C PHE H 7 -16.21 -6.70 -36.68
N ASP H 8 -16.47 -6.90 -37.97
CA ASP H 8 -16.49 -5.77 -38.92
C ASP H 8 -17.79 -4.99 -38.72
N LEU H 9 -17.79 -4.16 -37.69
CA LEU H 9 -18.88 -3.24 -37.39
C LEU H 9 -18.30 -1.84 -37.27
N ASN H 10 -19.07 -0.85 -37.70
CA ASN H 10 -18.55 0.51 -37.70
C ASN H 10 -18.27 0.98 -36.27
N ALA H 11 -17.12 1.61 -36.08
CA ALA H 11 -16.66 2.13 -34.80
C ALA H 11 -16.43 1.04 -33.77
N ASN H 12 -16.29 -0.21 -34.22
CA ASN H 12 -15.96 -1.29 -33.29
C ASN H 12 -14.58 -1.10 -32.68
N ASN H 13 -13.61 -0.65 -33.48
CA ASN H 13 -12.24 -0.47 -33.01
C ASN H 13 -12.15 0.39 -31.76
N ALA H 14 -13.03 1.39 -31.63
CA ALA H 14 -13.02 2.23 -30.44
C ALA H 14 -13.50 1.45 -29.21
N VAL H 15 -14.70 0.86 -29.29
CA VAL H 15 -15.31 0.24 -28.12
C VAL H 15 -14.60 -1.04 -27.71
N ARG H 16 -14.18 -1.87 -28.68
CA ARG H 16 -13.62 -3.18 -28.35
C ARG H 16 -12.38 -3.03 -27.47
N ASN H 17 -12.22 -3.93 -26.50
CA ASN H 17 -11.00 -3.96 -25.71
C ASN H 17 -10.98 -5.26 -24.92
N GLY H 18 -9.78 -5.83 -24.75
CA GLY H 18 -9.62 -7.09 -24.07
C GLY H 18 -9.22 -8.21 -25.01
N PRO H 19 -8.95 -9.39 -24.46
CA PRO H 19 -8.47 -10.50 -25.30
C PRO H 19 -9.52 -11.10 -26.21
N GLY H 20 -10.80 -10.80 -26.02
CA GLY H 20 -11.84 -11.48 -26.77
C GLY H 20 -12.60 -12.55 -26.04
N GLY H 21 -12.47 -12.64 -24.72
CA GLY H 21 -13.11 -13.67 -23.94
C GLY H 21 -14.43 -13.23 -23.35
N ARG H 22 -14.87 -13.98 -22.34
CA ARG H 22 -16.15 -13.70 -21.69
C ARG H 22 -16.17 -12.33 -21.04
N SER H 23 -15.10 -11.97 -20.33
CA SER H 23 -15.01 -10.71 -19.60
C SER H 23 -14.52 -9.56 -20.46
N SER H 24 -14.10 -9.82 -21.69
CA SER H 24 -13.67 -8.79 -22.61
C SER H 24 -14.87 -8.01 -23.15
N ILE H 25 -14.57 -6.88 -23.81
CA ILE H 25 -15.59 -6.03 -24.41
C ILE H 25 -15.56 -6.22 -25.91
N GLY H 26 -16.65 -6.71 -26.46
CA GLY H 26 -16.88 -6.73 -27.90
C GLY H 26 -17.92 -5.68 -28.23
N GLY H 27 -17.72 -5.00 -29.36
CA GLY H 27 -18.59 -3.90 -29.71
C GLY H 27 -19.87 -4.31 -30.40
N VAL H 28 -20.37 -5.51 -30.08
CA VAL H 28 -21.54 -6.07 -30.73
C VAL H 28 -22.65 -6.19 -29.70
N VAL H 29 -23.75 -5.47 -29.93
CA VAL H 29 -24.99 -5.67 -29.19
C VAL H 29 -25.97 -6.34 -30.15
N ALA H 30 -26.48 -7.50 -29.77
CA ALA H 30 -27.25 -8.34 -30.67
C ALA H 30 -28.63 -8.62 -30.10
N THR H 31 -29.64 -8.53 -30.95
CA THR H 31 -31.00 -8.96 -30.64
C THR H 31 -31.28 -10.24 -31.43
N VAL H 32 -31.21 -11.38 -30.75
CA VAL H 32 -31.42 -12.67 -31.39
C VAL H 32 -32.86 -13.09 -31.11
N PHE H 33 -33.72 -12.98 -32.10
CA PHE H 33 -35.08 -13.49 -31.98
C PHE H 33 -35.09 -15.00 -32.11
N GLY H 34 -35.84 -15.67 -31.24
CA GLY H 34 -35.77 -17.12 -31.16
C GLY H 34 -34.58 -17.64 -30.40
N ALA H 35 -34.11 -16.90 -29.40
CA ALA H 35 -32.89 -17.28 -28.69
C ALA H 35 -33.03 -18.62 -27.99
N ASN H 36 -34.18 -18.88 -27.37
CA ASN H 36 -34.36 -20.11 -26.62
C ASN H 36 -34.45 -21.34 -27.50
N GLY H 37 -34.53 -21.18 -28.82
CA GLY H 37 -34.61 -22.30 -29.73
C GLY H 37 -33.29 -23.02 -29.88
N PHE H 38 -33.33 -24.10 -30.65
CA PHE H 38 -32.13 -24.92 -30.87
C PHE H 38 -31.05 -24.12 -31.60
N ILE H 39 -31.40 -23.47 -32.70
CA ILE H 39 -30.42 -22.70 -33.46
C ILE H 39 -30.05 -21.44 -32.69
N GLY H 40 -31.03 -20.78 -32.10
CA GLY H 40 -30.78 -19.48 -31.48
C GLY H 40 -29.86 -19.57 -30.28
N SER H 41 -29.96 -20.64 -29.50
CA SER H 41 -29.15 -20.75 -28.29
C SER H 41 -27.65 -20.79 -28.62
N TYR H 42 -27.28 -21.53 -29.66
CA TYR H 42 -25.88 -21.62 -30.04
C TYR H 42 -25.36 -20.29 -30.60
N VAL H 43 -26.20 -19.58 -31.36
CA VAL H 43 -25.80 -18.27 -31.87
C VAL H 43 -25.59 -17.30 -30.71
N VAL H 44 -26.49 -17.34 -29.72
CA VAL H 44 -26.33 -16.53 -28.53
C VAL H 44 -25.04 -16.90 -27.81
N ASN H 45 -24.75 -18.19 -27.73
CA ASN H 45 -23.52 -18.63 -27.06
C ASN H 45 -22.29 -18.08 -27.77
N GLU H 46 -22.24 -18.18 -29.09
CA GLU H 46 -21.09 -17.67 -29.83
C GLU H 46 -20.93 -16.17 -29.65
N ILE H 47 -22.01 -15.41 -29.77
CA ILE H 47 -21.88 -13.96 -29.68
C ILE H 47 -21.50 -13.54 -28.27
N SER H 48 -22.12 -14.15 -27.25
CA SER H 48 -21.89 -13.73 -25.87
C SER H 48 -20.56 -14.23 -25.33
N LYS H 49 -20.08 -15.37 -25.84
CA LYS H 49 -18.81 -15.94 -25.39
C LYS H 49 -17.65 -14.99 -25.59
N ARG H 50 -17.71 -14.15 -26.62
CA ARG H 50 -16.63 -13.24 -26.97
C ARG H 50 -16.79 -11.87 -26.33
N GLY H 51 -17.55 -11.78 -25.24
CA GLY H 51 -17.70 -10.54 -24.51
C GLY H 51 -18.75 -9.59 -25.03
N ASN H 52 -19.56 -10.01 -25.98
CA ASN H 52 -20.58 -9.14 -26.54
C ASN H 52 -21.87 -9.25 -25.74
N GLN H 53 -22.76 -8.28 -25.93
CA GLN H 53 -24.02 -8.22 -25.22
C GLN H 53 -25.15 -8.68 -26.14
N VAL H 54 -25.96 -9.62 -25.66
CA VAL H 54 -27.01 -10.25 -26.46
C VAL H 54 -28.35 -9.97 -25.79
N VAL H 55 -29.27 -9.37 -26.53
CA VAL H 55 -30.64 -9.18 -26.06
C VAL H 55 -31.49 -10.33 -26.61
N CYS H 56 -32.13 -11.07 -25.72
CA CYS H 56 -32.88 -12.27 -26.07
C CYS H 56 -34.36 -12.09 -25.76
N PRO H 57 -35.17 -11.63 -26.72
CA PRO H 57 -36.62 -11.60 -26.51
C PRO H 57 -37.18 -13.02 -26.55
N TYR H 58 -38.00 -13.35 -25.56
CA TYR H 58 -38.57 -14.69 -25.44
C TYR H 58 -40.01 -14.62 -24.98
N ARG H 59 -40.83 -15.55 -25.48
CA ARG H 59 -42.17 -15.74 -24.95
C ARG H 59 -42.05 -16.32 -23.54
N CYS H 60 -42.86 -15.80 -22.61
CA CYS H 60 -42.68 -16.12 -21.20
C CYS H 60 -42.49 -17.61 -20.95
N ASN H 61 -41.27 -17.98 -20.58
CA ASN H 61 -40.94 -19.32 -20.13
C ASN H 61 -39.59 -19.32 -19.43
N GLU H 62 -39.62 -19.23 -18.10
CA GLU H 62 -38.39 -19.02 -17.34
C GLU H 62 -37.49 -20.25 -17.40
N ASN H 63 -38.08 -21.45 -17.36
CA ASN H 63 -37.27 -22.67 -17.39
C ASN H 63 -36.63 -22.90 -18.76
N LYS H 64 -37.31 -22.50 -19.84
CA LYS H 64 -36.73 -22.70 -21.17
C LYS H 64 -35.52 -21.80 -21.41
N VAL H 65 -35.52 -20.59 -20.86
CA VAL H 65 -34.42 -19.64 -21.10
C VAL H 65 -33.37 -19.69 -19.99
N GLN H 66 -33.42 -20.73 -19.15
CA GLN H 66 -32.40 -20.86 -18.10
C GLN H 66 -30.98 -21.04 -18.64
N PRO H 67 -30.71 -21.88 -19.64
CA PRO H 67 -29.33 -21.99 -20.12
C PRO H 67 -28.74 -20.68 -20.62
N LEU H 68 -29.57 -19.79 -21.17
CA LEU H 68 -29.05 -18.52 -21.69
C LEU H 68 -28.49 -17.64 -20.58
N LYS H 69 -28.92 -17.85 -19.34
CA LYS H 69 -28.42 -17.04 -18.23
C LYS H 69 -26.94 -17.25 -18.01
N GLN H 70 -26.47 -18.49 -18.14
CA GLN H 70 -25.07 -18.82 -17.94
C GLN H 70 -24.18 -18.34 -19.09
N MET H 71 -24.75 -17.98 -20.24
CA MET H 71 -23.96 -17.81 -21.45
C MET H 71 -22.92 -16.71 -21.32
N GLY H 72 -23.24 -15.63 -20.60
CA GLY H 72 -22.41 -14.45 -20.58
C GLY H 72 -22.20 -13.92 -19.18
N ASP H 73 -21.32 -12.93 -19.09
CA ASP H 73 -20.95 -12.31 -17.82
C ASP H 73 -22.10 -11.40 -17.39
N LEU H 74 -21.90 -10.64 -16.31
CA LEU H 74 -22.96 -9.82 -15.74
C LEU H 74 -23.43 -8.76 -16.72
N GLY H 75 -24.73 -8.71 -16.95
CA GLY H 75 -25.34 -7.70 -17.80
C GLY H 75 -25.18 -7.92 -19.28
N GLN H 76 -24.61 -9.04 -19.71
CA GLN H 76 -24.36 -9.27 -21.12
C GLN H 76 -25.52 -9.95 -21.81
N VAL H 77 -26.18 -10.89 -21.15
CA VAL H 77 -27.35 -11.58 -21.70
C VAL H 77 -28.59 -10.93 -21.11
N VAL H 78 -29.33 -10.19 -21.92
CA VAL H 78 -30.53 -9.48 -21.47
C VAL H 78 -31.75 -10.25 -21.95
N LEU H 79 -32.56 -10.71 -21.01
CA LEU H 79 -33.73 -11.54 -21.30
C LEU H 79 -34.98 -10.68 -21.14
N LEU H 80 -35.67 -10.43 -22.26
CA LEU H 80 -36.90 -9.63 -22.24
C LEU H 80 -38.12 -10.52 -22.10
N PRO H 81 -38.98 -10.27 -21.10
CA PRO H 81 -39.93 -11.30 -20.67
C PRO H 81 -41.07 -11.58 -21.65
N GLU H 82 -41.67 -10.56 -22.27
CA GLU H 82 -42.91 -10.72 -23.03
C GLU H 82 -42.64 -10.38 -24.50
N PHE H 83 -42.44 -11.40 -25.33
CA PHE H 83 -42.21 -11.21 -26.75
C PHE H 83 -43.44 -11.65 -27.52
N ASP H 84 -43.96 -10.77 -28.37
CA ASP H 84 -45.05 -11.09 -29.28
C ASP H 84 -44.65 -10.67 -30.68
N ILE H 85 -44.87 -11.56 -31.65
CA ILE H 85 -44.49 -11.25 -33.02
C ILE H 85 -45.35 -10.14 -33.62
N HIS H 86 -46.53 -9.88 -33.05
CA HIS H 86 -47.44 -8.86 -33.58
C HIS H 86 -47.28 -7.51 -32.90
N ASP H 87 -46.39 -7.37 -31.93
CA ASP H 87 -46.26 -6.13 -31.18
C ASP H 87 -45.08 -5.34 -31.75
N ASP H 88 -45.39 -4.21 -32.41
CA ASP H 88 -44.34 -3.39 -33.02
C ASP H 88 -43.50 -2.67 -31.97
N GLU H 89 -44.15 -2.11 -30.95
CA GLU H 89 -43.44 -1.28 -29.99
C GLU H 89 -42.39 -2.09 -29.25
N TYR H 90 -42.74 -3.33 -28.88
CA TYR H 90 -41.79 -4.22 -28.24
C TYR H 90 -40.61 -4.53 -29.14
N ILE H 91 -40.84 -4.73 -30.44
CA ILE H 91 -39.73 -4.99 -31.35
C ILE H 91 -38.81 -3.79 -31.42
N ARG H 92 -39.36 -2.58 -31.45
CA ARG H 92 -38.52 -1.39 -31.46
C ARG H 92 -37.72 -1.27 -30.18
N ARG H 93 -38.34 -1.57 -29.04
CA ARG H 93 -37.60 -1.53 -27.77
C ARG H 93 -36.48 -2.56 -27.75
N ALA H 94 -36.72 -3.74 -28.31
CA ALA H 94 -35.73 -4.81 -28.25
C ALA H 94 -34.48 -4.46 -29.05
N ILE H 95 -34.64 -3.84 -30.21
CA ILE H 95 -33.50 -3.53 -31.07
C ILE H 95 -33.02 -2.09 -30.86
N SER H 96 -33.40 -1.47 -29.75
CA SER H 96 -33.06 -0.07 -29.52
C SER H 96 -31.55 0.15 -29.53
N ARG H 97 -30.82 -0.65 -28.75
CA ARG H 97 -29.38 -0.51 -28.62
C ARG H 97 -28.60 -1.45 -29.51
N SER H 98 -29.28 -2.27 -30.31
CA SER H 98 -28.63 -3.34 -31.05
C SER H 98 -28.13 -2.87 -32.40
N ASN H 99 -26.90 -3.27 -32.73
CA ASN H 99 -26.30 -3.00 -34.02
C ASN H 99 -26.26 -4.22 -34.94
N VAL H 100 -26.66 -5.40 -34.47
CA VAL H 100 -26.86 -6.58 -35.30
C VAL H 100 -28.12 -7.28 -34.83
N VAL H 101 -28.91 -7.77 -35.78
CA VAL H 101 -30.15 -8.49 -35.47
C VAL H 101 -30.13 -9.83 -36.20
N ILE H 102 -30.35 -10.91 -35.46
CA ILE H 102 -30.44 -12.25 -36.01
C ILE H 102 -31.85 -12.78 -35.78
N ASN H 103 -32.50 -13.27 -36.83
CA ASN H 103 -33.86 -13.79 -36.75
C ASN H 103 -33.83 -15.30 -36.91
N CYS H 104 -34.10 -16.03 -35.82
CA CYS H 104 -34.20 -17.49 -35.84
C CYS H 104 -35.61 -17.97 -35.52
N VAL H 105 -36.62 -17.13 -35.71
CA VAL H 105 -37.98 -17.45 -35.33
C VAL H 105 -38.65 -18.23 -36.46
N GLY H 106 -39.06 -19.45 -36.16
CA GLY H 106 -39.74 -20.29 -37.14
C GLY H 106 -40.50 -21.39 -36.44
N ILE H 107 -41.52 -21.91 -37.12
CA ILE H 107 -42.36 -22.98 -36.58
C ILE H 107 -42.28 -24.19 -37.49
N ARG H 108 -42.03 -25.36 -36.90
CA ARG H 108 -42.04 -26.61 -37.66
C ARG H 108 -43.46 -27.03 -38.02
N GLN H 109 -44.43 -26.73 -37.15
CA GLN H 109 -45.81 -27.13 -37.38
C GLN H 109 -46.75 -25.96 -37.16
N GLU H 110 -47.94 -26.06 -37.75
CA GLU H 110 -49.00 -25.08 -37.56
C GLU H 110 -49.80 -25.37 -36.30
N THR H 111 -50.43 -24.32 -35.77
CA THR H 111 -51.35 -24.43 -34.65
C THR H 111 -52.56 -23.56 -34.97
N LYS H 112 -53.44 -23.39 -33.99
CA LYS H 112 -54.59 -22.53 -34.16
C LYS H 112 -54.18 -21.07 -34.05
N ASN H 113 -53.26 -20.76 -33.14
CA ASN H 113 -52.88 -19.37 -32.88
C ASN H 113 -52.05 -18.80 -34.02
N TYR H 114 -51.06 -19.56 -34.49
CA TYR H 114 -50.11 -19.07 -35.49
C TYR H 114 -50.03 -20.05 -36.64
N SER H 115 -50.11 -19.54 -37.86
CA SER H 115 -49.92 -20.34 -39.06
C SER H 115 -48.55 -20.05 -39.65
N TYR H 116 -48.20 -20.78 -40.72
CA TYR H 116 -46.93 -20.53 -41.40
C TYR H 116 -46.88 -19.11 -41.94
N LYS H 117 -47.98 -18.64 -42.55
CA LYS H 117 -47.97 -17.34 -43.20
C LYS H 117 -47.72 -16.21 -42.21
N ASP H 118 -48.18 -16.37 -40.96
CA ASP H 118 -47.91 -15.36 -39.96
C ASP H 118 -46.43 -15.31 -39.60
N VAL H 119 -45.91 -16.42 -39.06
CA VAL H 119 -44.56 -16.45 -38.51
C VAL H 119 -43.51 -16.25 -39.59
N HIS H 120 -43.67 -16.92 -40.73
CA HIS H 120 -42.63 -16.95 -41.75
C HIS H 120 -42.74 -15.82 -42.77
N VAL H 121 -43.84 -15.07 -42.78
CA VAL H 121 -44.02 -13.99 -43.75
C VAL H 121 -44.28 -12.68 -43.05
N ASP H 122 -45.31 -12.64 -42.20
CA ASP H 122 -45.71 -11.36 -41.61
C ASP H 122 -44.66 -10.84 -40.65
N PHE H 123 -44.13 -11.70 -39.78
CA PHE H 123 -43.11 -11.27 -38.84
C PHE H 123 -41.85 -10.79 -39.53
N PRO H 124 -41.28 -11.50 -40.52
CA PRO H 124 -40.11 -10.95 -41.21
C PRO H 124 -40.34 -9.60 -41.86
N THR H 125 -41.49 -9.37 -42.49
CA THR H 125 -41.72 -8.08 -43.13
C THR H 125 -41.81 -6.95 -42.12
N ARG H 126 -42.59 -7.13 -41.05
CA ARG H 126 -42.72 -6.09 -40.03
C ARG H 126 -41.38 -5.82 -39.35
N LEU H 127 -40.65 -6.88 -38.99
CA LEU H 127 -39.35 -6.70 -38.37
C LEU H 127 -38.38 -6.03 -39.34
N ALA H 128 -38.48 -6.36 -40.62
CA ALA H 128 -37.61 -5.74 -41.62
C ALA H 128 -37.87 -4.24 -41.70
N LYS H 129 -39.15 -3.85 -41.69
CA LYS H 129 -39.47 -2.42 -41.69
C LYS H 129 -38.95 -1.74 -40.43
N ILE H 130 -39.12 -2.37 -39.27
CA ILE H 130 -38.71 -1.76 -38.01
C ILE H 130 -37.19 -1.61 -37.97
N VAL H 131 -36.45 -2.61 -38.46
CA VAL H 131 -35.00 -2.50 -38.51
C VAL H 131 -34.56 -1.44 -39.51
N ALA H 132 -35.24 -1.37 -40.66
CA ALA H 132 -34.87 -0.41 -41.68
C ALA H 132 -35.04 1.02 -41.20
N GLU H 133 -36.13 1.31 -40.48
CA GLU H 133 -36.37 2.68 -40.05
C GLU H 133 -35.34 3.15 -39.03
N SER H 134 -34.75 2.23 -38.26
CA SER H 134 -33.82 2.61 -37.22
C SER H 134 -32.54 3.21 -37.78
N GLY H 135 -31.78 2.40 -38.53
CA GLY H 135 -30.52 2.82 -39.11
C GLY H 135 -29.30 2.45 -38.30
N LYS H 136 -29.46 2.32 -36.97
CA LYS H 136 -28.35 1.90 -36.12
C LYS H 136 -27.93 0.46 -36.41
N VAL H 137 -28.90 -0.41 -36.70
CA VAL H 137 -28.59 -1.80 -37.02
C VAL H 137 -27.77 -1.85 -38.29
N GLU H 138 -26.60 -2.49 -38.22
CA GLU H 138 -25.67 -2.56 -39.33
C GLU H 138 -25.72 -3.89 -40.06
N ARG H 139 -25.89 -4.99 -39.34
CA ARG H 139 -25.89 -6.33 -39.92
C ARG H 139 -27.22 -7.01 -39.61
N PHE H 140 -27.77 -7.68 -40.62
CA PHE H 140 -28.97 -8.50 -40.44
C PHE H 140 -28.72 -9.88 -41.00
N ILE H 141 -29.00 -10.91 -40.20
CA ILE H 141 -28.81 -12.30 -40.59
C ILE H 141 -30.13 -13.04 -40.41
N GLN H 142 -30.58 -13.71 -41.45
CA GLN H 142 -31.77 -14.55 -41.39
C GLN H 142 -31.41 -16.00 -41.66
N VAL H 143 -31.96 -16.90 -40.85
CA VAL H 143 -31.69 -18.33 -40.94
C VAL H 143 -32.88 -19.00 -41.61
N SER H 144 -32.60 -19.75 -42.69
CA SER H 144 -33.64 -20.43 -43.43
C SER H 144 -33.17 -21.83 -43.79
N GLU H 145 -34.10 -22.65 -44.28
CA GLU H 145 -33.77 -24.00 -44.74
C GLU H 145 -33.13 -23.96 -46.11
N MET H 146 -32.40 -25.03 -46.44
CA MET H 146 -31.83 -25.15 -47.78
C MET H 146 -32.92 -25.34 -48.83
N GLY H 147 -33.91 -26.18 -48.55
CA GLY H 147 -34.91 -26.50 -49.54
C GLY H 147 -35.98 -25.46 -49.74
N ALA H 148 -35.92 -24.33 -49.03
CA ALA H 148 -36.93 -23.30 -49.17
C ALA H 148 -36.93 -22.75 -50.59
N ASP H 149 -38.11 -22.77 -51.22
CA ASP H 149 -38.27 -22.27 -52.57
C ASP H 149 -39.71 -21.79 -52.74
N VAL H 150 -39.89 -20.79 -53.60
CA VAL H 150 -41.24 -20.29 -53.87
C VAL H 150 -42.08 -21.36 -54.55
N SER H 151 -41.46 -22.14 -55.43
CA SER H 151 -42.16 -23.24 -56.10
C SER H 151 -41.89 -24.56 -55.39
N HIS H 152 -42.37 -24.63 -54.14
CA HIS H 152 -42.23 -25.81 -53.31
C HIS H 152 -43.61 -26.27 -52.85
N ALA H 153 -43.82 -27.59 -52.85
CA ALA H 153 -45.11 -28.14 -52.45
C ALA H 153 -45.40 -27.85 -50.99
N SER H 154 -44.40 -28.00 -50.13
CA SER H 154 -44.59 -27.78 -48.70
C SER H 154 -44.84 -26.30 -48.40
N ARG H 155 -45.81 -26.03 -47.54
CA ARG H 155 -46.16 -24.65 -47.21
C ARG H 155 -45.08 -23.98 -46.35
N ARG H 156 -44.45 -24.73 -45.47
CA ARG H 156 -43.41 -24.18 -44.62
C ARG H 156 -42.24 -23.64 -45.45
N LEU H 157 -41.72 -24.46 -46.35
CA LEU H 157 -40.55 -24.07 -47.13
C LEU H 157 -40.88 -23.00 -48.15
N GLN H 158 -42.14 -22.87 -48.53
CA GLN H 158 -42.56 -21.82 -49.45
C GLN H 158 -42.72 -20.48 -48.73
N THR H 159 -43.38 -20.49 -47.57
CA THR H 159 -43.51 -19.27 -46.79
C THR H 159 -42.15 -18.74 -46.35
N LYS H 160 -41.22 -19.65 -46.02
CA LYS H 160 -39.89 -19.19 -45.62
C LYS H 160 -39.19 -18.45 -46.76
N ALA H 161 -39.33 -18.94 -47.99
CA ALA H 161 -38.70 -18.28 -49.12
C ALA H 161 -39.36 -16.94 -49.41
N VAL H 162 -40.68 -16.87 -49.27
CA VAL H 162 -41.36 -15.58 -49.46
C VAL H 162 -40.89 -14.56 -48.43
N GLY H 163 -40.77 -14.99 -47.17
CA GLY H 163 -40.28 -14.09 -46.15
C GLY H 163 -38.85 -13.65 -46.39
N ASP H 164 -38.00 -14.55 -46.88
CA ASP H 164 -36.63 -14.17 -47.22
C ASP H 164 -36.60 -13.13 -48.33
N GLU H 165 -37.45 -13.30 -49.35
CA GLU H 165 -37.50 -12.30 -50.41
C GLU H 165 -37.96 -10.95 -49.88
N ALA H 166 -38.96 -10.95 -48.98
CA ALA H 166 -39.39 -9.68 -48.40
C ALA H 166 -38.26 -9.02 -47.61
N ILE H 167 -37.51 -9.80 -46.83
CA ILE H 167 -36.38 -9.25 -46.09
C ILE H 167 -35.33 -8.67 -47.03
N MET H 168 -35.01 -9.40 -48.10
CA MET H 168 -34.06 -8.88 -49.07
C MET H 168 -34.55 -7.59 -49.70
N LYS H 169 -35.86 -7.48 -49.90
CA LYS H 169 -36.40 -6.25 -50.47
C LYS H 169 -36.22 -5.06 -49.52
N TYR H 170 -36.63 -5.23 -48.26
CA TYR H 170 -36.53 -4.12 -47.32
C TYR H 170 -35.09 -3.81 -46.92
N ILE H 171 -34.34 -4.82 -46.51
CA ILE H 171 -32.92 -4.64 -46.21
C ILE H 171 -32.11 -5.31 -47.32
N PRO H 172 -31.50 -4.53 -48.23
CA PRO H 172 -30.69 -5.15 -49.28
C PRO H 172 -29.40 -5.80 -48.81
N ASP H 173 -28.84 -5.38 -47.67
CA ASP H 173 -27.55 -5.88 -47.23
C ASP H 173 -27.66 -7.03 -46.24
N ALA H 174 -28.85 -7.62 -46.10
CA ALA H 174 -29.04 -8.72 -45.18
C ALA H 174 -28.44 -10.01 -45.75
N THR H 175 -27.97 -10.87 -44.86
CA THR H 175 -27.40 -12.15 -45.23
C THR H 175 -28.36 -13.27 -44.85
N ILE H 176 -28.64 -14.15 -45.80
CA ILE H 176 -29.59 -15.25 -45.62
C ILE H 176 -28.78 -16.52 -45.41
N ILE H 177 -28.66 -16.94 -44.15
CA ILE H 177 -28.00 -18.21 -43.83
C ILE H 177 -28.98 -19.35 -44.06
N ARG H 178 -28.56 -20.34 -44.84
CA ARG H 178 -29.43 -21.46 -45.26
C ARG H 178 -28.76 -22.79 -44.93
N PRO H 179 -28.74 -23.19 -43.66
CA PRO H 179 -28.14 -24.47 -43.30
C PRO H 179 -29.03 -25.65 -43.66
N GLY H 180 -28.40 -26.82 -43.73
CA GLY H 180 -29.12 -28.07 -43.92
C GLY H 180 -29.68 -28.56 -42.60
N ASN H 181 -30.13 -29.82 -42.63
CA ASN H 181 -30.58 -30.46 -41.40
C ASN H 181 -29.48 -30.43 -40.34
N VAL H 182 -29.73 -29.72 -39.25
CA VAL H 182 -28.70 -29.45 -38.26
C VAL H 182 -28.69 -30.58 -37.23
N VAL H 183 -27.51 -31.14 -36.98
CA VAL H 183 -27.32 -32.21 -36.01
C VAL H 183 -26.78 -31.61 -34.72
N GLY H 184 -27.38 -31.99 -33.59
CA GLY H 184 -26.93 -31.50 -32.31
C GLY H 184 -27.53 -32.31 -31.19
N ILE H 185 -27.17 -31.96 -29.96
CA ILE H 185 -27.71 -32.64 -28.80
C ILE H 185 -29.19 -32.33 -28.65
N GLU H 186 -29.60 -31.11 -28.95
CA GLU H 186 -30.99 -30.68 -28.86
C GLU H 186 -31.65 -30.57 -30.22
N ASP H 187 -31.12 -31.26 -31.22
CA ASP H 187 -31.64 -31.14 -32.58
C ASP H 187 -32.98 -31.86 -32.72
N TYR H 188 -33.67 -31.56 -33.81
CA TYR H 188 -34.92 -32.21 -34.16
C TYR H 188 -34.75 -33.17 -35.33
N PHE H 189 -33.50 -33.46 -35.72
CA PHE H 189 -33.24 -34.38 -36.82
C PHE H 189 -32.98 -35.78 -36.28
N TYR H 190 -31.85 -35.94 -35.59
CA TYR H 190 -31.49 -37.25 -35.06
C TYR H 190 -32.41 -37.66 -33.93
N ASN H 191 -32.82 -36.70 -33.10
CA ASN H 191 -33.70 -37.02 -31.98
C ASN H 191 -35.04 -37.55 -32.47
N ASN H 192 -35.61 -36.91 -33.49
CA ASN H 192 -36.87 -37.40 -34.04
C ASN H 192 -36.69 -38.74 -34.74
N LEU H 193 -35.57 -38.93 -35.45
CA LEU H 193 -35.34 -40.21 -36.09
C LEU H 193 -35.20 -41.33 -35.06
N ILE H 194 -34.49 -41.06 -33.97
CA ILE H 194 -34.32 -42.06 -32.92
C ILE H 194 -35.66 -42.39 -32.26
N PHE H 195 -36.42 -41.35 -31.91
CA PHE H 195 -37.72 -41.59 -31.31
C PHE H 195 -38.62 -42.40 -32.24
N GLN H 196 -38.52 -42.13 -33.54
CA GLN H 196 -39.28 -42.91 -34.52
C GLN H 196 -38.84 -44.37 -34.51
N LEU H 197 -37.53 -44.62 -34.47
CA LEU H 197 -37.04 -46.00 -34.54
C LEU H 197 -37.39 -46.82 -33.31
N SER H 198 -37.45 -46.19 -32.13
CA SER H 198 -37.51 -46.91 -30.87
C SER H 198 -38.88 -46.89 -30.19
N TYR H 199 -39.52 -45.74 -30.04
CA TYR H 199 -40.80 -45.69 -29.32
C TYR H 199 -42.01 -45.59 -30.24
N THR H 200 -41.85 -45.92 -31.53
CA THR H 200 -42.97 -45.92 -32.45
C THR H 200 -43.16 -47.33 -32.99
N ILE H 201 -44.43 -47.72 -33.21
CA ILE H 201 -44.74 -49.08 -33.64
C ILE H 201 -44.03 -49.41 -34.95
N VAL H 202 -44.14 -48.52 -35.94
CA VAL H 202 -43.47 -48.67 -37.22
C VAL H 202 -42.85 -47.33 -37.61
N ALA H 203 -41.69 -47.37 -38.26
CA ALA H 203 -41.02 -46.17 -38.70
C ALA H 203 -41.36 -45.92 -40.17
N PRO H 204 -42.31 -45.04 -40.49
CA PRO H 204 -42.64 -44.80 -41.89
C PRO H 204 -41.57 -43.94 -42.56
N VAL H 205 -41.09 -44.41 -43.72
CA VAL H 205 -40.09 -43.71 -44.50
C VAL H 205 -40.74 -43.31 -45.82
N ILE H 206 -40.72 -42.00 -46.12
CA ILE H 206 -41.37 -41.52 -47.33
C ILE H 206 -40.59 -42.03 -48.54
N ASN H 207 -41.29 -42.68 -49.45
CA ASN H 207 -40.69 -43.43 -50.57
C ASN H 207 -39.72 -44.43 -49.96
N ASN H 208 -38.52 -44.60 -50.52
CA ASN H 208 -37.54 -45.55 -50.00
C ASN H 208 -36.34 -44.86 -49.39
N GLY H 209 -36.49 -43.60 -48.99
CA GLY H 209 -35.35 -42.80 -48.56
C GLY H 209 -34.51 -42.24 -49.68
N ALA H 210 -35.06 -42.13 -50.90
CA ALA H 210 -34.27 -41.67 -52.03
C ALA H 210 -33.78 -40.24 -51.83
N ASN H 211 -34.61 -39.38 -51.25
CA ASN H 211 -34.29 -37.95 -51.13
C ASN H 211 -32.92 -37.75 -50.49
N LYS H 212 -32.09 -36.93 -51.13
CA LYS H 212 -30.75 -36.64 -50.66
C LYS H 212 -30.76 -35.41 -49.76
N VAL H 213 -29.91 -35.44 -48.72
CA VAL H 213 -29.80 -34.35 -47.76
C VAL H 213 -28.32 -34.15 -47.42
N GLN H 214 -28.02 -32.96 -46.92
CA GLN H 214 -26.66 -32.58 -46.52
C GLN H 214 -26.67 -32.06 -45.08
N PRO H 215 -26.72 -32.97 -44.11
CA PRO H 215 -26.77 -32.53 -42.71
C PRO H 215 -25.46 -31.88 -42.28
N THR H 216 -25.58 -30.93 -41.36
CA THR H 216 -24.45 -30.18 -40.84
C THR H 216 -24.53 -30.09 -39.33
N TYR H 217 -23.37 -29.98 -38.70
CA TYR H 217 -23.29 -29.92 -37.25
C TYR H 217 -23.57 -28.50 -36.75
N ILE H 218 -24.14 -28.41 -35.54
CA ILE H 218 -24.60 -27.13 -35.01
C ILE H 218 -23.42 -26.19 -34.78
N LEU H 219 -22.29 -26.72 -34.32
CA LEU H 219 -21.12 -25.87 -34.09
C LEU H 219 -20.64 -25.25 -35.39
N ASP H 220 -20.77 -25.97 -36.50
CA ASP H 220 -20.37 -25.44 -37.79
C ASP H 220 -21.24 -24.27 -38.21
N VAL H 221 -22.56 -24.37 -37.99
CA VAL H 221 -23.44 -23.27 -38.33
C VAL H 221 -23.19 -22.07 -37.43
N ALA H 222 -22.94 -22.31 -36.14
CA ALA H 222 -22.63 -21.22 -35.22
C ALA H 222 -21.34 -20.50 -35.62
N ASP H 223 -20.31 -21.26 -35.98
CA ASP H 223 -19.08 -20.65 -36.46
C ASP H 223 -19.31 -19.91 -37.78
N ALA H 224 -20.15 -20.45 -38.65
CA ALA H 224 -20.43 -19.75 -39.89
C ALA H 224 -21.10 -18.41 -39.62
N VAL H 225 -21.99 -18.37 -38.62
CA VAL H 225 -22.61 -17.10 -38.21
C VAL H 225 -21.53 -16.12 -37.75
N VAL H 226 -20.58 -16.61 -36.95
CA VAL H 226 -19.50 -15.73 -36.48
C VAL H 226 -18.68 -15.20 -37.65
N LYS H 227 -18.36 -16.06 -38.61
CA LYS H 227 -17.61 -15.61 -39.78
C LYS H 227 -18.41 -14.65 -40.66
N ILE H 228 -19.74 -14.80 -40.71
CA ILE H 228 -20.57 -13.81 -41.38
C ILE H 228 -20.43 -12.46 -40.69
N LEU H 229 -20.47 -12.47 -39.35
CA LEU H 229 -20.43 -11.18 -38.65
C LEU H 229 -19.04 -10.56 -38.68
N LYS H 230 -17.99 -11.36 -38.79
CA LYS H 230 -16.62 -10.85 -38.87
C LYS H 230 -16.22 -10.39 -40.27
N ASP H 231 -17.10 -10.49 -41.27
CA ASP H 231 -16.81 -9.97 -42.60
C ASP H 231 -17.99 -9.14 -43.09
N LYS H 232 -17.71 -7.90 -43.52
CA LYS H 232 -18.73 -7.06 -44.11
C LYS H 232 -18.98 -7.40 -45.57
N LYS H 233 -18.02 -8.04 -46.24
CA LYS H 233 -18.20 -8.44 -47.62
C LYS H 233 -19.27 -9.52 -47.78
N THR H 234 -19.64 -10.22 -46.71
CA THR H 234 -20.67 -11.24 -46.78
C THR H 234 -22.07 -10.66 -46.90
N SER H 235 -22.24 -9.37 -46.61
CA SER H 235 -23.58 -8.79 -46.59
C SER H 235 -24.24 -8.86 -47.96
N GLY H 236 -25.54 -9.08 -47.97
CA GLY H 236 -26.29 -9.17 -49.21
C GLY H 236 -26.20 -10.49 -49.93
N LYS H 237 -25.66 -11.52 -49.29
CA LYS H 237 -25.43 -12.80 -49.94
C LYS H 237 -26.08 -13.92 -49.14
N THR H 238 -26.53 -14.94 -49.86
CA THR H 238 -27.13 -16.14 -49.26
C THR H 238 -26.13 -17.28 -49.27
N TYR H 239 -25.94 -17.91 -48.12
CA TYR H 239 -24.96 -18.96 -47.94
C TYR H 239 -25.66 -20.29 -47.67
N TYR H 240 -25.40 -21.29 -48.52
CA TYR H 240 -25.99 -22.61 -48.37
C TYR H 240 -25.02 -23.47 -47.57
N LEU H 241 -25.23 -23.53 -46.25
CA LEU H 241 -24.31 -24.22 -45.35
C LEU H 241 -24.65 -25.72 -45.30
N GLY H 242 -24.35 -26.40 -46.40
CA GLY H 242 -24.48 -27.84 -46.41
C GLY H 242 -23.31 -28.53 -45.74
N GLY H 243 -23.51 -29.80 -45.40
CA GLY H 243 -22.48 -30.56 -44.73
C GLY H 243 -21.42 -31.04 -45.69
N PRO H 244 -20.35 -31.62 -45.14
CA PRO H 244 -19.27 -32.12 -45.99
C PRO H 244 -19.71 -33.24 -46.92
N GLU H 245 -20.62 -34.09 -46.47
CA GLU H 245 -21.04 -35.28 -47.20
C GLU H 245 -22.55 -35.21 -47.47
N THR H 246 -22.92 -35.56 -48.70
CA THR H 246 -24.32 -35.69 -49.10
C THR H 246 -24.81 -37.14 -48.96
N LEU H 247 -25.92 -37.32 -48.24
CA LEU H 247 -26.42 -38.65 -47.92
C LEU H 247 -27.90 -38.73 -48.22
N THR H 248 -28.34 -39.87 -48.73
CA THR H 248 -29.75 -40.13 -48.86
C THR H 248 -30.32 -40.52 -47.50
N MET H 249 -31.64 -40.37 -47.35
CA MET H 249 -32.26 -40.66 -46.06
C MET H 249 -32.11 -42.13 -45.70
N ARG H 250 -32.09 -43.00 -46.71
CA ARG H 250 -31.90 -44.42 -46.44
C ARG H 250 -30.54 -44.69 -45.80
N GLN H 251 -29.49 -44.02 -46.26
CA GLN H 251 -28.18 -44.19 -45.63
C GLN H 251 -28.20 -43.74 -44.17
N ILE H 252 -28.85 -42.60 -43.89
CA ILE H 252 -28.88 -42.10 -42.51
C ILE H 252 -29.68 -43.04 -41.61
N TYR H 253 -30.81 -43.54 -42.11
CA TYR H 253 -31.59 -44.50 -41.32
C TYR H 253 -30.78 -45.76 -41.06
N ASP H 254 -30.10 -46.27 -42.09
CA ASP H 254 -29.29 -47.48 -41.92
C ASP H 254 -28.18 -47.25 -40.92
N HIS H 255 -27.54 -46.08 -40.96
CA HIS H 255 -26.41 -45.84 -40.10
C HIS H 255 -26.85 -45.60 -38.66
N LEU H 256 -28.03 -44.99 -38.47
CA LEU H 256 -28.60 -44.93 -37.13
C LEU H 256 -28.92 -46.31 -36.59
N ILE H 257 -29.49 -47.18 -37.42
CA ILE H 257 -29.77 -48.56 -37.00
C ILE H 257 -28.48 -49.26 -36.64
N ASP H 258 -27.41 -49.03 -37.42
CA ASP H 258 -26.12 -49.66 -37.13
C ASP H 258 -25.54 -49.14 -35.83
N THR H 259 -25.50 -47.82 -35.65
CA THR H 259 -24.89 -47.25 -34.44
C THR H 259 -25.66 -47.67 -33.20
N LEU H 260 -26.99 -47.58 -33.24
CA LEU H 260 -27.82 -48.02 -32.13
C LEU H 260 -27.86 -49.53 -31.95
N ARG H 261 -27.37 -50.32 -32.92
CA ARG H 261 -27.42 -51.78 -32.85
C ARG H 261 -28.84 -52.27 -32.64
N LEU H 262 -29.79 -51.69 -33.38
CA LEU H 262 -31.14 -52.23 -33.41
C LEU H 262 -31.12 -53.68 -33.87
N SER H 263 -32.03 -54.48 -33.30
CA SER H 263 -32.12 -55.89 -33.65
C SER H 263 -32.20 -56.09 -35.16
N ASN H 264 -33.11 -55.38 -35.81
CA ASN H 264 -33.28 -55.44 -37.25
C ASN H 264 -33.79 -54.10 -37.74
N ASP H 265 -34.26 -54.06 -38.98
CA ASP H 265 -34.76 -52.84 -39.60
C ASP H 265 -36.25 -52.69 -39.30
N ASP H 266 -36.61 -51.63 -38.60
CA ASP H 266 -38.01 -51.36 -38.26
C ASP H 266 -38.65 -50.41 -39.27
N THR H 267 -37.88 -49.85 -40.19
CA THR H 267 -38.41 -48.91 -41.15
C THR H 267 -39.33 -49.61 -42.14
N VAL H 268 -40.42 -48.94 -42.52
CA VAL H 268 -41.35 -49.47 -43.51
C VAL H 268 -41.42 -48.50 -44.67
N ASN H 269 -41.96 -48.98 -45.79
CA ASN H 269 -42.12 -48.17 -47.00
C ASN H 269 -43.51 -47.57 -47.01
N LEU H 270 -43.61 -46.32 -46.53
CA LEU H 270 -44.81 -45.51 -46.71
C LEU H 270 -44.58 -44.58 -47.90
N ARG H 271 -44.86 -45.12 -49.09
CA ARG H 271 -44.64 -44.36 -50.32
C ARG H 271 -45.51 -43.11 -50.36
N TYR H 272 -45.09 -42.15 -51.19
CA TYR H 272 -45.84 -40.93 -51.41
C TYR H 272 -47.16 -41.27 -52.13
N GLU H 273 -48.06 -40.29 -52.16
CA GLU H 273 -49.45 -40.44 -52.61
C GLU H 273 -50.28 -41.20 -51.59
N LEU H 274 -49.64 -41.77 -50.57
CA LEU H 274 -50.36 -42.33 -49.43
C LEU H 274 -50.24 -41.47 -48.18
N ALA H 275 -49.04 -40.96 -47.88
CA ALA H 275 -48.93 -39.98 -46.81
C ALA H 275 -49.76 -38.74 -47.12
N LYS H 276 -49.86 -38.38 -48.40
CA LYS H 276 -50.66 -37.26 -48.86
C LYS H 276 -52.16 -37.47 -48.64
N MET H 277 -52.59 -38.69 -48.35
CA MET H 277 -53.97 -38.98 -48.01
C MET H 277 -54.17 -39.25 -46.52
N LEU H 278 -53.16 -39.83 -45.86
CA LEU H 278 -53.28 -40.08 -44.43
C LEU H 278 -53.13 -38.80 -43.61
N TYR H 279 -52.19 -37.93 -43.98
CA TYR H 279 -51.91 -36.73 -43.21
C TYR H 279 -52.70 -35.51 -43.65
N LYS H 280 -53.31 -35.56 -44.85
CA LYS H 280 -54.02 -34.39 -45.35
C LYS H 280 -55.14 -33.93 -44.43
N PRO H 281 -56.03 -34.81 -43.94
CA PRO H 281 -56.99 -34.34 -42.92
C PRO H 281 -56.32 -33.95 -41.61
N LEU H 282 -55.23 -34.60 -41.24
CA LEU H 282 -54.59 -34.31 -39.96
C LEU H 282 -53.95 -32.92 -39.93
N ASP H 283 -53.62 -32.34 -41.09
CA ASP H 283 -53.20 -30.95 -41.09
C ASP H 283 -54.35 -30.03 -40.68
N THR H 284 -55.54 -30.25 -41.23
CA THR H 284 -56.71 -29.48 -40.80
C THR H 284 -57.03 -29.74 -39.34
N LEU H 285 -56.77 -30.96 -38.87
CA LEU H 285 -56.89 -31.24 -37.45
C LEU H 285 -55.93 -30.37 -36.64
N ARG H 286 -54.69 -30.24 -37.10
CA ARG H 286 -53.73 -29.42 -36.38
C ARG H 286 -54.13 -27.97 -36.33
N THR H 287 -54.65 -27.44 -37.45
CA THR H 287 -54.91 -26.01 -37.50
C THR H 287 -56.03 -25.57 -36.57
N LYS H 288 -56.78 -26.51 -35.99
CA LYS H 288 -57.89 -26.15 -35.10
C LYS H 288 -57.68 -26.65 -33.68
N LEU H 289 -56.51 -27.19 -33.34
CA LEU H 289 -56.21 -27.72 -32.02
C LEU H 289 -54.87 -27.21 -31.54
N PRO H 290 -54.64 -27.18 -30.22
CA PRO H 290 -53.35 -26.69 -29.69
C PRO H 290 -52.20 -27.65 -29.97
N GLU H 291 -51.00 -27.26 -29.53
CA GLU H 291 -49.82 -28.10 -29.66
C GLU H 291 -49.93 -29.35 -28.77
N PHE H 292 -49.77 -30.51 -29.39
CA PHE H 292 -49.90 -31.81 -28.74
C PHE H 292 -48.63 -32.61 -29.01
N PRO H 293 -48.00 -33.18 -27.98
CA PRO H 293 -46.77 -33.96 -28.21
C PRO H 293 -47.00 -35.22 -29.01
N PHE H 294 -48.20 -35.80 -28.97
CA PHE H 294 -48.43 -37.11 -29.56
C PHE H 294 -48.13 -37.10 -31.06
N LEU H 295 -48.56 -36.05 -31.76
CA LEU H 295 -48.47 -36.00 -33.21
C LEU H 295 -47.88 -34.66 -33.62
N GLY H 296 -46.86 -34.69 -34.49
CA GLY H 296 -46.21 -33.47 -34.89
C GLY H 296 -45.04 -33.66 -35.83
N PHE H 297 -44.88 -32.73 -36.78
CA PHE H 297 -43.70 -32.63 -37.63
C PHE H 297 -43.65 -33.79 -38.62
N MET H 298 -43.26 -34.97 -38.15
CA MET H 298 -43.18 -36.14 -39.03
C MET H 298 -44.53 -36.49 -39.63
N MET H 299 -45.59 -36.41 -38.84
CA MET H 299 -46.92 -36.85 -39.25
C MET H 299 -47.69 -35.71 -39.92
N SER H 300 -47.10 -35.16 -40.98
CA SER H 300 -47.73 -34.09 -41.73
C SER H 300 -47.47 -34.26 -43.21
N SER H 301 -48.40 -33.75 -44.02
CA SER H 301 -48.22 -33.76 -45.47
C SER H 301 -47.06 -32.87 -45.90
N ASP H 302 -46.82 -31.79 -45.17
CA ASP H 302 -45.70 -30.91 -45.51
C ASP H 302 -44.37 -31.65 -45.38
N TYR H 303 -44.22 -32.47 -44.33
CA TYR H 303 -43.01 -33.24 -44.17
C TYR H 303 -42.84 -34.23 -45.30
N ALA H 304 -43.93 -34.89 -45.70
CA ALA H 304 -43.88 -35.80 -46.84
C ALA H 304 -43.51 -35.08 -48.12
N GLU H 305 -44.06 -33.88 -48.33
CA GLU H 305 -43.74 -33.12 -49.54
C GLU H 305 -42.30 -32.67 -49.55
N GLU H 306 -41.73 -32.34 -48.40
CA GLU H 306 -40.33 -31.94 -48.36
C GLU H 306 -39.38 -33.13 -48.31
N GLN H 307 -39.89 -34.34 -48.09
CA GLN H 307 -39.08 -35.55 -48.12
C GLN H 307 -39.20 -36.30 -49.44
N VAL H 308 -39.83 -35.72 -50.45
CA VAL H 308 -39.85 -36.29 -51.79
C VAL H 308 -38.94 -35.52 -52.74
N ALA H 309 -38.30 -34.45 -52.27
CA ALA H 309 -37.38 -33.65 -53.04
C ALA H 309 -35.97 -33.76 -52.47
N ASP H 310 -34.98 -33.36 -53.27
CA ASP H 310 -33.58 -33.41 -52.86
C ASP H 310 -33.20 -32.04 -52.30
N SER H 311 -33.07 -31.96 -50.98
CA SER H 311 -32.68 -30.73 -50.31
C SER H 311 -31.15 -30.65 -50.27
N VAL H 312 -30.56 -30.27 -51.41
CA VAL H 312 -29.12 -30.17 -51.54
C VAL H 312 -28.78 -28.78 -52.07
N ALA H 313 -27.55 -28.37 -51.81
CA ALA H 313 -27.11 -27.05 -52.22
C ALA H 313 -27.02 -26.98 -53.74
N PRO H 314 -27.43 -25.87 -54.34
CA PRO H 314 -27.20 -25.67 -55.78
C PRO H 314 -25.71 -25.62 -56.08
N ALA H 315 -25.36 -26.08 -57.29
CA ALA H 315 -23.96 -26.23 -57.67
C ALA H 315 -23.22 -24.89 -57.55
N GLY H 316 -23.60 -23.92 -58.38
CA GLY H 316 -23.11 -22.57 -58.17
C GLY H 316 -23.79 -21.95 -56.96
N SER H 317 -23.06 -21.84 -55.85
CA SER H 317 -23.63 -21.32 -54.62
C SER H 317 -22.51 -21.04 -53.63
N LEU H 318 -22.80 -20.15 -52.68
CA LEU H 318 -21.89 -19.88 -51.59
C LEU H 318 -22.09 -20.91 -50.49
N GLY H 319 -21.01 -21.20 -49.78
CA GLY H 319 -21.05 -22.22 -48.75
C GLY H 319 -19.97 -22.04 -47.71
N TYR H 320 -19.58 -23.15 -47.08
CA TYR H 320 -18.58 -23.11 -46.02
C TYR H 320 -17.20 -22.71 -46.53
N LYS H 321 -16.88 -23.08 -47.77
CA LYS H 321 -15.55 -22.77 -48.31
C LYS H 321 -15.32 -21.26 -48.39
N ASP H 322 -16.36 -20.51 -48.76
CA ASP H 322 -16.21 -19.06 -48.83
C ASP H 322 -15.96 -18.46 -47.46
N LEU H 323 -16.45 -19.10 -46.40
CA LEU H 323 -16.22 -18.66 -45.04
C LEU H 323 -14.98 -19.29 -44.42
N SER H 324 -14.22 -20.07 -45.18
CA SER H 324 -12.99 -20.70 -44.70
C SER H 324 -13.25 -21.58 -43.48
N ILE H 325 -14.31 -22.39 -43.57
CA ILE H 325 -14.66 -23.36 -42.54
C ILE H 325 -14.71 -24.73 -43.18
N SER H 326 -14.11 -25.72 -42.51
CA SER H 326 -14.24 -27.09 -42.93
C SER H 326 -15.32 -27.75 -42.09
N PRO H 327 -16.49 -28.07 -42.64
CA PRO H 327 -17.54 -28.69 -41.83
C PRO H 327 -17.14 -30.07 -41.36
N ALA H 328 -17.52 -30.39 -40.13
CA ALA H 328 -17.23 -31.70 -39.56
C ALA H 328 -18.28 -32.72 -39.98
N LYS H 329 -17.84 -33.95 -40.18
CA LYS H 329 -18.75 -35.01 -40.57
C LYS H 329 -19.75 -35.28 -39.45
N VAL H 330 -21.02 -35.48 -39.84
CA VAL H 330 -22.08 -35.71 -38.88
C VAL H 330 -22.33 -37.18 -38.59
N THR H 331 -21.63 -38.07 -39.29
CA THR H 331 -21.76 -39.51 -39.06
C THR H 331 -20.62 -40.10 -38.23
N GLU H 332 -19.67 -39.28 -37.81
CA GLU H 332 -18.55 -39.78 -37.03
C GLU H 332 -18.03 -38.67 -36.12
N GLY H 333 -17.29 -39.08 -35.08
CA GLY H 333 -16.66 -38.12 -34.20
C GLY H 333 -17.59 -37.65 -33.10
N LEU H 334 -17.38 -36.41 -32.66
CA LEU H 334 -18.15 -35.87 -31.55
C LEU H 334 -19.62 -35.69 -31.92
N ALA H 335 -19.89 -35.34 -33.18
CA ALA H 335 -21.24 -35.14 -33.66
C ALA H 335 -22.14 -36.33 -33.38
N ILE H 336 -21.61 -37.55 -33.44
CA ILE H 336 -22.41 -38.76 -33.38
C ILE H 336 -22.41 -39.36 -31.96
N GLU H 337 -21.73 -38.70 -31.02
CA GLU H 337 -21.67 -39.18 -29.64
C GLU H 337 -23.04 -39.27 -28.98
N GLY H 338 -23.94 -38.32 -29.28
CA GLY H 338 -25.21 -38.31 -28.58
C GLY H 338 -26.02 -39.57 -28.83
N VAL H 339 -26.15 -39.95 -30.09
CA VAL H 339 -26.81 -41.22 -30.40
C VAL H 339 -25.95 -42.39 -29.94
N ARG H 340 -24.62 -42.20 -29.91
CA ARG H 340 -23.74 -43.29 -29.52
C ARG H 340 -23.95 -43.69 -28.07
N PHE H 341 -24.21 -42.71 -27.20
CA PHE H 341 -24.39 -42.98 -25.78
C PHE H 341 -25.55 -43.92 -25.50
N ILE H 342 -26.60 -43.87 -26.33
CA ILE H 342 -27.77 -44.73 -26.13
C ILE H 342 -27.39 -46.20 -26.09
N ARG H 343 -26.91 -46.75 -27.20
CA ARG H 343 -26.48 -48.14 -27.28
C ARG H 343 -25.44 -48.28 -28.40
N VAL H 344 -24.41 -49.08 -28.13
CA VAL H 344 -23.42 -49.46 -29.14
C VAL H 344 -23.16 -50.96 -29.12
N GLY H 345 -24.03 -51.72 -28.47
CA GLY H 345 -23.93 -53.16 -28.47
C GLY H 345 -22.98 -53.73 -27.43
N GLY H 346 -22.11 -52.90 -26.88
CA GLY H 346 -21.35 -53.24 -25.69
C GLY H 346 -21.98 -52.57 -24.51
N TYR H 347 -22.72 -51.49 -24.79
CA TYR H 347 -23.60 -50.87 -23.80
C TYR H 347 -24.85 -51.71 -23.61
N ASP H 348 -25.37 -51.66 -22.37
CA ASP H 348 -26.54 -52.42 -21.88
C ASP H 348 -26.99 -53.60 -22.76
N ALA I 24 23.45 0.41 9.79
CA ALA I 24 24.65 0.00 9.06
C ALA I 24 25.53 -0.90 9.92
N THR I 25 25.47 -0.69 11.23
CA THR I 25 26.26 -1.49 12.16
C THR I 25 25.83 -2.95 12.14
N ALA I 26 24.65 -3.24 12.70
CA ALA I 26 24.06 -4.57 12.70
C ALA I 26 22.62 -4.50 13.19
N PRO I 27 21.72 -5.29 12.61
CA PRO I 27 20.37 -5.38 13.20
C PRO I 27 20.35 -6.06 14.56
N GLN I 28 21.18 -7.08 14.76
CA GLN I 28 21.27 -7.81 16.03
C GLN I 28 19.90 -8.34 16.47
N ASP I 29 19.25 -9.04 15.56
CA ASP I 29 17.94 -9.64 15.78
C ASP I 29 17.86 -10.89 14.91
N PHE I 30 16.64 -11.36 14.66
CA PHE I 30 16.44 -12.54 13.82
C PHE I 30 17.19 -12.45 12.49
N SER I 31 17.39 -11.24 11.98
CA SER I 31 18.15 -11.07 10.75
C SER I 31 19.56 -11.62 10.87
N LEU I 32 20.11 -11.67 12.09
CA LEU I 32 21.42 -12.28 12.28
C LEU I 32 21.40 -13.75 11.87
N ALA I 33 20.44 -14.51 12.40
CA ALA I 33 20.32 -15.91 12.03
C ALA I 33 19.91 -16.07 10.58
N MET I 34 19.15 -15.13 10.04
CA MET I 34 18.79 -15.17 8.62
C MET I 34 20.03 -15.09 7.74
N LYS I 35 20.86 -14.08 7.97
CA LYS I 35 22.10 -13.93 7.20
C LYS I 35 23.03 -15.12 7.42
N LYS I 36 23.07 -15.65 8.65
CA LYS I 36 23.99 -16.75 8.92
C LYS I 36 23.55 -18.01 8.19
N ALA I 37 22.24 -18.27 8.17
CA ALA I 37 21.69 -19.34 7.36
C ALA I 37 21.97 -19.12 5.87
N ASP I 38 21.97 -17.86 5.44
CA ASP I 38 22.32 -17.57 4.05
C ASP I 38 23.75 -17.97 3.75
N GLU I 39 24.68 -17.60 4.63
CA GLU I 39 26.09 -17.83 4.32
C GLU I 39 26.50 -19.29 4.51
N ILE I 40 25.83 -20.03 5.41
CA ILE I 40 26.16 -21.45 5.56
C ILE I 40 25.75 -22.24 4.33
N TYR I 41 24.59 -21.96 3.77
CA TYR I 41 24.01 -22.77 2.70
C TYR I 41 24.24 -22.13 1.34
N SER I 42 24.02 -22.92 0.30
CA SER I 42 24.24 -22.48 -1.07
C SER I 42 23.39 -23.32 -2.00
N GLY I 43 23.25 -22.85 -3.23
CA GLY I 43 22.45 -23.51 -4.25
C GLY I 43 23.33 -24.08 -5.33
N LYS I 44 22.92 -25.23 -5.86
CA LYS I 44 23.65 -25.88 -6.94
C LYS I 44 23.43 -25.16 -8.25
N THR I 45 24.49 -25.02 -9.04
CA THR I 45 24.41 -24.30 -10.30
C THR I 45 23.67 -25.14 -11.34
N VAL I 46 22.78 -24.49 -12.08
CA VAL I 46 22.07 -25.12 -13.19
C VAL I 46 22.16 -24.18 -14.37
N LYS I 47 21.95 -24.73 -15.58
CA LYS I 47 21.94 -23.91 -16.78
C LYS I 47 20.77 -22.93 -16.76
N ALA I 48 20.99 -21.76 -17.35
CA ALA I 48 20.01 -20.69 -17.32
C ALA I 48 18.74 -21.11 -18.06
N GLY I 49 17.60 -20.96 -17.38
CA GLY I 49 16.30 -21.28 -17.95
C GLY I 49 15.79 -22.67 -17.65
N ASP I 50 16.65 -23.56 -17.15
CA ASP I 50 16.22 -24.93 -16.88
C ASP I 50 15.18 -24.99 -15.78
N ILE I 51 15.33 -24.16 -14.74
CA ILE I 51 14.39 -24.15 -13.63
C ILE I 51 13.01 -23.70 -14.11
N GLY I 52 12.96 -22.82 -15.11
CA GLY I 52 11.68 -22.35 -15.60
C GLY I 52 10.80 -23.47 -16.14
N PHE I 53 11.42 -24.48 -16.76
CA PHE I 53 10.66 -25.66 -17.18
C PHE I 53 10.17 -26.47 -15.98
N SER I 54 10.98 -26.55 -14.92
CA SER I 54 10.56 -27.28 -13.73
C SER I 54 9.41 -26.57 -13.02
N ALA I 55 9.32 -25.24 -13.16
CA ALA I 55 8.30 -24.49 -12.45
C ALA I 55 6.89 -24.94 -12.83
N GLY I 56 6.67 -25.28 -14.09
CA GLY I 56 5.40 -25.77 -14.56
C GLY I 56 4.41 -24.70 -14.98
N VAL I 57 4.81 -23.43 -14.99
CA VAL I 57 3.96 -22.34 -15.42
C VAL I 57 3.94 -22.30 -16.95
N PRO I 58 3.00 -21.59 -17.57
CA PRO I 58 3.04 -21.44 -19.03
C PRO I 58 4.36 -20.85 -19.49
N LEU I 59 4.91 -21.40 -20.57
CA LEU I 59 6.22 -20.97 -21.06
C LEU I 59 6.17 -19.56 -21.63
N GLU I 60 5.00 -19.08 -22.04
CA GLU I 60 4.84 -17.71 -22.52
C GLU I 60 5.07 -16.69 -21.42
N THR I 61 5.07 -17.12 -20.15
CA THR I 61 5.39 -16.22 -19.04
C THR I 61 6.80 -15.66 -19.18
N TYR I 62 7.74 -16.48 -19.63
CA TYR I 62 9.14 -16.05 -19.75
C TYR I 62 9.40 -15.20 -20.98
N ASN I 63 8.43 -15.08 -21.90
CA ASN I 63 8.54 -14.10 -22.97
C ASN I 63 8.41 -12.68 -22.46
N ARG I 64 7.80 -12.48 -21.29
CA ARG I 64 7.68 -11.16 -20.71
C ARG I 64 9.05 -10.62 -20.30
N LYS I 65 9.20 -9.30 -20.40
CA LYS I 65 10.46 -8.64 -20.12
C LYS I 65 10.47 -8.16 -18.68
N VAL I 66 11.67 -8.11 -18.10
CA VAL I 66 11.86 -7.82 -16.69
C VAL I 66 12.67 -6.54 -16.52
N ARG I 67 12.23 -5.70 -15.58
CA ARG I 67 12.97 -4.53 -15.15
C ARG I 67 13.37 -4.71 -13.70
N ILE I 68 14.68 -4.68 -13.43
CA ILE I 68 15.19 -4.82 -12.08
C ILE I 68 15.60 -3.42 -11.62
N PHE I 69 14.87 -2.88 -10.64
CA PHE I 69 15.11 -1.51 -10.22
C PHE I 69 14.85 -1.38 -8.73
N CYS I 70 15.41 -0.33 -8.14
CA CYS I 70 15.07 0.04 -6.78
C CYS I 70 14.20 1.29 -6.81
N PRO I 71 13.03 1.28 -6.17
CA PRO I 71 12.20 2.49 -6.14
C PRO I 71 12.95 3.66 -5.56
N ALA I 72 12.72 4.83 -6.14
CA ALA I 72 13.23 6.08 -5.57
C ALA I 72 12.33 6.55 -4.43
N LYS I 73 12.84 7.50 -3.66
CA LYS I 73 12.09 8.03 -2.52
C LYS I 73 10.90 8.83 -3.01
N ALA I 74 9.76 8.67 -2.33
CA ALA I 74 8.61 9.52 -2.61
C ALA I 74 8.92 10.94 -2.20
N ALA I 75 8.51 11.89 -3.04
CA ALA I 75 8.81 13.30 -2.77
C ALA I 75 8.01 13.86 -1.59
N SER I 76 6.88 13.25 -1.26
CA SER I 76 6.07 13.76 -0.15
C SER I 76 6.77 13.57 1.20
N GLN I 77 7.44 12.43 1.37
CA GLN I 77 8.02 12.05 2.65
C GLN I 77 9.54 12.17 2.62
N SER I 78 10.13 12.36 3.81
CA SER I 78 11.56 12.52 3.96
C SER I 78 12.23 11.31 4.60
N GLY I 79 11.49 10.23 4.84
CA GLY I 79 12.10 9.02 5.36
C GLY I 79 12.97 8.33 4.33
N LEU I 80 14.03 7.70 4.82
CA LEU I 80 15.01 7.02 3.96
C LEU I 80 14.87 5.51 3.98
N GLY I 81 13.81 4.97 4.58
CA GLY I 81 13.69 3.53 4.68
C GLY I 81 13.57 2.85 3.33
N ARG I 82 12.72 3.40 2.46
CA ARG I 82 12.48 2.76 1.17
C ARG I 82 13.69 2.87 0.25
N THR I 83 14.54 3.88 0.45
CA THR I 83 15.71 4.06 -0.38
C THR I 83 16.80 3.05 -0.04
N LEU I 84 17.75 2.89 -0.96
CA LEU I 84 18.99 2.20 -0.65
C LEU I 84 19.86 3.07 0.24
N HIS I 85 19.71 2.90 1.55
CA HIS I 85 20.46 3.64 2.54
C HIS I 85 20.96 2.66 3.59
N PRO I 86 22.10 2.96 4.23
CA PRO I 86 22.57 2.09 5.32
C PRO I 86 21.55 1.87 6.43
N SER I 87 20.61 2.80 6.61
CA SER I 87 19.53 2.59 7.57
C SER I 87 18.64 1.43 7.18
N SER I 88 18.36 1.29 5.89
CA SER I 88 17.43 0.27 5.42
C SER I 88 18.00 -1.14 5.53
N LYS I 89 17.25 -2.04 6.16
CA LYS I 89 17.64 -3.44 6.28
C LYS I 89 16.69 -4.38 5.54
N ALA I 90 15.76 -3.84 4.75
CA ALA I 90 14.80 -4.69 4.06
C ALA I 90 15.16 -4.83 2.59
N PRO I 91 14.73 -5.91 1.94
CA PRO I 91 14.93 -6.05 0.50
C PRO I 91 14.20 -4.96 -0.28
N GLN I 92 14.92 -4.32 -1.19
CA GLN I 92 14.40 -3.17 -1.92
C GLN I 92 14.48 -3.26 -3.43
N TRP I 93 15.04 -4.33 -3.99
CA TRP I 93 15.15 -4.47 -5.43
C TRP I 93 13.98 -5.31 -5.89
N LYS I 94 13.18 -4.77 -6.79
CA LYS I 94 12.00 -5.47 -7.30
C LYS I 94 12.23 -5.95 -8.72
N ILE I 95 11.65 -7.12 -9.01
CA ILE I 95 11.40 -7.55 -10.38
C ILE I 95 9.99 -7.13 -10.77
N VAL I 96 9.88 -6.33 -11.83
CA VAL I 96 8.59 -5.87 -12.31
C VAL I 96 8.48 -6.22 -13.79
N PHE I 97 7.27 -6.57 -14.21
CA PHE I 97 6.98 -6.87 -15.60
C PHE I 97 6.30 -5.67 -16.26
N GLU I 98 6.38 -5.62 -17.57
CA GLU I 98 5.83 -4.49 -18.32
C GLU I 98 4.31 -4.47 -18.19
N ASN I 99 3.75 -3.27 -18.24
CA ASN I 99 2.32 -3.07 -18.09
C ASN I 99 1.59 -3.46 -19.36
N LEU I 100 0.44 -4.10 -19.20
CA LEU I 100 -0.34 -4.59 -20.33
C LEU I 100 -1.72 -3.92 -20.33
N SER I 101 -2.59 -4.38 -21.23
CA SER I 101 -3.87 -3.73 -21.45
C SER I 101 -4.77 -3.82 -20.22
N LYS I 102 -5.54 -2.75 -19.99
CA LYS I 102 -6.52 -2.65 -18.94
C LYS I 102 -7.75 -1.95 -19.50
N TRP I 103 -8.94 -2.42 -19.14
CA TRP I 103 -10.16 -1.80 -19.62
C TRP I 103 -11.14 -1.68 -18.47
N GLU I 104 -12.32 -1.15 -18.76
CA GLU I 104 -13.33 -0.85 -17.76
C GLU I 104 -14.49 -1.83 -17.94
N ASN I 105 -14.94 -2.41 -16.84
CA ASN I 105 -16.09 -3.29 -16.88
C ASN I 105 -17.30 -2.53 -17.40
N PRO I 106 -17.95 -3.02 -18.46
CA PRO I 106 -19.11 -2.30 -19.00
C PRO I 106 -20.23 -2.08 -18.00
N LEU I 107 -20.44 -3.02 -17.07
CA LEU I 107 -21.55 -2.90 -16.14
C LEU I 107 -21.24 -1.96 -14.98
N MET I 108 -20.07 -2.11 -14.35
CA MET I 108 -19.78 -1.38 -13.13
C MET I 108 -18.53 -0.51 -13.23
N GLY I 109 -17.91 -0.40 -14.40
CA GLY I 109 -16.77 0.47 -14.54
C GLY I 109 -15.54 0.06 -13.79
N TRP I 110 -15.49 -1.19 -13.31
CA TRP I 110 -14.31 -1.71 -12.64
C TRP I 110 -13.18 -1.91 -13.63
N THR I 111 -11.95 -1.83 -13.14
CA THR I 111 -10.77 -2.01 -13.98
C THR I 111 -10.54 -3.50 -14.20
N SER I 112 -10.67 -3.94 -15.44
CA SER I 112 -10.51 -5.34 -15.80
C SER I 112 -9.14 -5.55 -16.45
N THR I 113 -8.60 -6.76 -16.28
CA THR I 113 -7.29 -7.06 -16.80
C THR I 113 -7.22 -8.52 -17.20
N ALA I 114 -6.26 -8.84 -18.06
CA ALA I 114 -5.95 -10.22 -18.42
C ALA I 114 -4.50 -10.59 -18.14
N ASP I 115 -3.77 -9.77 -17.38
CA ASP I 115 -2.36 -10.01 -17.11
C ASP I 115 -2.22 -10.84 -15.85
N PRO I 116 -1.76 -12.09 -15.93
CA PRO I 116 -1.57 -12.87 -14.71
C PRO I 116 -0.47 -12.32 -13.80
N LEU I 117 0.58 -11.74 -14.37
CA LEU I 117 1.72 -11.26 -13.61
C LEU I 117 1.61 -9.79 -13.24
N GLU I 118 0.40 -9.27 -13.06
CA GLU I 118 0.23 -7.85 -12.86
C GLU I 118 0.88 -7.37 -11.57
N ASN I 119 0.58 -8.05 -10.46
CA ASN I 119 0.98 -7.56 -9.15
C ASN I 119 1.98 -8.45 -8.41
N VAL I 120 2.36 -9.60 -8.99
CA VAL I 120 3.23 -10.52 -8.27
C VAL I 120 4.61 -9.89 -8.03
N GLY I 121 5.17 -9.29 -9.07
CA GLY I 121 6.52 -8.76 -8.96
C GLY I 121 6.62 -7.59 -8.00
N ARG I 122 5.68 -6.65 -8.09
CA ARG I 122 5.68 -5.51 -7.18
C ARG I 122 5.46 -5.96 -5.74
N SER I 123 4.58 -6.93 -5.53
CA SER I 123 4.15 -7.27 -4.18
C SER I 123 5.15 -8.17 -3.45
N THR I 124 5.66 -9.20 -4.12
CA THR I 124 6.43 -10.23 -3.44
C THR I 124 7.87 -10.39 -3.88
N LEU I 125 8.24 -9.99 -5.09
CA LEU I 125 9.58 -10.22 -5.59
C LEU I 125 10.49 -9.10 -5.10
N LEU I 126 11.01 -9.28 -3.89
CA LEU I 126 11.91 -8.32 -3.25
C LEU I 126 13.25 -8.99 -2.99
N PHE I 127 14.33 -8.30 -3.32
CA PHE I 127 15.68 -8.85 -3.20
C PHE I 127 16.61 -7.84 -2.55
N TYR I 128 17.56 -8.36 -1.78
CA TYR I 128 18.51 -7.51 -1.07
C TYR I 128 19.48 -6.82 -2.04
N THR I 129 19.91 -7.53 -3.07
CA THR I 129 20.99 -7.07 -3.92
C THR I 129 20.59 -7.25 -5.38
N LYS I 130 21.15 -6.40 -6.25
CA LYS I 130 20.84 -6.49 -7.68
C LYS I 130 21.27 -7.83 -8.26
N GLU I 131 22.42 -8.36 -7.82
CA GLU I 131 22.88 -9.64 -8.34
C GLU I 131 21.92 -10.76 -7.97
N GLU I 132 21.26 -10.68 -6.81
CA GLU I 132 20.29 -11.70 -6.44
C GLU I 132 19.11 -11.72 -7.41
N ALA I 133 18.58 -10.55 -7.75
CA ALA I 133 17.47 -10.49 -8.69
C ALA I 133 17.91 -10.91 -10.08
N ALA I 134 19.12 -10.53 -10.49
CA ALA I 134 19.64 -10.97 -11.79
C ALA I 134 19.79 -12.49 -11.83
N ALA I 135 20.27 -13.08 -10.74
CA ALA I 135 20.40 -14.53 -10.66
C ALA I 135 19.04 -15.20 -10.73
N PHE I 136 18.04 -14.65 -10.03
CA PHE I 136 16.71 -15.22 -10.08
C PHE I 136 16.14 -15.17 -11.50
N CYS I 137 16.31 -14.03 -12.17
CA CYS I 137 15.80 -13.89 -13.55
C CYS I 137 16.51 -14.84 -14.50
N ALA I 138 17.84 -14.93 -14.40
CA ALA I 138 18.58 -15.83 -15.28
C ALA I 138 18.26 -17.29 -15.00
N LYS I 139 17.99 -17.63 -13.74
CA LYS I 139 17.61 -18.98 -13.38
C LYS I 139 16.26 -19.34 -13.97
N HIS I 140 15.29 -18.42 -13.94
CA HIS I 140 14.00 -18.70 -14.55
C HIS I 140 13.97 -18.49 -16.06
N GLY I 141 14.94 -17.77 -16.61
CA GLY I 141 14.98 -17.51 -18.03
C GLY I 141 14.36 -16.20 -18.48
N TRP I 142 14.01 -15.33 -17.55
CA TRP I 142 13.50 -14.02 -17.92
C TRP I 142 14.63 -13.12 -18.40
N GLU I 143 14.44 -12.47 -19.54
CA GLU I 143 15.36 -11.43 -19.97
C GLU I 143 15.12 -10.19 -19.12
N TYR I 144 16.19 -9.57 -18.65
CA TYR I 144 16.08 -8.50 -17.67
C TYR I 144 16.97 -7.32 -18.07
N VAL I 145 16.55 -6.14 -17.65
CA VAL I 145 17.35 -4.92 -17.74
C VAL I 145 17.41 -4.31 -16.35
N VAL I 146 18.62 -4.15 -15.84
CA VAL I 146 18.84 -3.61 -14.49
C VAL I 146 19.01 -2.10 -14.58
N ASP I 147 18.24 -1.38 -13.77
CA ASP I 147 18.31 0.08 -13.70
C ASP I 147 18.85 0.48 -12.34
N GLU I 148 20.03 1.10 -12.32
CA GLU I 148 20.60 1.55 -11.07
C GLU I 148 19.91 2.83 -10.59
N PRO I 149 19.64 2.94 -9.29
CA PRO I 149 19.03 4.16 -8.77
C PRO I 149 19.97 5.34 -8.95
N ASN I 150 19.38 6.52 -9.11
CA ASN I 150 20.18 7.73 -9.17
C ASN I 150 20.87 7.94 -7.84
N PRO I 151 22.20 8.12 -7.81
CA PRO I 151 22.90 8.20 -6.53
C PRO I 151 22.41 9.37 -5.69
N ARG I 152 22.26 9.12 -4.39
CA ARG I 152 21.85 10.13 -3.43
C ARG I 152 23.01 10.46 -2.52
N LYS I 153 23.51 11.69 -2.61
CA LYS I 153 24.61 12.17 -1.79
C LYS I 153 24.11 13.32 -0.93
N HIS I 154 24.30 13.20 0.38
CA HIS I 154 23.76 14.17 1.33
C HIS I 154 24.79 15.27 1.57
N ILE I 155 24.99 16.09 0.54
CA ILE I 155 25.98 17.16 0.52
C ILE I 155 25.25 18.48 0.38
N ARG I 156 25.37 19.33 1.40
CA ARG I 156 24.80 20.67 1.35
C ARG I 156 25.65 21.58 0.48
N GLN I 157 24.99 22.58 -0.11
CA GLN I 157 25.70 23.51 -0.97
C GLN I 157 26.57 24.47 -0.16
N LYS I 158 27.53 25.09 -0.84
CA LYS I 158 28.51 25.92 -0.13
C LYS I 158 27.87 27.18 0.46
N ARG I 159 26.80 27.69 -0.15
CA ARG I 159 26.17 28.90 0.37
C ARG I 159 25.57 28.65 1.75
N TYR I 160 24.95 27.50 1.94
CA TYR I 160 24.28 27.16 3.20
C TYR I 160 24.85 25.85 3.73
N LEU I 161 26.18 25.74 3.74
CA LEU I 161 26.84 24.53 4.21
C LEU I 161 26.55 24.26 5.69
N GLY I 162 26.36 25.31 6.48
CA GLY I 162 26.08 25.13 7.90
C GLY I 162 25.15 26.20 8.39
N TYR I 163 24.72 26.05 9.64
CA TYR I 163 23.84 27.03 10.24
C TYR I 163 24.51 28.39 10.36
N GLY I 164 25.81 28.42 10.62
CA GLY I 164 26.51 29.69 10.70
C GLY I 164 26.50 30.47 9.39
N ASP I 165 26.50 29.76 8.26
CA ASP I 165 26.49 30.40 6.96
C ASP I 165 25.24 31.23 6.71
N ASN I 166 24.16 30.97 7.44
CA ASN I 166 22.95 31.76 7.26
C ASN I 166 23.18 33.22 7.61
N TYR I 167 23.96 33.48 8.66
CA TYR I 167 24.22 34.83 9.14
C TYR I 167 25.64 35.29 8.85
N SER I 168 26.22 34.80 7.76
CA SER I 168 27.56 35.19 7.37
C SER I 168 27.56 36.55 6.66
N ILE I 169 28.76 37.09 6.46
CA ILE I 169 28.91 38.30 5.68
C ILE I 169 28.66 38.06 4.19
N LYS I 170 28.50 36.80 3.80
CA LYS I 170 28.25 36.48 2.39
C LYS I 170 26.96 37.09 1.89
N ARG I 171 26.01 37.38 2.78
CA ARG I 171 24.70 37.86 2.36
C ARG I 171 24.81 39.16 1.58
N LYS I 172 25.54 40.13 2.13
CA LYS I 172 25.65 41.45 1.50
C LYS I 172 27.07 42.00 1.53
N GLY I 173 28.07 41.20 1.90
CA GLY I 173 29.43 41.67 2.03
C GLY I 173 29.73 42.15 3.44
N VAL I 174 30.99 42.47 3.66
CA VAL I 174 31.39 43.05 4.95
C VAL I 174 30.73 44.41 5.11
N PRO I 175 30.24 44.76 6.30
CA PRO I 175 29.59 46.07 6.47
C PRO I 175 30.53 47.21 6.13
N ASP I 176 30.08 48.09 5.24
CA ASP I 176 30.84 49.28 4.92
C ASP I 176 30.79 50.27 6.08
N LEU I 177 31.95 50.79 6.47
CA LEU I 177 32.05 51.68 7.62
C LEU I 177 32.13 53.15 7.21
N ALA I 178 31.79 53.46 5.95
CA ALA I 178 31.76 54.84 5.49
C ALA I 178 30.59 55.63 6.07
N HIS I 179 29.67 54.98 6.76
CA HIS I 179 28.57 55.67 7.44
C HIS I 179 28.95 56.17 8.82
N LEU I 180 30.12 55.79 9.32
CA LEU I 180 30.49 56.16 10.68
C LEU I 180 30.66 57.67 10.80
N PRO I 181 30.23 58.26 11.91
CA PRO I 181 30.36 59.72 12.06
C PRO I 181 31.79 60.21 11.95
N SER I 182 32.75 59.44 12.46
CA SER I 182 34.15 59.81 12.29
C SER I 182 34.55 59.81 10.83
N ASN I 183 34.18 58.76 10.09
CA ASN I 183 34.49 58.73 8.66
C ASN I 183 33.68 59.75 7.89
N ARG I 184 32.42 59.96 8.29
CA ARG I 184 31.59 60.98 7.65
C ARG I 184 32.16 62.36 7.88
N SER I 185 32.64 62.62 9.10
CA SER I 185 33.23 63.92 9.43
C SER I 185 34.75 63.84 9.48
N ALA J 21 -21.32 23.73 -23.56
CA ALA J 21 -20.68 24.72 -22.71
C ALA J 21 -19.87 24.06 -21.61
N GLU J 22 -20.52 23.20 -20.82
CA GLU J 22 -19.84 22.51 -19.74
C GLU J 22 -18.68 21.64 -20.23
N LYS J 23 -18.69 21.23 -21.50
CA LYS J 23 -17.59 20.44 -22.04
C LYS J 23 -16.29 21.23 -22.17
N ASN J 24 -16.36 22.54 -22.36
CA ASN J 24 -15.14 23.35 -22.43
C ASN J 24 -14.97 24.31 -21.26
N LYS J 25 -15.89 24.31 -20.28
CA LYS J 25 -15.71 25.13 -19.10
C LYS J 25 -14.63 24.56 -18.19
N ILE J 26 -13.94 25.46 -17.50
CA ILE J 26 -13.00 25.05 -16.45
C ILE J 26 -13.79 24.61 -15.22
N PRO J 27 -13.52 23.44 -14.66
CA PRO J 27 -14.17 23.05 -13.41
C PRO J 27 -13.91 24.06 -12.31
N GLU J 28 -14.98 24.54 -11.68
CA GLU J 28 -14.90 25.59 -10.70
C GLU J 28 -15.68 25.18 -9.45
N THR J 29 -15.38 25.87 -8.35
CA THR J 29 -16.02 25.63 -7.07
C THR J 29 -16.91 26.81 -6.72
N VAL J 30 -18.14 26.51 -6.26
CA VAL J 30 -19.06 27.56 -5.85
C VAL J 30 -18.49 28.41 -4.73
N GLY J 31 -17.87 27.78 -3.74
CA GLY J 31 -17.17 28.50 -2.71
C GLY J 31 -17.76 28.46 -1.30
N GLY J 32 -18.66 27.51 -1.02
CA GLY J 32 -19.20 27.42 0.33
C GLY J 32 -18.14 27.06 1.36
N ALA J 33 -17.38 25.99 1.10
CA ALA J 33 -16.22 25.63 1.91
C ALA J 33 -14.91 25.94 1.20
N ALA J 34 -14.97 26.64 0.08
CA ALA J 34 -13.80 26.97 -0.73
C ALA J 34 -13.93 28.42 -1.15
N PHE J 35 -13.17 28.84 -2.14
CA PHE J 35 -13.21 30.21 -2.62
C PHE J 35 -13.98 30.27 -3.92
N LYS J 36 -14.45 31.47 -4.26
CA LYS J 36 -15.39 31.61 -5.37
C LYS J 36 -14.78 31.19 -6.71
N GLY J 37 -13.49 31.45 -6.91
CA GLY J 37 -12.90 31.22 -8.22
C GLY J 37 -11.83 30.14 -8.31
N ASP J 38 -11.77 29.23 -7.36
CA ASP J 38 -10.72 28.22 -7.36
C ASP J 38 -11.02 27.10 -8.35
N LEU J 39 -9.96 26.38 -8.71
CA LEU J 39 -10.12 25.08 -9.35
C LEU J 39 -10.80 24.09 -8.41
N ARG J 40 -11.53 23.16 -9.00
CA ARG J 40 -12.12 22.04 -8.29
C ARG J 40 -11.30 20.79 -8.58
N GLY J 41 -10.89 20.10 -7.52
CA GLY J 41 -10.21 18.84 -7.71
C GLY J 41 -11.13 17.84 -8.37
N THR J 42 -10.73 17.31 -9.53
CA THR J 42 -11.59 16.44 -10.32
C THR J 42 -10.83 15.20 -10.75
N SER J 43 -11.50 14.05 -10.66
CA SER J 43 -11.02 12.84 -11.30
C SER J 43 -11.63 12.76 -12.70
N ALA J 44 -11.26 11.73 -13.44
CA ALA J 44 -11.72 11.57 -14.81
C ALA J 44 -12.99 10.73 -14.92
N VAL J 45 -13.63 10.43 -13.79
CA VAL J 45 -14.90 9.70 -13.82
C VAL J 45 -15.95 10.52 -14.54
N GLY J 46 -16.72 9.86 -15.39
CA GLY J 46 -17.80 10.50 -16.11
C GLY J 46 -17.38 11.34 -17.28
N LEU J 47 -16.06 11.47 -17.52
CA LEU J 47 -15.57 12.31 -18.60
C LEU J 47 -15.95 11.75 -19.96
N GLY J 48 -15.88 10.43 -20.12
CA GLY J 48 -16.33 9.82 -21.36
C GLY J 48 -17.84 9.88 -21.53
N ASP J 49 -18.58 9.55 -20.47
CA ASP J 49 -20.03 9.59 -20.54
C ASP J 49 -20.55 10.98 -20.85
N GLY J 50 -19.82 12.02 -20.44
CA GLY J 50 -20.25 13.38 -20.67
C GLY J 50 -20.83 14.08 -19.46
N LEU J 51 -20.67 13.51 -18.27
CA LEU J 51 -21.15 14.13 -17.05
C LEU J 51 -20.05 14.95 -16.42
N TYR J 52 -20.38 16.18 -16.01
CA TYR J 52 -19.39 17.12 -15.50
C TYR J 52 -19.74 17.70 -14.14
N SER J 53 -20.82 17.25 -13.52
CA SER J 53 -21.18 17.71 -12.18
C SER J 53 -20.94 16.58 -11.19
N HIS J 54 -20.62 16.96 -9.96
CA HIS J 54 -20.33 15.97 -8.93
C HIS J 54 -21.53 15.08 -8.66
N THR J 55 -22.71 15.68 -8.50
CA THR J 55 -23.89 14.89 -8.16
C THR J 55 -24.37 14.07 -9.35
N SER J 56 -24.24 14.60 -10.56
CA SER J 56 -24.66 13.87 -11.75
C SER J 56 -23.92 12.54 -11.89
N LYS J 57 -22.66 12.50 -11.47
CA LYS J 57 -21.84 11.31 -11.66
C LYS J 57 -22.40 10.12 -10.90
N TRP J 58 -22.96 10.35 -9.71
CA TRP J 58 -23.41 9.26 -8.87
C TRP J 58 -24.91 9.18 -8.69
N MET J 59 -25.66 10.24 -8.99
CA MET J 59 -27.11 10.21 -8.90
C MET J 59 -27.68 10.43 -10.29
N GLN J 60 -28.52 9.50 -10.75
CA GLN J 60 -29.13 9.58 -12.07
C GLN J 60 -30.58 10.03 -12.06
N GLY J 61 -31.15 10.32 -10.89
CA GLY J 61 -32.53 10.73 -10.80
C GLY J 61 -32.70 12.23 -10.91
N ASN J 62 -33.90 12.69 -10.59
CA ASN J 62 -34.21 14.12 -10.57
C ASN J 62 -34.62 14.59 -9.18
N GLY J 63 -34.27 13.85 -8.14
CA GLY J 63 -34.61 14.22 -6.78
C GLY J 63 -33.66 15.23 -6.21
N LYS J 64 -33.95 15.65 -4.98
CA LYS J 64 -33.13 16.64 -4.31
C LYS J 64 -31.83 15.99 -3.84
N SER J 65 -30.71 16.64 -4.15
CA SER J 65 -29.40 16.11 -3.80
C SER J 65 -29.04 16.48 -2.37
N PRO J 66 -28.11 15.74 -1.75
CA PRO J 66 -27.67 16.12 -0.41
C PRO J 66 -27.02 17.49 -0.35
N MET J 67 -26.38 17.95 -1.43
CA MET J 67 -25.87 19.31 -1.46
C MET J 67 -27.01 20.31 -1.37
N ASP J 68 -28.13 20.03 -2.04
CA ASP J 68 -29.31 20.87 -1.90
C ASP J 68 -29.81 20.88 -0.47
N TYR J 69 -29.71 19.74 0.22
CA TYR J 69 -30.08 19.70 1.63
C TYR J 69 -29.18 20.61 2.45
N ILE J 70 -27.86 20.50 2.28
CA ILE J 70 -26.95 21.24 3.13
C ILE J 70 -27.02 22.74 2.86
N ASN J 71 -27.27 23.15 1.61
CA ASN J 71 -27.43 24.58 1.34
C ASN J 71 -28.65 25.14 2.05
N GLU J 72 -29.72 24.35 2.14
CA GLU J 72 -30.95 24.83 2.75
C GLU J 72 -30.77 25.17 4.22
N VAL J 73 -29.93 24.41 4.93
CA VAL J 73 -29.64 24.71 6.33
C VAL J 73 -28.92 26.05 6.42
N GLU J 74 -29.31 26.87 7.45
CA GLU J 74 -28.82 28.23 7.59
C GLU J 74 -27.68 28.31 8.58
N PRO J 75 -26.79 29.30 8.41
CA PRO J 75 -25.69 29.49 9.38
C PRO J 75 -26.22 29.84 10.77
N ILE J 76 -25.46 29.40 11.77
CA ILE J 76 -25.85 29.52 13.18
C ILE J 76 -24.89 30.49 13.87
N LYS J 77 -25.46 31.44 14.61
CA LYS J 77 -24.66 32.39 15.36
C LYS J 77 -24.10 31.76 16.63
N VAL J 78 -22.83 32.08 16.92
CA VAL J 78 -22.15 31.61 18.12
C VAL J 78 -21.40 32.78 18.73
N LYS J 79 -21.04 32.63 20.00
CA LYS J 79 -20.27 33.64 20.73
C LYS J 79 -18.83 33.19 20.83
N GLY J 80 -17.91 34.09 20.53
CA GLY J 80 -16.50 33.79 20.59
C GLY J 80 -15.87 33.82 19.20
N LEU J 81 -14.56 33.58 19.18
CA LEU J 81 -13.80 33.55 17.94
C LEU J 81 -13.49 32.12 17.49
N VAL J 82 -13.89 31.12 18.28
CA VAL J 82 -13.68 29.72 17.95
C VAL J 82 -14.91 28.95 18.41
N VAL J 83 -15.40 28.04 17.57
CA VAL J 83 -16.50 27.15 17.93
C VAL J 83 -16.03 25.71 17.82
N ALA J 84 -16.40 24.90 18.81
CA ALA J 84 -16.15 23.46 18.78
C ALA J 84 -17.29 22.77 18.03
N SER J 85 -16.94 22.01 17.01
CA SER J 85 -17.91 21.32 16.17
C SER J 85 -17.72 19.82 16.33
N HIS J 86 -18.74 19.14 16.85
CA HIS J 86 -18.74 17.68 16.95
C HIS J 86 -19.65 17.03 15.93
N GLY J 87 -20.16 17.79 14.97
CA GLY J 87 -21.06 17.25 13.97
C GLY J 87 -22.46 17.02 14.50
N SER J 88 -22.59 16.04 15.40
CA SER J 88 -23.84 15.76 16.09
C SER J 88 -23.80 16.38 17.49
N ASP J 89 -24.91 16.22 18.22
CA ASP J 89 -24.99 16.76 19.57
C ASP J 89 -24.11 15.98 20.54
N ASP J 90 -24.11 14.65 20.43
CA ASP J 90 -23.27 13.80 21.27
C ASP J 90 -21.88 13.66 20.64
N PRO J 91 -20.81 13.90 21.42
CA PRO J 91 -19.47 13.91 20.81
C PRO J 91 -19.07 12.59 20.17
N ALA J 92 -19.48 11.46 20.76
CA ALA J 92 -19.05 10.15 20.32
C ALA J 92 -19.97 9.55 19.27
N LEU J 93 -20.90 10.33 18.72
CA LEU J 93 -21.87 9.85 17.73
C LEU J 93 -21.92 10.80 16.54
N GLY J 94 -20.74 11.16 16.03
CA GLY J 94 -20.64 12.08 14.93
C GLY J 94 -19.23 12.28 14.44
N CYS J 95 -18.89 13.49 14.01
CA CYS J 95 -17.58 13.76 13.46
C CYS J 95 -16.57 14.03 14.57
N PRO J 96 -15.27 13.88 14.28
CA PRO J 96 -14.26 14.24 15.28
C PRO J 96 -14.34 15.70 15.65
N VAL J 97 -13.96 16.01 16.90
CA VAL J 97 -14.01 17.38 17.38
C VAL J 97 -13.17 18.27 16.48
N GLU J 98 -13.73 19.42 16.12
CA GLU J 98 -13.07 20.36 15.23
C GLU J 98 -13.23 21.76 15.79
N TYR J 99 -12.17 22.56 15.66
CA TYR J 99 -12.15 23.94 16.13
C TYR J 99 -12.05 24.87 14.93
N ILE J 100 -13.08 25.68 14.73
CA ILE J 100 -13.24 26.49 13.54
C ILE J 100 -13.03 27.96 13.90
N SER J 101 -12.22 28.65 13.10
CA SER J 101 -11.97 30.07 13.30
C SER J 101 -13.18 30.88 12.86
N LEU J 102 -13.65 31.76 13.73
CA LEU J 102 -14.77 32.64 13.46
C LEU J 102 -14.34 34.03 13.02
N LYS J 103 -13.04 34.26 12.88
CA LYS J 103 -12.53 35.56 12.47
C LYS J 103 -12.90 35.85 11.03
N GLY J 104 -13.30 37.09 10.76
CA GLY J 104 -13.70 37.46 9.40
C GLY J 104 -14.90 36.73 8.87
N THR J 105 -15.89 36.46 9.70
CA THR J 105 -17.08 35.73 9.29
C THR J 105 -18.33 36.56 9.52
N SER J 106 -19.28 36.44 8.60
CA SER J 106 -20.57 37.09 8.68
C SER J 106 -21.63 36.14 8.13
N TYR J 107 -22.89 36.56 8.20
CA TYR J 107 -23.98 35.71 7.71
C TYR J 107 -23.79 35.36 6.23
N GLU J 108 -23.39 36.34 5.41
CA GLU J 108 -23.20 36.06 3.99
C GLU J 108 -22.00 35.16 3.73
N ASN J 109 -20.92 35.27 4.51
CA ASN J 109 -19.72 34.48 4.32
C ASN J 109 -19.38 33.75 5.62
N PRO J 110 -20.04 32.63 5.88
CA PRO J 110 -19.83 31.90 7.13
C PRO J 110 -18.70 30.89 7.03
N ALA J 111 -18.17 30.54 8.20
CA ALA J 111 -17.23 29.44 8.30
C ALA J 111 -17.97 28.11 8.22
N VAL J 112 -17.27 27.07 7.78
CA VAL J 112 -17.89 25.78 7.48
C VAL J 112 -17.14 24.67 8.22
N CYS J 113 -17.90 23.71 8.74
CA CYS J 113 -17.33 22.48 9.28
C CYS J 113 -17.08 21.50 8.14
N LYS J 114 -15.82 21.08 7.99
CA LYS J 114 -15.45 20.25 6.85
C LYS J 114 -16.09 18.87 6.91
N TYR J 115 -16.23 18.30 8.11
CA TYR J 115 -16.86 16.99 8.23
C TYR J 115 -18.36 17.06 7.95
N THR J 116 -19.05 18.04 8.53
CA THR J 116 -20.51 18.07 8.50
C THR J 116 -21.09 19.00 7.45
N GLY J 117 -20.43 20.10 7.14
CA GLY J 117 -20.99 21.10 6.25
C GLY J 117 -21.81 22.17 6.94
N ASN J 118 -21.89 22.14 8.26
CA ASN J 118 -22.59 23.18 9.01
C ASN J 118 -21.85 24.50 8.88
N ARG J 119 -22.61 25.59 8.86
CA ARG J 119 -22.06 26.92 8.69
C ARG J 119 -22.22 27.75 9.96
N TYR J 120 -21.18 28.51 10.29
CA TYR J 120 -21.09 29.27 11.52
C TYR J 120 -20.61 30.69 11.21
N TYR J 121 -21.02 31.64 12.03
CA TYR J 121 -20.45 32.99 11.94
C TYR J 121 -20.63 33.69 13.27
N SER J 122 -19.72 34.62 13.57
CA SER J 122 -19.68 35.30 14.85
C SER J 122 -19.38 36.77 14.63
N ASP J 123 -19.85 37.60 15.55
CA ASP J 123 -19.61 39.04 15.51
C ASP J 123 -18.59 39.49 16.54
N CYS J 124 -17.94 38.55 17.22
CA CYS J 124 -17.09 38.90 18.36
C CYS J 124 -15.84 39.65 17.92
N TRP J 125 -15.31 39.37 16.73
CA TRP J 125 -14.07 39.99 16.30
C TRP J 125 -14.25 41.50 16.11
N LYS J 126 -15.44 41.93 15.73
CA LYS J 126 -15.81 43.34 15.60
C LYS J 126 -16.03 44.02 16.95
N HIS J 127 -15.59 43.37 18.03
CA HIS J 127 -15.68 43.91 19.39
C HIS J 127 -17.15 44.13 19.78
N GLY J 128 -17.90 43.03 19.75
CA GLY J 128 -19.31 43.06 20.06
C GLY J 128 -19.75 41.99 21.04
N ALA K 2 38.99 18.09 -56.45
CA ALA K 2 38.59 17.12 -57.47
C ALA K 2 37.45 16.25 -56.97
N TRP K 3 37.81 15.14 -56.33
CA TRP K 3 36.80 14.23 -55.79
C TRP K 3 36.13 14.77 -54.54
N LYS K 4 36.78 15.68 -53.81
CA LYS K 4 36.18 16.27 -52.63
C LYS K 4 34.96 17.12 -52.96
N THR K 5 34.92 17.70 -54.16
CA THR K 5 33.74 18.45 -54.58
C THR K 5 32.53 17.54 -54.76
N ALA K 6 32.74 16.28 -55.12
CA ALA K 6 31.67 15.42 -55.59
C ALA K 6 30.95 14.66 -54.46
N LEU K 7 31.27 14.92 -53.20
CA LEU K 7 30.56 14.22 -52.13
C LEU K 7 29.07 14.58 -52.11
N THR K 8 28.75 15.85 -52.34
CA THR K 8 27.36 16.28 -52.30
C THR K 8 26.53 15.56 -53.36
N THR K 9 26.99 15.61 -54.61
CA THR K 9 26.33 14.89 -55.69
C THR K 9 26.17 13.41 -55.38
N THR K 10 27.18 12.80 -54.75
CA THR K 10 27.16 11.37 -54.47
C THR K 10 26.44 11.02 -53.18
N PHE K 11 26.89 11.56 -52.05
CA PHE K 11 26.34 11.18 -50.76
C PHE K 11 25.12 12.02 -50.42
N GLN K 12 24.10 11.35 -49.89
CA GLN K 12 23.00 12.06 -49.25
C GLN K 12 23.38 12.48 -47.83
N GLU K 13 24.13 11.64 -47.14
CA GLU K 13 24.64 11.99 -45.82
C GLU K 13 25.91 11.20 -45.55
N LEU K 14 26.76 11.73 -44.68
CA LEU K 14 28.00 11.07 -44.30
C LEU K 14 28.11 11.05 -42.78
N ARG K 15 28.35 9.88 -42.21
CA ARG K 15 28.46 9.71 -40.76
C ARG K 15 29.88 9.27 -40.41
N ILE K 16 30.47 9.93 -39.42
CA ILE K 16 31.79 9.58 -38.92
C ILE K 16 31.64 9.21 -37.45
N THR K 17 31.60 7.92 -37.15
CA THR K 17 31.54 7.43 -35.79
C THR K 17 32.95 7.17 -35.26
N LEU K 18 33.20 7.59 -34.02
CA LEU K 18 34.54 7.46 -33.45
C LEU K 18 34.43 7.42 -31.93
N SER K 19 35.50 6.98 -31.28
CA SER K 19 35.58 6.95 -29.83
C SER K 19 36.29 8.20 -29.33
N GLN K 20 35.77 8.75 -28.22
CA GLN K 20 36.26 10.03 -27.72
C GLN K 20 37.72 9.94 -27.27
N SER K 21 38.09 8.86 -26.58
CA SER K 21 39.48 8.64 -26.15
C SER K 21 39.78 7.15 -26.29
N SER K 22 40.49 6.79 -27.36
CA SER K 22 40.89 5.40 -27.56
C SER K 22 42.08 5.38 -28.51
N SER K 23 42.87 4.30 -28.40
CA SER K 23 44.02 4.14 -29.29
C SER K 23 43.58 3.76 -30.69
N SER K 24 42.49 2.99 -30.81
CA SER K 24 41.99 2.61 -32.12
C SER K 24 41.46 3.81 -32.90
N SER K 25 40.85 4.77 -32.20
CA SER K 25 40.20 5.91 -32.84
C SER K 25 41.10 7.13 -32.94
N ALA K 26 42.39 7.00 -32.61
CA ALA K 26 43.30 8.13 -32.72
C ALA K 26 43.38 8.63 -34.15
N GLY K 27 43.47 7.72 -35.12
CA GLY K 27 43.49 8.13 -36.52
C GLY K 27 42.20 8.81 -36.95
N ALA K 28 41.06 8.30 -36.48
CA ALA K 28 39.79 8.95 -36.79
C ALA K 28 39.72 10.34 -36.18
N ARG K 29 40.21 10.50 -34.95
CA ARG K 29 40.23 11.82 -34.33
C ARG K 29 41.14 12.78 -35.09
N GLU K 30 42.31 12.31 -35.53
CA GLU K 30 43.16 13.14 -36.37
C GLU K 30 42.47 13.52 -37.67
N PHE K 31 41.74 12.58 -38.27
CA PHE K 31 41.02 12.85 -39.51
C PHE K 31 39.94 13.91 -39.30
N VAL K 32 39.20 13.81 -38.20
CA VAL K 32 38.09 14.73 -37.99
C VAL K 32 38.59 16.12 -37.60
N LEU K 33 39.65 16.19 -36.81
CA LEU K 33 40.18 17.49 -36.41
C LEU K 33 41.11 18.10 -37.44
N GLY K 34 41.36 17.43 -38.57
CA GLY K 34 42.17 18.04 -39.61
C GLY K 34 41.51 18.23 -40.97
N GLN K 35 40.65 17.30 -41.38
CA GLN K 35 40.04 17.37 -42.70
C GLN K 35 38.55 17.69 -42.70
N TYR K 36 37.89 17.70 -41.55
CA TYR K 36 36.45 17.97 -41.55
C TYR K 36 36.16 19.38 -42.08
N ALA K 37 36.98 20.36 -41.69
CA ALA K 37 36.77 21.73 -42.17
C ALA K 37 36.91 21.84 -43.68
N GLU K 38 37.91 21.18 -44.28
CA GLU K 38 38.07 21.25 -45.72
C GLU K 38 36.93 20.54 -46.44
N LEU K 39 36.52 19.38 -45.94
CA LEU K 39 35.40 18.66 -46.57
C LEU K 39 34.13 19.47 -46.48
N LYS K 40 33.90 20.14 -45.35
CA LYS K 40 32.72 21.00 -45.22
C LYS K 40 32.81 22.21 -46.15
N ALA K 41 34.00 22.78 -46.30
CA ALA K 41 34.15 23.92 -47.20
C ALA K 41 33.84 23.53 -48.64
N ALA K 42 34.24 22.32 -49.04
CA ALA K 42 33.96 21.85 -50.39
C ALA K 42 32.49 21.48 -50.56
N ASN K 43 31.85 20.96 -49.50
CA ASN K 43 30.47 20.49 -49.55
C ASN K 43 29.68 21.16 -48.44
N PRO K 44 29.24 22.40 -48.67
CA PRO K 44 28.57 23.14 -47.58
C PRO K 44 27.27 22.52 -47.11
N LEU K 45 26.39 22.12 -48.04
CA LEU K 45 25.07 21.65 -47.68
C LEU K 45 25.03 20.16 -47.33
N LEU K 46 26.10 19.43 -47.57
CA LEU K 46 26.13 18.02 -47.21
C LEU K 46 26.19 17.85 -45.69
N PRO K 47 25.31 17.04 -45.10
CA PRO K 47 25.41 16.73 -43.66
C PRO K 47 26.50 15.71 -43.39
N ILE K 48 27.59 16.16 -42.80
CA ILE K 48 28.66 15.29 -42.32
C ILE K 48 28.54 15.21 -40.80
N LEU K 49 28.04 14.09 -40.28
CA LEU K 49 27.73 13.96 -38.87
C LEU K 49 28.88 13.26 -38.16
N VAL K 50 29.47 13.93 -37.18
CA VAL K 50 30.52 13.35 -36.36
C VAL K 50 29.89 13.01 -35.02
N ARG K 51 29.79 11.71 -34.73
CA ARG K 51 29.15 11.22 -33.53
C ARG K 51 30.13 10.38 -32.74
N GLU K 52 30.16 10.57 -31.43
CA GLU K 52 31.22 10.00 -30.61
C GLU K 52 30.67 9.44 -29.31
N SER K 53 31.26 8.35 -28.84
CA SER K 53 30.99 7.77 -27.53
C SER K 53 32.24 7.05 -27.05
N ASN K 54 32.33 6.86 -25.73
CA ASN K 54 33.54 6.29 -25.16
C ASN K 54 33.79 4.86 -25.65
N ALA K 55 32.74 4.05 -25.70
CA ALA K 55 32.85 2.67 -26.17
C ALA K 55 32.54 2.53 -27.66
N ALA K 56 32.35 3.64 -28.36
CA ALA K 56 32.01 3.59 -29.78
C ALA K 56 33.16 3.00 -30.59
N GLN K 57 32.80 2.29 -31.65
CA GLN K 57 33.77 1.67 -32.54
C GLN K 57 33.84 2.50 -33.82
N ALA K 58 35.05 2.87 -34.21
CA ALA K 58 35.24 3.82 -35.31
C ALA K 58 34.72 3.25 -36.62
N SER K 59 33.99 4.07 -37.37
CA SER K 59 33.43 3.65 -38.65
C SER K 59 33.16 4.88 -39.49
N LEU K 60 33.02 4.66 -40.80
CA LEU K 60 32.72 5.69 -41.77
C LEU K 60 31.57 5.21 -42.64
N THR K 61 30.40 5.80 -42.47
CA THR K 61 29.18 5.37 -43.15
C THR K 61 28.70 6.44 -44.10
N ALA K 62 28.35 6.03 -45.32
CA ALA K 62 27.80 6.92 -46.34
C ALA K 62 26.44 6.41 -46.74
N ARG K 63 25.44 7.30 -46.74
CA ARG K 63 24.10 6.96 -47.18
C ARG K 63 23.89 7.51 -48.59
N TYR K 64 23.57 6.61 -49.52
CA TYR K 64 23.27 6.99 -50.89
C TYR K 64 21.77 7.15 -51.08
N ASP K 65 21.37 7.46 -52.31
CA ASP K 65 19.95 7.63 -52.62
C ASP K 65 19.19 6.33 -52.36
N PHE K 66 17.95 6.48 -51.89
CA PHE K 66 17.02 5.38 -51.62
C PHE K 66 17.41 4.58 -50.39
N GLY K 67 18.20 5.16 -49.49
CA GLY K 67 18.47 4.52 -48.21
C GLY K 67 19.59 3.50 -48.22
N VAL K 68 20.29 3.33 -49.35
CA VAL K 68 21.41 2.41 -49.41
C VAL K 68 22.55 2.97 -48.57
N GLU K 69 22.97 2.19 -47.57
CA GLU K 69 24.02 2.59 -46.64
C GLU K 69 25.18 1.62 -46.74
N LYS K 70 26.39 2.16 -46.82
CA LYS K 70 27.62 1.37 -46.86
C LYS K 70 28.49 1.79 -45.68
N LYS K 71 28.81 0.83 -44.82
CA LYS K 71 29.63 1.10 -43.65
C LYS K 71 31.05 0.57 -43.88
N VAL K 72 32.03 1.42 -43.59
CA VAL K 72 33.44 1.07 -43.72
C VAL K 72 34.11 1.29 -42.37
N SER K 73 34.70 0.23 -41.83
CA SER K 73 35.42 0.35 -40.56
C SER K 73 36.71 1.14 -40.76
N ILE K 74 36.97 2.07 -39.85
CA ILE K 74 38.13 2.95 -39.94
C ILE K 74 39.07 2.79 -38.75
N GLU K 75 38.99 1.67 -38.06
CA GLU K 75 39.77 1.49 -36.85
C GLU K 75 41.25 1.29 -37.16
N ASN K 76 42.10 1.89 -36.33
CA ASN K 76 43.56 1.74 -36.41
C ASN K 76 44.13 2.14 -37.77
N ASP K 77 43.50 3.09 -38.44
CA ASP K 77 43.93 3.58 -39.74
C ASP K 77 44.36 5.03 -39.63
N SER K 78 45.48 5.36 -40.26
CA SER K 78 45.98 6.72 -40.26
C SER K 78 45.02 7.65 -40.99
N ALA K 79 45.15 8.96 -40.72
CA ALA K 79 44.27 9.94 -41.32
C ALA K 79 44.31 9.89 -42.84
N SER K 80 45.47 9.59 -43.43
CA SER K 80 45.53 9.45 -44.88
C SER K 80 44.76 8.23 -45.35
N GLY K 81 44.89 7.12 -44.63
CA GLY K 81 44.10 5.94 -44.97
C GLY K 81 42.61 6.22 -44.87
N ILE K 82 42.20 7.04 -43.92
CA ILE K 82 40.79 7.40 -43.81
C ILE K 82 40.34 8.08 -45.08
N LEU K 83 41.17 8.99 -45.60
CA LEU K 83 40.83 9.71 -46.82
C LEU K 83 40.76 8.78 -48.01
N SER K 84 41.68 7.82 -48.10
CA SER K 84 41.61 6.84 -49.18
C SER K 84 40.33 6.03 -49.09
N LYS K 85 39.95 5.62 -47.88
CA LYS K 85 38.75 4.80 -47.72
C LYS K 85 37.51 5.61 -48.10
N LEU K 86 37.49 6.90 -47.73
CA LEU K 86 36.39 7.78 -48.15
C LEU K 86 36.35 7.91 -49.67
N GLU K 87 37.52 8.01 -50.31
CA GLU K 87 37.55 8.04 -51.77
C GLU K 87 36.96 6.78 -52.36
N GLY K 88 37.29 5.63 -51.77
CA GLY K 88 36.70 4.39 -52.22
C GLY K 88 35.19 4.36 -52.04
N LEU K 89 34.70 4.95 -50.95
CA LEU K 89 33.26 5.08 -50.77
C LEU K 89 32.64 5.93 -51.86
N VAL K 90 33.30 7.03 -52.23
CA VAL K 90 32.80 7.87 -53.32
C VAL K 90 32.77 7.10 -54.63
N LYS K 91 33.82 6.33 -54.90
CA LYS K 91 33.85 5.54 -56.13
C LYS K 91 32.74 4.51 -56.15
N HIS K 92 32.50 3.87 -54.99
CA HIS K 92 31.39 2.92 -54.89
C HIS K 92 30.06 3.60 -55.16
N GLY K 93 29.88 4.81 -54.63
CA GLY K 93 28.67 5.56 -54.93
C GLY K 93 28.53 5.88 -56.41
N GLN K 94 29.65 6.16 -57.08
CA GLN K 94 29.63 6.33 -58.53
C GLN K 94 29.20 5.05 -59.23
N SER K 95 29.64 3.90 -58.71
CA SER K 95 29.27 2.62 -59.33
C SER K 95 27.76 2.43 -59.34
N LEU K 96 27.08 2.80 -58.27
CA LEU K 96 25.62 2.79 -58.26
C LEU K 96 25.06 3.83 -59.23
N SER L 39 15.20 -69.40 -41.27
CA SER L 39 14.49 -68.98 -40.07
C SER L 39 13.34 -68.03 -40.40
N SER L 40 13.25 -67.64 -41.67
CA SER L 40 12.20 -66.73 -42.10
C SER L 40 10.84 -67.39 -41.99
N PHE L 41 10.06 -66.99 -40.99
CA PHE L 41 8.75 -67.59 -40.77
C PHE L 41 7.77 -67.21 -41.86
N LEU L 42 7.84 -65.98 -42.35
CA LEU L 42 6.98 -65.46 -43.40
C LEU L 42 7.85 -64.83 -44.48
N PRO L 43 7.30 -64.66 -45.69
CA PRO L 43 8.16 -64.25 -46.83
C PRO L 43 8.88 -62.95 -46.53
N LYS L 44 10.15 -62.89 -46.95
CA LYS L 44 10.95 -61.70 -46.71
C LYS L 44 10.39 -60.49 -47.45
N GLU L 45 9.89 -60.70 -48.67
CA GLU L 45 9.36 -59.59 -49.46
C GLU L 45 8.15 -58.94 -48.79
N GLU L 46 7.25 -59.76 -48.25
CA GLU L 46 6.03 -59.22 -47.66
C GLU L 46 6.32 -58.36 -46.44
N VAL L 47 7.09 -58.90 -45.49
CA VAL L 47 7.38 -58.15 -44.27
C VAL L 47 8.19 -56.87 -44.56
N GLU L 48 9.14 -56.93 -45.50
CA GLU L 48 9.89 -55.73 -45.84
C GLU L 48 8.96 -54.68 -46.46
N SER L 49 8.09 -55.10 -47.39
CA SER L 49 7.17 -54.17 -48.00
C SER L 49 6.25 -53.54 -46.95
N ARG L 50 5.78 -54.35 -45.99
CA ARG L 50 4.90 -53.80 -44.96
C ARG L 50 5.63 -52.81 -44.06
N ILE L 51 6.85 -53.14 -43.63
CA ILE L 51 7.55 -52.26 -42.72
C ILE L 51 7.89 -50.95 -43.44
N ILE L 52 8.32 -51.02 -44.70
CA ILE L 52 8.63 -49.77 -45.41
C ILE L 52 7.36 -48.98 -45.67
N ALA L 53 6.23 -49.67 -45.84
CA ALA L 53 4.95 -48.96 -45.96
C ALA L 53 4.64 -48.17 -44.70
N GLN L 54 4.86 -48.76 -43.52
CA GLN L 54 4.67 -48.00 -42.29
C GLN L 54 5.72 -46.91 -42.12
N VAL L 55 6.95 -47.15 -42.56
CA VAL L 55 8.01 -46.14 -42.46
C VAL L 55 7.67 -44.92 -43.29
N LYS L 56 7.07 -45.13 -44.47
CA LYS L 56 6.64 -44.01 -45.30
C LYS L 56 5.64 -43.12 -44.58
N GLU L 57 4.80 -43.70 -43.72
CA GLU L 57 3.75 -42.94 -43.06
C GLU L 57 4.32 -41.81 -42.21
N GLN L 58 5.50 -41.99 -41.61
CA GLN L 58 6.16 -40.92 -40.89
C GLN L 58 6.47 -39.75 -41.82
N ASN L 59 6.34 -38.53 -41.29
CA ASN L 59 6.45 -37.31 -42.08
C ASN L 59 7.67 -37.34 -43.00
N LEU L 60 8.86 -37.39 -42.41
CA LEU L 60 10.10 -37.58 -43.16
C LEU L 60 10.36 -39.08 -43.26
N ALA L 61 11.59 -39.48 -43.59
CA ALA L 61 11.98 -40.86 -43.89
C ALA L 61 11.51 -41.27 -45.28
N ALA L 62 11.46 -40.33 -46.22
CA ALA L 62 10.93 -40.61 -47.55
C ALA L 62 11.65 -39.73 -48.56
N GLY L 63 11.04 -39.53 -49.72
CA GLY L 63 11.60 -38.66 -50.74
C GLY L 63 12.50 -39.29 -51.79
N ILE L 64 13.72 -39.66 -51.42
CA ILE L 64 14.62 -40.33 -52.35
C ILE L 64 15.10 -41.70 -51.86
N LYS L 65 15.10 -41.98 -50.57
CA LYS L 65 15.67 -43.24 -50.06
C LYS L 65 14.73 -43.85 -49.03
N VAL L 66 13.91 -44.81 -49.46
CA VAL L 66 13.18 -45.69 -48.54
C VAL L 66 13.45 -47.12 -49.01
N GLU L 67 14.52 -47.71 -48.51
CA GLU L 67 14.91 -49.08 -48.85
C GLU L 67 15.67 -49.67 -47.66
N LEU L 68 16.40 -50.75 -47.92
CA LEU L 68 17.24 -51.37 -46.91
C LEU L 68 18.47 -50.49 -46.63
N SER L 69 19.25 -50.90 -45.64
CA SER L 69 20.53 -50.26 -45.32
C SER L 69 20.36 -48.79 -44.98
N SER L 70 19.26 -48.46 -44.30
CA SER L 70 18.97 -47.08 -43.93
C SER L 70 18.81 -47.00 -42.42
N ARG L 71 19.81 -46.44 -41.75
CA ARG L 71 19.73 -46.20 -40.31
C ARG L 71 18.60 -45.23 -39.99
N PHE L 72 17.84 -45.55 -38.93
CA PHE L 72 16.69 -44.73 -38.58
C PHE L 72 17.11 -43.31 -38.21
N ASP L 73 18.19 -43.17 -37.44
CA ASP L 73 18.60 -41.87 -36.91
C ASP L 73 19.73 -41.23 -37.71
N LYS L 74 20.42 -41.99 -38.55
CA LYS L 74 21.57 -41.49 -39.29
C LYS L 74 21.32 -41.37 -40.79
N ASP L 75 20.18 -41.84 -41.28
CA ASP L 75 19.87 -41.75 -42.70
C ASP L 75 18.51 -41.08 -42.92
N LEU L 76 17.57 -41.32 -42.02
CA LEU L 76 16.18 -40.92 -42.20
C LEU L 76 15.78 -39.69 -41.41
N GLY L 77 16.67 -39.16 -40.58
CA GLY L 77 16.33 -37.98 -39.80
C GLY L 77 15.36 -38.22 -38.68
N LEU L 78 15.04 -39.47 -38.39
CA LEU L 78 14.08 -39.80 -37.34
C LEU L 78 14.65 -39.46 -35.98
N ASP L 79 13.76 -39.07 -35.07
CA ASP L 79 14.12 -38.92 -33.66
C ASP L 79 13.83 -40.22 -32.91
N SER L 80 14.38 -40.31 -31.68
CA SER L 80 14.25 -41.53 -30.90
C SER L 80 12.80 -41.82 -30.58
N LEU L 81 12.04 -40.79 -30.18
CA LEU L 81 10.62 -40.98 -29.93
C LEU L 81 9.88 -41.43 -31.19
N ASP L 82 10.26 -40.86 -32.34
CA ASP L 82 9.64 -41.28 -33.60
C ASP L 82 9.99 -42.74 -33.89
N LYS L 83 11.22 -43.15 -33.56
CA LYS L 83 11.59 -44.55 -33.69
C LYS L 83 10.70 -45.45 -32.81
N VAL L 84 10.47 -45.02 -31.58
CA VAL L 84 9.64 -45.81 -30.67
C VAL L 84 8.21 -45.88 -31.18
N GLU L 85 7.67 -44.76 -31.66
CA GLU L 85 6.32 -44.78 -32.21
C GLU L 85 6.21 -45.65 -33.45
N LEU L 86 7.22 -45.63 -34.33
CA LEU L 86 7.18 -46.52 -35.50
C LEU L 86 7.19 -47.98 -35.06
N LEU L 87 8.01 -48.31 -34.05
CA LEU L 87 8.00 -49.67 -33.52
C LEU L 87 6.63 -50.04 -32.96
N ILE L 88 5.94 -49.09 -32.30
CA ILE L 88 4.60 -49.39 -31.79
C ILE L 88 3.62 -49.58 -32.95
N SER L 89 3.80 -48.83 -34.03
CA SER L 89 2.97 -49.04 -35.20
C SER L 89 3.19 -50.43 -35.79
N LEU L 90 4.45 -50.89 -35.86
CA LEU L 90 4.71 -52.27 -36.23
C LEU L 90 4.13 -53.26 -35.23
N GLU L 91 4.07 -52.87 -33.95
CA GLU L 91 3.34 -53.66 -32.95
C GLU L 91 1.90 -53.87 -33.39
N GLU L 92 1.25 -52.80 -33.85
CA GLU L 92 -0.12 -52.94 -34.33
C GLU L 92 -0.19 -53.77 -35.60
N ASP L 93 0.73 -53.54 -36.55
CA ASP L 93 0.74 -54.28 -37.80
C ASP L 93 0.99 -55.77 -37.58
N PHE L 94 2.17 -56.11 -37.09
CA PHE L 94 2.48 -57.48 -36.70
C PHE L 94 2.16 -57.69 -35.22
N GLY L 95 1.27 -58.63 -34.93
CA GLY L 95 0.78 -58.80 -33.58
C GLY L 95 1.81 -59.45 -32.69
N VAL L 96 2.92 -58.75 -32.44
CA VAL L 96 4.02 -59.29 -31.66
C VAL L 96 4.76 -58.15 -30.98
N GLU L 97 5.14 -58.37 -29.72
CA GLU L 97 5.80 -57.37 -28.91
C GLU L 97 7.30 -57.33 -29.21
N VAL L 98 7.93 -56.21 -28.86
CA VAL L 98 9.36 -56.00 -29.01
C VAL L 98 9.96 -55.74 -27.65
N PRO L 99 11.03 -56.44 -27.26
CA PRO L 99 11.72 -56.09 -26.01
C PRO L 99 12.34 -54.71 -26.06
N ASP L 100 12.35 -54.03 -24.91
CA ASP L 100 12.95 -52.70 -24.86
C ASP L 100 14.46 -52.77 -25.09
N ALA L 101 15.12 -53.80 -24.54
CA ALA L 101 16.54 -54.00 -24.84
C ALA L 101 16.75 -54.28 -26.32
N GLU L 102 15.82 -55.01 -26.94
CA GLU L 102 15.87 -55.18 -28.39
C GLU L 102 15.71 -53.84 -29.11
N ILE L 103 14.88 -52.94 -28.57
CA ILE L 103 14.76 -51.60 -29.12
C ILE L 103 16.10 -50.87 -29.03
N ASP L 104 16.82 -51.07 -27.93
CA ASP L 104 18.18 -50.57 -27.83
C ASP L 104 19.10 -51.22 -28.86
N LYS L 105 18.81 -52.46 -29.25
CA LYS L 105 19.67 -53.15 -30.22
C LYS L 105 19.32 -52.81 -31.66
N ILE L 106 18.05 -52.58 -31.98
CA ILE L 106 17.65 -52.31 -33.36
C ILE L 106 18.18 -50.96 -33.81
N HIS L 107 18.74 -50.91 -35.02
CA HIS L 107 19.28 -49.68 -35.58
C HIS L 107 18.88 -49.42 -37.03
N THR L 108 18.53 -50.44 -37.81
CA THR L 108 18.36 -50.31 -39.25
C THR L 108 17.06 -50.95 -39.69
N VAL L 109 16.70 -50.70 -40.96
CA VAL L 109 15.54 -51.35 -41.56
C VAL L 109 15.76 -52.85 -41.68
N GLU L 110 17.00 -53.28 -41.99
CA GLU L 110 17.30 -54.71 -41.95
C GLU L 110 17.09 -55.29 -40.56
N ASP L 111 17.50 -54.57 -39.51
CA ASP L 111 17.43 -55.17 -38.19
C ASP L 111 15.98 -55.42 -37.77
N ALA L 112 15.09 -54.48 -38.10
CA ALA L 112 13.69 -54.64 -37.72
C ALA L 112 13.04 -55.81 -38.47
N VAL L 113 13.26 -55.91 -39.78
CA VAL L 113 12.69 -57.02 -40.52
C VAL L 113 13.28 -58.35 -40.06
N ASN L 114 14.58 -58.40 -39.76
CA ASN L 114 15.16 -59.63 -39.23
C ASN L 114 14.52 -60.01 -37.90
N PHE L 115 14.30 -59.01 -37.03
CA PHE L 115 13.68 -59.29 -35.75
C PHE L 115 12.27 -59.85 -35.93
N PHE L 116 11.48 -59.24 -36.82
CA PHE L 116 10.10 -59.73 -36.97
C PHE L 116 10.04 -61.07 -37.68
N ILE L 117 10.93 -61.34 -38.64
CA ILE L 117 10.91 -62.66 -39.30
C ILE L 117 11.38 -63.74 -38.33
N SER L 118 12.35 -63.43 -37.47
CA SER L 118 12.89 -64.44 -36.57
C SER L 118 11.85 -64.95 -35.59
N ASN L 119 10.95 -64.09 -35.16
CA ASN L 119 10.12 -64.40 -34.00
C ASN L 119 8.90 -65.21 -34.47
N PRO L 120 8.67 -66.40 -33.89
CA PRO L 120 7.63 -67.29 -34.44
C PRO L 120 6.22 -66.71 -34.43
N SER L 121 5.86 -65.93 -33.42
CA SER L 121 4.51 -65.37 -33.37
C SER L 121 4.25 -64.44 -34.54
N SER L 122 5.23 -63.60 -34.89
CA SER L 122 5.21 -62.80 -36.11
C SER L 122 3.93 -61.99 -36.29
N PHE M 26 -6.90 -38.07 36.20
CA PHE M 26 -7.83 -38.23 35.10
C PHE M 26 -9.13 -38.83 35.58
N LYS M 27 -10.14 -38.86 34.71
CA LYS M 27 -11.44 -39.43 35.04
C LYS M 27 -11.79 -40.55 34.08
N ALA M 28 -12.13 -41.71 34.64
CA ALA M 28 -12.58 -42.83 33.84
C ALA M 28 -13.96 -42.54 33.26
N VAL M 29 -14.17 -42.94 32.01
CA VAL M 29 -15.42 -42.66 31.32
C VAL M 29 -16.35 -43.87 31.32
N ALA M 30 -16.13 -44.82 32.23
CA ALA M 30 -16.93 -46.03 32.33
C ALA M 30 -17.85 -45.93 33.54
N ASP M 31 -19.14 -46.19 33.33
CA ASP M 31 -20.09 -46.14 34.44
C ASP M 31 -19.80 -47.23 35.46
N VAL M 32 -19.24 -48.35 35.03
CA VAL M 32 -18.92 -49.44 35.95
C VAL M 32 -17.92 -48.95 36.99
N GLU M 33 -18.04 -49.46 38.20
CA GLU M 33 -17.19 -49.07 39.32
C GLU M 33 -16.03 -50.06 39.44
N ILE M 34 -14.81 -49.54 39.34
CA ILE M 34 -13.59 -50.33 39.47
C ILE M 34 -12.62 -49.59 40.38
N ASP M 35 -11.68 -50.34 40.95
CA ASP M 35 -10.73 -49.81 41.91
C ASP M 35 -9.43 -49.49 41.18
N PHE M 36 -9.04 -48.22 41.21
CA PHE M 36 -7.85 -47.75 40.51
C PHE M 36 -6.60 -47.77 41.38
N SER M 37 -6.70 -48.11 42.66
CA SER M 37 -5.52 -48.28 43.49
C SER M 37 -4.98 -49.70 43.44
N ASN M 38 -5.60 -50.59 42.66
CA ASN M 38 -5.15 -51.97 42.57
C ASN M 38 -3.84 -52.10 41.81
N ARG M 39 -3.50 -51.10 41.00
CA ARG M 39 -2.27 -50.97 40.22
C ARG M 39 -2.18 -52.04 39.13
N ALA M 40 -3.21 -52.87 38.96
CA ALA M 40 -3.34 -53.73 37.81
C ALA M 40 -4.61 -53.43 37.03
N VAL M 41 -5.70 -53.13 37.73
CA VAL M 41 -6.92 -52.68 37.07
C VAL M 41 -6.65 -51.35 36.37
N LEU M 42 -5.83 -50.49 36.97
CA LEU M 42 -5.41 -49.27 36.30
C LEU M 42 -4.72 -49.56 34.97
N LYS M 43 -3.76 -50.48 34.98
CA LYS M 43 -3.03 -50.78 33.74
C LYS M 43 -3.95 -51.41 32.70
N LYS M 44 -4.86 -52.28 33.13
CA LYS M 44 -5.80 -52.88 32.19
C LYS M 44 -6.73 -51.83 31.60
N TYR M 45 -7.18 -50.87 32.41
CA TYR M 45 -8.08 -49.85 31.93
C TYR M 45 -7.42 -48.97 30.87
N VAL M 46 -6.20 -48.50 31.13
CA VAL M 46 -5.56 -47.53 30.24
C VAL M 46 -4.89 -48.18 29.06
N GLY M 47 -4.86 -49.51 29.00
CA GLY M 47 -4.37 -50.19 27.81
C GLY M 47 -2.87 -50.31 27.69
N VAL M 48 -2.16 -50.43 28.81
CA VAL M 48 -0.72 -50.70 28.74
C VAL M 48 -0.45 -52.07 28.14
N ASP M 49 -1.40 -53.00 28.22
CA ASP M 49 -1.18 -54.33 27.65
C ASP M 49 -0.95 -54.27 26.14
N HIS M 50 -1.51 -53.26 25.46
CA HIS M 50 -1.23 -53.09 24.04
C HIS M 50 0.25 -52.82 23.81
N LEU M 51 0.86 -52.01 24.68
CA LEU M 51 2.28 -51.70 24.53
C LEU M 51 3.14 -52.94 24.69
N SER M 52 2.85 -53.77 25.70
CA SER M 52 3.62 -54.98 25.93
C SER M 52 2.76 -55.98 26.69
N LYS M 53 2.69 -57.21 26.20
CA LYS M 53 1.96 -58.26 26.91
C LYS M 53 2.69 -58.74 28.15
N GLU M 54 3.97 -58.44 28.29
CA GLU M 54 4.71 -58.85 29.47
C GLU M 54 4.32 -58.00 30.68
N GLN M 55 4.51 -58.58 31.87
CA GLN M 55 4.11 -57.90 33.10
C GLN M 55 4.97 -56.67 33.35
N GLY M 56 6.25 -56.74 33.02
CA GLY M 56 7.12 -55.60 33.21
C GLY M 56 7.56 -55.38 34.64
N THR M 57 8.25 -56.37 35.21
CA THR M 57 8.72 -56.29 36.58
C THR M 57 10.06 -55.54 36.64
N LYS M 58 10.55 -55.34 37.87
CA LYS M 58 11.80 -54.63 38.09
C LYS M 58 12.98 -55.35 37.44
N ALA M 59 13.04 -56.67 37.57
CA ALA M 59 14.15 -57.42 37.01
C ALA M 59 14.25 -57.24 35.50
N LYS M 60 13.11 -57.18 34.82
CA LYS M 60 13.12 -56.93 33.38
C LYS M 60 13.72 -55.55 33.08
N PHE M 61 13.40 -54.55 33.89
CA PHE M 61 13.99 -53.22 33.70
C PHE M 61 15.49 -53.26 33.89
N ILE M 62 15.97 -53.97 34.93
CA ILE M 62 17.40 -54.09 35.16
C ILE M 62 18.07 -54.78 33.96
N VAL M 63 17.46 -55.85 33.46
CA VAL M 63 18.03 -56.58 32.33
C VAL M 63 18.09 -55.69 31.10
N SER M 64 17.02 -54.91 30.86
CA SER M 64 17.00 -54.04 29.70
C SER M 64 18.08 -52.97 29.78
N LEU M 65 18.25 -52.36 30.96
CA LEU M 65 19.28 -51.35 31.12
C LEU M 65 20.68 -51.94 30.92
N ASN M 66 20.92 -53.13 31.48
CA ASN M 66 22.23 -53.76 31.31
C ASN M 66 22.46 -54.16 29.86
N SER M 67 21.41 -54.57 29.14
CA SER M 67 21.55 -54.92 27.74
C SER M 67 21.83 -53.68 26.90
N LEU M 68 21.22 -52.55 27.24
CA LEU M 68 21.56 -51.30 26.58
C LEU M 68 23.02 -50.92 26.82
N LEU M 69 23.49 -51.09 28.06
CA LEU M 69 24.88 -50.80 28.36
C LEU M 69 25.83 -51.68 27.57
N GLU M 70 25.49 -52.97 27.45
CA GLU M 70 26.30 -53.86 26.61
C GLU M 70 26.26 -53.43 25.14
N ALA M 71 25.09 -53.01 24.66
CA ALA M 71 24.95 -52.65 23.25
C ALA M 71 25.77 -51.41 22.90
N VAL M 72 25.76 -50.41 23.77
CA VAL M 72 26.39 -49.12 23.46
C VAL M 72 27.91 -49.24 23.53
N LYS M 73 28.41 -50.44 23.80
CA LYS M 73 29.86 -50.67 23.78
C LYS M 73 30.45 -50.50 22.38
N SER M 74 29.65 -50.74 21.34
CA SER M 74 30.15 -50.58 19.98
C SER M 74 30.53 -49.14 19.69
N VAL M 75 29.80 -48.18 20.22
CA VAL M 75 30.15 -46.76 20.05
C VAL M 75 31.51 -46.51 20.69
N PRO M 76 32.44 -45.80 20.03
CA PRO M 76 33.75 -45.53 20.63
C PRO M 76 33.68 -44.95 22.04
N GLU M 77 34.72 -45.23 22.82
CA GLU M 77 34.70 -44.91 24.24
C GLU M 77 34.60 -43.40 24.48
N THR M 78 35.35 -42.62 23.71
CA THR M 78 35.34 -41.16 23.88
C THR M 78 34.35 -40.49 22.91
N ALA M 79 33.12 -41.00 22.92
CA ALA M 79 32.03 -40.46 22.11
C ALA M 79 30.97 -39.92 23.04
N GLU M 80 30.50 -38.70 22.77
CA GLU M 80 29.58 -38.03 23.68
C GLU M 80 28.26 -38.79 23.80
N TYR M 81 27.82 -39.41 22.71
CA TYR M 81 26.59 -40.19 22.75
C TYR M 81 26.72 -41.36 23.72
N ARG M 82 27.85 -42.08 23.65
CA ARG M 82 28.07 -43.20 24.56
C ARG M 82 28.11 -42.75 26.02
N LYS M 83 28.77 -41.63 26.29
CA LYS M 83 28.78 -41.10 27.65
C LYS M 83 27.38 -40.76 28.13
N ALA M 84 26.56 -40.19 27.25
CA ALA M 84 25.19 -39.86 27.61
C ALA M 84 24.38 -41.11 27.95
N ILE M 85 24.50 -42.15 27.12
CA ILE M 85 23.76 -43.38 27.39
C ILE M 85 24.24 -44.04 28.67
N GLU M 86 25.56 -44.04 28.90
CA GLU M 86 26.11 -44.58 30.14
C GLU M 86 25.57 -43.84 31.35
N ALA M 87 25.55 -42.51 31.29
CA ALA M 87 25.06 -41.72 32.41
C ALA M 87 23.58 -41.99 32.68
N THR M 88 22.77 -42.05 31.62
CA THR M 88 21.34 -42.30 31.81
C THR M 88 21.09 -43.69 32.39
N CYS M 89 21.78 -44.71 31.86
CA CYS M 89 21.60 -46.06 32.37
C CYS M 89 22.06 -46.17 33.81
N GLN M 90 23.17 -45.51 34.17
CA GLN M 90 23.62 -45.51 35.56
C GLN M 90 22.62 -44.82 36.48
N TYR M 91 22.05 -43.70 36.03
CA TYR M 91 21.06 -43.01 36.84
C TYR M 91 19.85 -43.90 37.09
N ARG M 92 19.38 -44.60 36.06
CA ARG M 92 18.20 -45.43 36.26
C ARG M 92 18.52 -46.68 37.06
N LEU M 93 19.73 -47.22 36.94
CA LEU M 93 20.12 -48.34 37.79
C LEU M 93 20.20 -47.91 39.25
N LYS M 94 20.68 -46.68 39.50
CA LYS M 94 20.63 -46.15 40.86
C LYS M 94 19.18 -46.04 41.34
N VAL M 95 18.31 -45.44 40.52
CA VAL M 95 16.92 -45.27 40.93
C VAL M 95 16.27 -46.61 41.24
N CYS M 96 16.64 -47.65 40.49
CA CYS M 96 16.25 -49.01 40.86
C CYS M 96 16.86 -49.44 42.18
N GLY M 97 18.08 -48.98 42.48
CA GLY M 97 18.77 -49.40 43.69
C GLY M 97 18.07 -49.05 44.99
N GLU M 98 17.88 -47.75 45.27
CA GLU M 98 17.28 -47.36 46.54
C GLU M 98 15.81 -47.79 46.63
N ASN M 99 15.08 -47.74 45.52
CA ASN M 99 13.65 -48.03 45.53
C ASN M 99 13.44 -49.54 45.39
N ASN M 100 12.98 -50.17 46.47
CA ASN M 100 12.64 -51.59 46.44
C ASN M 100 11.26 -51.85 45.86
N SER M 101 10.36 -50.87 45.92
CA SER M 101 9.04 -51.02 45.34
C SER M 101 9.06 -50.71 43.85
N ASP M 102 8.41 -51.57 43.06
CA ASP M 102 8.34 -51.32 41.62
C ASP M 102 7.48 -50.11 41.31
N ALA M 103 6.47 -49.84 42.14
CA ALA M 103 5.67 -48.64 41.95
C ALA M 103 6.46 -47.38 42.25
N ALA M 104 7.36 -47.45 43.23
CA ALA M 104 8.19 -46.29 43.56
C ALA M 104 9.07 -45.89 42.39
N ILE M 105 9.65 -46.88 41.69
CA ILE M 105 10.40 -46.60 40.48
C ILE M 105 9.52 -45.90 39.45
N GLU M 106 8.26 -46.33 39.33
CA GLU M 106 7.35 -45.67 38.41
C GLU M 106 7.13 -44.22 38.80
N GLU M 107 6.99 -43.94 40.09
CA GLU M 107 6.77 -42.57 40.53
C GLU M 107 8.00 -41.70 40.26
N VAL M 108 9.20 -42.21 40.59
CA VAL M 108 10.41 -41.41 40.39
C VAL M 108 10.66 -41.15 38.91
N LEU M 109 10.45 -42.15 38.07
CA LEU M 109 10.74 -42.02 36.64
C LEU M 109 9.57 -41.52 35.82
N ASP M 110 8.42 -41.27 36.46
CA ASP M 110 7.23 -40.72 35.80
C ASP M 110 6.78 -41.59 34.61
N ALA M 111 6.85 -42.90 34.77
CA ALA M 111 6.46 -43.78 33.68
C ALA M 111 6.07 -45.13 34.23
N HIS M 112 5.23 -45.84 33.47
CA HIS M 112 4.97 -47.24 33.74
C HIS M 112 6.22 -48.07 33.46
N LEU M 113 6.38 -49.16 34.21
CA LEU M 113 7.56 -50.01 34.00
C LEU M 113 7.58 -50.60 32.61
N GLU M 114 6.41 -50.87 32.02
CA GLU M 114 6.37 -51.47 30.69
C GLU M 114 6.98 -50.52 29.67
N GLU M 115 6.60 -49.25 29.73
CA GLU M 115 7.12 -48.28 28.76
C GLU M 115 8.56 -47.91 29.07
N LEU M 116 8.96 -47.96 30.35
CA LEU M 116 10.38 -47.82 30.68
C LEU M 116 11.20 -48.92 30.04
N ILE M 117 10.69 -50.15 30.04
CA ILE M 117 11.40 -51.25 29.40
C ILE M 117 11.41 -51.08 27.88
N ALA M 118 10.29 -50.68 27.30
CA ALA M 118 10.25 -50.44 25.85
C ALA M 118 11.20 -49.33 25.44
N GLU M 119 11.49 -48.41 26.36
CA GLU M 119 12.39 -47.29 26.06
C GLU M 119 13.78 -47.77 25.65
N SER M 120 14.32 -48.74 26.39
CA SER M 120 15.67 -49.21 26.07
C SER M 120 15.71 -49.94 24.74
N LYS M 121 14.66 -50.68 24.41
CA LYS M 121 14.61 -51.33 23.09
C LYS M 121 14.52 -50.28 21.98
N GLU M 122 13.73 -49.23 22.20
CA GLU M 122 13.64 -48.16 21.22
C GLU M 122 15.00 -47.48 21.03
N GLU M 123 15.76 -47.33 22.12
CA GLU M 123 17.13 -46.85 22.01
C GLU M 123 17.98 -47.82 21.21
N LEU M 124 17.79 -49.12 21.43
CA LEU M 124 18.53 -50.15 20.70
C LEU M 124 18.28 -50.08 19.20
N ARG M 125 17.08 -49.67 18.75
CA ARG M 125 16.80 -49.75 17.32
C ARG M 125 17.70 -48.82 16.50
N ILE M 126 18.09 -47.66 17.05
CA ILE M 126 18.82 -46.67 16.28
C ILE M 126 20.34 -46.78 16.38
N LEU M 127 20.85 -47.72 17.19
CA LEU M 127 22.29 -47.93 17.20
C LEU M 127 22.84 -48.30 15.82
N PRO M 128 22.21 -49.20 15.05
CA PRO M 128 22.73 -49.46 13.70
C PRO M 128 22.76 -48.22 12.81
N VAL M 129 21.73 -47.39 12.86
CA VAL M 129 21.69 -46.18 12.03
C VAL M 129 22.76 -45.19 12.46
N LEU M 130 23.09 -45.14 13.76
CA LEU M 130 24.15 -44.25 14.22
C LEU M 130 25.53 -44.80 13.94
N LEU M 131 25.68 -46.12 13.83
CA LEU M 131 26.98 -46.69 13.49
C LEU M 131 27.25 -46.68 11.99
N GLU M 132 26.26 -46.36 11.17
CA GLU M 132 26.52 -46.29 9.74
C GLU M 132 27.06 -44.91 9.35
N SER M 133 26.50 -43.85 9.92
CA SER M 133 26.96 -42.50 9.60
C SER M 133 28.00 -41.96 10.57
N LYS M 134 28.07 -42.50 11.79
CA LYS M 134 29.04 -42.08 12.80
C LYS M 134 28.99 -40.58 13.03
N PRO M 135 27.92 -40.03 13.62
CA PRO M 135 27.86 -38.57 13.80
C PRO M 135 28.96 -38.02 14.68
N TRP M 136 29.49 -38.82 15.61
CA TRP M 136 30.48 -38.33 16.55
C TRP M 136 31.79 -37.95 15.87
N ASP M 137 32.14 -38.56 14.75
CA ASP M 137 33.33 -38.13 14.01
C ASP M 137 33.15 -36.71 13.50
N VAL M 138 33.83 -35.75 14.12
CA VAL M 138 33.95 -34.40 13.58
C VAL M 138 35.39 -33.92 13.76
N PRO M 139 35.82 -32.96 12.93
CA PRO M 139 37.16 -32.41 13.08
C PRO M 139 37.30 -31.67 14.41
N ALA M 140 38.55 -31.51 14.84
CA ALA M 140 38.87 -30.87 16.11
C ALA M 140 38.69 -29.36 16.08
N ASP M 141 38.16 -28.79 15.00
CA ASP M 141 37.83 -27.37 14.94
C ASP M 141 36.34 -27.15 14.71
N TYR M 142 35.52 -28.17 14.93
CA TYR M 142 34.08 -28.06 14.67
C TYR M 142 33.45 -27.01 15.59
N SER M 143 32.61 -26.17 15.01
CA SER M 143 31.98 -25.07 15.74
C SER M 143 30.57 -24.87 15.21
N ALA M 144 29.59 -25.01 16.09
CA ALA M 144 28.18 -24.84 15.73
C ALA M 144 27.67 -23.52 16.27
N PRO M 145 27.38 -22.53 15.42
CA PRO M 145 26.91 -21.24 15.93
C PRO M 145 25.52 -21.37 16.53
N VAL M 146 25.35 -20.77 17.70
CA VAL M 146 24.09 -20.83 18.45
C VAL M 146 23.60 -19.40 18.67
N PHE M 147 22.37 -19.14 18.26
CA PHE M 147 21.73 -17.85 18.43
C PHE M 147 20.67 -17.94 19.51
N ASP M 148 20.70 -17.02 20.46
CA ASP M 148 19.83 -17.05 21.62
C ASP M 148 18.98 -15.78 21.66
N TYR M 149 17.73 -15.93 22.11
CA TYR M 149 16.76 -14.86 22.13
C TYR M 149 16.71 -14.21 23.52
N VAL M 150 16.80 -12.88 23.55
CA VAL M 150 16.74 -12.11 24.79
C VAL M 150 15.40 -11.37 24.81
N ASP M 151 14.62 -11.58 25.86
CA ASP M 151 13.29 -10.98 25.95
C ASP M 151 13.38 -9.55 26.45
N ALA M 152 12.53 -8.69 25.89
CA ALA M 152 12.49 -7.29 26.29
C ALA M 152 11.94 -7.13 27.70
N SER M 153 11.09 -8.05 28.14
CA SER M 153 10.56 -7.97 29.50
C SER M 153 11.66 -8.02 30.55
N THR M 154 12.73 -8.77 30.29
CA THR M 154 13.84 -8.83 31.24
C THR M 154 14.52 -7.48 31.40
N ILE M 155 14.80 -6.80 30.29
CA ILE M 155 15.55 -5.53 30.37
C ILE M 155 14.66 -4.39 30.86
N LEU M 156 13.40 -4.33 30.41
CA LEU M 156 12.56 -3.19 30.71
C LEU M 156 12.20 -3.12 32.18
N ASP M 157 11.82 -4.25 32.79
CA ASP M 157 11.41 -4.23 34.18
C ASP M 157 12.55 -3.85 35.11
N LYS M 158 13.74 -4.40 34.88
CA LYS M 158 14.91 -4.12 35.71
C LYS M 158 16.15 -4.58 34.96
N LYS M 159 17.31 -4.31 35.55
CA LYS M 159 18.58 -4.79 35.01
C LYS M 159 19.45 -5.38 36.11
N MET N 1 33.26 -77.67 -10.61
CA MET N 1 32.16 -77.00 -11.30
C MET N 1 32.68 -76.05 -12.36
N THR N 2 34.00 -75.94 -12.47
CA THR N 2 34.65 -75.01 -13.39
C THR N 2 35.38 -75.78 -14.48
N SER N 3 35.28 -75.30 -15.71
CA SER N 3 36.15 -75.69 -16.80
C SER N 3 36.56 -74.45 -17.57
N ARG N 4 37.67 -74.55 -18.30
CA ARG N 4 38.07 -73.46 -19.18
C ARG N 4 37.03 -73.22 -20.28
N PHE N 5 36.27 -74.24 -20.65
CA PHE N 5 35.18 -74.05 -21.61
C PHE N 5 33.97 -73.36 -20.99
N ALA N 6 33.85 -73.37 -19.66
CA ALA N 6 32.65 -72.85 -19.00
C ALA N 6 32.46 -71.38 -19.30
N TYR N 7 33.44 -70.55 -18.92
CA TYR N 7 33.38 -69.11 -19.12
C TYR N 7 34.18 -68.76 -20.38
N VAL N 8 33.49 -68.24 -21.39
CA VAL N 8 34.12 -67.85 -22.64
C VAL N 8 33.59 -66.51 -23.10
N THR N 19 21.97 -43.64 -18.24
CA THR N 19 20.56 -43.49 -18.61
C THR N 19 20.30 -42.15 -19.29
N CYS N 20 20.95 -41.95 -20.44
CA CYS N 20 20.70 -40.79 -21.28
C CYS N 20 19.31 -40.79 -21.90
N GLN N 21 18.62 -41.93 -21.91
CA GLN N 21 17.37 -42.10 -22.62
C GLN N 21 16.17 -42.35 -21.71
N LYS N 22 16.14 -41.68 -20.55
CA LYS N 22 15.01 -41.82 -19.63
C LYS N 22 13.70 -41.42 -20.30
N ALA N 23 13.73 -40.33 -21.09
CA ALA N 23 12.52 -39.87 -21.77
C ALA N 23 12.02 -40.91 -22.75
N ARG N 24 12.92 -41.65 -23.40
CA ARG N 24 12.49 -42.69 -24.31
C ARG N 24 11.72 -43.78 -23.56
N ASN N 25 12.20 -44.15 -22.37
CA ASN N 25 11.49 -45.12 -21.55
C ASN N 25 10.13 -44.60 -21.12
N LEU N 26 10.04 -43.33 -20.73
CA LEU N 26 8.76 -42.77 -20.34
C LEU N 26 7.79 -42.77 -21.53
N TYR N 27 8.29 -42.43 -22.72
CA TYR N 27 7.45 -42.47 -23.91
C TYR N 27 6.99 -43.88 -24.21
N LEU N 28 7.87 -44.87 -24.04
CA LEU N 28 7.47 -46.25 -24.24
C LEU N 28 6.38 -46.65 -23.26
N GLU N 29 6.49 -46.22 -22.00
CA GLU N 29 5.45 -46.51 -21.03
C GLU N 29 4.12 -45.90 -21.45
N ALA N 30 4.16 -44.64 -21.91
CA ALA N 30 2.92 -43.99 -22.35
C ALA N 30 2.30 -44.70 -23.54
N CYS N 31 3.10 -45.06 -24.53
CA CYS N 31 2.58 -45.76 -25.71
C CYS N 31 1.99 -47.11 -25.33
N ARG N 32 2.67 -47.85 -24.46
CA ARG N 32 2.16 -49.16 -24.06
C ARG N 32 0.90 -49.04 -23.22
N CYS N 33 0.78 -47.98 -22.41
CA CYS N 33 -0.41 -47.79 -21.58
C CYS N 33 -1.56 -47.12 -22.32
N LEU N 34 -1.34 -46.65 -23.55
CA LEU N 34 -2.39 -45.97 -24.29
C LEU N 34 -3.65 -46.81 -24.50
N PRO N 35 -3.57 -48.06 -24.96
CA PRO N 35 -4.82 -48.83 -25.12
C PRO N 35 -5.62 -48.99 -23.84
N PHE N 36 -4.93 -49.14 -22.71
CA PHE N 36 -5.66 -49.29 -21.45
C PHE N 36 -6.49 -48.05 -21.12
N ILE N 37 -5.93 -46.85 -21.34
CA ILE N 37 -6.70 -45.65 -21.05
C ILE N 37 -7.76 -45.42 -22.11
N HIS N 38 -7.52 -45.85 -23.35
CA HIS N 38 -8.57 -45.82 -24.37
C HIS N 38 -9.79 -46.65 -23.94
N ARG N 39 -9.54 -47.87 -23.43
CA ARG N 39 -10.67 -48.70 -23.03
C ARG N 39 -11.29 -48.20 -21.73
N LEU N 40 -10.46 -47.73 -20.80
CA LEU N 40 -10.95 -47.23 -19.52
C LEU N 40 -11.75 -45.95 -19.69
N HIS N 41 -11.35 -45.08 -20.62
CA HIS N 41 -12.00 -43.79 -20.83
C HIS N 41 -12.97 -43.79 -22.01
N LYS N 42 -13.33 -44.96 -22.55
CA LYS N 42 -14.35 -45.05 -23.59
C LYS N 42 -14.05 -44.14 -24.77
N LEU N 43 -12.79 -44.11 -25.19
CA LEU N 43 -12.31 -43.21 -26.23
C LEU N 43 -12.09 -43.91 -27.57
N GLU N 44 -12.58 -45.14 -27.72
CA GLU N 44 -12.31 -45.89 -28.94
C GLU N 44 -12.83 -45.17 -30.18
N GLU N 45 -14.10 -44.77 -30.14
CA GLU N 45 -14.75 -44.21 -31.31
C GLU N 45 -14.23 -42.81 -31.63
N ILE N 46 -13.94 -42.01 -30.60
CA ILE N 46 -13.55 -40.63 -30.82
C ILE N 46 -12.14 -40.55 -31.41
N THR N 47 -11.20 -41.32 -30.88
CA THR N 47 -9.82 -41.18 -31.30
C THR N 47 -9.19 -42.55 -31.49
N SER N 48 -8.17 -42.58 -32.33
CA SER N 48 -7.37 -43.76 -32.62
C SER N 48 -6.08 -43.75 -31.80
N LEU N 49 -5.47 -44.94 -31.70
CA LEU N 49 -4.24 -45.06 -30.93
C LEU N 49 -3.12 -44.26 -31.59
N LYS N 50 -3.03 -44.33 -32.92
CA LYS N 50 -2.02 -43.57 -33.65
C LYS N 50 -2.23 -42.08 -33.45
N GLU N 51 -3.49 -41.64 -33.42
CA GLU N 51 -3.77 -40.21 -33.28
C GLU N 51 -3.26 -39.67 -31.95
N MET N 52 -3.42 -40.45 -30.87
CA MET N 52 -2.89 -40.02 -29.58
C MET N 52 -1.37 -40.14 -29.51
N ARG N 53 -0.83 -41.19 -30.13
CA ARG N 53 0.62 -41.34 -30.20
C ARG N 53 1.27 -40.14 -30.88
N LEU N 54 0.56 -39.50 -31.81
CA LEU N 54 1.11 -38.30 -32.43
C LEU N 54 1.14 -37.12 -31.47
N ILE N 55 0.10 -36.95 -30.65
CA ILE N 55 0.05 -35.83 -29.71
C ILE N 55 1.12 -35.99 -28.64
N ILE N 56 1.35 -37.23 -28.19
CA ILE N 56 2.28 -37.46 -27.09
C ILE N 56 3.68 -37.00 -27.47
N LYS N 57 4.06 -37.15 -28.73
CA LYS N 57 5.39 -36.70 -29.14
C LYS N 57 5.54 -35.20 -29.00
N ASP N 58 4.52 -34.44 -29.41
CA ASP N 58 4.59 -32.98 -29.27
C ASP N 58 4.66 -32.57 -27.81
N LYS N 59 3.86 -33.24 -26.96
CA LYS N 59 3.95 -33.00 -25.52
C LYS N 59 5.35 -33.25 -25.00
N PHE N 60 6.04 -34.27 -25.51
CA PHE N 60 7.43 -34.47 -25.11
C PHE N 60 8.35 -33.40 -25.68
N ARG N 61 8.11 -32.98 -26.93
CA ARG N 61 9.02 -32.07 -27.60
C ARG N 61 8.98 -30.66 -27.04
N VAL N 62 7.90 -30.29 -26.34
CA VAL N 62 7.85 -28.92 -25.81
C VAL N 62 8.99 -28.69 -24.81
N ASN N 63 9.44 -29.74 -24.13
CA ASN N 63 10.46 -29.63 -23.09
C ASN N 63 11.86 -29.98 -23.59
N SER N 64 12.09 -29.94 -24.91
CA SER N 64 13.39 -30.30 -25.46
C SER N 64 14.57 -29.47 -24.97
N PRO N 65 14.48 -28.14 -24.80
CA PRO N 65 15.70 -27.34 -24.55
C PRO N 65 16.48 -27.75 -23.31
N VAL N 66 15.83 -28.29 -22.28
CA VAL N 66 16.52 -28.59 -21.03
C VAL N 66 17.62 -29.61 -21.26
N THR N 67 18.75 -29.44 -20.57
CA THR N 67 19.87 -30.37 -20.63
C THR N 67 20.36 -30.85 -19.27
N ASP N 68 20.01 -30.17 -18.18
CA ASP N 68 20.43 -30.61 -16.85
C ASP N 68 19.75 -31.92 -16.48
N SER N 69 20.53 -32.82 -15.88
CA SER N 69 19.99 -34.14 -15.53
C SER N 69 18.91 -34.04 -14.48
N ARG N 70 19.11 -33.21 -13.45
CA ARG N 70 18.15 -33.12 -12.35
C ARG N 70 16.82 -32.51 -12.81
N VAL N 71 16.88 -31.45 -13.61
CA VAL N 71 15.65 -30.87 -14.16
C VAL N 71 14.96 -31.89 -15.05
N THR N 72 15.74 -32.67 -15.81
CA THR N 72 15.17 -33.74 -16.62
C THR N 72 14.45 -34.77 -15.74
N ASP N 73 15.05 -35.12 -14.61
CA ASP N 73 14.42 -36.06 -13.69
C ASP N 73 13.09 -35.52 -13.20
N LEU N 74 13.07 -34.24 -12.80
CA LEU N 74 11.82 -33.65 -12.32
C LEU N 74 10.76 -33.63 -13.42
N LEU N 75 11.17 -33.28 -14.64
CA LEU N 75 10.22 -33.24 -15.76
C LEU N 75 9.65 -34.62 -16.04
N ILE N 76 10.50 -35.66 -15.98
CA ILE N 76 10.04 -37.02 -16.22
C ILE N 76 9.08 -37.45 -15.12
N PHE N 77 9.39 -37.12 -13.87
CA PHE N 77 8.49 -37.47 -12.77
C PHE N 77 7.13 -36.80 -12.95
N LYS N 78 7.12 -35.53 -13.36
CA LYS N 78 5.86 -34.83 -13.56
C LYS N 78 5.07 -35.41 -14.73
N GLY N 79 5.76 -35.78 -15.81
CA GLY N 79 5.08 -36.44 -16.92
C GLY N 79 4.50 -37.79 -16.54
N ARG N 80 5.23 -38.54 -15.71
CA ARG N 80 4.70 -39.79 -15.19
C ARG N 80 3.45 -39.54 -14.36
N GLU N 81 3.44 -38.46 -13.58
CA GLU N 81 2.23 -38.09 -12.84
C GLU N 81 1.08 -37.80 -13.79
N GLU N 82 1.35 -37.08 -14.88
CA GLU N 82 0.31 -36.76 -15.85
C GLU N 82 -0.27 -38.04 -16.45
N LEU N 83 0.59 -39.00 -16.77
CA LEU N 83 0.09 -40.28 -17.28
C LEU N 83 -0.73 -41.03 -16.23
N GLU N 84 -0.25 -41.03 -14.97
CA GLU N 84 -0.93 -41.77 -13.92
C GLU N 84 -2.32 -41.22 -13.63
N THR N 85 -2.50 -39.90 -13.80
CA THR N 85 -3.83 -39.33 -13.58
C THR N 85 -4.87 -39.99 -14.49
N TYR N 86 -4.57 -40.07 -15.79
CA TYR N 86 -5.48 -40.75 -16.72
C TYR N 86 -5.56 -42.24 -16.43
N LEU N 87 -4.43 -42.87 -16.14
CA LEU N 87 -4.42 -44.33 -15.97
C LEU N 87 -5.24 -44.75 -14.75
N PHE N 88 -5.18 -43.98 -13.66
CA PHE N 88 -5.86 -44.32 -12.42
C PHE N 88 -7.26 -43.73 -12.30
N MET N 89 -7.77 -43.10 -13.37
CA MET N 89 -9.12 -42.54 -13.42
C MET N 89 -9.30 -41.34 -12.50
N TYR N 90 -8.21 -40.68 -12.11
CA TYR N 90 -8.33 -39.39 -11.42
C TYR N 90 -9.00 -38.37 -12.33
N LYS N 91 -8.49 -38.22 -13.55
CA LYS N 91 -9.15 -37.40 -14.56
C LYS N 91 -10.20 -38.23 -15.29
N GLN N 92 -11.10 -37.54 -15.96
CA GLN N 92 -12.29 -38.13 -16.54
C GLN N 92 -12.25 -38.06 -18.07
N ARG N 93 -13.29 -38.62 -18.69
CA ARG N 93 -13.35 -38.67 -20.15
C ARG N 93 -13.38 -37.27 -20.75
N HIS N 94 -14.17 -36.38 -20.16
CA HIS N 94 -14.26 -35.02 -20.67
C HIS N 94 -12.93 -34.29 -20.56
N HIS N 95 -12.12 -34.62 -19.55
CA HIS N 95 -10.79 -34.02 -19.46
C HIS N 95 -9.92 -34.42 -20.64
N ALA N 96 -9.94 -35.71 -20.99
CA ALA N 96 -9.17 -36.18 -22.14
C ALA N 96 -9.68 -35.57 -23.43
N ILE N 97 -11.00 -35.46 -23.57
CA ILE N 97 -11.57 -34.82 -24.75
C ILE N 97 -11.10 -33.37 -24.84
N THR N 98 -11.21 -32.63 -23.73
CA THR N 98 -10.95 -31.20 -23.76
C THR N 98 -9.48 -30.91 -24.01
N GLU N 99 -8.58 -31.65 -23.37
CA GLU N 99 -7.20 -31.18 -23.31
C GLU N 99 -6.32 -31.77 -24.41
N TYR N 100 -6.61 -32.98 -24.91
CA TYR N 100 -5.82 -33.57 -25.99
C TYR N 100 -6.58 -33.73 -27.30
N ILE N 101 -7.69 -34.46 -27.29
CA ILE N 101 -8.27 -34.92 -28.57
C ILE N 101 -8.90 -33.75 -29.32
N GLU N 102 -9.67 -32.91 -28.63
CA GLU N 102 -10.37 -31.82 -29.31
C GLU N 102 -9.42 -30.84 -29.99
N PRO N 103 -8.37 -30.33 -29.33
CA PRO N 103 -7.48 -29.40 -30.05
C PRO N 103 -6.82 -30.03 -31.27
N TYR N 104 -6.43 -31.30 -31.18
CA TYR N 104 -5.79 -31.94 -32.34
C TYR N 104 -6.77 -32.07 -33.50
N GLN N 105 -8.01 -32.45 -33.20
CA GLN N 105 -9.00 -32.54 -34.27
C GLN N 105 -9.32 -31.15 -34.83
N ILE N 106 -9.37 -30.13 -33.97
CA ILE N 106 -9.63 -28.77 -34.44
C ILE N 106 -8.51 -28.35 -35.39
N LYS N 107 -7.27 -28.66 -35.03
CA LYS N 107 -6.13 -28.29 -35.86
C LYS N 107 -6.21 -28.98 -37.22
N LYS N 108 -6.62 -30.25 -37.23
CA LYS N 108 -6.78 -30.92 -38.52
C LYS N 108 -7.89 -30.29 -39.36
N LEU N 109 -9.03 -29.96 -38.73
CA LEU N 109 -10.15 -29.37 -39.45
C LEU N 109 -9.94 -27.91 -39.82
N LEU N 110 -8.87 -27.28 -39.35
CA LEU N 110 -8.68 -25.85 -39.56
C LEU N 110 -8.28 -25.55 -41.01
N ILE N 111 -9.04 -24.67 -41.65
CA ILE N 111 -8.66 -24.07 -42.92
C ILE N 111 -8.37 -22.59 -42.67
N GLU N 112 -7.21 -22.13 -43.14
CA GLU N 112 -6.77 -20.76 -42.96
C GLU N 112 -6.26 -20.21 -44.29
N ARG N 113 -6.47 -18.91 -44.50
CA ARG N 113 -5.92 -18.25 -45.68
C ARG N 113 -4.49 -17.81 -45.39
N LYS N 114 -3.57 -18.21 -46.27
CA LYS N 114 -2.18 -17.81 -46.12
C LYS N 114 -2.04 -16.29 -46.22
N SER N 115 -1.74 -15.65 -45.09
CA SER N 115 -1.76 -14.20 -45.03
C SER N 115 -0.58 -13.62 -45.79
N SER N 116 -0.86 -12.68 -46.70
CA SER N 116 0.20 -12.00 -47.41
C SER N 116 0.94 -11.04 -46.50
N ASN N 117 0.25 -10.47 -45.52
CA ASN N 117 0.89 -9.61 -44.54
C ASN N 117 1.88 -10.41 -43.70
N SER N 118 3.01 -9.80 -43.37
CA SER N 118 4.00 -10.47 -42.54
C SER N 118 3.46 -10.65 -41.12
N ALA N 119 4.27 -11.30 -40.28
CA ALA N 119 3.83 -11.58 -38.91
C ALA N 119 3.64 -10.29 -38.13
N PHE N 120 4.49 -9.29 -38.36
CA PHE N 120 4.37 -8.02 -37.64
C PHE N 120 3.06 -7.32 -37.99
N LEU N 121 2.73 -7.25 -39.27
CA LEU N 121 1.54 -6.52 -39.70
C LEU N 121 0.26 -7.13 -39.11
N ASP N 122 0.18 -8.46 -39.08
CA ASP N 122 -1.02 -9.11 -38.57
C ASP N 122 -1.22 -8.80 -37.09
N SER N 123 -0.16 -8.91 -36.30
CA SER N 123 -0.26 -8.60 -34.87
C SER N 123 -0.54 -7.12 -34.65
N PHE N 124 0.03 -6.25 -35.50
CA PHE N 124 -0.26 -4.82 -35.40
C PHE N 124 -1.73 -4.55 -35.65
N TYR N 125 -2.32 -5.18 -36.65
CA TYR N 125 -3.75 -5.02 -36.91
C TYR N 125 -4.58 -5.60 -35.78
N GLU N 126 -4.12 -6.70 -35.17
CA GLU N 126 -4.93 -7.38 -34.17
C GLU N 126 -5.02 -6.59 -32.87
N LYS N 127 -3.89 -6.35 -32.21
CA LYS N 127 -3.92 -5.72 -30.90
C LYS N 127 -2.64 -4.91 -30.67
N ALA N 128 -2.74 -3.97 -29.74
CA ALA N 128 -1.60 -3.11 -29.42
C ALA N 128 -0.50 -3.86 -28.68
N TYR N 129 -0.86 -4.72 -27.74
CA TYR N 129 0.13 -5.48 -26.97
C TYR N 129 0.13 -6.93 -27.41
N PRO N 130 1.10 -7.36 -28.21
CA PRO N 130 1.10 -8.74 -28.71
C PRO N 130 1.22 -9.79 -27.62
N LEU N 131 1.81 -9.45 -26.47
CA LEU N 131 2.05 -10.43 -25.43
C LEU N 131 0.75 -10.94 -24.80
N VAL N 132 -0.30 -10.10 -24.79
CA VAL N 132 -1.59 -10.55 -24.28
C VAL N 132 -2.18 -11.59 -25.21
N HIS N 133 -2.74 -12.66 -24.63
CA HIS N 133 -3.28 -13.76 -25.40
C HIS N 133 -4.58 -13.35 -26.08
N SER N 134 -4.96 -14.12 -27.09
CA SER N 134 -6.25 -13.99 -27.77
C SER N 134 -7.06 -15.26 -27.59
N LYS N 135 -8.35 -15.11 -27.31
CA LYS N 135 -9.24 -16.25 -27.16
C LYS N 135 -10.13 -16.39 -28.37
N TYR N 136 -10.43 -17.65 -28.71
CA TYR N 136 -11.33 -17.98 -29.82
C TYR N 136 -10.82 -17.39 -31.14
N ALA N 137 -9.51 -17.51 -31.35
CA ALA N 137 -8.88 -16.96 -32.54
C ALA N 137 -9.40 -17.63 -33.81
N GLU O 128 -37.83 -5.90 -10.80
CA GLU O 128 -37.06 -5.29 -11.87
C GLU O 128 -36.96 -3.78 -11.59
N CYS O 129 -36.51 -3.44 -10.39
CA CYS O 129 -36.40 -2.04 -9.96
C CYS O 129 -34.97 -1.53 -9.96
N TYR O 130 -34.05 -2.22 -9.31
CA TYR O 130 -32.66 -1.79 -9.19
C TYR O 130 -31.77 -2.55 -10.17
N ASN O 131 -31.03 -1.81 -10.98
CA ASN O 131 -29.98 -2.36 -11.83
C ASN O 131 -28.81 -1.39 -11.82
N PRO O 132 -27.60 -1.87 -12.10
CA PRO O 132 -26.44 -0.97 -12.20
C PRO O 132 -26.61 0.02 -13.35
N LYS O 133 -25.84 1.11 -13.27
CA LYS O 133 -25.97 2.17 -14.26
C LYS O 133 -25.42 1.77 -15.62
N GLY O 134 -24.61 0.72 -15.69
CA GLY O 134 -24.14 0.19 -16.94
C GLY O 134 -25.06 -0.82 -17.58
N SER O 135 -26.23 -1.06 -16.99
CA SER O 135 -27.14 -2.07 -17.48
C SER O 135 -27.86 -1.61 -18.75
N TRP O 136 -28.25 -2.59 -19.56
CA TRP O 136 -29.04 -2.32 -20.76
C TRP O 136 -30.37 -1.65 -20.40
N PHE O 137 -30.93 -1.99 -19.24
CA PHE O 137 -32.22 -1.45 -18.83
C PHE O 137 -32.13 0.03 -18.46
N ASN O 138 -30.96 0.49 -18.03
CA ASN O 138 -30.82 1.86 -17.57
C ASN O 138 -31.16 2.84 -18.68
N PRO O 139 -32.01 3.85 -18.42
CA PRO O 139 -32.33 4.85 -19.45
C PRO O 139 -31.11 5.46 -20.12
N ALA O 140 -30.23 6.05 -19.31
CA ALA O 140 -28.96 6.60 -19.82
C ALA O 140 -27.86 5.62 -19.43
N LYS O 141 -27.62 4.64 -20.31
CA LYS O 141 -26.58 3.65 -20.07
C LYS O 141 -25.21 4.31 -20.06
N ARG O 142 -24.33 3.80 -19.21
CA ARG O 142 -23.02 4.40 -18.98
C ARG O 142 -21.93 3.50 -19.53
N ASN O 143 -21.12 4.05 -20.44
CA ASN O 143 -19.81 3.48 -20.75
C ASN O 143 -18.77 4.21 -19.91
N TRP O 144 -18.18 3.50 -18.95
CA TRP O 144 -17.35 4.14 -17.94
C TRP O 144 -15.95 4.43 -18.48
N LYS O 145 -15.93 5.28 -19.51
CA LYS O 145 -14.70 5.74 -20.11
C LYS O 145 -14.24 7.01 -19.42
N LYS O 146 -12.96 7.05 -19.05
CA LYS O 146 -12.40 8.14 -18.28
C LYS O 146 -11.61 9.12 -19.14
N VAL O 147 -11.78 9.07 -20.45
CA VAL O 147 -11.10 9.99 -21.36
C VAL O 147 -12.11 10.58 -22.33
N GLU O 148 -12.05 11.88 -22.52
CA GLU O 148 -12.85 12.56 -23.53
C GLU O 148 -12.17 12.46 -24.88
N ILE O 149 -12.94 12.16 -25.92
CA ILE O 149 -12.41 11.89 -27.26
C ILE O 149 -12.64 13.09 -28.15
N TRP O 150 -11.62 13.43 -28.95
CA TRP O 150 -11.71 14.55 -29.87
C TRP O 150 -12.80 14.33 -30.91
N GLN O 151 -13.62 15.36 -31.13
CA GLN O 151 -14.66 15.31 -32.14
C GLN O 151 -14.18 16.04 -33.39
N PRO O 152 -14.10 15.39 -34.54
CA PRO O 152 -13.53 16.05 -35.71
C PRO O 152 -14.39 17.22 -36.14
N PRO O 153 -13.79 18.25 -36.72
CA PRO O 153 -14.57 19.38 -37.21
C PRO O 153 -15.48 18.97 -38.35
N GLN O 154 -16.62 19.66 -38.45
CA GLN O 154 -17.62 19.30 -39.45
C GLN O 154 -17.15 19.64 -40.86
N VAL O 155 -17.52 18.79 -41.81
CA VAL O 155 -17.19 18.96 -43.22
C VAL O 155 -15.69 19.08 -43.41
N PRO P 61 -6.83 3.72 35.98
CA PRO P 61 -5.77 3.68 34.97
C PRO P 61 -4.74 4.79 35.14
N LYS P 62 -3.49 4.40 35.40
CA LYS P 62 -2.39 5.35 35.58
C LYS P 62 -1.75 5.77 34.27
N LEU P 63 -2.35 5.45 33.14
CA LEU P 63 -1.81 5.85 31.85
C LEU P 63 -2.52 7.05 31.24
N VAL P 64 -3.53 7.60 31.93
CA VAL P 64 -4.30 8.69 31.35
C VAL P 64 -3.43 9.92 31.17
N TYR P 65 -2.78 10.36 32.26
CA TYR P 65 -1.97 11.57 32.26
C TYR P 65 -0.47 11.30 32.32
N ASP P 66 -0.06 10.04 32.31
CA ASP P 66 1.36 9.68 32.35
C ASP P 66 1.65 8.82 31.13
N ILE P 67 2.14 9.44 30.07
CA ILE P 67 2.35 8.79 28.78
C ILE P 67 3.85 8.63 28.58
N LYS P 68 4.31 7.37 28.52
CA LYS P 68 5.70 7.07 28.20
C LYS P 68 5.74 5.69 27.54
N TYR P 69 5.76 5.68 26.20
CA TYR P 69 5.74 4.40 25.51
C TYR P 69 7.09 3.70 25.57
N PHE P 70 8.18 4.45 25.44
CA PHE P 70 9.51 3.83 25.42
C PHE P 70 9.78 3.01 26.67
N ALA P 71 9.19 3.41 27.80
CA ALA P 71 9.27 2.58 29.01
C ALA P 71 8.40 1.34 28.88
N ARG P 72 7.29 1.43 28.16
CA ARG P 72 6.34 0.33 28.02
C ARG P 72 6.40 -0.29 26.62
N ASP P 73 7.54 -0.16 25.93
CA ASP P 73 7.68 -0.66 24.57
C ASP P 73 8.46 -1.98 24.61
N TYR P 74 7.74 -3.09 24.51
CA TYR P 74 8.34 -4.42 24.50
C TYR P 74 8.51 -4.98 23.09
N ARG P 75 7.82 -4.42 22.10
CA ARG P 75 7.85 -4.97 20.76
C ARG P 75 9.20 -4.76 20.09
N ARG P 76 9.76 -3.55 20.19
CA ARG P 76 10.98 -3.19 19.48
C ARG P 76 12.24 -3.33 20.35
N ASN P 77 12.10 -3.86 21.56
CA ASN P 77 13.24 -3.97 22.49
C ASN P 77 13.77 -5.39 22.62
N ASN P 78 13.44 -6.27 21.69
CA ASN P 78 13.96 -7.63 21.68
C ASN P 78 15.24 -7.71 20.85
N SER P 79 16.15 -8.57 21.29
CA SER P 79 17.43 -8.75 20.59
C SER P 79 17.86 -10.20 20.66
N TYR P 80 18.84 -10.54 19.82
CA TYR P 80 19.38 -11.89 19.71
C TYR P 80 20.88 -11.86 19.98
N THR P 81 21.33 -12.62 20.97
CA THR P 81 22.76 -12.78 21.22
C THR P 81 23.30 -13.99 20.47
N VAL P 82 24.63 -14.11 20.45
CA VAL P 82 25.32 -15.12 19.66
C VAL P 82 26.28 -15.89 20.56
N ARG P 83 26.30 -17.21 20.40
CA ARG P 83 27.30 -18.07 21.03
C ARG P 83 27.82 -19.07 20.02
N SER P 84 28.99 -19.63 20.33
CA SER P 84 29.60 -20.70 19.54
C SER P 84 29.76 -21.92 20.43
N VAL P 85 29.31 -23.07 19.94
CA VAL P 85 29.39 -24.33 20.68
C VAL P 85 30.35 -25.26 19.96
N ASP P 86 31.16 -25.96 20.73
CA ASP P 86 32.17 -26.87 20.19
C ASP P 86 32.03 -28.24 20.82
N SER P 87 32.40 -29.26 20.05
CA SER P 87 32.32 -30.65 20.52
C SER P 87 33.43 -31.00 21.49
N LYS P 88 34.53 -30.24 21.50
CA LYS P 88 35.67 -30.60 22.35
C LYS P 88 35.31 -30.53 23.82
N THR P 89 34.59 -29.49 24.23
CA THR P 89 34.23 -29.32 25.63
C THR P 89 33.15 -30.34 26.01
N PRO P 90 33.37 -31.16 27.03
CA PRO P 90 32.39 -32.18 27.39
C PRO P 90 31.13 -31.56 27.98
N PHE P 91 30.01 -32.25 27.79
CA PHE P 91 28.75 -31.83 28.38
C PHE P 91 28.75 -32.11 29.88
N ASP P 92 28.06 -31.26 30.63
CA ASP P 92 27.97 -31.39 32.08
C ASP P 92 26.76 -32.25 32.42
N TYR P 93 26.99 -33.55 32.58
CA TYR P 93 25.94 -34.46 33.04
C TYR P 93 25.67 -34.34 34.53
N SER P 94 26.56 -33.70 35.27
CA SER P 94 26.28 -33.43 36.69
C SER P 94 25.07 -32.52 36.84
N LYS P 95 24.93 -31.54 35.95
CA LYS P 95 23.77 -30.65 36.01
C LYS P 95 22.48 -31.41 35.74
N VAL P 96 22.49 -32.33 34.77
CA VAL P 96 21.26 -33.00 34.36
C VAL P 96 20.79 -33.98 35.42
N PHE P 97 21.69 -34.84 35.92
CA PHE P 97 21.30 -35.94 36.78
C PHE P 97 21.67 -35.77 38.25
N GLY P 98 22.49 -34.79 38.61
CA GLY P 98 22.75 -34.52 40.01
C GLY P 98 21.53 -33.97 40.74
N SER P 99 20.73 -33.17 40.04
CA SER P 99 19.50 -32.62 40.59
C SER P 99 18.30 -33.55 40.39
N ALA P 100 18.49 -34.69 39.73
CA ALA P 100 17.38 -35.61 39.52
C ALA P 100 17.08 -36.38 40.80
N PRO P 101 15.80 -36.57 41.12
CA PRO P 101 15.45 -37.34 42.33
C PRO P 101 15.89 -38.79 42.23
N LEU P 102 16.30 -39.35 43.37
CA LEU P 102 16.60 -40.76 43.47
C LEU P 102 15.53 -41.55 44.22
N LYS P 103 14.60 -40.87 44.88
CA LYS P 103 13.54 -41.49 45.66
C LYS P 103 12.27 -40.69 45.45
N PRO P 104 11.10 -41.26 45.75
CA PRO P 104 9.85 -40.51 45.55
C PRO P 104 9.79 -39.23 46.36
N ALA P 105 10.39 -39.22 47.55
CA ALA P 105 10.30 -38.05 48.41
C ALA P 105 10.98 -36.83 47.78
N ASP P 106 12.10 -37.04 47.09
CA ASP P 106 12.90 -35.95 46.55
C ASP P 106 12.29 -35.36 45.28
N VAL P 107 11.15 -35.89 44.82
CA VAL P 107 10.56 -35.41 43.58
C VAL P 107 10.06 -33.99 43.76
N LYS P 108 10.44 -33.11 42.84
CA LYS P 108 9.98 -31.74 42.80
C LYS P 108 9.22 -31.51 41.51
N THR P 109 8.16 -30.71 41.59
CA THR P 109 7.25 -30.53 40.47
C THR P 109 7.13 -29.05 40.12
N VAL P 110 6.86 -28.79 38.84
CA VAL P 110 6.63 -27.44 38.33
C VAL P 110 5.12 -27.27 38.18
N ARG P 111 4.57 -26.27 38.87
CA ARG P 111 3.13 -26.04 38.82
C ARG P 111 2.74 -25.37 37.51
N ILE P 112 1.51 -25.64 37.07
CA ILE P 112 1.01 -25.05 35.82
C ILE P 112 0.91 -23.54 35.99
N PRO P 113 1.36 -22.74 35.03
CA PRO P 113 1.18 -21.29 35.11
C PRO P 113 -0.31 -20.95 35.07
N GLU P 114 -0.77 -20.21 36.09
CA GLU P 114 -2.19 -19.94 36.20
C GLU P 114 -2.68 -18.98 35.12
N VAL P 115 -1.99 -17.85 34.96
CA VAL P 115 -2.38 -16.84 33.98
C VAL P 115 -1.18 -16.54 33.08
N MET P 116 -1.48 -16.09 31.87
CA MET P 116 -0.44 -15.56 31.02
C MET P 116 -0.13 -14.13 31.42
N PRO P 117 1.03 -13.61 31.04
CA PRO P 117 1.39 -12.25 31.46
C PRO P 117 0.37 -11.21 31.02
N HIS P 118 0.05 -10.31 31.94
CA HIS P 118 -0.76 -9.13 31.65
C HIS P 118 -0.07 -7.93 32.28
N ARG P 119 -0.38 -6.74 31.76
CA ARG P 119 0.35 -5.55 32.20
C ARG P 119 0.04 -5.20 33.64
N GLY P 120 -1.19 -5.42 34.09
CA GLY P 120 -1.56 -5.15 35.47
C GLY P 120 -0.85 -6.06 36.46
FE1 SF4 Q . -18.30 -19.39 2.00
FE2 SF4 Q . -20.69 -19.76 3.29
FE3 SF4 Q . -18.99 -17.79 4.10
FE4 SF4 Q . -18.36 -20.41 4.54
S1 SF4 Q . -20.11 -19.26 5.42
S2 SF4 Q . -16.97 -18.78 3.75
S3 SF4 Q . -19.22 -21.38 2.66
S4 SF4 Q . -20.05 -17.93 2.08
FE1 FES R . 4.04 46.70 35.22
FE2 FES R . 6.67 46.26 35.63
S1 FES R . 4.99 44.90 36.04
S2 FES R . 5.74 48.05 34.76
N1 FMN S . 19.32 40.55 29.40
C2 FMN S . 19.20 41.89 29.67
O2 FMN S . 20.18 42.50 30.05
N3 FMN S . 17.99 42.53 29.50
C4 FMN S . 16.90 41.82 29.06
O4 FMN S . 15.81 42.37 28.91
C4A FMN S . 17.02 40.46 28.79
N5 FMN S . 15.93 39.74 28.35
C5A FMN S . 16.06 38.40 28.07
C6 FMN S . 14.96 37.69 27.63
C7 FMN S . 15.08 36.34 27.36
C7M FMN S . 13.88 35.57 26.87
C8 FMN S . 16.30 35.70 27.52
C8M FMN S . 16.44 34.25 27.22
C9 FMN S . 17.41 36.42 27.97
C9A FMN S . 17.28 37.77 28.24
N10 FMN S . 18.38 38.49 28.68
C10 FMN S . 18.24 39.83 28.95
C1' FMN S . 19.71 37.83 28.88
C2' FMN S . 20.59 37.95 27.64
O2' FMN S . 21.33 36.77 27.46
C3' FMN S . 21.56 39.13 27.73
O3' FMN S . 21.66 39.76 26.47
C4' FMN S . 22.95 38.73 28.20
O4' FMN S . 22.85 37.79 29.24
C5' FMN S . 23.72 39.95 28.68
O5' FMN S . 24.97 39.55 29.20
P FMN S . 25.62 40.31 30.46
O1P FMN S . 25.10 41.71 30.50
O2P FMN S . 25.27 39.58 31.73
O3P FMN S . 27.13 40.35 30.31
FE1 SF4 T . 11.92 28.99 21.14
FE2 SF4 T . 10.31 30.41 22.83
FE3 SF4 T . 11.17 31.53 20.48
FE4 SF4 T . 12.94 31.10 22.52
S1 SF4 T . 11.15 32.50 22.54
S2 SF4 T . 13.26 30.63 20.31
S3 SF4 T . 12.14 29.17 23.39
S4 SF4 T . 9.81 29.73 20.71
FE1 FES U . 14.11 20.40 13.01
FE2 FES U . 16.70 19.80 13.27
S1 FES U . 15.23 18.85 11.94
S2 FES U . 15.47 21.02 14.61
FE1 SF4 V . -0.99 14.19 8.84
FE2 SF4 V . -2.27 16.12 10.31
FE3 SF4 V . -3.49 13.71 9.86
FE4 SF4 V . -3.17 15.48 7.80
S1 SF4 V . -4.43 15.77 9.67
S2 SF4 V . -2.76 13.24 7.75
S3 SF4 V . -1.15 16.40 8.34
S4 SF4 V . -1.57 14.07 11.04
FE1 SF4 W . 3.43 25.18 7.32
FE2 SF4 W . 5.91 24.08 6.95
FE3 SF4 W . 4.92 25.85 5.13
FE4 SF4 W . 3.83 23.35 5.34
S1 SF4 W . 5.96 23.87 4.70
S2 SF4 W . 2.70 25.32 5.17
S3 SF4 W . 4.01 22.98 7.58
S4 SF4 W . 5.42 26.28 7.30
FE1 SF4 X . -17.44 -4.24 5.17
FE2 SF4 X . -18.17 -6.52 3.87
FE3 SF4 X . -16.24 -6.61 5.79
FE4 SF4 X . -15.73 -5.41 3.39
S1 SF4 X . -16.17 -7.61 3.75
S2 SF4 X . -15.21 -4.60 5.46
S3 SF4 X . -17.75 -4.49 2.92
S4 SF4 X . -18.42 -6.07 6.08
FE1 SF4 Y . -16.64 5.83 6.23
FE2 SF4 Y . -16.86 6.98 3.75
FE3 SF4 Y . -15.74 4.51 4.02
FE4 SF4 Y . -14.41 6.71 4.92
S1 SF4 Y . -14.96 6.23 2.76
S2 SF4 Y . -14.66 4.73 6.00
S3 SF4 Y . -16.15 7.99 5.66
S4 SF4 Y . -17.89 5.08 4.48
PA NDP Z . -37.00 -23.94 -32.95
O1A NDP Z . -38.47 -24.12 -33.07
O2A NDP Z . -36.16 -24.92 -32.19
O5B NDP Z . -36.69 -22.43 -32.41
C5B NDP Z . -37.85 -21.74 -32.66
C4B NDP Z . -37.82 -20.48 -31.88
O4B NDP Z . -38.79 -19.59 -32.41
C3B NDP Z . -38.17 -20.83 -30.43
O3B NDP Z . -37.38 -20.09 -29.57
C2B NDP Z . -39.62 -20.35 -30.31
O2B NDP Z . -39.92 -19.88 -29.10
C1B NDP Z . -39.63 -19.19 -31.36
N9A NDP Z . -40.95 -18.98 -31.91
C8A NDP Z . -41.65 -19.79 -32.81
N7A NDP Z . -42.86 -19.32 -33.13
C5A NDP Z . -42.95 -18.12 -32.41
C6A NDP Z . -43.97 -17.17 -32.33
N6A NDP Z . -45.13 -17.33 -33.03
N1A NDP Z . -43.84 -16.06 -31.54
C2A NDP Z . -42.64 -15.98 -30.86
N3A NDP Z . -41.59 -16.80 -30.85
C4A NDP Z . -41.77 -17.89 -31.65
O3 NDP Z . -36.56 -24.03 -34.53
PN NDP Z . -34.99 -24.21 -34.61
O1N NDP Z . -34.34 -23.37 -33.57
O2N NDP Z . -34.54 -25.61 -34.93
O5D NDP Z . -34.43 -23.37 -36.03
C5D NDP Z . -35.16 -22.21 -36.08
C4D NDP Z . -35.16 -21.72 -37.52
O4D NDP Z . -34.02 -22.27 -38.19
C3D NDP Z . -36.42 -22.29 -38.21
O3D NDP Z . -36.89 -21.32 -39.08
C2D NDP Z . -35.86 -23.48 -38.96
O2D NDP Z . -36.55 -23.72 -40.16
C1D NDP Z . -34.46 -22.98 -39.33
N1N NDP Z . -33.56 -24.12 -39.54
C2N NDP Z . -33.51 -25.13 -38.62
C3N NDP Z . -32.99 -26.33 -38.95
C7N NDP Z . -32.96 -27.35 -37.92
O7N NDP Z . -32.73 -27.13 -36.73
N7N NDP Z . -33.21 -28.64 -38.32
C4N NDP Z . -32.46 -26.61 -40.31
C5N NDP Z . -32.24 -25.36 -41.08
C6N NDP Z . -32.77 -24.20 -40.69
P2B NDP Z . -41.03 -20.99 -28.21
O1X NDP Z . -39.99 -21.96 -27.75
O2X NDP Z . -41.66 -20.08 -27.15
O3X NDP Z . -41.90 -21.39 -29.37
ZN ZN AA . -18.47 19.22 12.91
O4 8Q1 BA . 9.14 -35.91 -20.05
C16 8Q1 BA . -3.50 -39.22 -22.13
O3 8Q1 BA . 15.38 -40.46 -25.93
C15 8Q1 BA . -2.22 -39.42 -21.33
C14 8Q1 BA . -1.11 -38.56 -21.96
C13 8Q1 BA . 0.10 -38.50 -21.05
O2 8Q1 BA . 16.98 -38.81 -26.82
C12 8Q1 BA . 0.91 -37.25 -21.39
C11 8Q1 BA . 2.34 -37.39 -20.87
C10 8Q1 BA . 3.17 -36.21 -21.37
C9 8Q1 BA . 4.54 -36.24 -20.72
C8 8Q1 BA . 5.32 -34.99 -21.11
C7 8Q1 BA . 6.66 -34.99 -20.38
C6 8Q1 BA . 7.77 -34.47 -21.29
C1 8Q1 BA . 9.10 -34.98 -20.77
C28 8Q1 BA . 14.79 -37.11 -27.36
C29 8Q1 BA . 14.24 -35.75 -26.89
C30 8Q1 BA . 13.33 -35.18 -27.97
C31 8Q1 BA . 13.42 -35.95 -25.62
C32 8Q1 BA . 15.40 -34.80 -26.64
C34 8Q1 BA . 16.18 -35.18 -25.38
C37 8Q1 BA . 16.59 -34.88 -22.91
C38 8Q1 BA . 15.82 -34.34 -21.71
C39 8Q1 BA . 14.72 -33.40 -22.21
C42 8Q1 BA . 13.23 -34.22 -20.37
C43 8Q1 BA . 12.03 -35.15 -20.63
N36 8Q1 BA . 15.87 -34.53 -24.12
N41 8Q1 BA . 13.43 -33.38 -21.53
O27 8Q1 BA . 14.55 -38.06 -26.37
O33 8Q1 BA . 14.89 -33.50 -26.50
O35 8Q1 BA . 17.05 -35.99 -25.43
O40 8Q1 BA . 14.90 -32.72 -23.16
P24 8Q1 BA . 15.81 -39.02 -25.90
S44 8Q1 BA . 10.65 -34.18 -21.27
O1 8Q1 BA . 16.20 -38.66 -24.48
#